data_8X7U
#
_entry.id   8X7U
#
_cell.length_a   1.00
_cell.length_b   1.00
_cell.length_c   1.00
_cell.angle_alpha   90.00
_cell.angle_beta   90.00
_cell.angle_gamma   90.00
#
_symmetry.space_group_name_H-M   'P 1'
#
loop_
_entity.id
_entity.type
_entity.pdbx_description
1 polymer 'mini-chromosome maintenance complex 3'
2 non-polymer 'MAGNESIUM ION'
3 non-polymer "ADENOSINE-5'-TRIPHOSPHATE"
4 non-polymer "ADENOSINE-5'-DIPHOSPHATE"
#
_entity_poly.entity_id   1
_entity_poly.type   'polypeptide(L)'
_entity_poly.pdbx_seq_one_letter_code
;MDREEMIARFAKFLREYVDDEGNEVYINRLKDLLTVTPKRSLAIDWAHLNSFDPELADELLNNPEEAIASAEDAIQIVLR
EPPLLVEREFKVHARFYNLPKTLLVKELGSEHINKLIQVEGIITRVSEVKPFVEKAVFVCRDCGNEMVRLQRPYENLVKP
AKCDACGSRNIELDVDKSRFLNFQSFRLQDRPESLKGGQMPRFVDAILLDDLVDAALPGDRVLVTGVLRVILEQREKRPI
FKKILEVNHIEQLSKEIEELEISPEDEQKIRELAKRKDIVDAIVDSIAPAIWGHRIVKKGIALALFGGVQRTLPDGTKLR
GESHVLLVGDPGVAKSQLLRYVANLAPRAIYTSGKSSSAAGLTAAAVRDEFTGSWVLEAGVLVLADGGFALIDEFDKMSD
RDRSAIHEALEQQTISISKAGITATLNSRTTVIAAANPKFGRFNRHKSLPEQLDLPPTLLSRFDLIFLLLDEPDEKVDAS
IAEHILKVRRGEAEAVTPKIPYDLLKKYIAYARKNVHPVLSREAMEEIKRYYVKMRKGLRRGDEDGVQPIPITARQLEAL
IRLSEAHARMRLSETVTREDARAAIEIIEAMMKTIAVDEEGNLDVSILEVGKSSKKINKIEKLVDIIKSLESEGEFGAPE
EKVIEAAKQAGIGTKADIEKLLNELKSDGRVYEPRAGFYRVI
;
_entity_poly.pdbx_strand_id   D,C,B,E,A,F
#
# COMPACT_ATOMS: atom_id res chain seq x y z
N MET A 1 -18.10 34.61 45.78
CA MET A 1 -19.17 34.95 46.70
C MET A 1 -19.02 34.22 48.03
N ASP A 2 -18.76 34.98 49.08
CA ASP A 2 -18.56 34.48 50.45
C ASP A 2 -17.74 33.19 50.46
N ARG A 3 -16.54 33.28 49.89
CA ARG A 3 -15.66 32.12 49.84
C ARG A 3 -15.24 31.68 51.24
N GLU A 4 -14.93 32.65 52.11
CA GLU A 4 -14.56 32.32 53.48
C GLU A 4 -15.72 31.66 54.21
N GLU A 5 -16.94 32.12 53.98
CA GLU A 5 -18.11 31.50 54.59
C GLU A 5 -18.30 30.07 54.10
N MET A 6 -18.09 29.84 52.81
CA MET A 6 -18.19 28.48 52.27
C MET A 6 -17.13 27.57 52.86
N ILE A 7 -15.90 28.09 53.01
CA ILE A 7 -14.83 27.29 53.61
C ILE A 7 -15.17 26.96 55.06
N ALA A 8 -15.68 27.93 55.80
CA ALA A 8 -16.04 27.68 57.20
C ALA A 8 -17.17 26.67 57.31
N ARG A 9 -18.17 26.76 56.43
CA ARG A 9 -19.27 25.81 56.47
C ARG A 9 -18.80 24.40 56.10
N PHE A 10 -17.90 24.29 55.11
CA PHE A 10 -17.37 22.98 54.75
C PHE A 10 -16.51 22.40 55.87
N ALA A 11 -15.77 23.26 56.58
CA ALA A 11 -14.97 22.78 57.70
C ALA A 11 -15.85 22.34 58.86
N LYS A 12 -16.96 23.03 59.10
CA LYS A 12 -17.88 22.64 60.16
C LYS A 12 -18.65 21.38 59.78
N PHE A 13 -18.87 21.15 58.49
CA PHE A 13 -19.57 19.96 58.05
C PHE A 13 -18.66 18.74 58.01
N LEU A 14 -17.40 18.94 57.64
CA LEU A 14 -16.44 17.85 57.57
C LEU A 14 -15.65 17.72 58.87
N ILE A 27 -17.41 13.15 58.92
CA ILE A 27 -15.99 13.11 59.25
C ILE A 27 -15.46 11.70 59.05
N ASN A 28 -16.38 10.75 58.81
CA ASN A 28 -15.97 9.37 58.58
C ASN A 28 -15.15 9.24 57.30
N ARG A 29 -15.51 10.03 56.27
CA ARG A 29 -14.74 10.01 55.03
C ARG A 29 -13.31 10.49 55.27
N LEU A 30 -13.16 11.58 56.03
CA LEU A 30 -11.82 12.09 56.33
C LEU A 30 -11.05 11.11 57.20
N LYS A 31 -11.72 10.42 58.13
CA LYS A 31 -11.04 9.42 58.93
C LYS A 31 -10.55 8.26 58.07
N ASP A 32 -11.39 7.79 57.16
CA ASP A 32 -10.97 6.72 56.26
C ASP A 32 -9.83 7.16 55.35
N LEU A 33 -9.84 8.42 54.94
CA LEU A 33 -8.74 8.95 54.13
C LEU A 33 -7.45 9.06 54.94
N LEU A 34 -7.55 9.40 56.23
CA LEU A 34 -6.37 9.52 57.05
C LEU A 34 -5.81 8.16 57.46
N THR A 35 -6.66 7.12 57.50
CA THR A 35 -6.18 5.80 57.87
C THR A 35 -5.21 5.25 56.83
N VAL A 36 -5.57 5.33 55.55
CA VAL A 36 -4.75 4.82 54.46
C VAL A 36 -3.91 5.96 53.90
N THR A 37 -2.59 5.73 53.82
CA THR A 37 -1.65 6.77 53.41
C THR A 37 -1.64 7.01 51.89
N PRO A 38 -1.46 5.98 51.05
CA PRO A 38 -1.31 6.27 49.61
C PRO A 38 -2.58 6.82 48.96
N LYS A 39 -3.75 6.52 49.50
CA LYS A 39 -5.00 7.02 48.92
C LYS A 39 -5.09 8.53 49.11
N ARG A 40 -5.39 9.24 48.02
CA ARG A 40 -5.49 10.70 48.06
C ARG A 40 -6.89 11.22 47.75
N SER A 41 -7.69 10.48 46.99
CA SER A 41 -9.03 10.95 46.65
C SER A 41 -9.97 10.83 47.85
N LEU A 42 -10.93 11.75 47.91
CA LEU A 42 -11.91 11.78 48.99
C LEU A 42 -13.31 11.79 48.36
N ALA A 43 -14.12 10.79 48.72
CA ALA A 43 -15.46 10.64 48.16
C ALA A 43 -16.46 11.30 49.10
N ILE A 44 -16.93 12.49 48.72
CA ILE A 44 -17.93 13.22 49.49
C ILE A 44 -19.31 12.88 48.94
N ASP A 45 -20.26 12.65 49.84
CA ASP A 45 -21.61 12.24 49.48
C ASP A 45 -22.53 13.46 49.46
N TRP A 46 -23.39 13.52 48.45
CA TRP A 46 -24.34 14.62 48.36
C TRP A 46 -25.49 14.44 49.34
N ALA A 47 -25.87 13.19 49.63
CA ALA A 47 -26.94 12.94 50.60
C ALA A 47 -26.53 13.40 51.99
N HIS A 48 -25.25 13.20 52.35
CA HIS A 48 -24.78 13.68 53.63
C HIS A 48 -24.84 15.20 53.71
N LEU A 49 -24.49 15.88 52.61
CA LEU A 49 -24.56 17.34 52.59
C LEU A 49 -26.01 17.81 52.70
N ASN A 50 -26.92 17.12 52.02
CA ASN A 50 -28.34 17.47 52.13
C ASN A 50 -28.85 17.27 53.54
N SER A 51 -28.44 16.19 54.20
CA SER A 51 -28.84 15.97 55.58
C SER A 51 -28.20 16.97 56.53
N PHE A 52 -27.04 17.51 56.17
CA PHE A 52 -26.35 18.49 57.01
C PHE A 52 -26.77 19.92 56.67
N ASP A 53 -26.57 20.33 55.42
CA ASP A 53 -26.90 21.69 55.01
C ASP A 53 -27.30 21.74 53.54
N PRO A 54 -28.58 21.94 53.23
CA PRO A 54 -28.99 22.01 51.83
C PRO A 54 -28.55 23.28 51.12
N GLU A 55 -28.28 24.36 51.87
CA GLU A 55 -27.83 25.60 51.24
C GLU A 55 -26.46 25.43 50.61
N LEU A 56 -25.58 24.66 51.26
CA LEU A 56 -24.28 24.36 50.67
C LEU A 56 -24.43 23.54 49.39
N ALA A 57 -25.39 22.61 49.38
CA ALA A 57 -25.65 21.83 48.16
C ALA A 57 -26.17 22.72 47.04
N ASP A 58 -27.04 23.67 47.36
CA ASP A 58 -27.54 24.59 46.35
C ASP A 58 -26.41 25.48 45.83
N GLU A 59 -25.51 25.91 46.71
CA GLU A 59 -24.38 26.72 46.28
C GLU A 59 -23.44 25.91 45.39
N LEU A 60 -23.25 24.62 45.70
CA LEU A 60 -22.44 23.76 44.84
C LEU A 60 -23.09 23.58 43.47
N LEU A 61 -24.40 23.39 43.44
CA LEU A 61 -25.11 23.27 42.18
C LEU A 61 -25.12 24.57 41.38
N ASN A 62 -24.99 25.72 42.05
CA ASN A 62 -25.01 27.00 41.36
C ASN A 62 -23.70 27.24 40.61
N ASN A 63 -22.58 27.29 41.34
CA ASN A 63 -21.27 27.55 40.75
C ASN A 63 -20.30 26.49 41.22
N PRO A 64 -20.00 25.48 40.39
CA PRO A 64 -19.05 24.43 40.81
C PRO A 64 -17.60 24.87 40.80
N GLU A 65 -17.25 25.93 40.07
CA GLU A 65 -15.86 26.35 40.01
C GLU A 65 -15.36 26.87 41.35
N GLU A 66 -16.14 27.76 41.99
CA GLU A 66 -15.77 28.29 43.29
C GLU A 66 -16.17 27.36 44.44
N ALA A 67 -16.83 26.24 44.15
CA ALA A 67 -17.28 25.33 45.19
C ALA A 67 -16.28 24.20 45.46
N ILE A 68 -15.70 23.63 44.40
CA ILE A 68 -14.77 22.52 44.58
C ILE A 68 -13.46 23.01 45.19
N ALA A 69 -12.99 24.17 44.76
CA ALA A 69 -11.74 24.71 45.29
C ALA A 69 -11.91 25.11 46.76
N SER A 70 -13.03 25.74 47.10
CA SER A 70 -13.27 26.11 48.50
C SER A 70 -13.39 24.88 49.38
N ALA A 71 -14.12 23.86 48.90
CA ALA A 71 -14.23 22.62 49.67
C ALA A 71 -12.89 21.94 49.81
N GLU A 72 -12.05 22.01 48.78
CA GLU A 72 -10.71 21.41 48.85
C GLU A 72 -9.86 22.13 49.89
N ASP A 73 -9.90 23.47 49.88
CA ASP A 73 -9.15 24.21 50.90
C ASP A 73 -9.67 23.92 52.29
N ALA A 74 -10.99 23.78 52.44
CA ALA A 74 -11.56 23.50 53.76
C ALA A 74 -11.16 22.12 54.26
N ILE A 75 -11.18 21.11 53.39
CA ILE A 75 -10.79 19.78 53.84
C ILE A 75 -9.29 19.72 54.08
N GLN A 76 -8.50 20.52 53.35
CA GLN A 76 -7.08 20.63 53.67
C GLN A 76 -6.87 21.25 55.05
N ILE A 77 -7.69 22.25 55.40
CA ILE A 77 -7.60 22.86 56.73
C ILE A 77 -7.95 21.84 57.80
N VAL A 78 -9.07 21.12 57.61
CA VAL A 78 -9.48 20.12 58.59
C VAL A 78 -8.50 18.94 58.64
N LEU A 79 -7.69 18.76 57.60
CA LEU A 79 -6.63 17.77 57.63
C LEU A 79 -5.36 18.28 58.29
N ARG A 80 -5.13 19.59 58.28
CA ARG A 80 -3.89 20.17 58.79
C ARG A 80 -3.97 20.54 60.27
N GLU A 81 -4.90 21.41 60.65
CA GLU A 81 -4.96 21.89 62.02
C GLU A 81 -5.36 20.81 63.02
N PRO A 82 -6.41 20.01 62.79
CA PRO A 82 -6.68 18.88 63.69
C PRO A 82 -5.56 17.85 63.62
N PRO A 83 -5.53 16.90 64.56
CA PRO A 83 -4.44 15.90 64.56
C PRO A 83 -4.48 15.02 63.32
N LEU A 84 -3.51 14.10 63.28
CA LEU A 84 -3.28 13.23 62.13
C LEU A 84 -2.99 14.03 60.87
N LEU A 85 -2.24 15.13 61.02
CA LEU A 85 -1.89 15.97 59.88
C LEU A 85 -0.81 15.31 59.05
N VAL A 86 -1.07 15.18 57.74
CA VAL A 86 -0.06 14.61 56.84
C VAL A 86 1.08 15.60 56.69
N GLU A 87 2.31 15.07 56.61
CA GLU A 87 3.50 15.93 56.53
C GLU A 87 3.44 16.83 55.30
N ARG A 88 2.94 16.32 54.18
CA ARG A 88 2.85 17.08 52.94
C ARG A 88 1.40 17.36 52.61
N GLU A 89 1.14 18.56 52.09
CA GLU A 89 -0.21 18.98 51.69
C GLU A 89 -0.57 18.41 50.32
N PHE A 90 -0.69 17.08 50.28
CA PHE A 90 -1.00 16.39 49.03
C PHE A 90 -2.40 16.78 48.56
N LYS A 91 -2.57 16.83 47.23
CA LYS A 91 -3.82 17.25 46.63
C LYS A 91 -4.95 16.29 46.99
N VAL A 92 -5.96 16.81 47.67
CA VAL A 92 -7.16 16.05 48.03
C VAL A 92 -8.28 16.49 47.10
N HIS A 93 -8.51 15.69 46.05
CA HIS A 93 -9.54 16.01 45.07
C HIS A 93 -10.91 15.63 45.62
N ALA A 94 -11.79 16.62 45.75
CA ALA A 94 -13.15 16.36 46.21
C ALA A 94 -13.91 15.59 45.14
N ARG A 95 -14.39 14.41 45.49
CA ARG A 95 -15.06 13.51 44.55
C ARG A 95 -16.50 13.33 45.00
N PHE A 96 -17.39 14.21 44.52
CA PHE A 96 -18.81 14.09 44.80
C PHE A 96 -19.41 13.00 43.92
N TYR A 97 -19.98 11.97 44.55
CA TYR A 97 -20.48 10.80 43.84
C TYR A 97 -21.99 10.65 43.95
N ASN A 98 -22.70 11.77 44.09
CA ASN A 98 -24.15 11.72 44.19
C ASN A 98 -24.73 13.05 43.77
N LEU A 99 -25.96 13.01 43.25
CA LEU A 99 -26.71 14.20 42.87
C LEU A 99 -28.18 13.86 42.89
N PRO A 100 -29.07 14.82 43.15
CA PRO A 100 -30.50 14.50 43.22
C PRO A 100 -31.09 14.06 41.88
N LYS A 101 -30.49 14.46 40.76
CA LYS A 101 -30.99 14.10 39.44
C LYS A 101 -29.90 13.39 38.65
N THR A 102 -30.25 12.26 38.05
CA THR A 102 -29.34 11.47 37.22
C THR A 102 -29.72 11.70 35.76
N LEU A 103 -28.99 12.58 35.10
CA LEU A 103 -29.29 12.92 33.71
C LEU A 103 -28.81 11.83 32.77
N LEU A 104 -29.18 11.97 31.49
CA LEU A 104 -28.78 11.05 30.45
C LEU A 104 -28.06 11.81 29.35
N VAL A 105 -27.38 11.07 28.47
CA VAL A 105 -26.66 11.69 27.37
C VAL A 105 -27.63 12.33 26.38
N LYS A 106 -28.77 11.68 26.14
CA LYS A 106 -29.78 12.25 25.27
C LYS A 106 -30.47 13.45 25.91
N GLU A 107 -30.65 13.41 27.23
CA GLU A 107 -31.27 14.52 27.93
C GLU A 107 -30.29 15.68 28.15
N LEU A 108 -28.99 15.41 28.09
CA LEU A 108 -28.00 16.46 28.28
C LEU A 108 -28.08 17.50 27.18
N GLY A 109 -27.86 18.75 27.55
CA GLY A 109 -27.96 19.85 26.60
C GLY A 109 -27.12 21.03 27.06
N SER A 110 -27.28 22.14 26.34
CA SER A 110 -26.51 23.34 26.64
C SER A 110 -27.00 24.04 27.90
N GLU A 111 -28.17 23.66 28.41
CA GLU A 111 -28.70 24.29 29.62
C GLU A 111 -28.03 23.78 30.89
N HIS A 112 -27.08 22.84 30.78
CA HIS A 112 -26.40 22.28 31.94
C HIS A 112 -24.93 22.66 32.00
N ILE A 113 -24.47 23.56 31.13
CA ILE A 113 -23.06 23.94 31.12
C ILE A 113 -22.75 24.78 32.35
N ASN A 114 -21.53 24.61 32.88
CA ASN A 114 -21.06 25.31 34.08
C ASN A 114 -21.92 24.98 35.29
N LYS A 115 -22.44 23.75 35.34
CA LYS A 115 -23.22 23.27 36.46
C LYS A 115 -22.87 21.82 36.72
N LEU A 116 -22.83 21.45 38.01
CA LEU A 116 -22.49 20.09 38.40
C LEU A 116 -23.61 19.14 37.98
N ILE A 117 -23.32 18.26 37.03
CA ILE A 117 -24.30 17.32 36.50
C ILE A 117 -23.85 15.90 36.81
N GLN A 118 -24.79 14.96 36.66
CA GLN A 118 -24.53 13.54 36.85
C GLN A 118 -25.19 12.79 35.70
N VAL A 119 -24.41 12.53 34.65
CA VAL A 119 -24.90 11.87 33.44
C VAL A 119 -24.43 10.43 33.44
N GLU A 120 -25.30 9.52 33.01
CA GLU A 120 -25.00 8.11 32.91
C GLU A 120 -24.96 7.68 31.46
N GLY A 121 -24.19 6.64 31.17
CA GLY A 121 -24.09 6.14 29.82
C GLY A 121 -23.09 5.02 29.73
N ILE A 122 -22.64 4.75 28.50
CA ILE A 122 -21.67 3.70 28.24
C ILE A 122 -20.50 4.31 27.47
N ILE A 123 -19.28 3.87 27.80
CA ILE A 123 -18.07 4.38 27.17
C ILE A 123 -17.83 3.62 25.87
N THR A 124 -17.63 4.36 24.79
CA THR A 124 -17.36 3.77 23.48
C THR A 124 -15.95 4.03 22.98
N ARG A 125 -15.35 5.17 23.32
CA ARG A 125 -13.98 5.50 22.93
C ARG A 125 -13.16 5.76 24.18
N VAL A 126 -11.86 5.46 24.09
CA VAL A 126 -10.94 5.67 25.19
C VAL A 126 -9.58 6.07 24.64
N SER A 127 -8.97 7.08 25.24
CA SER A 127 -7.66 7.56 24.83
C SER A 127 -6.59 7.05 25.81
N GLU A 128 -5.34 7.39 25.51
CA GLU A 128 -4.22 7.00 26.36
C GLU A 128 -3.94 8.08 27.41
N VAL A 129 -3.00 7.79 28.30
CA VAL A 129 -2.61 8.73 29.34
C VAL A 129 -1.60 9.71 28.75
N LYS A 130 -1.89 11.00 28.89
CA LYS A 130 -1.02 12.03 28.34
C LYS A 130 -0.59 13.01 29.41
N PRO A 131 0.66 13.45 29.38
CA PRO A 131 1.13 14.44 30.37
C PRO A 131 0.72 15.87 30.03
N PHE A 132 -0.49 16.27 30.38
CA PHE A 132 -0.95 17.61 30.07
C PHE A 132 -0.41 18.60 31.10
N VAL A 133 -0.04 19.78 30.61
CA VAL A 133 0.53 20.81 31.48
C VAL A 133 -0.59 21.57 32.17
N GLU A 134 -0.45 21.75 33.50
CA GLU A 134 -1.44 22.46 34.30
C GLU A 134 -1.07 23.93 34.48
N LYS A 135 0.10 24.19 35.06
CA LYS A 135 0.60 25.54 35.28
C LYS A 135 1.84 25.73 34.40
N ALA A 136 1.61 26.17 33.16
CA ALA A 136 2.69 26.36 32.20
C ALA A 136 3.51 27.58 32.60
N VAL A 137 4.78 27.35 32.94
CA VAL A 137 5.71 28.43 33.27
C VAL A 137 6.42 28.82 31.97
N PHE A 138 6.23 30.07 31.55
CA PHE A 138 6.79 30.55 30.29
C PHE A 138 8.18 31.12 30.53
N VAL A 139 9.16 30.64 29.76
CA VAL A 139 10.54 31.06 29.88
C VAL A 139 10.88 31.93 28.67
N CYS A 140 11.73 32.93 28.87
CA CYS A 140 12.16 33.83 27.82
C CYS A 140 13.67 34.05 27.92
N ARG A 141 14.28 34.44 26.79
CA ARG A 141 15.71 34.73 26.80
C ARG A 141 16.01 35.93 27.70
N ASP A 142 15.12 36.92 27.73
CA ASP A 142 15.23 38.07 28.61
C ASP A 142 14.54 37.73 29.93
N CYS A 143 14.43 38.72 30.81
CA CYS A 143 13.75 38.53 32.08
C CYS A 143 12.27 38.21 31.89
N GLY A 144 11.60 37.81 32.96
CA GLY A 144 10.20 37.42 32.87
C GLY A 144 10.02 35.92 32.78
N ASN A 145 10.71 35.19 33.65
CA ASN A 145 10.62 33.74 33.70
C ASN A 145 9.60 33.22 34.70
N GLU A 146 9.26 34.03 35.71
CA GLU A 146 8.31 33.60 36.73
C GLU A 146 6.88 33.57 36.19
N MET A 147 6.66 34.11 34.99
CA MET A 147 5.32 34.19 34.43
C MET A 147 4.74 32.78 34.23
N VAL A 148 3.51 32.59 34.70
CA VAL A 148 2.83 31.32 34.62
C VAL A 148 1.44 31.53 34.06
N ARG A 149 0.90 30.45 33.49
CA ARG A 149 -0.44 30.48 32.92
C ARG A 149 -1.13 29.15 33.25
N LEU A 150 -2.28 29.22 33.90
CA LEU A 150 -3.03 28.03 34.30
C LEU A 150 -3.88 27.57 33.12
N GLN A 151 -3.28 26.71 32.29
CA GLN A 151 -3.97 26.21 31.11
C GLN A 151 -5.04 25.20 31.51
N ARG A 152 -5.90 24.88 30.55
CA ARG A 152 -6.99 23.93 30.75
C ARG A 152 -6.70 22.61 30.04
N PRO A 153 -7.10 21.49 30.63
CA PRO A 153 -6.82 20.20 29.98
C PRO A 153 -7.59 19.99 28.69
N TYR A 154 -8.83 20.48 28.62
CA TYR A 154 -9.63 20.29 27.42
C TYR A 154 -9.28 21.29 26.32
N GLU A 155 -8.81 22.48 26.68
CA GLU A 155 -8.46 23.49 25.70
C GLU A 155 -7.08 23.21 25.11
N ASN A 156 -6.72 23.99 24.10
CA ASN A 156 -5.43 23.84 23.43
C ASN A 156 -4.39 24.73 24.12
N LEU A 157 -3.17 24.73 23.56
CA LEU A 157 -2.09 25.52 24.12
C LEU A 157 -2.28 26.99 23.81
N VAL A 158 -1.88 27.85 24.74
CA VAL A 158 -1.96 29.30 24.58
C VAL A 158 -0.56 29.88 24.73
N LYS A 159 -0.27 30.91 23.93
CA LYS A 159 1.02 31.56 23.95
C LYS A 159 0.84 33.05 24.22
N PRO A 160 1.62 33.65 25.12
CA PRO A 160 1.47 35.08 25.39
C PRO A 160 1.98 35.92 24.22
N ALA A 161 1.28 37.03 23.96
CA ALA A 161 1.67 37.90 22.86
C ALA A 161 2.95 38.66 23.19
N LYS A 162 3.11 39.09 24.43
CA LYS A 162 4.30 39.83 24.85
C LYS A 162 4.44 39.73 26.36
N CYS A 163 5.69 39.73 26.82
CA CYS A 163 5.98 39.66 28.24
C CYS A 163 5.78 41.03 28.87
N ASP A 164 4.99 41.08 29.95
CA ASP A 164 4.68 42.34 30.59
C ASP A 164 5.85 42.88 31.41
N ALA A 165 6.82 42.04 31.76
CA ALA A 165 7.92 42.48 32.61
C ALA A 165 8.84 43.45 31.86
N CYS A 166 9.34 43.05 30.70
CA CYS A 166 10.29 43.85 29.95
C CYS A 166 9.85 44.16 28.52
N GLY A 167 8.71 43.65 28.08
CA GLY A 167 8.27 43.88 26.72
C GLY A 167 8.90 42.98 25.68
N SER A 168 9.53 41.88 26.09
CA SER A 168 10.17 40.97 25.16
C SER A 168 9.15 39.99 24.58
N ARG A 169 9.48 39.47 23.40
CA ARG A 169 8.61 38.54 22.70
C ARG A 169 9.27 37.19 22.45
N ASN A 170 10.51 37.00 22.89
CA ASN A 170 11.21 35.72 22.72
C ASN A 170 10.70 34.71 23.75
N ILE A 171 9.47 34.27 23.53
CA ILE A 171 8.77 33.38 24.44
C ILE A 171 9.16 31.94 24.14
N GLU A 172 9.14 31.10 25.18
CA GLU A 172 9.44 29.68 25.04
C GLU A 172 8.77 28.93 26.18
N LEU A 173 8.70 27.60 26.04
CA LEU A 173 8.07 26.74 27.02
C LEU A 173 9.13 26.13 27.93
N ASP A 174 8.96 26.30 29.24
CA ASP A 174 9.88 25.74 30.23
C ASP A 174 9.29 24.44 30.76
N VAL A 175 9.67 23.33 30.13
CA VAL A 175 9.16 22.03 30.53
C VAL A 175 9.77 21.53 31.83
N ASP A 176 10.76 22.24 32.38
CA ASP A 176 11.38 21.80 33.62
C ASP A 176 10.55 22.21 34.83
N LYS A 177 9.97 23.41 34.80
CA LYS A 177 9.17 23.89 35.92
C LYS A 177 7.68 23.62 35.75
N SER A 178 7.24 23.24 34.57
CA SER A 178 5.82 22.96 34.34
C SER A 178 5.40 21.68 35.06
N ARG A 179 4.24 21.74 35.69
CA ARG A 179 3.70 20.58 36.43
C ARG A 179 2.75 19.82 35.51
N PHE A 180 3.19 18.65 35.06
CA PHE A 180 2.39 17.83 34.16
C PHE A 180 1.58 16.80 34.94
N LEU A 181 0.34 16.59 34.52
CA LEU A 181 -0.56 15.64 35.16
C LEU A 181 -1.15 14.71 34.12
N ASN A 182 -1.77 13.63 34.61
CA ASN A 182 -2.36 12.65 33.72
C ASN A 182 -3.64 13.18 33.08
N PHE A 183 -3.82 12.89 31.79
CA PHE A 183 -5.02 13.30 31.06
C PHE A 183 -5.49 12.14 30.19
N GLN A 184 -6.79 11.87 30.25
CA GLN A 184 -7.41 10.87 29.39
C GLN A 184 -8.68 11.44 28.80
N SER A 185 -9.09 10.91 27.65
CA SER A 185 -10.28 11.38 26.97
C SER A 185 -11.12 10.19 26.53
N PHE A 186 -12.38 10.15 26.97
CA PHE A 186 -13.30 9.09 26.58
C PHE A 186 -14.58 9.71 26.03
N ARG A 187 -15.47 8.85 25.55
CA ARG A 187 -16.70 9.29 24.90
C ARG A 187 -17.88 8.55 25.54
N LEU A 188 -18.64 9.25 26.39
CA LEU A 188 -19.81 8.65 27.02
C LEU A 188 -20.99 8.73 26.06
N GLN A 189 -21.56 7.57 25.75
CA GLN A 189 -22.69 7.48 24.83
C GLN A 189 -23.88 6.82 25.52
N ASP A 190 -25.06 7.05 24.96
CA ASP A 190 -26.27 6.43 25.48
C ASP A 190 -26.21 4.92 25.27
N ARG A 191 -26.74 4.18 26.24
CA ARG A 191 -26.78 2.73 26.17
C ARG A 191 -27.69 2.30 25.03
N PRO A 192 -27.15 1.71 23.95
CA PRO A 192 -28.02 1.39 22.80
C PRO A 192 -28.99 0.25 23.09
N GLU A 193 -28.53 -0.82 23.73
CA GLU A 193 -29.39 -1.96 24.00
C GLU A 193 -30.34 -1.69 25.16
N SER A 194 -29.85 -1.01 26.20
CA SER A 194 -30.72 -0.69 27.33
C SER A 194 -31.76 0.35 26.97
N LEU A 195 -31.43 1.26 26.05
CA LEU A 195 -32.36 2.30 25.59
C LEU A 195 -32.28 2.37 24.07
N LYS A 196 -33.25 1.76 23.39
CA LYS A 196 -33.30 1.76 21.94
C LYS A 196 -34.57 2.38 21.37
N GLY A 197 -35.63 2.51 22.17
CA GLY A 197 -36.86 3.10 21.64
C GLY A 197 -36.71 4.55 21.23
N GLY A 198 -35.80 5.28 21.88
CA GLY A 198 -35.59 6.67 21.52
C GLY A 198 -34.80 6.85 20.25
N GLN A 199 -33.90 5.90 19.96
CA GLN A 199 -33.07 5.93 18.76
C GLN A 199 -32.25 7.22 18.68
N MET A 200 -31.75 7.65 19.84
CA MET A 200 -30.97 8.88 19.88
C MET A 200 -29.57 8.60 20.41
N PRO A 201 -28.61 8.39 19.51
CA PRO A 201 -27.25 8.04 19.94
C PRO A 201 -26.35 9.24 20.20
N ARG A 202 -26.92 10.44 20.32
CA ARG A 202 -26.12 11.61 20.62
C ARG A 202 -25.30 11.38 21.87
N PHE A 203 -24.06 11.89 21.88
CA PHE A 203 -23.18 11.65 23.02
C PHE A 203 -22.24 12.81 23.30
N VAL A 204 -21.71 12.86 24.52
CA VAL A 204 -20.80 13.94 24.89
C VAL A 204 -19.46 13.39 25.33
N ASP A 205 -18.38 13.92 24.76
CA ASP A 205 -17.04 13.48 25.15
C ASP A 205 -16.66 14.05 26.51
N ALA A 206 -15.78 13.36 27.21
CA ALA A 206 -15.39 13.81 28.54
C ALA A 206 -13.91 13.51 28.79
N ILE A 207 -13.36 14.18 29.79
CA ILE A 207 -11.95 14.07 30.13
C ILE A 207 -11.81 13.56 31.56
N LEU A 208 -10.73 12.82 31.79
CA LEU A 208 -10.37 12.29 33.10
C LEU A 208 -8.98 12.81 33.47
N LEU A 209 -8.76 13.00 34.77
CA LEU A 209 -7.58 13.68 35.28
C LEU A 209 -6.73 12.70 36.09
N ASP A 210 -5.72 13.25 36.78
CA ASP A 210 -4.71 12.46 37.47
C ASP A 210 -5.28 11.34 38.34
N ASP A 211 -6.40 11.61 39.00
CA ASP A 211 -7.01 10.61 39.87
C ASP A 211 -7.96 9.68 39.10
N LEU A 212 -8.71 10.22 38.15
CA LEU A 212 -9.69 9.43 37.42
C LEU A 212 -9.13 8.81 36.14
N VAL A 213 -7.83 8.94 35.89
CA VAL A 213 -7.25 8.37 34.68
C VAL A 213 -7.20 6.85 34.80
N ASP A 214 -7.47 6.17 33.68
CA ASP A 214 -7.48 4.71 33.62
C ASP A 214 -8.42 4.12 34.67
N ALA A 215 -9.69 4.55 34.60
CA ALA A 215 -10.71 4.14 35.54
C ALA A 215 -11.69 3.12 34.97
N ALA A 216 -12.01 3.20 33.68
CA ALA A 216 -12.96 2.29 33.07
C ALA A 216 -12.49 1.95 31.66
N LEU A 217 -13.06 0.87 31.14
CA LEU A 217 -12.76 0.38 29.80
C LEU A 217 -13.93 0.68 28.86
N PRO A 218 -13.67 0.73 27.55
CA PRO A 218 -14.77 0.97 26.60
C PRO A 218 -15.77 -0.17 26.62
N GLY A 219 -17.05 0.18 26.52
CA GLY A 219 -18.12 -0.78 26.63
C GLY A 219 -18.69 -0.95 28.01
N ASP A 220 -18.15 -0.26 29.01
CA ASP A 220 -18.64 -0.34 30.38
C ASP A 220 -19.61 0.79 30.66
N ARG A 221 -20.62 0.50 31.48
CA ARG A 221 -21.62 1.49 31.86
C ARG A 221 -21.16 2.16 33.15
N VAL A 222 -20.86 3.46 33.06
CA VAL A 222 -20.37 4.22 34.19
C VAL A 222 -21.33 5.37 34.47
N LEU A 223 -21.27 5.85 35.71
CA LEU A 223 -22.08 6.99 36.17
C LEU A 223 -21.10 8.11 36.53
N VAL A 224 -20.77 8.93 35.54
CA VAL A 224 -19.84 10.03 35.72
C VAL A 224 -20.60 11.26 36.21
N THR A 225 -19.92 12.10 36.98
CA THR A 225 -20.53 13.31 37.53
C THR A 225 -19.45 14.39 37.62
N GLY A 226 -19.48 15.32 36.67
CA GLY A 226 -18.49 16.39 36.62
C GLY A 226 -19.09 17.67 36.10
N VAL A 227 -18.27 18.72 36.13
CA VAL A 227 -18.69 20.04 35.65
C VAL A 227 -18.62 20.06 34.14
N LEU A 228 -19.75 20.37 33.50
CA LEU A 228 -19.82 20.44 32.05
C LEU A 228 -19.13 21.71 31.58
N ARG A 229 -17.95 21.58 30.99
CA ARG A 229 -17.18 22.70 30.50
C ARG A 229 -17.43 22.87 29.00
N VAL A 230 -16.71 23.80 28.38
CA VAL A 230 -16.86 24.10 26.96
C VAL A 230 -15.56 24.69 26.44
N ILE A 231 -15.24 24.39 25.18
CA ILE A 231 -14.00 24.81 24.55
C ILE A 231 -14.35 25.64 23.32
N LEU A 232 -13.64 26.75 23.13
CA LEU A 232 -13.79 27.54 21.92
C LEU A 232 -12.93 26.95 20.81
N GLU A 233 -13.48 26.94 19.58
CA GLU A 233 -12.82 26.29 18.45
C GLU A 233 -12.19 27.28 17.49
N GLN A 234 -12.96 28.23 16.97
CA GLN A 234 -12.46 29.14 15.94
C GLN A 234 -13.41 30.34 15.87
N ARG A 235 -13.19 31.21 14.88
CA ARG A 235 -14.05 32.37 14.65
C ARG A 235 -15.11 32.12 13.60
N GLU A 236 -15.34 30.86 13.21
CA GLU A 236 -16.36 30.57 12.21
C GLU A 236 -17.75 30.89 12.74
N LYS A 237 -18.00 30.64 14.02
CA LYS A 237 -19.26 30.96 14.67
C LYS A 237 -19.00 31.79 15.91
N ARG A 238 -19.84 32.80 16.12
CA ARG A 238 -19.68 33.67 17.28
C ARG A 238 -19.83 32.92 18.61
N PRO A 239 -20.87 32.10 18.83
CA PRO A 239 -20.98 31.42 20.13
C PRO A 239 -20.02 30.25 20.28
N ILE A 240 -20.14 29.53 21.40
CA ILE A 240 -19.28 28.38 21.65
C ILE A 240 -19.58 27.27 20.65
N PHE A 241 -18.67 26.29 20.59
CA PHE A 241 -18.72 25.24 19.59
C PHE A 241 -19.02 23.85 20.17
N LYS A 242 -18.19 23.38 21.10
CA LYS A 242 -18.33 22.03 21.62
C LYS A 242 -18.07 22.03 23.12
N LYS A 243 -18.87 21.23 23.84
CA LYS A 243 -18.78 21.12 25.29
C LYS A 243 -18.04 19.85 25.65
N ILE A 244 -17.19 19.94 26.67
CA ILE A 244 -16.40 18.80 27.15
C ILE A 244 -16.66 18.63 28.63
N LEU A 245 -17.19 17.47 29.02
CA LEU A 245 -17.53 17.21 30.42
C LEU A 245 -16.25 16.98 31.22
N GLU A 246 -15.94 17.89 32.12
CA GLU A 246 -14.79 17.73 33.02
C GLU A 246 -15.23 16.84 34.17
N VAL A 247 -14.95 15.54 34.05
CA VAL A 247 -15.43 14.57 35.01
C VAL A 247 -14.79 14.82 36.37
N ASN A 248 -15.62 14.97 37.39
CA ASN A 248 -15.14 15.12 38.76
C ASN A 248 -15.08 13.79 39.50
N HIS A 249 -16.02 12.89 39.24
CA HIS A 249 -16.03 11.57 39.85
C HIS A 249 -16.61 10.57 38.88
N ILE A 250 -15.99 9.40 38.79
CA ILE A 250 -16.44 8.32 37.93
C ILE A 250 -16.80 7.12 38.79
N GLU A 251 -17.85 6.40 38.39
CA GLU A 251 -18.31 5.24 39.13
C GLU A 251 -19.16 4.38 38.21
N GLN A 252 -18.97 3.06 38.29
CA GLN A 252 -19.72 2.14 37.47
C GLN A 252 -21.17 2.07 37.92
N LEU A 253 -22.07 1.82 36.97
CA LEU A 253 -23.48 1.73 37.27
C LEU A 253 -23.79 0.52 38.13
N SER A 254 -24.87 0.62 38.90
CA SER A 254 -25.28 -0.47 39.77
C SER A 254 -25.89 -1.60 38.95
N LYS A 255 -26.24 -2.69 39.64
CA LYS A 255 -26.78 -3.88 39.00
C LYS A 255 -28.28 -3.78 38.73
N GLU A 256 -28.87 -2.59 38.82
CA GLU A 256 -30.28 -2.41 38.50
C GLU A 256 -30.54 -1.28 37.51
N ILE A 257 -29.60 -0.35 37.34
CA ILE A 257 -29.82 0.76 36.42
C ILE A 257 -29.66 0.30 34.97
N GLU A 258 -28.61 -0.48 34.71
CA GLU A 258 -28.34 -0.99 33.37
C GLU A 258 -29.10 -2.26 33.04
N GLU A 259 -30.04 -2.67 33.90
CA GLU A 259 -30.86 -3.84 33.66
C GLU A 259 -32.34 -3.45 33.68
N LEU A 260 -33.19 -4.42 33.35
CA LEU A 260 -34.62 -4.19 33.35
C LEU A 260 -35.14 -4.04 34.78
N GLU A 261 -36.29 -3.39 34.90
CA GLU A 261 -36.95 -3.19 36.18
C GLU A 261 -38.18 -4.10 36.29
N ILE A 262 -38.39 -4.64 37.49
CA ILE A 262 -39.49 -5.56 37.75
C ILE A 262 -40.18 -5.15 39.03
N SER A 263 -41.45 -5.49 39.15
CA SER A 263 -42.29 -5.20 40.30
C SER A 263 -42.65 -6.48 41.04
N PRO A 264 -43.09 -6.39 42.30
CA PRO A 264 -43.48 -7.62 43.01
C PRO A 264 -44.63 -8.37 42.34
N GLU A 265 -45.67 -7.66 41.91
CA GLU A 265 -46.73 -8.32 41.17
C GLU A 265 -46.23 -8.84 39.82
N ASP A 266 -45.24 -8.16 39.23
CA ASP A 266 -44.63 -8.68 38.01
C ASP A 266 -43.92 -10.00 38.27
N GLU A 267 -43.17 -10.08 39.37
CA GLU A 267 -42.52 -11.34 39.73
C GLU A 267 -43.55 -12.43 40.01
N GLN A 268 -44.66 -12.06 40.66
CA GLN A 268 -45.72 -13.03 40.93
C GLN A 268 -46.32 -13.57 39.64
N LYS A 269 -46.61 -12.69 38.68
CA LYS A 269 -47.19 -13.14 37.41
C LYS A 269 -46.17 -13.92 36.59
N ILE A 270 -44.88 -13.61 36.72
CA ILE A 270 -43.84 -14.40 36.05
C ILE A 270 -43.79 -15.80 36.64
N ARG A 271 -43.86 -15.91 37.97
CA ARG A 271 -43.91 -17.23 38.59
C ARG A 271 -45.15 -18.00 38.16
N GLU A 272 -46.30 -17.31 38.05
CA GLU A 272 -47.52 -17.97 37.62
C GLU A 272 -47.39 -18.47 36.18
N LEU A 273 -46.78 -17.67 35.30
CA LEU A 273 -46.54 -18.10 33.93
C LEU A 273 -45.59 -19.29 33.90
N ALA A 274 -44.59 -19.30 34.78
CA ALA A 274 -43.67 -20.43 34.85
C ALA A 274 -44.40 -21.69 35.30
N LYS A 275 -45.36 -21.55 36.21
CA LYS A 275 -46.17 -22.68 36.63
C LYS A 275 -47.16 -23.15 35.56
N ARG A 276 -47.37 -22.35 34.52
CA ARG A 276 -48.32 -22.71 33.47
C ARG A 276 -47.78 -23.84 32.62
N LYS A 277 -48.65 -24.77 32.25
CA LYS A 277 -48.26 -25.89 31.41
C LYS A 277 -47.82 -25.42 30.03
N ASP A 278 -47.10 -26.29 29.33
CA ASP A 278 -46.54 -26.03 27.99
C ASP A 278 -45.98 -24.63 27.87
N ILE A 279 -45.15 -24.26 28.86
CA ILE A 279 -44.50 -22.95 28.83
C ILE A 279 -43.49 -22.88 27.69
N VAL A 280 -42.82 -23.98 27.40
CA VAL A 280 -41.82 -24.00 26.32
C VAL A 280 -42.50 -23.77 24.97
N ASP A 281 -43.61 -24.47 24.72
CA ASP A 281 -44.34 -24.28 23.48
C ASP A 281 -44.89 -22.86 23.36
N ALA A 282 -45.36 -22.30 24.47
CA ALA A 282 -45.85 -20.93 24.45
C ALA A 282 -44.74 -19.94 24.13
N ILE A 283 -43.56 -20.14 24.70
CA ILE A 283 -42.44 -19.26 24.41
C ILE A 283 -41.99 -19.40 22.96
N VAL A 284 -41.99 -20.63 22.44
CA VAL A 284 -41.60 -20.85 21.05
C VAL A 284 -42.59 -20.18 20.10
N ASP A 285 -43.89 -20.31 20.38
CA ASP A 285 -44.89 -19.69 19.53
C ASP A 285 -44.92 -18.18 19.69
N SER A 286 -44.44 -17.67 20.83
CA SER A 286 -44.45 -16.23 21.08
C SER A 286 -43.28 -15.52 20.43
N ILE A 287 -42.30 -16.24 19.89
CA ILE A 287 -41.15 -15.63 19.24
C ILE A 287 -41.48 -15.47 17.75
N ALA A 288 -41.68 -14.23 17.32
CA ALA A 288 -41.97 -13.87 15.94
C ALA A 288 -43.14 -14.68 15.38
N PRO A 289 -44.38 -14.40 15.83
CA PRO A 289 -45.53 -15.14 15.27
C PRO A 289 -45.84 -14.79 13.82
N ALA A 290 -45.25 -13.72 13.29
CA ALA A 290 -45.54 -13.32 11.91
C ALA A 290 -44.98 -14.35 10.93
N ILE A 291 -43.72 -14.75 11.09
CA ILE A 291 -43.13 -15.74 10.21
C ILE A 291 -43.70 -17.10 10.54
N TRP A 292 -44.23 -17.79 9.53
CA TRP A 292 -44.82 -19.10 9.72
C TRP A 292 -43.73 -20.17 9.76
N GLY A 293 -43.96 -21.21 10.55
CA GLY A 293 -43.03 -22.32 10.62
C GLY A 293 -41.78 -21.97 11.42
N HIS A 294 -40.69 -22.63 11.06
CA HIS A 294 -39.39 -22.44 11.72
C HIS A 294 -39.47 -22.72 13.22
N ARG A 295 -40.25 -23.73 13.60
CA ARG A 295 -40.44 -24.04 15.02
C ARG A 295 -39.11 -24.46 15.66
N ILE A 296 -38.30 -25.23 14.94
CA ILE A 296 -37.00 -25.63 15.46
C ILE A 296 -36.09 -24.42 15.58
N VAL A 297 -36.12 -23.52 14.60
CA VAL A 297 -35.30 -22.31 14.65
C VAL A 297 -35.75 -21.43 15.80
N LYS A 298 -37.07 -21.31 16.01
CA LYS A 298 -37.58 -20.51 17.11
C LYS A 298 -37.18 -21.11 18.45
N LYS A 299 -37.22 -22.44 18.57
CA LYS A 299 -36.82 -23.10 19.80
C LYS A 299 -35.33 -22.89 20.07
N GLY A 300 -34.51 -22.95 19.01
CA GLY A 300 -33.09 -22.69 19.18
C GLY A 300 -32.82 -21.26 19.60
N ILE A 301 -33.54 -20.30 19.01
CA ILE A 301 -33.37 -18.91 19.40
C ILE A 301 -33.80 -18.69 20.84
N ALA A 302 -34.88 -19.36 21.26
CA ALA A 302 -35.32 -19.26 22.64
C ALA A 302 -34.28 -19.84 23.59
N LEU A 303 -33.71 -20.99 23.25
CA LEU A 303 -32.66 -21.58 24.08
C LEU A 303 -31.43 -20.67 24.13
N ALA A 304 -31.15 -19.96 23.04
CA ALA A 304 -30.05 -19.01 23.05
C ALA A 304 -30.35 -17.81 23.94
N LEU A 305 -31.62 -17.38 23.97
CA LEU A 305 -32.01 -16.27 24.83
C LEU A 305 -31.85 -16.63 26.30
N PHE A 306 -32.41 -17.77 26.72
CA PHE A 306 -32.21 -18.28 28.08
C PHE A 306 -30.84 -18.97 28.14
N GLY A 307 -29.80 -18.14 28.10
CA GLY A 307 -28.44 -18.67 28.05
C GLY A 307 -28.10 -19.50 29.27
N GLY A 308 -27.11 -20.38 29.08
CA GLY A 308 -26.67 -21.24 30.16
C GLY A 308 -26.01 -20.46 31.28
N VAL A 309 -25.88 -21.13 32.43
CA VAL A 309 -25.28 -20.50 33.59
C VAL A 309 -23.78 -20.35 33.39
N GLN A 310 -23.27 -19.17 33.75
CA GLN A 310 -21.85 -18.86 33.63
C GLN A 310 -21.18 -19.11 34.99
N ARG A 311 -20.26 -20.06 35.03
CA ARG A 311 -19.57 -20.43 36.25
C ARG A 311 -18.07 -20.18 36.11
N THR A 312 -17.43 -19.89 37.23
CA THR A 312 -16.00 -19.60 37.28
C THR A 312 -15.35 -20.59 38.24
N LEU A 313 -14.54 -21.50 37.70
CA LEU A 313 -13.87 -22.49 38.54
C LEU A 313 -12.80 -21.81 39.40
N PRO A 314 -12.52 -22.36 40.58
CA PRO A 314 -11.49 -21.76 41.45
C PRO A 314 -10.09 -21.81 40.86
N ASP A 315 -9.85 -22.61 39.81
CA ASP A 315 -8.53 -22.67 39.21
C ASP A 315 -8.18 -21.41 38.42
N GLY A 316 -9.18 -20.60 38.07
CA GLY A 316 -8.96 -19.37 37.34
C GLY A 316 -9.66 -19.31 36.00
N THR A 317 -10.01 -20.45 35.42
CA THR A 317 -10.68 -20.47 34.12
C THR A 317 -12.14 -20.07 34.26
N LYS A 318 -12.73 -19.65 33.15
CA LYS A 318 -14.11 -19.22 33.09
C LYS A 318 -14.86 -20.08 32.08
N LEU A 319 -15.87 -20.80 32.55
CA LEU A 319 -16.68 -21.63 31.67
C LEU A 319 -17.64 -20.78 30.85
N ARG A 320 -17.78 -21.13 29.57
CA ARG A 320 -18.65 -20.37 28.69
C ARG A 320 -20.11 -20.64 29.00
N GLY A 321 -20.95 -19.62 28.86
CA GLY A 321 -22.37 -19.74 29.11
C GLY A 321 -23.22 -19.02 28.10
N GLU A 322 -22.72 -18.89 26.88
CA GLU A 322 -23.41 -18.18 25.81
C GLU A 322 -23.55 -19.12 24.61
N SER A 323 -24.77 -19.33 24.16
CA SER A 323 -25.05 -20.21 23.02
C SER A 323 -25.26 -19.35 21.78
N HIS A 324 -24.29 -19.40 20.87
CA HIS A 324 -24.36 -18.64 19.63
C HIS A 324 -25.11 -19.44 18.56
N VAL A 325 -25.92 -18.75 17.78
CA VAL A 325 -26.75 -19.36 16.75
C VAL A 325 -26.45 -18.69 15.41
N LEU A 326 -26.32 -19.50 14.37
CA LEU A 326 -26.09 -19.01 13.01
C LEU A 326 -27.22 -19.51 12.12
N LEU A 327 -27.87 -18.59 11.42
CA LEU A 327 -29.01 -18.89 10.56
C LEU A 327 -28.57 -18.78 9.10
N VAL A 328 -28.08 -19.89 8.56
CA VAL A 328 -27.68 -19.96 7.16
C VAL A 328 -28.88 -20.39 6.34
N GLY A 329 -29.17 -19.64 5.28
CA GLY A 329 -30.31 -19.96 4.44
C GLY A 329 -30.28 -19.17 3.15
N ASP A 330 -31.06 -19.65 2.18
CA ASP A 330 -31.16 -18.96 0.90
C ASP A 330 -31.95 -17.66 1.07
N PRO A 331 -31.71 -16.67 0.19
CA PRO A 331 -32.53 -15.46 0.38
C PRO A 331 -34.02 -15.74 0.27
N GLY A 332 -34.86 -14.97 0.95
CA GLY A 332 -36.30 -15.13 0.85
C GLY A 332 -36.93 -16.02 1.91
N VAL A 333 -36.16 -16.44 2.90
CA VAL A 333 -36.68 -17.31 3.95
C VAL A 333 -37.05 -16.51 5.21
N ALA A 334 -37.14 -15.19 5.08
CA ALA A 334 -37.52 -14.34 6.21
C ALA A 334 -36.53 -14.45 7.37
N LYS A 335 -35.28 -14.77 7.06
CA LYS A 335 -34.26 -14.86 8.11
C LYS A 335 -34.03 -13.51 8.75
N SER A 336 -34.06 -12.45 7.95
CA SER A 336 -33.84 -11.11 8.47
C SER A 336 -34.90 -10.73 9.49
N GLN A 337 -36.15 -11.07 9.19
CA GLN A 337 -37.23 -10.76 10.12
C GLN A 337 -36.96 -11.43 11.45
N LEU A 338 -36.51 -12.69 11.40
CA LEU A 338 -36.20 -13.41 12.62
C LEU A 338 -35.25 -12.60 13.49
N LEU A 339 -34.38 -11.81 12.86
CA LEU A 339 -33.42 -11.03 13.61
C LEU A 339 -33.96 -9.68 14.05
N ARG A 340 -35.17 -9.35 13.63
CA ARG A 340 -35.78 -8.09 14.02
C ARG A 340 -36.67 -8.27 15.24
N TYR A 341 -37.48 -9.32 15.25
CA TYR A 341 -38.38 -9.54 16.37
C TYR A 341 -37.61 -9.89 17.63
N VAL A 342 -36.58 -10.73 17.51
CA VAL A 342 -35.76 -11.07 18.67
C VAL A 342 -34.94 -9.88 19.12
N ALA A 343 -34.67 -8.94 18.21
CA ALA A 343 -33.91 -7.74 18.58
C ALA A 343 -34.66 -6.92 19.62
N ASN A 344 -35.98 -6.82 19.49
CA ASN A 344 -36.80 -6.11 20.46
C ASN A 344 -37.32 -7.00 21.57
N LEU A 345 -37.34 -8.32 21.35
CA LEU A 345 -37.80 -9.24 22.38
C LEU A 345 -36.72 -9.52 23.41
N ALA A 346 -35.46 -9.57 22.99
CA ALA A 346 -34.37 -9.83 23.91
C ALA A 346 -34.18 -8.66 24.86
N PRO A 347 -33.75 -8.91 26.10
CA PRO A 347 -33.57 -7.80 27.05
C PRO A 347 -32.47 -6.84 26.64
N ARG A 348 -31.28 -7.34 26.34
CA ARG A 348 -30.14 -6.52 25.94
C ARG A 348 -29.65 -7.04 24.59
N ALA A 349 -30.03 -6.36 23.51
CA ALA A 349 -29.68 -6.79 22.17
C ALA A 349 -29.43 -5.57 21.29
N ILE A 350 -28.41 -5.66 20.44
CA ILE A 350 -28.05 -4.59 19.52
C ILE A 350 -28.13 -5.17 18.12
N TYR A 351 -29.22 -4.89 17.40
CA TYR A 351 -29.38 -5.37 16.04
C TYR A 351 -28.46 -4.59 15.11
N THR A 352 -27.57 -5.30 14.42
CA THR A 352 -26.61 -4.68 13.52
C THR A 352 -26.55 -5.52 12.24
N SER A 353 -25.73 -5.06 11.30
CA SER A 353 -25.53 -5.74 10.02
C SER A 353 -24.05 -5.97 9.80
N GLY A 354 -23.76 -6.90 8.88
CA GLY A 354 -22.36 -7.19 8.57
C GLY A 354 -21.67 -6.04 7.88
N LYS A 355 -22.36 -5.39 6.94
CA LYS A 355 -21.82 -4.23 6.23
C LYS A 355 -21.95 -3.00 7.13
N SER A 356 -21.06 -2.92 8.11
CA SER A 356 -21.07 -1.83 9.08
C SER A 356 -20.25 -0.67 8.56
N SER A 357 -20.86 0.51 8.50
CA SER A 357 -20.18 1.70 8.01
C SER A 357 -19.16 2.24 9.02
N SER A 358 -19.32 1.91 10.30
CA SER A 358 -18.40 2.39 11.32
C SER A 358 -17.03 1.72 11.16
N ALA A 359 -16.00 2.39 11.71
CA ALA A 359 -14.65 1.85 11.62
C ALA A 359 -14.50 0.60 12.47
N ALA A 360 -15.27 0.48 13.56
CA ALA A 360 -15.25 -0.69 14.44
C ALA A 360 -16.70 -1.15 14.60
N GLY A 361 -17.15 -2.01 13.68
CA GLY A 361 -18.53 -2.48 13.74
C GLY A 361 -18.75 -3.45 14.88
N LEU A 362 -17.99 -4.55 14.90
CA LEU A 362 -18.11 -5.55 15.96
C LEU A 362 -16.85 -5.60 16.81
N THR A 363 -15.68 -5.76 16.22
CA THR A 363 -14.43 -5.81 16.96
C THR A 363 -13.90 -4.40 17.22
N ALA A 364 -13.42 -4.19 18.44
CA ALA A 364 -12.84 -2.90 18.80
C ALA A 364 -11.58 -2.64 17.98
N ALA A 365 -11.31 -1.35 17.74
CA ALA A 365 -10.18 -0.96 16.90
C ALA A 365 -9.63 0.37 17.37
N ALA A 366 -8.32 0.55 17.19
CA ALA A 366 -7.63 1.77 17.54
C ALA A 366 -7.54 2.64 16.29
N VAL A 367 -8.22 3.78 16.31
CA VAL A 367 -8.29 4.69 15.16
C VAL A 367 -7.91 6.09 15.63
N ARG A 368 -7.55 6.92 14.67
CA ARG A 368 -7.20 8.29 14.98
C ARG A 368 -8.45 9.10 15.25
N ASP A 369 -8.36 10.03 16.18
CA ASP A 369 -9.49 10.89 16.51
C ASP A 369 -9.37 12.22 15.77
N GLU A 370 -10.28 13.15 16.06
CA GLU A 370 -10.32 14.45 15.40
C GLU A 370 -9.79 15.59 16.25
N PHE A 371 -9.67 15.39 17.57
CA PHE A 371 -9.22 16.47 18.44
C PHE A 371 -7.73 16.76 18.24
N THR A 372 -6.89 15.74 18.42
CA THR A 372 -5.45 15.93 18.30
C THR A 372 -4.78 14.82 17.51
N GLY A 373 -5.55 14.02 16.78
CA GLY A 373 -4.97 12.93 16.01
C GLY A 373 -4.37 11.82 16.85
N SER A 374 -4.78 11.70 18.11
CA SER A 374 -4.26 10.66 18.99
C SER A 374 -5.05 9.38 18.82
N TRP A 375 -4.35 8.25 18.89
CA TRP A 375 -4.99 6.95 18.75
C TRP A 375 -5.95 6.71 19.91
N VAL A 376 -7.21 6.46 19.59
CA VAL A 376 -8.23 6.14 20.57
C VAL A 376 -8.82 4.79 20.21
N LEU A 377 -9.07 3.96 21.22
CA LEU A 377 -9.72 2.68 21.02
C LEU A 377 -11.23 2.85 21.06
N GLU A 378 -11.90 2.42 19.99
CA GLU A 378 -13.35 2.48 19.88
C GLU A 378 -13.90 1.07 19.79
N ALA A 379 -14.98 0.82 20.53
CA ALA A 379 -15.59 -0.49 20.63
C ALA A 379 -16.68 -0.66 19.56
N GLY A 380 -17.22 -1.87 19.51
CA GLY A 380 -18.25 -2.19 18.54
C GLY A 380 -19.46 -2.85 19.15
N VAL A 381 -20.24 -3.57 18.33
CA VAL A 381 -21.45 -4.22 18.82
C VAL A 381 -21.10 -5.35 19.79
N LEU A 382 -20.00 -6.06 19.55
CA LEU A 382 -19.61 -7.16 20.41
C LEU A 382 -19.02 -6.71 21.73
N VAL A 383 -18.97 -5.39 22.00
CA VAL A 383 -18.48 -4.87 23.25
C VAL A 383 -19.54 -4.06 23.99
N LEU A 384 -20.28 -3.22 23.27
CA LEU A 384 -21.35 -2.44 23.89
C LEU A 384 -22.50 -3.31 24.37
N ALA A 385 -22.58 -4.56 23.91
CA ALA A 385 -23.62 -5.49 24.31
C ALA A 385 -23.15 -6.47 25.38
N ASP A 386 -22.27 -6.02 26.28
CA ASP A 386 -21.76 -6.88 27.33
C ASP A 386 -22.90 -7.41 28.19
N GLY A 387 -22.89 -8.71 28.45
CA GLY A 387 -23.98 -9.33 29.20
C GLY A 387 -25.30 -9.35 28.48
N GLY A 388 -25.29 -9.26 27.15
CA GLY A 388 -26.52 -9.25 26.38
C GLY A 388 -26.42 -10.03 25.09
N PHE A 389 -27.09 -9.56 24.04
CA PHE A 389 -27.12 -10.23 22.76
C PHE A 389 -26.64 -9.28 21.67
N ALA A 390 -26.20 -9.88 20.55
CA ALA A 390 -25.71 -9.12 19.39
C ALA A 390 -26.20 -9.84 18.13
N LEU A 391 -27.34 -9.41 17.62
CA LEU A 391 -27.93 -10.00 16.42
C LEU A 391 -27.27 -9.38 15.20
N ILE A 392 -26.22 -10.03 14.71
CA ILE A 392 -25.42 -9.52 13.59
C ILE A 392 -25.99 -10.12 12.32
N ASP A 393 -26.74 -9.31 11.56
CA ASP A 393 -27.25 -9.75 10.27
C ASP A 393 -26.15 -9.71 9.22
N GLU A 394 -26.26 -10.62 8.24
CA GLU A 394 -25.28 -10.77 7.18
C GLU A 394 -23.88 -10.98 7.75
N PHE A 395 -23.75 -12.05 8.55
CA PHE A 395 -22.50 -12.35 9.22
C PHE A 395 -21.39 -12.73 8.24
N ASP A 396 -21.74 -13.14 7.03
CA ASP A 396 -20.72 -13.51 6.05
C ASP A 396 -19.95 -12.32 5.52
N LYS A 397 -20.51 -11.11 5.62
CA LYS A 397 -19.86 -9.89 5.12
C LYS A 397 -19.15 -9.22 6.28
N MET A 398 -17.86 -9.51 6.44
CA MET A 398 -17.05 -8.92 7.49
C MET A 398 -15.69 -8.53 6.92
N SER A 399 -15.11 -7.48 7.49
CA SER A 399 -13.79 -7.03 7.06
C SER A 399 -12.72 -8.02 7.52
N ASP A 400 -11.54 -7.91 6.91
CA ASP A 400 -10.44 -8.79 7.28
C ASP A 400 -9.95 -8.53 8.70
N ARG A 401 -10.14 -7.31 9.20
CA ARG A 401 -9.73 -7.01 10.57
C ARG A 401 -10.64 -7.68 11.59
N ASP A 402 -11.94 -7.79 11.30
CA ASP A 402 -12.88 -8.41 12.22
C ASP A 402 -12.85 -9.93 12.16
N ARG A 403 -12.33 -10.50 11.07
CA ARG A 403 -12.27 -11.95 10.93
C ARG A 403 -11.11 -12.58 11.70
N SER A 404 -10.31 -11.78 12.41
CA SER A 404 -9.18 -12.28 13.15
C SER A 404 -9.36 -12.20 14.67
N ALA A 405 -10.39 -11.50 15.14
CA ALA A 405 -10.63 -11.36 16.58
C ALA A 405 -11.92 -12.01 17.05
N ILE A 406 -12.83 -12.34 16.13
CA ILE A 406 -14.06 -13.04 16.53
C ILE A 406 -13.76 -14.46 17.00
N HIS A 407 -12.60 -15.01 16.64
CA HIS A 407 -12.23 -16.33 17.12
C HIS A 407 -11.98 -16.32 18.63
N GLU A 408 -11.55 -15.19 19.17
CA GLU A 408 -11.33 -15.03 20.60
C GLU A 408 -12.52 -14.43 21.33
N ALA A 409 -13.31 -13.60 20.66
CA ALA A 409 -14.48 -12.98 21.26
C ALA A 409 -15.65 -13.95 21.42
N LEU A 410 -15.50 -15.17 20.95
CA LEU A 410 -16.54 -16.19 21.14
C LEU A 410 -16.05 -17.25 22.10
N GLU A 411 -14.88 -17.81 21.84
CA GLU A 411 -14.32 -18.83 22.73
C GLU A 411 -13.88 -18.26 24.06
N GLN A 412 -13.09 -17.19 24.03
CA GLN A 412 -12.58 -16.61 25.27
C GLN A 412 -13.42 -15.44 25.71
N GLN A 413 -14.48 -15.16 24.97
CA GLN A 413 -15.38 -14.04 25.30
C GLN A 413 -14.58 -12.80 25.71
N THR A 414 -13.43 -12.59 25.07
CA THR A 414 -12.58 -11.45 25.37
C THR A 414 -11.96 -10.93 24.08
N ILE A 415 -11.52 -9.68 24.12
CA ILE A 415 -10.87 -9.02 22.98
C ILE A 415 -9.61 -8.35 23.51
N SER A 416 -8.45 -8.91 23.19
CA SER A 416 -7.17 -8.38 23.61
C SER A 416 -6.55 -7.61 22.44
N ILE A 417 -6.64 -6.28 22.50
CA ILE A 417 -6.12 -5.42 21.44
C ILE A 417 -4.98 -4.58 22.02
N SER A 418 -3.83 -4.60 21.34
CA SER A 418 -2.66 -3.85 21.80
C SER A 418 -2.06 -2.97 20.70
N LYS A 419 -2.74 -2.82 19.58
CA LYS A 419 -2.21 -2.00 18.49
C LYS A 419 -2.27 -0.51 18.86
N ALA A 420 -1.41 0.27 18.21
CA ALA A 420 -1.35 1.72 18.39
C ALA A 420 -1.05 2.11 19.84
N GLY A 421 -0.36 1.24 20.57
CA GLY A 421 -0.01 1.54 21.94
C GLY A 421 -1.16 1.52 22.93
N ILE A 422 -2.33 1.02 22.53
CA ILE A 422 -3.50 0.97 23.39
C ILE A 422 -3.70 -0.50 23.76
N THR A 423 -3.17 -0.90 24.91
CA THR A 423 -3.31 -2.25 25.42
C THR A 423 -4.60 -2.35 26.24
N ALA A 424 -5.48 -3.26 25.84
CA ALA A 424 -6.77 -3.40 26.51
C ALA A 424 -7.31 -4.80 26.28
N THR A 425 -7.68 -5.47 27.37
CA THR A 425 -8.30 -6.79 27.34
C THR A 425 -9.79 -6.61 27.60
N LEU A 426 -10.54 -6.32 26.53
CA LEU A 426 -11.98 -6.12 26.67
C LEU A 426 -12.69 -7.44 26.90
N ASN A 427 -13.96 -7.34 27.30
CA ASN A 427 -14.79 -8.50 27.59
C ASN A 427 -15.96 -8.52 26.62
N SER A 428 -15.89 -9.42 25.63
CA SER A 428 -16.95 -9.57 24.64
C SER A 428 -17.91 -10.70 25.04
N ARG A 429 -18.50 -10.55 26.23
CA ARG A 429 -19.44 -11.53 26.75
C ARG A 429 -20.82 -11.28 26.15
N THR A 430 -20.92 -11.56 24.85
CA THR A 430 -22.15 -11.34 24.09
C THR A 430 -22.59 -12.65 23.43
N THR A 431 -23.90 -12.81 23.30
CA THR A 431 -24.48 -13.95 22.60
C THR A 431 -24.75 -13.54 21.15
N VAL A 432 -24.03 -14.13 20.22
CA VAL A 432 -24.10 -13.75 18.81
C VAL A 432 -25.14 -14.64 18.13
N ILE A 433 -26.33 -14.10 17.93
CA ILE A 433 -27.37 -14.75 17.14
C ILE A 433 -27.27 -14.14 15.75
N ALA A 434 -26.44 -14.74 14.90
CA ALA A 434 -26.15 -14.19 13.59
C ALA A 434 -26.90 -14.96 12.50
N ALA A 435 -26.75 -14.49 11.27
CA ALA A 435 -27.37 -15.13 10.11
C ALA A 435 -26.54 -14.81 8.88
N ALA A 436 -26.03 -15.85 8.22
CA ALA A 436 -25.17 -15.70 7.06
C ALA A 436 -25.88 -16.22 5.81
N ASN A 437 -25.35 -15.82 4.65
CA ASN A 437 -25.89 -16.21 3.37
C ASN A 437 -24.82 -16.94 2.55
N PRO A 438 -25.23 -17.87 1.70
CA PRO A 438 -24.24 -18.59 0.87
C PRO A 438 -23.61 -17.65 -0.16
N LYS A 439 -22.31 -17.82 -0.37
CA LYS A 439 -21.60 -16.96 -1.30
C LYS A 439 -21.98 -17.24 -2.74
N PHE A 440 -22.40 -18.47 -3.05
CA PHE A 440 -22.80 -18.80 -4.41
C PHE A 440 -24.17 -18.21 -4.75
N GLY A 441 -25.01 -17.97 -3.75
CA GLY A 441 -26.32 -17.42 -3.98
C GLY A 441 -27.43 -18.30 -3.42
N ARG A 442 -27.27 -19.61 -3.56
CA ARG A 442 -28.25 -20.56 -3.04
C ARG A 442 -27.50 -21.78 -2.51
N PHE A 443 -27.96 -22.28 -1.37
CA PHE A 443 -27.30 -23.43 -0.74
C PHE A 443 -27.60 -24.71 -1.52
N ASN A 444 -26.58 -25.54 -1.69
CA ASN A 444 -26.69 -26.81 -2.39
C ASN A 444 -26.71 -27.95 -1.38
N ARG A 445 -27.65 -28.88 -1.56
CA ARG A 445 -27.74 -30.03 -0.67
C ARG A 445 -26.66 -31.07 -0.95
N HIS A 446 -26.07 -31.04 -2.15
CA HIS A 446 -25.06 -32.01 -2.55
C HIS A 446 -23.65 -31.57 -2.18
N LYS A 447 -23.50 -30.46 -1.44
CA LYS A 447 -22.20 -29.98 -1.01
C LYS A 447 -22.23 -29.72 0.49
N SER A 448 -21.04 -29.62 1.07
CA SER A 448 -20.92 -29.40 2.50
C SER A 448 -21.25 -27.94 2.84
N LEU A 449 -21.38 -27.66 4.14
CA LEU A 449 -21.84 -26.35 4.58
C LEU A 449 -20.75 -25.28 4.47
N PRO A 450 -19.54 -25.48 5.02
CA PRO A 450 -18.52 -24.43 4.88
C PRO A 450 -18.00 -24.29 3.45
N GLU A 451 -18.29 -25.22 2.55
CA GLU A 451 -17.86 -25.09 1.17
C GLU A 451 -18.63 -24.01 0.43
N GLN A 452 -19.77 -23.56 0.97
CA GLN A 452 -20.56 -22.50 0.36
C GLN A 452 -20.70 -21.28 1.25
N LEU A 453 -20.08 -21.27 2.42
CA LEU A 453 -20.19 -20.16 3.36
C LEU A 453 -18.89 -19.36 3.37
N ASP A 454 -19.01 -18.04 3.43
CA ASP A 454 -17.84 -17.18 3.43
C ASP A 454 -17.07 -17.23 4.74
N LEU A 455 -17.68 -17.74 5.81
CA LEU A 455 -17.00 -17.83 7.08
C LEU A 455 -15.91 -18.89 7.03
N PRO A 456 -14.81 -18.70 7.77
CA PRO A 456 -13.75 -19.70 7.82
C PRO A 456 -14.24 -20.99 8.47
N PRO A 457 -13.60 -22.13 8.19
CA PRO A 457 -14.07 -23.39 8.79
C PRO A 457 -13.93 -23.42 10.30
N THR A 458 -12.89 -22.78 10.85
CA THR A 458 -12.72 -22.76 12.30
C THR A 458 -13.80 -21.96 13.00
N LEU A 459 -14.40 -20.98 12.31
CA LEU A 459 -15.43 -20.15 12.94
C LEU A 459 -16.73 -20.92 13.14
N LEU A 460 -17.05 -21.86 12.23
CA LEU A 460 -18.30 -22.59 12.34
C LEU A 460 -18.34 -23.51 13.55
N SER A 461 -17.19 -23.88 14.10
CA SER A 461 -17.14 -24.73 15.28
C SER A 461 -17.47 -23.99 16.56
N ARG A 462 -17.74 -22.69 16.47
CA ARG A 462 -18.04 -21.89 17.66
C ARG A 462 -19.53 -21.86 17.94
N PHE A 463 -20.33 -21.80 16.89
CA PHE A 463 -21.78 -21.71 17.06
C PHE A 463 -22.35 -23.03 17.56
N ASP A 464 -23.06 -22.97 18.67
CA ASP A 464 -23.65 -24.19 19.23
C ASP A 464 -24.83 -24.68 18.41
N LEU A 465 -25.49 -23.80 17.68
CA LEU A 465 -26.63 -24.14 16.85
C LEU A 465 -26.47 -23.50 15.48
N ILE A 466 -26.52 -24.32 14.44
CA ILE A 466 -26.41 -23.86 13.06
C ILE A 466 -27.61 -24.40 12.30
N PHE A 467 -28.66 -23.59 12.18
CA PHE A 467 -29.87 -24.00 11.49
C PHE A 467 -29.79 -23.64 10.02
N LEU A 468 -30.28 -24.53 9.17
CA LEU A 468 -30.30 -24.33 7.73
C LEU A 468 -31.71 -23.93 7.30
N LEU A 469 -31.89 -22.65 7.01
CA LEU A 469 -33.19 -22.13 6.57
C LEU A 469 -33.35 -22.28 5.05
N LEU A 470 -33.26 -23.53 4.61
CA LEU A 470 -33.37 -23.84 3.19
C LEU A 470 -34.84 -23.92 2.79
N ASP A 471 -35.19 -23.28 1.67
CA ASP A 471 -36.55 -23.29 1.17
C ASP A 471 -36.74 -24.45 0.19
N GLU A 472 -37.92 -25.07 0.26
CA GLU A 472 -38.24 -26.20 -0.59
C GLU A 472 -39.58 -25.95 -1.29
N PRO A 473 -39.68 -26.26 -2.58
CA PRO A 473 -40.94 -26.05 -3.32
C PRO A 473 -41.92 -27.20 -3.12
N ASP A 474 -42.42 -27.33 -1.90
CA ASP A 474 -43.39 -28.36 -1.55
C ASP A 474 -44.78 -27.73 -1.50
N GLU A 475 -45.76 -28.42 -2.07
CA GLU A 475 -47.10 -27.86 -2.22
C GLU A 475 -47.73 -27.59 -0.86
N LYS A 476 -47.47 -28.45 0.13
CA LYS A 476 -48.07 -28.28 1.45
C LYS A 476 -47.49 -27.07 2.16
N VAL A 477 -46.16 -26.99 2.24
CA VAL A 477 -45.53 -25.88 2.96
C VAL A 477 -45.77 -24.56 2.25
N ASP A 478 -45.81 -24.56 0.91
CA ASP A 478 -46.08 -23.33 0.18
C ASP A 478 -47.50 -22.85 0.41
N ALA A 479 -48.48 -23.77 0.36
CA ALA A 479 -49.86 -23.38 0.66
C ALA A 479 -49.99 -22.87 2.08
N SER A 480 -49.31 -23.51 3.03
CA SER A 480 -49.40 -23.09 4.42
C SER A 480 -48.82 -21.69 4.61
N ILE A 481 -47.63 -21.44 4.05
CA ILE A 481 -47.01 -20.13 4.23
C ILE A 481 -47.79 -19.06 3.48
N ALA A 482 -48.40 -19.41 2.34
CA ALA A 482 -49.21 -18.43 1.62
C ALA A 482 -50.47 -18.08 2.41
N GLU A 483 -51.13 -19.08 3.00
CA GLU A 483 -52.29 -18.81 3.84
C GLU A 483 -51.91 -17.97 5.05
N HIS A 484 -50.75 -18.25 5.65
CA HIS A 484 -50.32 -17.48 6.81
C HIS A 484 -50.00 -16.03 6.43
N ILE A 485 -49.38 -15.83 5.27
CA ILE A 485 -49.09 -14.47 4.82
C ILE A 485 -50.37 -13.71 4.51
N LEU A 486 -51.33 -14.38 3.87
CA LEU A 486 -52.61 -13.73 3.60
C LEU A 486 -53.36 -13.40 4.88
N LYS A 487 -53.23 -14.25 5.90
CA LYS A 487 -53.88 -13.96 7.18
C LYS A 487 -53.20 -12.80 7.89
N VAL A 488 -51.87 -12.76 7.89
CA VAL A 488 -51.16 -11.68 8.57
C VAL A 488 -51.31 -10.36 7.82
N ARG A 489 -51.58 -10.40 6.51
CA ARG A 489 -51.84 -9.17 5.77
C ARG A 489 -53.29 -8.73 5.89
N ARG A 490 -54.23 -9.67 6.00
CA ARG A 490 -55.63 -9.31 6.15
C ARG A 490 -55.91 -8.68 7.51
N GLY A 491 -55.13 -9.04 8.53
CA GLY A 491 -55.33 -8.53 9.87
C GLY A 491 -55.96 -9.54 10.79
N GLU A 492 -55.61 -10.81 10.62
CA GLU A 492 -56.22 -11.87 11.41
C GLU A 492 -55.74 -11.77 12.86
N ALA A 493 -56.61 -12.22 13.78
CA ALA A 493 -56.37 -11.99 15.20
C ALA A 493 -55.28 -12.90 15.75
N GLU A 494 -55.50 -14.21 15.71
CA GLU A 494 -54.60 -15.16 16.34
C GLU A 494 -53.28 -15.33 15.58
N ALA A 495 -53.11 -14.63 14.45
CA ALA A 495 -51.87 -14.72 13.69
C ALA A 495 -50.80 -13.76 14.18
N VAL A 496 -51.18 -12.72 14.90
CA VAL A 496 -50.22 -11.73 15.36
C VAL A 496 -50.29 -11.57 16.88
N THR A 497 -51.14 -12.36 17.53
CA THR A 497 -51.27 -12.29 18.98
C THR A 497 -50.56 -13.48 19.59
N PRO A 498 -49.37 -13.31 20.17
CA PRO A 498 -48.69 -14.45 20.78
C PRO A 498 -49.31 -14.83 22.11
N LYS A 499 -48.97 -16.05 22.57
CA LYS A 499 -49.45 -16.52 23.85
C LYS A 499 -48.92 -15.71 25.01
N ILE A 500 -47.76 -15.07 24.84
CA ILE A 500 -47.17 -14.22 25.88
C ILE A 500 -46.89 -12.85 25.28
N PRO A 501 -47.33 -11.76 25.92
CA PRO A 501 -47.03 -10.43 25.39
C PRO A 501 -45.53 -10.15 25.37
N TYR A 502 -45.14 -9.22 24.51
CA TYR A 502 -43.70 -8.99 24.27
C TYR A 502 -43.02 -8.39 25.50
N ASP A 503 -43.66 -7.44 26.18
CA ASP A 503 -43.05 -6.86 27.37
C ASP A 503 -42.94 -7.87 28.50
N LEU A 504 -44.01 -8.65 28.71
CA LEU A 504 -43.97 -9.68 29.75
C LEU A 504 -42.96 -10.76 29.42
N LEU A 505 -42.83 -11.13 28.15
CA LEU A 505 -41.84 -12.12 27.77
C LEU A 505 -40.42 -11.58 27.93
N LYS A 506 -40.22 -10.30 27.64
CA LYS A 506 -38.92 -9.68 27.86
C LYS A 506 -38.55 -9.68 29.34
N LYS A 507 -39.50 -9.29 30.19
CA LYS A 507 -39.25 -9.34 31.63
C LYS A 507 -39.04 -10.77 32.12
N TYR A 508 -39.72 -11.73 31.50
CA TYR A 508 -39.54 -13.14 31.85
C TYR A 508 -38.12 -13.60 31.51
N ILE A 509 -37.64 -13.26 30.32
CA ILE A 509 -36.28 -13.63 29.92
C ILE A 509 -35.27 -12.96 30.84
N ALA A 510 -35.50 -11.69 31.19
CA ALA A 510 -34.59 -10.98 32.08
C ALA A 510 -34.54 -11.65 33.46
N TYR A 511 -35.71 -11.99 34.00
CA TYR A 511 -35.77 -12.62 35.31
C TYR A 511 -35.10 -14.00 35.29
N ALA A 512 -35.30 -14.75 34.19
CA ALA A 512 -34.67 -16.07 34.08
C ALA A 512 -33.16 -15.96 33.99
N ARG A 513 -32.66 -14.99 33.22
CA ARG A 513 -31.22 -14.82 33.10
C ARG A 513 -30.59 -14.20 34.35
N LYS A 514 -31.38 -13.53 35.19
CA LYS A 514 -30.83 -12.88 36.36
C LYS A 514 -30.89 -13.75 37.61
N ASN A 515 -32.03 -14.41 37.87
CA ASN A 515 -32.22 -15.11 39.13
C ASN A 515 -32.23 -16.63 39.02
N VAL A 516 -32.40 -17.18 37.83
CA VAL A 516 -32.48 -18.62 37.63
C VAL A 516 -31.11 -19.11 37.17
N HIS A 517 -30.46 -19.91 38.02
CA HIS A 517 -29.17 -20.53 37.72
C HIS A 517 -29.31 -22.03 37.92
N PRO A 518 -29.75 -22.77 36.90
CA PRO A 518 -29.98 -24.21 37.08
C PRO A 518 -28.68 -24.97 37.20
N VAL A 519 -28.76 -26.12 37.86
CA VAL A 519 -27.61 -27.01 38.04
C VAL A 519 -27.96 -28.36 37.44
N LEU A 520 -26.92 -29.10 37.06
CA LEU A 520 -27.11 -30.41 36.44
C LEU A 520 -27.59 -31.43 37.48
N SER A 521 -28.31 -32.44 36.98
CA SER A 521 -28.81 -33.52 37.81
C SER A 521 -28.23 -34.85 37.31
N ARG A 522 -28.19 -35.84 38.20
CA ARG A 522 -27.59 -37.13 37.85
C ARG A 522 -28.34 -37.79 36.71
N GLU A 523 -29.66 -37.59 36.64
CA GLU A 523 -30.44 -38.16 35.54
C GLU A 523 -30.07 -37.51 34.21
N ALA A 524 -30.00 -36.18 34.20
CA ALA A 524 -29.62 -35.47 32.97
C ALA A 524 -28.19 -35.79 32.58
N MET A 525 -27.29 -35.90 33.57
CA MET A 525 -25.91 -36.26 33.26
C MET A 525 -25.82 -37.67 32.69
N GLU A 526 -26.60 -38.60 33.22
CA GLU A 526 -26.61 -39.96 32.70
C GLU A 526 -27.15 -39.98 31.27
N GLU A 527 -28.22 -39.22 31.01
CA GLU A 527 -28.76 -39.15 29.65
C GLU A 527 -27.76 -38.53 28.67
N ILE A 528 -27.08 -37.46 29.07
CA ILE A 528 -26.07 -36.84 28.22
C ILE A 528 -24.91 -37.78 27.96
N LYS A 529 -24.45 -38.51 28.98
CA LYS A 529 -23.40 -39.50 28.79
C LYS A 529 -23.84 -40.60 27.84
N ARG A 530 -25.08 -41.07 27.98
CA ARG A 530 -25.57 -42.11 27.08
C ARG A 530 -25.62 -41.63 25.65
N TYR A 531 -26.13 -40.41 25.43
CA TYR A 531 -26.17 -39.86 24.07
C TYR A 531 -24.76 -39.68 23.52
N TYR A 532 -23.82 -39.24 24.37
CA TYR A 532 -22.45 -39.02 23.90
C TYR A 532 -21.78 -40.33 23.51
N VAL A 533 -21.95 -41.38 24.33
CA VAL A 533 -21.31 -42.65 24.01
C VAL A 533 -22.03 -43.33 22.84
N LYS A 534 -23.31 -43.01 22.63
CA LYS A 534 -24.01 -43.53 21.46
C LYS A 534 -23.50 -42.87 20.19
N MET A 535 -23.29 -41.56 20.25
CA MET A 535 -22.78 -40.83 19.09
C MET A 535 -21.31 -41.17 18.84
N ARG A 536 -20.53 -41.25 19.90
CA ARG A 536 -19.12 -41.58 19.75
C ARG A 536 -18.96 -42.96 19.15
N LYS A 537 -17.87 -43.17 18.41
CA LYS A 537 -17.67 -44.45 17.75
C LYS A 537 -18.84 -44.73 16.82
N GLY A 538 -19.36 -43.68 16.19
CA GLY A 538 -20.48 -43.85 15.28
C GLY A 538 -20.01 -44.21 13.89
N LEU A 539 -19.60 -45.46 13.69
CA LEU A 539 -19.08 -45.89 12.40
C LEU A 539 -17.97 -44.95 11.95
N ARG A 540 -17.16 -44.50 12.89
CA ARG A 540 -16.07 -43.58 12.56
C ARG A 540 -15.06 -44.23 11.62
N ARG A 541 -14.66 -45.46 11.91
CA ARG A 541 -13.67 -46.13 11.09
C ARG A 541 -14.20 -46.40 9.69
N GLY A 542 -15.51 -46.31 9.51
CA GLY A 542 -16.13 -46.59 8.23
C GLY A 542 -15.61 -45.81 7.04
N ASP A 543 -14.99 -46.50 6.08
CA ASP A 543 -14.53 -45.85 4.84
C ASP A 543 -13.47 -44.77 5.09
N GLU A 544 -12.94 -44.70 6.30
CA GLU A 544 -11.88 -43.74 6.60
C GLU A 544 -11.12 -44.16 7.84
N ASP A 545 -9.88 -44.61 7.65
CA ASP A 545 -9.06 -45.02 8.78
C ASP A 545 -8.12 -43.89 9.16
N GLY A 546 -7.46 -43.30 8.17
CA GLY A 546 -6.56 -42.20 8.45
C GLY A 546 -7.29 -41.04 9.08
N VAL A 547 -8.49 -40.76 8.57
CA VAL A 547 -9.29 -39.68 9.12
C VAL A 547 -10.71 -40.16 9.39
N GLN A 548 -10.88 -41.00 10.40
CA GLN A 548 -12.19 -41.56 10.69
C GLN A 548 -13.20 -40.43 10.88
N PRO A 549 -14.36 -40.49 10.20
CA PRO A 549 -15.42 -39.50 10.45
C PRO A 549 -15.78 -39.38 11.93
N ILE A 550 -15.54 -38.22 12.51
CA ILE A 550 -15.81 -37.98 13.92
C ILE A 550 -17.25 -37.51 14.06
N PRO A 551 -18.13 -38.27 14.72
CA PRO A 551 -19.53 -37.85 14.81
C PRO A 551 -19.77 -36.71 15.78
N ILE A 552 -19.02 -36.64 16.87
CA ILE A 552 -19.21 -35.59 17.88
C ILE A 552 -17.89 -35.37 18.60
N THR A 553 -17.75 -34.20 19.21
CA THR A 553 -16.52 -33.82 19.89
C THR A 553 -16.90 -33.19 21.23
N ALA A 554 -15.91 -33.06 22.12
CA ALA A 554 -16.16 -32.52 23.45
C ALA A 554 -16.72 -31.10 23.40
N ARG A 555 -16.38 -30.36 22.35
CA ARG A 555 -16.97 -29.03 22.20
C ARG A 555 -18.47 -29.19 22.11
N GLN A 556 -18.92 -30.00 21.16
CA GLN A 556 -20.35 -30.19 20.98
C GLN A 556 -20.99 -30.78 22.24
N LEU A 557 -20.22 -31.52 23.04
CA LEU A 557 -20.75 -31.98 24.32
C LEU A 557 -21.00 -30.80 25.26
N GLU A 558 -20.06 -29.85 25.31
CA GLU A 558 -20.28 -28.65 26.12
C GLU A 558 -21.44 -27.83 25.58
N ALA A 559 -21.59 -27.78 24.26
CA ALA A 559 -22.73 -27.09 23.67
C ALA A 559 -24.05 -27.75 24.07
N LEU A 560 -24.08 -29.08 24.07
CA LEU A 560 -25.28 -29.81 24.49
C LEU A 560 -25.57 -29.56 25.97
N ILE A 561 -24.53 -29.51 26.80
CA ILE A 561 -24.73 -29.21 28.22
C ILE A 561 -25.31 -27.81 28.39
N ARG A 562 -24.80 -26.84 27.62
CA ARG A 562 -25.33 -25.48 27.70
C ARG A 562 -26.78 -25.43 27.25
N LEU A 563 -27.12 -26.16 26.18
CA LEU A 563 -28.50 -26.18 25.71
C LEU A 563 -29.42 -26.87 26.70
N SER A 564 -28.92 -27.90 27.40
CA SER A 564 -29.72 -28.55 28.43
C SER A 564 -29.96 -27.64 29.61
N GLU A 565 -28.94 -26.89 30.03
CA GLU A 565 -29.12 -25.89 31.07
C GLU A 565 -29.98 -24.73 30.60
N ALA A 566 -30.10 -24.55 29.28
CA ALA A 566 -30.96 -23.50 28.75
C ALA A 566 -32.44 -23.86 28.83
N HIS A 567 -32.76 -25.15 28.67
CA HIS A 567 -34.16 -25.57 28.76
C HIS A 567 -34.67 -25.59 30.18
N ALA A 568 -33.78 -25.78 31.16
CA ALA A 568 -34.19 -25.71 32.57
C ALA A 568 -34.44 -24.29 33.01
N ARG A 569 -33.68 -23.33 32.48
CA ARG A 569 -33.89 -21.92 32.79
C ARG A 569 -35.11 -21.37 32.07
N MET A 570 -35.47 -21.94 30.91
CA MET A 570 -36.62 -21.45 30.15
C MET A 570 -37.91 -21.64 30.93
N ARG A 571 -38.00 -22.68 31.76
CA ARG A 571 -39.18 -22.95 32.56
C ARG A 571 -39.00 -22.57 34.02
N LEU A 572 -37.92 -21.86 34.36
CA LEU A 572 -37.64 -21.43 35.72
C LEU A 572 -37.57 -22.62 36.68
N SER A 573 -36.57 -23.47 36.43
CA SER A 573 -36.26 -24.61 37.29
C SER A 573 -34.79 -24.57 37.65
N GLU A 574 -34.48 -24.82 38.92
CA GLU A 574 -33.11 -24.78 39.42
C GLU A 574 -32.40 -26.12 39.27
N THR A 575 -32.98 -27.06 38.52
CA THR A 575 -32.37 -28.38 38.33
C THR A 575 -32.64 -28.83 36.91
N VAL A 576 -31.58 -29.17 36.18
CA VAL A 576 -31.70 -29.65 34.80
C VAL A 576 -32.19 -31.10 34.88
N THR A 577 -33.47 -31.31 34.60
CA THR A 577 -34.06 -32.64 34.68
C THR A 577 -33.79 -33.42 33.40
N ARG A 578 -34.35 -34.63 33.33
CA ARG A 578 -34.16 -35.47 32.15
C ARG A 578 -34.84 -34.89 30.92
N GLU A 579 -35.97 -34.19 31.12
CA GLU A 579 -36.71 -33.65 29.98
C GLU A 579 -35.90 -32.58 29.25
N ASP A 580 -35.19 -31.73 30.01
CA ASP A 580 -34.37 -30.70 29.38
C ASP A 580 -33.25 -31.31 28.56
N ALA A 581 -32.58 -32.32 29.11
CA ALA A 581 -31.51 -32.99 28.37
C ALA A 581 -32.05 -33.68 27.12
N ARG A 582 -33.22 -34.31 27.24
CA ARG A 582 -33.81 -34.96 26.08
C ARG A 582 -34.20 -33.95 25.01
N ALA A 583 -34.72 -32.79 25.41
CA ALA A 583 -35.07 -31.76 24.45
C ALA A 583 -33.83 -31.20 23.76
N ALA A 584 -32.76 -30.97 24.52
CA ALA A 584 -31.52 -30.49 23.91
C ALA A 584 -30.95 -31.52 22.94
N ILE A 585 -31.02 -32.80 23.31
CA ILE A 585 -30.52 -33.87 22.43
C ILE A 585 -31.35 -33.92 21.16
N GLU A 586 -32.67 -33.78 21.28
CA GLU A 586 -33.53 -33.79 20.11
C GLU A 586 -33.24 -32.60 19.19
N ILE A 587 -32.98 -31.43 19.78
CA ILE A 587 -32.65 -30.25 18.97
C ILE A 587 -31.33 -30.46 18.25
N ILE A 588 -30.33 -31.01 18.95
CA ILE A 588 -29.03 -31.27 18.32
C ILE A 588 -29.17 -32.28 17.19
N GLU A 589 -29.99 -33.32 17.41
CA GLU A 589 -30.19 -34.33 16.37
C GLU A 589 -30.90 -33.73 15.16
N ALA A 590 -31.92 -32.90 15.39
CA ALA A 590 -32.62 -32.26 14.29
C ALA A 590 -31.69 -31.34 13.51
N MET A 591 -30.81 -30.62 14.21
CA MET A 591 -29.85 -29.76 13.54
C MET A 591 -28.88 -30.58 12.69
N MET A 592 -28.35 -31.66 13.26
CA MET A 592 -27.42 -32.50 12.51
C MET A 592 -28.10 -33.16 11.32
N LYS A 593 -29.40 -33.43 11.42
CA LYS A 593 -30.12 -34.03 10.30
C LYS A 593 -30.38 -33.01 9.20
N THR A 594 -30.84 -31.81 9.57
CA THR A 594 -31.13 -30.79 8.57
C THR A 594 -29.87 -30.18 7.97
N ILE A 595 -28.72 -30.33 8.63
CA ILE A 595 -27.48 -29.81 8.07
C ILE A 595 -26.95 -30.72 6.97
N ALA A 596 -27.04 -32.03 7.17
CA ALA A 596 -26.45 -33.03 6.28
C ALA A 596 -24.95 -32.75 6.09
N VAL A 597 -24.24 -32.76 7.22
CA VAL A 597 -22.84 -32.36 7.23
C VAL A 597 -21.98 -33.40 6.50
N ASP A 598 -22.36 -34.67 6.54
CA ASP A 598 -21.57 -35.72 5.91
C ASP A 598 -22.45 -36.95 5.72
N GLU A 599 -21.85 -37.98 5.11
CA GLU A 599 -22.59 -39.23 4.88
C GLU A 599 -22.80 -39.99 6.18
N GLU A 600 -21.84 -39.94 7.10
CA GLU A 600 -21.94 -40.64 8.37
C GLU A 600 -21.87 -39.68 9.56
N GLY A 601 -22.23 -38.42 9.37
CA GLY A 601 -22.22 -37.47 10.45
C GLY A 601 -20.86 -36.95 10.85
N ASN A 602 -19.90 -36.93 9.93
CA ASN A 602 -18.57 -36.42 10.24
C ASN A 602 -18.63 -34.92 10.54
N LEU A 603 -17.88 -34.49 11.55
CA LEU A 603 -17.85 -33.09 11.95
C LEU A 603 -16.99 -32.31 10.98
N ASP A 604 -17.60 -31.90 9.87
CA ASP A 604 -16.93 -31.04 8.90
C ASP A 604 -16.95 -29.57 9.32
N VAL A 605 -17.37 -29.26 10.55
CA VAL A 605 -17.41 -27.89 11.03
C VAL A 605 -16.05 -27.37 11.47
N SER A 606 -14.99 -28.17 11.30
CA SER A 606 -13.64 -27.75 11.64
C SER A 606 -12.67 -27.84 10.47
N ILE A 607 -12.82 -28.85 9.61
CA ILE A 607 -11.95 -29.03 8.46
C ILE A 607 -12.61 -28.62 7.15
N LEU A 608 -13.95 -28.56 7.11
CA LEU A 608 -14.70 -28.21 5.91
C LEU A 608 -14.51 -29.25 4.81
N GLU A 609 -14.46 -30.52 5.21
CA GLU A 609 -14.32 -31.63 4.29
C GLU A 609 -14.63 -32.93 5.03
N VAL A 610 -15.41 -33.79 4.40
CA VAL A 610 -15.73 -35.09 4.99
C VAL A 610 -14.55 -36.02 4.80
N GLY A 611 -14.21 -36.76 5.87
CA GLY A 611 -13.05 -37.64 5.80
C GLY A 611 -13.26 -38.85 4.93
N LYS A 612 -14.51 -39.17 4.60
CA LYS A 612 -14.78 -40.36 3.81
C LYS A 612 -14.70 -40.08 2.31
N SER A 613 -15.45 -39.10 1.82
CA SER A 613 -15.59 -38.88 0.39
C SER A 613 -14.86 -37.66 -0.14
N SER A 614 -14.33 -36.80 0.73
CA SER A 614 -13.62 -35.60 0.30
C SER A 614 -12.15 -35.63 0.68
N LYS A 615 -11.83 -35.87 1.95
CA LYS A 615 -10.44 -35.85 2.38
C LYS A 615 -9.68 -37.10 1.92
N LYS A 616 -10.34 -38.25 1.90
CA LYS A 616 -9.71 -39.47 1.41
C LYS A 616 -9.42 -39.35 -0.09
N ILE A 617 -10.40 -38.89 -0.86
CA ILE A 617 -10.22 -38.73 -2.30
C ILE A 617 -9.13 -37.72 -2.60
N ASN A 618 -9.03 -36.67 -1.78
CA ASN A 618 -8.03 -35.64 -2.01
C ASN A 618 -6.62 -36.20 -1.87
N LYS A 619 -6.39 -37.05 -0.88
CA LYS A 619 -5.06 -37.59 -0.65
C LYS A 619 -4.65 -38.58 -1.72
N ILE A 620 -5.59 -39.38 -2.24
CA ILE A 620 -5.29 -40.32 -3.32
C ILE A 620 -5.37 -39.66 -4.69
N GLU A 621 -5.65 -38.36 -4.75
CA GLU A 621 -5.63 -37.62 -6.00
C GLU A 621 -4.47 -36.65 -6.10
N LYS A 622 -3.98 -36.15 -4.97
CA LYS A 622 -2.86 -35.21 -4.96
C LYS A 622 -1.52 -35.96 -5.06
N PRO A 639 1.14 -34.06 -15.32
CA PRO A 639 0.16 -33.92 -16.40
C PRO A 639 -1.26 -33.70 -15.88
N GLU A 640 -2.20 -33.48 -16.80
CA GLU A 640 -3.61 -33.35 -16.46
C GLU A 640 -4.44 -34.48 -17.05
N GLU A 641 -4.39 -34.66 -18.36
CA GLU A 641 -5.17 -35.73 -19.00
C GLU A 641 -4.67 -37.10 -18.57
N LYS A 642 -3.35 -37.29 -18.52
CA LYS A 642 -2.80 -38.56 -18.10
C LYS A 642 -3.20 -38.89 -16.66
N VAL A 643 -3.16 -37.90 -15.77
CA VAL A 643 -3.47 -38.18 -14.38
C VAL A 643 -4.97 -38.41 -14.18
N ILE A 644 -5.82 -37.71 -14.95
CA ILE A 644 -7.25 -37.98 -14.79
C ILE A 644 -7.60 -39.35 -15.36
N GLU A 645 -6.93 -39.77 -16.44
CA GLU A 645 -7.14 -41.11 -16.97
C GLU A 645 -6.65 -42.16 -15.99
N ALA A 646 -5.52 -41.92 -15.33
CA ALA A 646 -5.02 -42.84 -14.32
C ALA A 646 -5.99 -42.94 -13.15
N ALA A 647 -6.52 -41.81 -12.70
CA ALA A 647 -7.52 -41.83 -11.62
C ALA A 647 -8.76 -42.60 -12.05
N LYS A 648 -9.21 -42.41 -13.29
CA LYS A 648 -10.39 -43.10 -13.77
C LYS A 648 -10.17 -44.61 -13.84
N GLN A 649 -8.99 -45.03 -14.30
CA GLN A 649 -8.75 -46.46 -14.41
C GLN A 649 -8.45 -47.10 -13.06
N ALA A 650 -8.00 -46.31 -12.08
CA ALA A 650 -7.72 -46.85 -10.76
C ALA A 650 -8.92 -46.82 -9.83
N GLY A 651 -9.91 -45.97 -10.09
CA GLY A 651 -11.13 -46.00 -9.30
C GLY A 651 -11.23 -44.97 -8.20
N ILE A 652 -10.49 -43.87 -8.29
CA ILE A 652 -10.63 -42.81 -7.29
C ILE A 652 -11.96 -42.09 -7.49
N GLY A 653 -12.36 -41.85 -8.73
CA GLY A 653 -13.60 -41.16 -8.99
C GLY A 653 -13.98 -41.22 -10.45
N THR A 654 -15.22 -40.83 -10.73
CA THR A 654 -15.72 -40.78 -12.09
C THR A 654 -15.20 -39.53 -12.81
N LYS A 655 -15.78 -39.26 -13.98
CA LYS A 655 -15.37 -38.11 -14.76
C LYS A 655 -15.57 -36.80 -13.99
N ALA A 656 -16.78 -36.58 -13.50
CA ALA A 656 -17.06 -35.37 -12.73
C ALA A 656 -16.26 -35.33 -11.44
N ASP A 657 -16.08 -36.50 -10.81
CA ASP A 657 -15.31 -36.56 -9.57
C ASP A 657 -13.87 -36.10 -9.80
N ILE A 658 -13.21 -36.64 -10.83
CA ILE A 658 -11.83 -36.26 -11.08
C ILE A 658 -11.75 -34.83 -11.60
N GLU A 659 -12.79 -34.34 -12.28
CA GLU A 659 -12.81 -32.94 -12.69
C GLU A 659 -12.83 -32.02 -11.46
N LYS A 660 -13.70 -32.31 -10.50
CA LYS A 660 -13.74 -31.51 -9.28
C LYS A 660 -12.44 -31.66 -8.49
N LEU A 661 -11.84 -32.85 -8.52
CA LEU A 661 -10.57 -33.06 -7.83
C LEU A 661 -9.46 -32.20 -8.45
N LEU A 662 -9.38 -32.17 -9.78
CA LEU A 662 -8.36 -31.36 -10.42
C LEU A 662 -8.62 -29.88 -10.22
N ASN A 663 -9.90 -29.47 -10.17
CA ASN A 663 -10.21 -28.07 -9.88
C ASN A 663 -9.77 -27.69 -8.47
N GLU A 664 -10.05 -28.55 -7.49
CA GLU A 664 -9.63 -28.28 -6.13
C GLU A 664 -8.10 -28.25 -6.03
N LEU A 665 -7.42 -29.14 -6.74
CA LEU A 665 -5.97 -29.14 -6.71
C LEU A 665 -5.38 -27.91 -7.40
N LYS A 666 -6.01 -27.45 -8.48
CA LYS A 666 -5.59 -26.19 -9.10
C LYS A 666 -5.76 -25.02 -8.14
N SER A 667 -6.88 -24.98 -7.43
CA SER A 667 -7.11 -23.88 -6.49
C SER A 667 -6.13 -23.93 -5.32
N ASP A 668 -5.76 -25.13 -4.88
CA ASP A 668 -4.86 -25.26 -3.74
C ASP A 668 -3.38 -25.18 -4.12
N GLY A 669 -3.04 -25.36 -5.39
CA GLY A 669 -1.67 -25.34 -5.82
C GLY A 669 -1.12 -26.69 -6.24
N ARG A 670 -1.92 -27.75 -6.17
CA ARG A 670 -1.48 -29.10 -6.47
C ARG A 670 -1.70 -29.50 -7.93
N VAL A 671 -2.39 -28.68 -8.71
CA VAL A 671 -2.58 -28.96 -10.13
C VAL A 671 -2.23 -27.73 -10.96
N TYR A 672 -1.38 -26.87 -10.41
CA TYR A 672 -0.98 -25.67 -11.12
C TYR A 672 -0.36 -26.02 -12.48
N GLU A 673 -0.61 -25.17 -13.46
CA GLU A 673 -0.30 -25.49 -14.85
C GLU A 673 0.87 -24.67 -15.36
N PRO A 674 2.07 -25.25 -15.48
CA PRO A 674 3.15 -24.54 -16.17
C PRO A 674 2.99 -24.57 -17.69
N ARG A 675 2.38 -25.61 -18.23
CA ARG A 675 2.17 -25.74 -19.68
C ARG A 675 0.71 -26.10 -19.94
N ALA A 676 0.35 -26.16 -21.21
CA ALA A 676 -1.02 -26.48 -21.59
C ALA A 676 -1.30 -27.96 -21.37
N GLY A 677 -2.44 -28.28 -20.80
CA GLY A 677 -2.78 -29.66 -20.49
C GLY A 677 -1.85 -30.29 -19.49
N PHE A 678 -1.49 -29.55 -18.44
CA PHE A 678 -0.51 -30.00 -17.46
C PHE A 678 -0.98 -29.57 -16.08
N TYR A 679 -0.95 -30.50 -15.12
CA TYR A 679 -1.48 -30.28 -13.78
C TYR A 679 -0.47 -30.74 -12.73
N ARG A 680 0.77 -30.30 -12.88
CA ARG A 680 1.81 -30.65 -11.91
C ARG A 680 1.47 -30.10 -10.53
N VAL A 681 2.04 -30.74 -9.51
CA VAL A 681 1.86 -30.33 -8.13
C VAL A 681 3.07 -29.51 -7.69
N ILE A 682 2.81 -28.44 -6.93
CA ILE A 682 3.86 -27.56 -6.45
C ILE A 682 4.70 -28.28 -5.41
N MET B 1 18.25 25.80 43.60
CA MET B 1 18.41 26.63 44.78
C MET B 1 19.82 26.47 45.37
N ASP B 2 20.42 27.61 45.70
CA ASP B 2 21.78 27.70 46.28
C ASP B 2 22.74 26.70 45.61
N ARG B 3 22.91 26.87 44.30
CA ARG B 3 23.81 26.01 43.55
C ARG B 3 25.23 26.11 44.06
N GLU B 4 25.68 27.33 44.40
CA GLU B 4 27.02 27.49 44.96
C GLU B 4 27.15 26.80 46.31
N GLU B 5 26.10 26.85 47.13
CA GLU B 5 26.13 26.17 48.41
C GLU B 5 26.01 24.67 48.25
N MET B 6 25.34 24.21 47.19
CA MET B 6 25.22 22.78 46.95
C MET B 6 26.57 22.16 46.64
N ILE B 7 27.44 22.88 45.93
CA ILE B 7 28.78 22.38 45.64
C ILE B 7 29.58 22.20 46.93
N ALA B 8 29.42 23.12 47.88
CA ALA B 8 30.10 23.01 49.16
C ALA B 8 29.59 21.81 49.95
N ARG B 9 28.29 21.54 49.87
CA ARG B 9 27.73 20.39 50.58
C ARG B 9 28.19 19.09 49.95
N PHE B 10 28.27 19.04 48.62
CA PHE B 10 28.76 17.83 47.95
C PHE B 10 30.25 17.62 48.20
N ALA B 11 31.02 18.71 48.25
CA ALA B 11 32.45 18.59 48.51
C ALA B 11 32.71 18.08 49.92
N LYS B 12 31.90 18.52 50.90
CA LYS B 12 32.06 18.04 52.26
C LYS B 12 31.60 16.60 52.41
N PHE B 13 30.67 16.16 51.58
CA PHE B 13 30.17 14.79 51.63
C PHE B 13 31.04 13.82 50.84
N LEU B 14 31.60 14.27 49.72
CA LEU B 14 32.44 13.41 48.89
C LEU B 14 33.90 13.49 49.34
N ILE B 27 33.63 9.28 49.98
CA ILE B 27 34.98 9.35 50.53
C ILE B 27 35.91 8.43 49.74
N ASN B 28 35.69 7.13 49.88
CA ASN B 28 36.52 6.16 49.18
C ASN B 28 36.21 6.11 47.68
N ARG B 29 35.03 6.55 47.27
CA ARG B 29 34.68 6.51 45.85
C ARG B 29 35.45 7.56 45.07
N LEU B 30 35.93 8.61 45.74
CA LEU B 30 36.75 9.61 45.06
C LEU B 30 38.21 9.17 45.01
N LYS B 31 38.59 8.23 45.86
CA LYS B 31 39.96 7.74 45.87
C LYS B 31 40.22 6.83 44.68
N ASP B 32 39.43 5.78 44.54
CA ASP B 32 39.63 4.83 43.46
C ASP B 32 39.23 5.42 42.10
N LEU B 33 38.48 6.53 42.10
CA LEU B 33 38.07 7.14 40.84
C LEU B 33 39.27 7.62 40.04
N LEU B 34 40.23 8.27 40.71
CA LEU B 34 41.42 8.76 40.02
C LEU B 34 42.35 7.64 39.60
N THR B 35 42.22 6.45 40.18
CA THR B 35 43.04 5.32 39.76
C THR B 35 42.58 4.78 38.41
N VAL B 36 41.27 4.67 38.21
CA VAL B 36 40.73 4.23 36.93
C VAL B 36 40.59 5.43 35.99
N THR B 37 41.65 5.68 35.21
CA THR B 37 41.61 6.82 34.29
C THR B 37 40.64 6.60 33.13
N PRO B 38 40.64 5.45 32.43
CA PRO B 38 39.67 5.29 31.34
C PRO B 38 38.23 5.25 31.81
N LYS B 39 37.97 4.78 33.02
CA LYS B 39 36.61 4.75 33.55
C LYS B 39 36.14 6.17 33.84
N ARG B 40 35.10 6.60 33.13
CA ARG B 40 34.58 7.96 33.22
C ARG B 40 33.18 8.00 33.82
N SER B 41 32.94 7.19 34.84
CA SER B 41 31.66 7.18 35.53
C SER B 41 31.88 6.84 36.99
N LEU B 42 31.31 7.65 37.88
CA LEU B 42 31.43 7.47 39.33
C LEU B 42 30.08 7.06 39.89
N ALA B 43 30.01 5.86 40.46
CA ALA B 43 28.79 5.40 41.10
C ALA B 43 28.69 5.95 42.51
N ILE B 44 27.55 6.59 42.81
CA ILE B 44 27.30 7.20 44.11
C ILE B 44 25.99 6.65 44.65
N ASP B 45 26.03 6.13 45.87
CA ASP B 45 24.84 5.56 46.49
C ASP B 45 24.01 6.66 47.13
N TRP B 46 22.68 6.59 46.95
CA TRP B 46 21.80 7.57 47.57
C TRP B 46 21.67 7.33 49.06
N ALA B 47 21.65 6.06 49.49
CA ALA B 47 21.55 5.75 50.90
C ALA B 47 22.79 6.20 51.65
N HIS B 48 23.97 6.07 51.03
CA HIS B 48 25.19 6.57 51.64
C HIS B 48 25.16 8.09 51.77
N LEU B 49 24.65 8.77 50.75
CA LEU B 49 24.52 10.22 50.82
C LEU B 49 23.38 10.64 51.75
N ASN B 50 22.35 9.80 51.87
CA ASN B 50 21.25 10.12 52.77
C ASN B 50 21.67 10.09 54.23
N SER B 51 22.62 9.21 54.58
CA SER B 51 23.08 9.14 55.96
C SER B 51 23.92 10.36 56.33
N PHE B 52 24.78 10.81 55.41
CA PHE B 52 25.62 11.97 55.69
C PHE B 52 24.81 13.26 55.62
N ASP B 53 24.16 13.52 54.49
CA ASP B 53 23.37 14.73 54.27
C ASP B 53 22.00 14.34 53.74
N PRO B 54 21.01 14.20 54.63
CA PRO B 54 19.66 13.84 54.16
C PRO B 54 18.99 14.97 53.40
N GLU B 55 19.27 16.23 53.74
CA GLU B 55 18.68 17.34 53.01
C GLU B 55 19.24 17.43 51.60
N LEU B 56 20.55 17.21 51.43
CA LEU B 56 21.15 17.23 50.11
C LEU B 56 20.66 16.06 49.26
N ALA B 57 20.41 14.91 49.88
CA ALA B 57 19.89 13.77 49.14
C ALA B 57 18.47 14.02 48.64
N ASP B 58 17.69 14.80 49.37
CA ASP B 58 16.34 15.13 48.92
C ASP B 58 16.35 16.04 47.71
N GLU B 59 17.42 16.83 47.53
CA GLU B 59 17.53 17.69 46.35
C GLU B 59 17.71 16.86 45.09
N LEU B 60 18.28 15.67 45.20
CA LEU B 60 18.43 14.80 44.04
C LEU B 60 17.08 14.35 43.52
N LEU B 61 16.14 14.06 44.42
CA LEU B 61 14.82 13.61 44.00
C LEU B 61 13.95 14.75 43.51
N ASN B 62 14.08 15.93 44.13
CA ASN B 62 13.23 17.06 43.75
C ASN B 62 13.67 17.67 42.43
N ASN B 63 14.91 18.18 42.38
CA ASN B 63 15.46 18.82 41.18
C ASN B 63 16.76 18.11 40.82
N PRO B 64 16.70 17.06 40.01
CA PRO B 64 17.93 16.34 39.66
C PRO B 64 18.82 17.10 38.67
N GLU B 65 18.26 18.05 37.91
CA GLU B 65 19.06 18.80 36.96
C GLU B 65 20.14 19.61 37.66
N GLU B 66 19.75 20.41 38.65
CA GLU B 66 20.73 21.20 39.39
C GLU B 66 21.52 20.34 40.37
N ALA B 67 20.95 19.22 40.81
CA ALA B 67 21.65 18.36 41.76
C ALA B 67 22.79 17.61 41.08
N ILE B 68 22.52 17.00 39.92
CA ILE B 68 23.56 16.26 39.21
C ILE B 68 24.64 17.21 38.73
N ALA B 69 24.25 18.38 38.20
CA ALA B 69 25.24 19.34 37.71
C ALA B 69 26.12 19.85 38.84
N SER B 70 25.53 20.07 40.02
CA SER B 70 26.32 20.52 41.17
C SER B 70 27.20 19.38 41.70
N ALA B 71 26.66 18.16 41.72
CA ALA B 71 27.43 17.03 42.20
C ALA B 71 28.57 16.69 41.24
N GLU B 72 28.28 16.68 39.94
CA GLU B 72 29.32 16.35 38.96
C GLU B 72 30.42 17.41 38.94
N ASP B 73 30.06 18.68 39.09
CA ASP B 73 31.06 19.73 39.08
C ASP B 73 31.90 19.70 40.37
N ALA B 74 31.26 19.36 41.49
CA ALA B 74 32.00 19.29 42.76
C ALA B 74 33.01 18.15 42.74
N ILE B 75 32.59 16.96 42.34
CA ILE B 75 33.49 15.82 42.28
C ILE B 75 34.50 15.98 41.13
N GLN B 76 34.22 16.88 40.19
CA GLN B 76 35.21 17.22 39.18
C GLN B 76 36.37 18.00 39.81
N ILE B 77 36.06 18.86 40.78
CA ILE B 77 37.12 19.62 41.46
C ILE B 77 38.00 18.68 42.27
N VAL B 78 37.42 17.60 42.81
CA VAL B 78 38.19 16.63 43.56
C VAL B 78 39.22 15.95 42.67
N LEU B 79 39.00 15.97 41.36
CA LEU B 79 39.96 15.38 40.44
C LEU B 79 41.16 16.30 40.21
N ARG B 80 41.02 17.59 40.51
CA ARG B 80 42.04 18.58 40.19
C ARG B 80 42.71 19.17 41.43
N GLU B 81 41.93 19.71 42.37
CA GLU B 81 42.54 20.39 43.50
C GLU B 81 43.22 19.45 44.48
N PRO B 82 42.62 18.33 44.90
CA PRO B 82 43.35 17.38 45.77
C PRO B 82 44.54 16.78 45.04
N PRO B 83 45.42 16.08 45.74
CA PRO B 83 46.59 15.49 45.08
C PRO B 83 46.21 14.45 44.04
N LEU B 84 47.24 13.94 43.36
CA LEU B 84 47.08 13.01 42.25
C LEU B 84 46.21 13.58 41.13
N LEU B 85 46.35 14.88 40.87
CA LEU B 85 45.54 15.56 39.87
C LEU B 85 45.89 15.09 38.47
N VAL B 86 44.91 15.20 37.57
CA VAL B 86 45.08 14.88 36.16
C VAL B 86 44.66 16.12 35.39
N GLU B 87 45.60 16.73 34.66
CA GLU B 87 45.30 17.92 33.86
C GLU B 87 44.20 17.63 32.83
N ARG B 88 44.32 16.51 32.12
CA ARG B 88 43.30 16.09 31.16
C ARG B 88 42.13 15.45 31.91
N GLU B 89 41.29 16.31 32.47
CA GLU B 89 40.17 15.86 33.29
C GLU B 89 39.17 15.07 32.44
N PHE B 90 39.01 13.79 32.77
CA PHE B 90 38.06 12.94 32.06
C PHE B 90 36.64 13.27 32.49
N LYS B 91 35.68 12.56 31.88
CA LYS B 91 34.29 12.71 32.28
C LYS B 91 34.09 12.14 33.68
N VAL B 92 33.38 12.89 34.53
CA VAL B 92 33.19 12.50 35.92
C VAL B 92 31.69 12.38 36.17
N HIS B 93 30.96 11.92 35.16
CA HIS B 93 29.51 11.76 35.21
C HIS B 93 29.04 11.12 36.51
N ALA B 94 28.14 11.80 37.21
CA ALA B 94 27.57 11.28 38.45
C ALA B 94 26.53 10.21 38.12
N ARG B 95 26.72 9.00 38.64
CA ARG B 95 25.85 7.86 38.36
C ARG B 95 25.26 7.38 39.69
N PHE B 96 24.10 7.93 40.04
CA PHE B 96 23.39 7.49 41.24
C PHE B 96 22.63 6.20 40.93
N TYR B 97 23.01 5.12 41.59
CA TYR B 97 22.50 3.80 41.28
C TYR B 97 21.47 3.27 42.28
N ASN B 98 21.13 4.05 43.31
CA ASN B 98 20.15 3.64 44.29
C ASN B 98 19.17 4.77 44.55
N LEU B 99 17.98 4.40 45.01
CA LEU B 99 16.93 5.34 45.34
C LEU B 99 16.03 4.70 46.39
N PRO B 100 15.35 5.50 47.22
CA PRO B 100 14.51 4.91 48.28
C PRO B 100 13.30 4.18 47.73
N LYS B 101 12.68 4.68 46.68
CA LYS B 101 11.47 4.09 46.11
C LYS B 101 11.78 3.56 44.71
N THR B 102 11.38 2.31 44.47
CA THR B 102 11.55 1.66 43.18
C THR B 102 10.19 1.57 42.50
N LEU B 103 10.01 2.34 41.44
CA LEU B 103 8.75 2.39 40.72
C LEU B 103 8.70 1.31 39.64
N LEU B 104 7.52 1.18 39.03
CA LEU B 104 7.30 0.25 37.94
C LEU B 104 6.79 1.00 36.72
N VAL B 105 6.86 0.35 35.56
CA VAL B 105 6.40 0.98 34.33
C VAL B 105 4.90 1.21 34.38
N LYS B 106 4.14 0.25 34.93
CA LYS B 106 2.71 0.44 35.08
C LYS B 106 2.39 1.46 36.18
N GLU B 107 3.25 1.55 37.20
CA GLU B 107 3.04 2.53 38.26
C GLU B 107 3.53 3.92 37.87
N LEU B 108 4.47 3.99 36.92
CA LEU B 108 4.99 5.28 36.48
C LEU B 108 3.87 6.10 35.84
N GLY B 109 3.90 7.41 36.09
CA GLY B 109 2.88 8.30 35.59
C GLY B 109 3.44 9.68 35.35
N SER B 110 2.55 10.60 35.01
CA SER B 110 2.94 11.97 34.70
C SER B 110 3.32 12.78 35.94
N GLU B 111 3.02 12.27 37.13
CA GLU B 111 3.36 12.96 38.37
C GLU B 111 4.83 12.79 38.77
N HIS B 112 5.63 12.12 37.95
CA HIS B 112 7.04 11.91 38.23
C HIS B 112 7.94 12.61 37.23
N ILE B 113 7.40 13.52 36.42
CA ILE B 113 8.21 14.22 35.43
C ILE B 113 9.13 15.22 36.14
N ASN B 114 10.35 15.34 35.62
CA ASN B 114 11.37 16.25 36.16
C ASN B 114 11.73 15.88 37.59
N LYS B 115 11.69 14.58 37.88
CA LYS B 115 12.05 14.08 39.20
C LYS B 115 12.89 12.83 39.03
N LEU B 116 13.81 12.59 39.94
CA LEU B 116 14.66 11.40 39.89
C LEU B 116 13.85 10.18 40.28
N ILE B 117 13.64 9.26 39.34
CA ILE B 117 12.85 8.06 39.55
C ILE B 117 13.75 6.84 39.40
N GLN B 118 13.23 5.69 39.84
CA GLN B 118 13.93 4.41 39.72
C GLN B 118 12.89 3.38 39.27
N VAL B 119 12.76 3.22 37.95
CA VAL B 119 11.77 2.33 37.38
C VAL B 119 12.46 1.04 36.92
N GLU B 120 11.82 -0.09 37.20
CA GLU B 120 12.33 -1.39 36.82
C GLU B 120 11.45 -2.00 35.73
N GLY B 121 12.05 -2.85 34.92
CA GLY B 121 11.32 -3.49 33.83
C GLY B 121 12.24 -4.32 32.97
N ILE B 122 11.80 -4.55 31.74
CA ILE B 122 12.55 -5.34 30.77
C ILE B 122 12.62 -4.56 29.47
N ILE B 123 13.77 -4.61 28.81
CA ILE B 123 13.98 -3.89 27.56
C ILE B 123 13.45 -4.73 26.41
N THR B 124 12.68 -4.10 25.52
CA THR B 124 12.12 -4.76 24.36
C THR B 124 12.63 -4.22 23.04
N ARG B 125 12.99 -2.95 22.97
CA ARG B 125 13.52 -2.34 21.75
C ARG B 125 14.86 -1.68 22.06
N VAL B 126 15.79 -1.77 21.11
CA VAL B 126 17.10 -1.16 21.24
C VAL B 126 17.52 -0.65 19.87
N SER B 127 17.90 0.62 19.81
CA SER B 127 18.34 1.26 18.58
C SER B 127 19.87 1.22 18.47
N GLU B 128 20.37 1.70 17.35
CA GLU B 128 21.81 1.73 17.11
C GLU B 128 22.46 2.84 17.92
N VAL B 129 23.79 2.92 17.84
CA VAL B 129 24.54 3.97 18.49
C VAL B 129 24.59 5.18 17.57
N LYS B 130 23.60 6.07 17.69
CA LYS B 130 23.56 7.22 16.81
C LYS B 130 24.25 8.42 17.47
N PRO B 131 24.97 9.23 16.68
CA PRO B 131 25.60 10.41 17.26
C PRO B 131 24.65 11.59 17.38
N PHE B 132 24.64 12.24 18.54
CA PHE B 132 23.82 13.43 18.75
C PHE B 132 24.72 14.60 19.15
N VAL B 133 24.30 15.79 18.78
CA VAL B 133 25.06 17.00 19.07
C VAL B 133 24.62 17.55 20.43
N GLU B 134 25.60 17.93 21.25
CA GLU B 134 25.35 18.50 22.57
C GLU B 134 25.35 20.02 22.53
N LYS B 135 26.44 20.62 22.05
CA LYS B 135 26.56 22.08 21.90
C LYS B 135 26.53 22.38 20.41
N ALA B 136 25.33 22.64 19.88
CA ALA B 136 25.16 22.90 18.46
C ALA B 136 25.78 24.25 18.11
N VAL B 137 26.94 24.23 17.48
CA VAL B 137 27.62 25.44 17.04
C VAL B 137 27.12 25.77 15.64
N PHE B 138 26.25 26.77 15.54
CA PHE B 138 25.70 27.20 14.27
C PHE B 138 26.60 28.28 13.67
N VAL B 139 27.21 27.97 12.53
CA VAL B 139 28.13 28.89 11.86
C VAL B 139 27.31 29.80 10.96
N CYS B 140 27.29 31.09 11.28
CA CYS B 140 26.64 32.08 10.44
C CYS B 140 27.64 32.61 9.43
N ARG B 141 27.21 32.74 8.18
CA ARG B 141 28.15 33.09 7.10
C ARG B 141 28.63 34.53 7.24
N ASP B 142 27.72 35.47 7.52
CA ASP B 142 28.11 36.87 7.54
C ASP B 142 28.91 37.21 8.79
N CYS B 143 28.29 37.10 9.97
CA CYS B 143 28.94 37.41 11.24
C CYS B 143 28.21 36.63 12.33
N GLY B 144 28.77 36.66 13.54
CA GLY B 144 28.12 36.03 14.67
C GLY B 144 28.07 34.52 14.60
N ASN B 145 29.09 33.88 14.04
CA ASN B 145 29.11 32.43 13.92
C ASN B 145 29.48 31.73 15.22
N GLU B 146 29.70 32.45 16.31
CA GLU B 146 30.11 31.87 17.57
C GLU B 146 28.95 31.49 18.47
N MET B 147 27.72 31.52 17.97
CA MET B 147 26.57 31.12 18.77
C MET B 147 26.62 29.63 19.07
N VAL B 148 26.36 29.28 20.32
CA VAL B 148 26.45 27.89 20.79
C VAL B 148 25.10 27.53 21.41
N ARG B 149 24.32 26.75 20.67
CA ARG B 149 23.05 26.25 21.20
C ARG B 149 23.25 24.90 21.85
N LEU B 150 22.80 24.77 23.10
CA LEU B 150 22.94 23.54 23.87
C LEU B 150 21.73 22.65 23.57
N GLN B 151 21.89 21.75 22.61
CA GLN B 151 20.81 20.84 22.26
C GLN B 151 20.79 19.64 23.21
N ARG B 152 19.81 18.78 23.05
CA ARG B 152 19.59 17.62 23.89
C ARG B 152 19.39 16.39 23.03
N PRO B 153 19.70 15.20 23.56
CA PRO B 153 19.60 13.99 22.72
C PRO B 153 18.17 13.59 22.41
N TYR B 154 17.18 14.01 23.20
CA TYR B 154 15.80 13.59 22.99
C TYR B 154 15.11 14.47 21.95
N GLU B 155 15.75 14.54 20.78
CA GLU B 155 15.22 15.25 19.61
C GLU B 155 14.94 16.71 19.92
N ASN B 156 15.94 17.41 20.47
CA ASN B 156 15.83 18.84 20.75
C ASN B 156 16.34 19.62 19.53
N LEU B 157 15.52 19.59 18.48
CA LEU B 157 15.86 20.25 17.22
C LEU B 157 15.48 21.72 17.29
N VAL B 158 16.48 22.59 17.11
CA VAL B 158 16.28 24.03 17.16
C VAL B 158 17.05 24.66 16.01
N LYS B 159 16.36 25.44 15.17
CA LYS B 159 16.99 26.15 14.08
C LYS B 159 16.89 27.65 14.34
N PRO B 160 18.00 28.39 14.35
CA PRO B 160 17.92 29.82 14.64
C PRO B 160 17.20 30.58 13.54
N ALA B 161 16.30 31.47 13.96
CA ALA B 161 15.54 32.27 12.99
C ALA B 161 16.38 33.40 12.42
N LYS B 162 17.18 34.05 13.25
CA LYS B 162 18.03 35.15 12.80
C LYS B 162 19.17 35.32 13.79
N CYS B 163 20.34 35.69 13.28
CA CYS B 163 21.51 35.92 14.11
C CYS B 163 21.37 37.26 14.83
N ASP B 164 21.47 37.23 16.15
CA ASP B 164 21.34 38.46 16.93
C ASP B 164 22.54 39.37 16.81
N ALA B 165 23.70 38.84 16.39
CA ALA B 165 24.91 39.65 16.33
C ALA B 165 24.86 40.64 15.18
N CYS B 166 24.49 40.17 13.98
CA CYS B 166 24.51 41.01 12.79
C CYS B 166 23.15 41.14 12.12
N GLY B 167 22.11 40.48 12.63
CA GLY B 167 20.82 40.55 11.99
C GLY B 167 20.71 39.79 10.69
N SER B 168 21.67 38.93 10.37
CA SER B 168 21.65 38.17 9.13
C SER B 168 20.93 36.84 9.34
N ARG B 169 20.55 36.21 8.22
CA ARG B 169 19.85 34.93 8.23
C ARG B 169 20.62 33.82 7.54
N ASN B 170 21.82 34.10 7.01
CA ASN B 170 22.63 33.08 6.36
C ASN B 170 23.26 32.16 7.40
N ILE B 171 22.44 31.24 7.89
CA ILE B 171 22.81 30.32 8.96
C ILE B 171 23.31 29.02 8.34
N GLU B 172 24.20 28.34 9.07
CA GLU B 172 24.72 27.04 8.66
C GLU B 172 25.16 26.27 9.90
N LEU B 173 25.13 24.95 9.80
CA LEU B 173 25.51 24.08 10.90
C LEU B 173 26.98 23.73 10.79
N ASP B 174 27.77 24.09 11.80
CA ASP B 174 29.21 23.81 11.82
C ASP B 174 29.40 22.44 12.45
N VAL B 175 29.41 21.41 11.61
CA VAL B 175 29.59 20.04 12.09
C VAL B 175 31.02 19.75 12.53
N ASP B 176 31.96 20.67 12.28
CA ASP B 176 33.34 20.43 12.68
C ASP B 176 33.59 20.88 14.12
N LYS B 177 33.06 22.02 14.52
CA LYS B 177 33.26 22.55 15.85
C LYS B 177 32.22 22.07 16.86
N SER B 178 31.32 21.19 16.45
CA SER B 178 30.29 20.66 17.35
C SER B 178 30.79 19.40 18.05
N ARG B 179 30.55 19.33 19.35
CA ARG B 179 30.98 18.19 20.16
C ARG B 179 29.84 17.18 20.22
N PHE B 180 29.97 16.09 19.47
CA PHE B 180 28.96 15.06 19.43
C PHE B 180 29.25 13.98 20.46
N LEU B 181 28.18 13.38 20.99
CA LEU B 181 28.29 12.31 21.97
C LEU B 181 27.43 11.14 21.53
N ASN B 182 27.67 9.99 22.17
CA ASN B 182 26.91 8.79 21.84
C ASN B 182 25.48 8.88 22.36
N PHE B 183 24.56 8.27 21.62
CA PHE B 183 23.15 8.29 21.98
C PHE B 183 22.51 6.98 21.58
N GLN B 184 21.76 6.39 22.50
CA GLN B 184 21.01 5.16 22.24
C GLN B 184 19.65 5.26 22.90
N SER B 185 18.62 4.79 22.19
CA SER B 185 17.24 4.87 22.67
C SER B 185 16.70 3.46 22.80
N PHE B 186 16.26 3.11 24.00
CA PHE B 186 15.64 1.82 24.27
C PHE B 186 14.25 2.03 24.86
N ARG B 187 13.46 0.96 24.87
CA ARG B 187 12.08 0.99 25.34
C ARG B 187 11.97 0.05 26.54
N LEU B 188 11.67 0.62 27.71
CA LEU B 188 11.52 -0.16 28.93
C LEU B 188 10.04 -0.48 29.13
N GLN B 189 9.72 -1.78 29.20
CA GLN B 189 8.36 -2.24 29.40
C GLN B 189 8.26 -3.06 30.69
N ASP B 190 7.03 -3.25 31.15
CA ASP B 190 6.80 -4.12 32.28
C ASP B 190 7.16 -5.55 31.93
N ARG B 191 7.63 -6.28 32.92
CA ARG B 191 8.03 -7.68 32.72
C ARG B 191 6.81 -8.54 32.42
N PRO B 192 6.65 -9.06 31.21
CA PRO B 192 5.47 -9.88 30.91
C PRO B 192 5.57 -11.27 31.51
N GLU B 193 6.81 -11.77 31.67
CA GLU B 193 7.02 -13.09 32.24
C GLU B 193 6.86 -13.08 33.76
N SER B 194 7.06 -11.92 34.39
CA SER B 194 6.91 -11.80 35.83
C SER B 194 5.58 -11.20 36.24
N LEU B 195 5.00 -10.32 35.43
CA LEU B 195 3.73 -9.69 35.72
C LEU B 195 2.87 -9.73 34.46
N LYS B 196 1.88 -10.61 34.44
CA LYS B 196 1.00 -10.77 33.30
C LYS B 196 -0.48 -10.82 33.66
N GLY B 197 -0.83 -10.87 34.95
CA GLY B 197 -2.23 -10.91 35.32
C GLY B 197 -2.97 -9.62 34.99
N GLY B 198 -2.30 -8.48 35.15
CA GLY B 198 -2.92 -7.20 34.84
C GLY B 198 -3.15 -6.97 33.36
N GLN B 199 -2.39 -7.66 32.51
CA GLN B 199 -2.52 -7.53 31.05
C GLN B 199 -2.34 -6.08 30.60
N MET B 200 -1.40 -5.37 31.25
CA MET B 200 -1.10 -3.98 30.93
C MET B 200 0.40 -3.85 30.68
N PRO B 201 0.88 -4.26 29.51
CA PRO B 201 2.32 -4.13 29.20
C PRO B 201 2.68 -2.73 28.73
N ARG B 202 2.63 -1.79 29.67
CA ARG B 202 2.96 -0.40 29.35
C ARG B 202 4.43 -0.26 29.00
N PHE B 203 4.74 0.80 28.26
CA PHE B 203 6.09 1.07 27.80
C PHE B 203 6.45 2.53 28.06
N VAL B 204 7.72 2.76 28.40
CA VAL B 204 8.25 4.10 28.64
C VAL B 204 9.53 4.22 27.84
N ASP B 205 9.50 5.03 26.79
CA ASP B 205 10.68 5.24 25.96
C ASP B 205 11.77 5.96 26.77
N ALA B 206 13.01 5.51 26.60
CA ALA B 206 14.13 6.06 27.34
C ALA B 206 15.31 6.23 26.39
N ILE B 207 16.32 6.97 26.84
CA ILE B 207 17.50 7.21 26.01
C ILE B 207 18.83 7.09 26.77
N LEU B 208 19.65 6.13 26.41
CA LEU B 208 20.97 6.01 27.04
C LEU B 208 21.93 6.93 26.30
N LEU B 209 23.00 7.35 26.96
CA LEU B 209 23.96 8.26 26.33
C LEU B 209 25.37 7.70 26.26
N ASP B 210 26.36 8.55 26.03
CA ASP B 210 27.73 8.08 25.87
C ASP B 210 28.17 7.08 26.95
N ASP B 211 27.94 7.42 28.21
CA ASP B 211 28.35 6.55 29.31
C ASP B 211 27.48 5.30 29.41
N LEU B 212 26.20 5.43 29.05
CA LEU B 212 25.29 4.29 29.21
C LEU B 212 24.95 3.60 27.90
N VAL B 213 25.59 4.01 26.82
CA VAL B 213 25.28 3.43 25.51
C VAL B 213 25.84 2.01 25.43
N ASP B 214 25.06 1.11 24.83
CA ASP B 214 25.45 -0.29 24.68
C ASP B 214 25.76 -0.93 26.04
N ALA B 215 24.83 -0.75 26.98
CA ALA B 215 24.97 -1.29 28.33
C ALA B 215 24.13 -2.54 28.56
N ALA B 216 22.98 -2.65 27.92
CA ALA B 216 22.11 -3.80 28.08
C ALA B 216 21.50 -4.16 26.74
N LEU B 217 21.07 -5.41 26.62
CA LEU B 217 20.46 -5.96 25.43
C LEU B 217 18.96 -6.10 25.61
N PRO B 218 18.18 -6.09 24.52
CA PRO B 218 16.74 -6.26 24.66
C PRO B 218 16.39 -7.64 25.18
N GLY B 219 15.45 -7.67 26.13
CA GLY B 219 15.07 -8.90 26.80
C GLY B 219 15.69 -9.08 28.17
N ASP B 220 16.53 -8.15 28.61
CA ASP B 220 17.17 -8.24 29.92
C ASP B 220 16.40 -7.40 30.94
N ARG B 221 16.44 -7.85 32.20
CA ARG B 221 15.78 -7.16 33.29
C ARG B 221 16.77 -6.14 33.88
N VAL B 222 16.49 -4.85 33.68
CA VAL B 222 17.37 -3.79 34.13
C VAL B 222 16.62 -2.90 35.12
N LEU B 223 17.39 -2.23 35.97
CA LEU B 223 16.88 -1.29 36.95
C LEU B 223 17.48 0.08 36.63
N VAL B 224 16.81 0.82 35.76
CA VAL B 224 17.27 2.14 35.34
C VAL B 224 16.79 3.18 36.34
N THR B 225 17.59 4.23 36.51
CA THR B 225 17.25 5.32 37.44
C THR B 225 17.77 6.62 36.84
N GLY B 226 16.83 7.44 36.35
CA GLY B 226 17.19 8.71 35.75
C GLY B 226 16.14 9.78 35.88
N VAL B 227 16.28 10.86 35.14
CA VAL B 227 15.33 11.97 35.17
C VAL B 227 14.25 11.72 34.14
N LEU B 228 12.99 11.93 34.54
CA LEU B 228 11.85 11.73 33.64
C LEU B 228 11.55 13.05 32.95
N ARG B 229 11.97 13.15 31.69
CA ARG B 229 11.79 14.37 30.91
C ARG B 229 10.57 14.23 30.00
N VAL B 230 10.37 15.24 29.16
CA VAL B 230 9.29 15.26 28.17
C VAL B 230 9.72 16.12 27.01
N ILE B 231 9.40 15.69 25.80
CA ILE B 231 9.81 16.39 24.58
C ILE B 231 8.58 16.93 23.86
N LEU B 232 8.74 18.03 23.16
CA LEU B 232 7.58 18.63 22.50
C LEU B 232 7.30 17.93 21.20
N GLU B 233 6.38 16.97 21.23
CA GLU B 233 6.07 16.20 20.04
C GLU B 233 5.41 17.07 18.99
N GLN B 234 5.33 16.56 17.77
CA GLN B 234 4.67 17.31 16.70
C GLN B 234 3.20 17.50 17.04
N ARG B 235 2.53 18.39 16.33
CA ARG B 235 1.13 18.68 16.64
C ARG B 235 1.07 19.15 18.08
N GLU B 236 1.94 20.09 18.43
CA GLU B 236 1.98 20.59 19.79
C GLU B 236 0.61 21.02 20.25
N LYS B 237 0.18 20.52 21.40
CA LYS B 237 -1.10 20.91 21.95
C LYS B 237 -0.93 21.12 23.44
N ARG B 238 -1.97 21.63 24.08
CA ARG B 238 -1.90 21.83 25.52
C ARG B 238 -1.13 20.70 26.19
N PRO B 239 -1.45 19.44 25.83
CA PRO B 239 -0.67 18.42 26.54
C PRO B 239 0.60 18.05 25.79
N ILE B 240 1.75 18.20 26.44
CA ILE B 240 3.01 17.82 25.82
C ILE B 240 3.04 16.29 25.75
N PHE B 241 3.76 15.74 24.78
CA PHE B 241 3.75 14.28 24.61
C PHE B 241 5.10 13.61 24.78
N LYS B 242 5.16 12.31 24.50
CA LYS B 242 6.44 11.57 24.59
C LYS B 242 6.91 11.30 26.01
N LYS B 243 7.18 12.37 26.78
CA LYS B 243 7.68 12.20 28.13
C LYS B 243 8.85 11.22 28.13
N ILE B 244 9.87 11.49 27.33
CA ILE B 244 11.02 10.59 27.24
C ILE B 244 11.79 10.52 28.54
N LEU B 245 12.26 9.33 28.89
CA LEU B 245 13.02 9.16 30.13
C LEU B 245 14.52 9.32 29.90
N GLU B 246 15.16 10.20 30.66
CA GLU B 246 16.59 10.39 30.53
C GLU B 246 17.28 9.52 31.56
N VAL B 247 17.86 8.41 31.12
CA VAL B 247 18.46 7.43 32.03
C VAL B 247 19.79 7.98 32.55
N ASN B 248 19.90 8.11 33.87
CA ASN B 248 21.15 8.52 34.49
C ASN B 248 22.04 7.34 34.86
N HIS B 249 21.44 6.21 35.25
CA HIS B 249 22.21 5.00 35.56
C HIS B 249 21.37 3.79 35.19
N ILE B 250 22.03 2.75 34.71
CA ILE B 250 21.37 1.50 34.33
C ILE B 250 22.11 0.35 35.00
N GLU B 251 21.34 -0.60 35.53
CA GLU B 251 21.92 -1.74 36.22
C GLU B 251 20.93 -2.90 36.16
N GLN B 252 21.45 -4.11 36.01
CA GLN B 252 20.61 -5.29 35.93
C GLN B 252 19.97 -5.59 37.28
N LEU B 253 18.77 -6.17 37.23
CA LEU B 253 18.05 -6.52 38.46
C LEU B 253 18.75 -7.67 39.17
N SER B 254 18.77 -7.60 40.50
CA SER B 254 19.37 -8.65 41.30
C SER B 254 18.49 -9.90 41.27
N LYS B 255 19.03 -10.99 41.81
CA LYS B 255 18.32 -12.27 41.77
C LYS B 255 17.08 -12.25 42.66
N GLU B 256 17.05 -11.41 43.68
CA GLU B 256 15.91 -11.35 44.58
C GLU B 256 14.75 -10.52 44.05
N ILE B 257 14.90 -9.90 42.89
CA ILE B 257 13.82 -9.08 42.31
C ILE B 257 13.19 -9.78 41.11
N GLU B 258 14.01 -10.22 40.15
CA GLU B 258 13.51 -10.83 38.92
C GLU B 258 13.13 -12.29 39.09
N GLU B 259 13.24 -12.84 40.30
CA GLU B 259 12.90 -14.23 40.56
C GLU B 259 11.93 -14.30 41.73
N LEU B 260 11.18 -15.39 41.78
CA LEU B 260 10.22 -15.58 42.85
C LEU B 260 10.92 -15.77 44.18
N GLU B 261 10.28 -15.29 45.25
CA GLU B 261 10.80 -15.40 46.60
C GLU B 261 9.98 -16.41 47.38
N ILE B 262 10.66 -17.40 47.96
CA ILE B 262 10.02 -18.44 48.75
C ILE B 262 10.13 -18.02 50.22
N SER B 263 9.00 -17.72 50.84
CA SER B 263 8.93 -17.29 52.23
C SER B 263 9.51 -18.37 53.14
N PRO B 264 10.11 -18.00 54.28
CA PRO B 264 10.61 -19.02 55.20
C PRO B 264 9.53 -19.98 55.68
N GLU B 265 8.30 -19.49 55.87
CA GLU B 265 7.19 -20.39 56.18
C GLU B 265 6.82 -21.24 54.98
N ASP B 266 7.02 -20.72 53.76
CA ASP B 266 6.74 -21.50 52.56
C ASP B 266 7.85 -22.48 52.24
N GLU B 267 9.09 -22.18 52.65
CA GLU B 267 10.19 -23.11 52.40
C GLU B 267 10.00 -24.42 53.16
N GLN B 268 9.28 -24.39 54.29
CA GLN B 268 9.06 -25.61 55.06
C GLN B 268 8.04 -26.51 54.36
N LYS B 269 6.89 -25.96 53.97
CA LYS B 269 5.87 -26.76 53.32
C LYS B 269 6.30 -27.24 51.94
N ILE B 270 7.23 -26.54 51.28
CA ILE B 270 7.77 -27.03 50.02
C ILE B 270 8.62 -28.27 50.26
N ARG B 271 9.48 -28.25 51.28
CA ARG B 271 10.24 -29.44 51.64
C ARG B 271 9.34 -30.54 52.19
N GLU B 272 8.25 -30.16 52.86
CA GLU B 272 7.30 -31.17 53.34
C GLU B 272 6.56 -31.83 52.19
N LEU B 273 6.31 -31.08 51.10
CA LEU B 273 5.66 -31.66 49.94
C LEU B 273 6.56 -32.69 49.26
N ALA B 274 7.86 -32.42 49.20
CA ALA B 274 8.78 -33.39 48.63
C ALA B 274 8.96 -34.60 49.53
N LYS B 275 8.87 -34.40 50.85
CA LYS B 275 8.95 -35.53 51.78
C LYS B 275 7.75 -36.45 51.64
N ARG B 276 6.59 -35.89 51.27
CA ARG B 276 5.39 -36.70 51.08
C ARG B 276 5.58 -37.66 49.91
N LYS B 277 5.09 -38.89 50.07
CA LYS B 277 5.19 -39.90 49.04
C LYS B 277 4.35 -39.51 47.83
N ASP B 278 4.47 -40.31 46.76
CA ASP B 278 3.79 -40.14 45.48
C ASP B 278 3.76 -38.67 45.05
N ILE B 279 4.88 -37.96 45.25
CA ILE B 279 4.96 -36.56 44.86
C ILE B 279 4.85 -36.41 43.35
N VAL B 280 5.36 -37.40 42.60
CA VAL B 280 5.26 -37.34 41.14
C VAL B 280 3.80 -37.45 40.71
N ASP B 281 3.06 -38.39 41.29
CA ASP B 281 1.64 -38.54 40.94
C ASP B 281 0.83 -37.34 41.42
N ALA B 282 1.24 -36.72 42.53
CA ALA B 282 0.52 -35.56 43.04
C ALA B 282 0.71 -34.35 42.12
N ILE B 283 1.91 -34.20 41.55
CA ILE B 283 2.16 -33.07 40.65
C ILE B 283 1.47 -33.29 39.32
N VAL B 284 1.49 -34.52 38.81
CA VAL B 284 0.84 -34.81 37.53
C VAL B 284 -0.66 -34.57 37.63
N ASP B 285 -1.28 -35.04 38.71
CA ASP B 285 -2.71 -34.84 38.90
C ASP B 285 -3.06 -33.38 39.16
N SER B 286 -2.09 -32.58 39.60
CA SER B 286 -2.33 -31.16 39.87
C SER B 286 -2.16 -30.27 38.65
N ILE B 287 -1.59 -30.79 37.56
CA ILE B 287 -1.41 -30.03 36.34
C ILE B 287 -2.66 -30.18 35.49
N ALA B 288 -3.43 -29.10 35.36
CA ALA B 288 -4.67 -29.06 34.60
C ALA B 288 -5.62 -30.18 35.03
N PRO B 289 -6.22 -30.09 36.21
CA PRO B 289 -7.15 -31.14 36.65
C PRO B 289 -8.46 -31.16 35.87
N ALA B 290 -8.76 -30.13 35.08
CA ALA B 290 -10.01 -30.11 34.33
C ALA B 290 -9.99 -31.13 33.20
N ILE B 291 -8.88 -31.22 32.49
CA ILE B 291 -8.75 -32.17 31.39
C ILE B 291 -8.48 -33.56 31.96
N TRP B 292 -9.39 -34.49 31.71
CA TRP B 292 -9.22 -35.85 32.18
C TRP B 292 -8.27 -36.61 31.25
N GLY B 293 -7.48 -37.51 31.83
CA GLY B 293 -6.56 -38.30 31.05
C GLY B 293 -5.28 -37.57 30.73
N HIS B 294 -4.61 -38.04 29.67
CA HIS B 294 -3.34 -37.48 29.21
C HIS B 294 -2.29 -37.48 30.32
N ARG B 295 -2.25 -38.54 31.13
CA ARG B 295 -1.29 -38.62 32.23
C ARG B 295 0.14 -38.64 31.70
N ILE B 296 0.36 -39.29 30.57
CA ILE B 296 1.68 -39.28 29.94
C ILE B 296 2.02 -37.87 29.46
N VAL B 297 1.02 -37.18 28.92
CA VAL B 297 1.23 -35.80 28.48
C VAL B 297 1.40 -34.87 29.67
N LYS B 298 0.64 -35.11 30.75
CA LYS B 298 0.75 -34.29 31.94
C LYS B 298 2.10 -34.47 32.61
N LYS B 299 2.61 -35.71 32.63
CA LYS B 299 3.92 -35.96 33.23
C LYS B 299 5.04 -35.39 32.35
N GLY B 300 4.86 -35.42 31.03
CA GLY B 300 5.86 -34.85 30.15
C GLY B 300 6.00 -33.34 30.33
N ILE B 301 4.87 -32.65 30.48
CA ILE B 301 4.92 -31.22 30.76
C ILE B 301 5.51 -30.97 32.15
N ALA B 302 5.25 -31.86 33.10
CA ALA B 302 5.84 -31.74 34.42
C ALA B 302 7.35 -31.84 34.36
N LEU B 303 7.87 -32.74 33.52
CA LEU B 303 9.31 -32.86 33.36
C LEU B 303 9.90 -31.62 32.69
N ALA B 304 9.12 -30.95 31.84
CA ALA B 304 9.58 -29.70 31.23
C ALA B 304 9.60 -28.56 32.24
N LEU B 305 8.63 -28.55 33.16
CA LEU B 305 8.61 -27.51 34.19
C LEU B 305 9.83 -27.63 35.11
N PHE B 306 10.13 -28.85 35.56
CA PHE B 306 11.34 -29.10 36.34
C PHE B 306 12.47 -29.47 35.39
N GLY B 307 12.89 -28.46 34.62
CA GLY B 307 13.91 -28.68 33.60
C GLY B 307 15.23 -29.12 34.19
N GLY B 308 16.04 -29.74 33.34
CA GLY B 308 17.34 -30.23 33.76
C GLY B 308 18.29 -29.10 34.14
N VAL B 309 19.34 -29.48 34.87
CA VAL B 309 20.30 -28.50 35.34
C VAL B 309 21.17 -28.05 34.17
N GLN B 310 21.43 -26.75 34.10
CA GLN B 310 22.26 -26.17 33.05
C GLN B 310 23.71 -26.11 33.55
N ARG B 311 24.60 -26.83 32.87
CA ARG B 311 25.99 -26.91 33.26
C ARG B 311 26.86 -26.23 32.20
N THR B 312 27.92 -25.57 32.65
CA THR B 312 28.88 -24.90 31.78
C THR B 312 30.23 -25.58 31.97
N LEU B 313 30.64 -26.36 30.98
CA LEU B 313 31.92 -27.05 31.06
C LEU B 313 33.07 -26.06 31.03
N PRO B 314 34.20 -26.40 31.65
CA PRO B 314 35.32 -25.43 31.74
C PRO B 314 35.93 -25.07 30.39
N ASP B 315 35.71 -25.87 29.35
CA ASP B 315 36.27 -25.55 28.04
C ASP B 315 35.57 -24.34 27.41
N GLY B 316 34.30 -24.12 27.72
CA GLY B 316 33.59 -22.97 27.21
C GLY B 316 32.19 -23.26 26.70
N THR B 317 31.90 -24.53 26.43
CA THR B 317 30.59 -24.89 25.92
C THR B 317 29.54 -24.86 27.03
N LYS B 318 28.29 -24.72 26.63
CA LYS B 318 27.15 -24.65 27.56
C LYS B 318 26.21 -25.81 27.24
N LEU B 319 26.09 -26.74 28.18
CA LEU B 319 25.19 -27.87 28.00
C LEU B 319 23.74 -27.42 28.11
N ARG B 320 22.89 -27.97 27.25
CA ARG B 320 21.48 -27.59 27.24
C ARG B 320 20.76 -28.17 28.44
N GLY B 321 19.84 -27.39 28.99
CA GLY B 321 19.09 -27.82 30.16
C GLY B 321 17.60 -27.49 30.06
N GLU B 322 17.08 -27.45 28.85
CA GLU B 322 15.68 -27.14 28.59
C GLU B 322 15.06 -28.26 27.77
N SER B 323 13.99 -28.86 28.29
CA SER B 323 13.30 -29.96 27.63
C SER B 323 12.05 -29.41 26.95
N HIS B 324 12.10 -29.27 25.64
CA HIS B 324 10.96 -28.75 24.88
C HIS B 324 9.95 -29.86 24.61
N VAL B 325 8.68 -29.51 24.71
CA VAL B 325 7.58 -30.46 24.52
C VAL B 325 6.68 -29.96 23.41
N LEU B 326 6.27 -30.87 22.52
CA LEU B 326 5.39 -30.56 21.41
C LEU B 326 4.12 -31.42 21.53
N LEU B 327 2.97 -30.79 21.41
CA LEU B 327 1.68 -31.44 21.57
C LEU B 327 0.95 -31.41 20.21
N VAL B 328 1.18 -32.45 19.41
CA VAL B 328 0.52 -32.58 18.12
C VAL B 328 -0.73 -33.43 18.30
N GLY B 329 -1.86 -32.92 17.82
CA GLY B 329 -3.11 -33.65 17.96
C GLY B 329 -4.21 -33.02 17.13
N ASP B 330 -5.29 -33.76 16.97
CA ASP B 330 -6.43 -33.28 16.22
C ASP B 330 -7.19 -32.21 17.02
N PRO B 331 -7.91 -31.31 16.34
CA PRO B 331 -8.68 -30.38 17.17
C PRO B 331 -9.72 -31.12 18.00
N GLY B 332 -10.11 -30.56 19.13
CA GLY B 332 -11.11 -31.20 19.99
C GLY B 332 -10.51 -32.04 21.10
N VAL B 333 -9.20 -31.91 21.32
CA VAL B 333 -8.54 -32.70 22.36
C VAL B 333 -8.13 -31.86 23.56
N ALA B 334 -8.63 -30.63 23.64
CA ALA B 334 -8.31 -29.74 24.75
C ALA B 334 -6.81 -29.51 24.90
N LYS B 335 -6.09 -29.54 23.80
CA LYS B 335 -4.65 -29.28 23.86
C LYS B 335 -4.38 -27.84 24.25
N SER B 336 -5.21 -26.92 23.77
CA SER B 336 -5.04 -25.51 24.10
C SER B 336 -5.20 -25.28 25.59
N GLN B 337 -6.24 -25.87 26.18
CA GLN B 337 -6.44 -25.74 27.62
C GLN B 337 -5.16 -26.14 28.33
N LEU B 338 -4.55 -27.21 27.86
CA LEU B 338 -3.31 -27.68 28.48
C LEU B 338 -2.22 -26.62 28.46
N LEU B 339 -2.30 -25.65 27.54
CA LEU B 339 -1.34 -24.56 27.48
C LEU B 339 -1.79 -23.34 28.27
N ARG B 340 -3.02 -23.35 28.80
CA ARG B 340 -3.53 -22.24 29.61
C ARG B 340 -3.41 -22.50 31.10
N TYR B 341 -3.53 -23.76 31.53
CA TYR B 341 -3.37 -24.06 32.94
C TYR B 341 -1.90 -24.02 33.36
N VAL B 342 -1.00 -24.52 32.51
CA VAL B 342 0.42 -24.46 32.80
C VAL B 342 0.95 -23.03 32.66
N ALA B 343 0.28 -22.19 31.86
CA ALA B 343 0.73 -20.82 31.69
C ALA B 343 0.68 -20.05 33.01
N ASN B 344 -0.34 -20.30 33.82
CA ASN B 344 -0.44 -19.68 35.14
C ASN B 344 0.20 -20.52 36.23
N LEU B 345 0.42 -21.81 35.99
CA LEU B 345 1.07 -22.66 36.98
C LEU B 345 2.58 -22.51 36.97
N ALA B 346 3.17 -22.33 35.79
CA ALA B 346 4.60 -22.18 35.69
C ALA B 346 5.05 -20.86 36.32
N PRO B 347 6.24 -20.84 36.91
CA PRO B 347 6.69 -19.58 37.55
C PRO B 347 6.93 -18.45 36.56
N ARG B 348 7.66 -18.72 35.48
CA ARG B 348 7.96 -17.71 34.45
C ARG B 348 7.51 -18.27 33.11
N ALA B 349 6.33 -17.86 32.66
CA ALA B 349 5.76 -18.36 31.41
C ALA B 349 5.00 -17.25 30.71
N ILE B 350 5.14 -17.18 29.40
CA ILE B 350 4.47 -16.20 28.56
C ILE B 350 3.63 -16.97 27.54
N TYR B 351 2.33 -17.06 27.80
CA TYR B 351 1.43 -17.76 26.88
C TYR B 351 1.22 -16.91 25.63
N THR B 352 1.52 -17.48 24.47
CA THR B 352 1.40 -16.79 23.20
C THR B 352 0.77 -17.73 22.18
N SER B 353 0.58 -17.21 20.96
CA SER B 353 0.02 -17.98 19.87
C SER B 353 0.86 -17.77 18.61
N GLY B 354 0.77 -18.72 17.69
CA GLY B 354 1.51 -18.62 16.45
C GLY B 354 1.02 -17.49 15.56
N LYS B 355 -0.26 -17.19 15.61
CA LYS B 355 -0.84 -16.11 14.82
C LYS B 355 -0.61 -14.78 15.54
N SER B 356 0.64 -14.33 15.49
CA SER B 356 1.07 -13.09 16.13
C SER B 356 1.24 -12.01 15.07
N SER B 357 0.47 -10.93 15.20
CA SER B 357 0.54 -9.82 14.25
C SER B 357 1.72 -8.91 14.49
N SER B 358 2.45 -9.08 15.60
CA SER B 358 3.60 -8.22 15.89
C SER B 358 4.73 -8.51 14.91
N ALA B 359 5.63 -7.53 14.78
CA ALA B 359 6.77 -7.69 13.88
C ALA B 359 7.70 -8.79 14.36
N ALA B 360 7.99 -8.81 15.67
CA ALA B 360 8.85 -9.83 16.27
C ALA B 360 7.97 -10.89 16.92
N GLY B 361 7.82 -12.03 16.25
CA GLY B 361 7.04 -13.12 16.78
C GLY B 361 7.89 -14.33 17.12
N LEU B 362 7.90 -14.72 18.40
CA LEU B 362 8.66 -15.86 18.89
C LEU B 362 10.16 -15.72 18.63
N THR B 363 10.63 -14.51 18.33
CA THR B 363 12.04 -14.26 18.05
C THR B 363 12.32 -12.77 18.03
N ALA B 364 13.58 -12.39 17.79
CA ALA B 364 13.97 -10.99 17.71
C ALA B 364 13.97 -10.56 16.25
N ALA B 365 13.29 -9.46 15.96
CA ALA B 365 13.20 -8.92 14.61
C ALA B 365 13.66 -7.48 14.59
N ALA B 366 14.01 -7.00 13.39
CA ALA B 366 14.48 -5.64 13.18
C ALA B 366 13.46 -4.87 12.36
N VAL B 367 13.03 -3.72 12.87
CA VAL B 367 12.07 -2.87 12.19
C VAL B 367 12.33 -1.42 12.59
N ARG B 368 11.89 -0.49 11.75
CA ARG B 368 12.08 0.92 12.03
C ARG B 368 11.12 1.38 13.13
N ASP B 369 11.55 2.41 13.86
CA ASP B 369 10.75 2.96 14.94
C ASP B 369 9.82 4.05 14.39
N GLU B 370 9.16 4.78 15.28
CA GLU B 370 8.24 5.84 14.89
C GLU B 370 8.80 7.24 15.08
N PHE B 371 9.93 7.38 15.78
CA PHE B 371 10.49 8.70 16.04
C PHE B 371 11.16 9.26 14.78
N THR B 372 12.18 8.57 14.29
CA THR B 372 12.93 9.04 13.11
C THR B 372 13.16 7.92 12.10
N GLY B 373 12.45 6.81 12.22
CA GLY B 373 12.57 5.73 11.25
C GLY B 373 13.83 4.91 11.37
N SER B 374 14.50 4.94 12.51
CA SER B 374 15.70 4.14 12.71
C SER B 374 15.33 2.73 13.18
N TRP B 375 16.18 1.77 12.82
CA TRP B 375 15.92 0.39 13.16
C TRP B 375 16.01 0.17 14.66
N VAL B 376 15.02 -0.54 15.21
CA VAL B 376 15.01 -0.94 16.61
C VAL B 376 14.82 -2.44 16.68
N LEU B 377 15.57 -3.09 17.56
CA LEU B 377 15.54 -4.55 17.69
C LEU B 377 14.36 -4.93 18.57
N GLU B 378 13.25 -5.32 17.95
CA GLU B 378 12.08 -5.74 18.71
C GLU B 378 12.32 -7.11 19.34
N ALA B 379 11.80 -7.29 20.54
CA ALA B 379 11.95 -8.55 21.26
C ALA B 379 10.75 -9.45 21.00
N GLY B 380 10.92 -10.73 21.29
CA GLY B 380 9.86 -11.71 21.08
C GLY B 380 9.56 -12.54 22.32
N VAL B 381 8.75 -13.59 22.14
CA VAL B 381 8.39 -14.44 23.27
C VAL B 381 9.60 -15.21 23.78
N LEU B 382 10.46 -15.67 22.87
CA LEU B 382 11.64 -16.43 23.25
C LEU B 382 12.76 -15.53 23.78
N VAL B 383 12.54 -14.23 23.88
CA VAL B 383 13.52 -13.29 24.43
C VAL B 383 13.03 -12.70 25.75
N LEU B 384 11.75 -12.33 25.81
CA LEU B 384 11.21 -11.77 27.05
C LEU B 384 11.05 -12.83 28.13
N ALA B 385 10.97 -14.11 27.76
CA ALA B 385 10.82 -15.21 28.70
C ALA B 385 12.14 -15.92 28.99
N ASP B 386 13.25 -15.18 28.99
CA ASP B 386 14.55 -15.79 29.24
C ASP B 386 14.59 -16.41 30.64
N GLY B 387 15.13 -17.62 30.71
CA GLY B 387 15.17 -18.34 31.97
C GLY B 387 13.82 -18.81 32.46
N GLY B 388 12.85 -18.95 31.57
CA GLY B 388 11.51 -19.39 31.94
C GLY B 388 10.92 -20.28 30.87
N PHE B 389 9.61 -20.19 30.69
CA PHE B 389 8.88 -21.00 29.74
C PHE B 389 8.17 -20.12 28.72
N ALA B 390 7.92 -20.68 27.54
CA ALA B 390 7.21 -19.99 26.47
C ALA B 390 6.23 -20.98 25.84
N LEU B 391 5.00 -21.00 26.36
CA LEU B 391 3.96 -21.90 25.89
C LEU B 391 3.39 -21.31 24.59
N ILE B 392 3.94 -21.76 23.47
CA ILE B 392 3.58 -21.24 22.15
C ILE B 392 2.44 -22.10 21.62
N ASP B 393 1.23 -21.54 21.60
CA ASP B 393 0.10 -22.23 21.01
C ASP B 393 0.12 -22.06 19.50
N GLU B 394 -0.39 -23.08 18.79
CA GLU B 394 -0.43 -23.10 17.33
C GLU B 394 0.97 -22.88 16.75
N PHE B 395 1.88 -23.79 17.11
CA PHE B 395 3.28 -23.68 16.67
C PHE B 395 3.43 -23.92 15.18
N ASP B 396 2.42 -24.49 14.52
CA ASP B 396 2.52 -24.75 13.09
C ASP B 396 2.36 -23.48 12.26
N LYS B 397 1.64 -22.50 12.79
CA LYS B 397 1.37 -21.26 12.06
C LYS B 397 2.41 -20.21 12.45
N MET B 398 3.59 -20.34 11.85
CA MET B 398 4.67 -19.39 12.05
C MET B 398 5.03 -18.72 10.73
N SER B 399 5.50 -17.48 10.84
CA SER B 399 5.90 -16.72 9.65
C SER B 399 7.20 -17.29 9.07
N ASP B 400 7.55 -16.80 7.88
CA ASP B 400 8.75 -17.29 7.22
C ASP B 400 10.02 -16.87 7.96
N ARG B 401 9.99 -15.72 8.63
CA ARG B 401 11.17 -15.28 9.36
C ARG B 401 11.41 -16.11 10.62
N ASP B 402 10.35 -16.60 11.25
CA ASP B 402 10.49 -17.39 12.47
C ASP B 402 10.91 -18.82 12.20
N ARG B 403 10.81 -19.30 10.97
CA ARG B 403 11.21 -20.66 10.62
C ARG B 403 12.70 -20.81 10.41
N SER B 404 13.46 -19.71 10.48
CA SER B 404 14.91 -19.76 10.33
C SER B 404 15.67 -19.38 11.59
N ALA B 405 14.99 -18.88 12.62
CA ALA B 405 15.64 -18.50 13.87
C ALA B 405 15.38 -19.46 15.01
N ILE B 406 14.36 -20.32 14.90
CA ILE B 406 14.07 -21.28 15.97
C ILE B 406 15.05 -22.45 15.96
N HIS B 407 15.75 -22.68 14.84
CA HIS B 407 16.73 -23.76 14.78
C HIS B 407 17.91 -23.53 15.72
N GLU B 408 18.23 -22.26 16.01
CA GLU B 408 19.30 -21.94 16.95
C GLU B 408 18.77 -21.49 18.30
N ALA B 409 17.53 -21.02 18.37
CA ALA B 409 16.93 -20.61 19.63
C ALA B 409 16.50 -21.79 20.49
N LEU B 410 16.55 -23.01 19.96
CA LEU B 410 16.17 -24.21 20.70
C LEU B 410 17.37 -25.06 21.07
N GLU B 411 18.28 -25.31 20.13
CA GLU B 411 19.47 -26.11 20.42
C GLU B 411 20.55 -25.26 21.09
N GLN B 412 20.90 -24.12 20.47
CA GLN B 412 21.92 -23.25 21.02
C GLN B 412 21.38 -22.27 22.06
N GLN B 413 20.05 -22.16 22.18
CA GLN B 413 19.42 -21.28 23.17
C GLN B 413 19.87 -19.83 23.01
N THR B 414 19.97 -19.38 21.76
CA THR B 414 20.37 -18.01 21.48
C THR B 414 19.75 -17.58 20.15
N ILE B 415 19.54 -16.27 20.02
CA ILE B 415 18.98 -15.67 18.82
C ILE B 415 19.96 -14.63 18.31
N SER B 416 20.59 -14.90 17.17
CA SER B 416 21.54 -14.00 16.54
C SER B 416 20.94 -13.45 15.26
N ILE B 417 20.71 -12.15 15.24
CA ILE B 417 20.13 -11.49 14.07
C ILE B 417 20.86 -10.19 13.81
N SER B 418 21.45 -10.05 12.64
CA SER B 418 22.20 -8.84 12.34
C SER B 418 21.60 -8.05 11.18
N LYS B 419 21.17 -6.83 11.46
CA LYS B 419 20.60 -5.99 10.41
C LYS B 419 21.03 -4.56 10.64
N ALA B 420 21.30 -3.83 9.57
CA ALA B 420 21.76 -2.46 9.71
C ALA B 420 22.88 -2.42 10.73
N GLY B 421 22.76 -1.54 11.72
CA GLY B 421 23.75 -1.46 12.77
C GLY B 421 23.35 -2.32 13.95
N ILE B 422 22.20 -2.97 13.85
CA ILE B 422 21.70 -3.79 14.96
C ILE B 422 22.31 -5.18 14.95
N THR B 423 23.37 -5.39 15.72
CA THR B 423 23.98 -6.71 15.82
C THR B 423 23.87 -7.18 17.27
N ALA B 424 23.27 -8.35 17.47
CA ALA B 424 23.05 -8.87 18.82
C ALA B 424 22.97 -10.38 18.77
N THR B 425 23.24 -10.99 19.91
CA THR B 425 23.21 -12.43 20.11
C THR B 425 22.35 -12.78 21.32
N LEU B 426 21.14 -12.23 21.34
CA LEU B 426 20.22 -12.39 22.46
C LEU B 426 20.03 -13.86 22.83
N ASN B 427 20.13 -14.15 24.13
CA ASN B 427 19.97 -15.50 24.60
C ASN B 427 18.51 -15.92 24.56
N SER B 428 18.26 -17.17 24.19
CA SER B 428 16.92 -17.73 24.08
C SER B 428 16.77 -18.94 25.00
N ARG B 429 17.24 -18.82 26.24
CA ARG B 429 17.17 -19.91 27.20
C ARG B 429 15.76 -20.09 27.72
N THR B 430 14.83 -20.49 26.86
CA THR B 430 13.44 -20.70 27.22
C THR B 430 13.01 -22.12 26.89
N THR B 431 12.09 -22.64 27.68
CA THR B 431 11.52 -23.96 27.45
C THR B 431 10.25 -23.80 26.62
N VAL B 432 10.28 -24.29 25.38
CA VAL B 432 9.17 -24.12 24.45
C VAL B 432 8.25 -25.33 24.59
N ILE B 433 7.17 -25.15 25.34
CA ILE B 433 6.12 -26.17 25.45
C ILE B 433 5.06 -25.77 24.43
N ALA B 434 5.22 -26.27 23.20
CA ALA B 434 4.38 -25.87 22.08
C ALA B 434 3.33 -26.93 21.78
N ALA B 435 2.42 -26.58 20.87
CA ALA B 435 1.36 -27.48 20.45
C ALA B 435 0.95 -27.10 19.03
N ALA B 436 1.12 -28.02 18.10
CA ALA B 436 0.81 -27.79 16.70
C ALA B 436 -0.30 -28.70 16.24
N ASN B 437 -0.88 -28.37 15.08
CA ASN B 437 -1.96 -29.14 14.48
C ASN B 437 -1.54 -29.64 13.10
N PRO B 438 -2.04 -30.79 12.67
CA PRO B 438 -1.70 -31.28 11.33
C PRO B 438 -2.29 -30.39 10.24
N LYS B 439 -1.52 -30.22 9.17
CA LYS B 439 -1.97 -29.36 8.07
C LYS B 439 -3.16 -29.95 7.34
N PHE B 440 -3.31 -31.29 7.38
CA PHE B 440 -4.46 -31.91 6.74
C PHE B 440 -5.74 -31.73 7.54
N GLY B 441 -5.64 -31.49 8.83
CA GLY B 441 -6.81 -31.31 9.67
C GLY B 441 -6.92 -32.34 10.77
N ARG B 442 -6.60 -33.60 10.45
CA ARG B 442 -6.63 -34.69 11.41
C ARG B 442 -5.42 -35.58 11.18
N PHE B 443 -4.85 -36.07 12.28
CA PHE B 443 -3.66 -36.90 12.20
C PHE B 443 -4.00 -38.31 11.71
N ASN B 444 -3.09 -38.90 10.95
CA ASN B 444 -3.24 -40.25 10.43
C ASN B 444 -2.16 -41.15 11.03
N ARG B 445 -2.58 -42.32 11.51
CA ARG B 445 -1.64 -43.27 12.10
C ARG B 445 -0.85 -44.03 11.05
N HIS B 446 -1.31 -44.03 9.79
CA HIS B 446 -0.66 -44.77 8.72
C HIS B 446 0.32 -43.90 7.93
N LYS B 447 0.68 -42.73 8.45
CA LYS B 447 1.63 -41.84 7.81
C LYS B 447 2.61 -41.31 8.85
N SER B 448 3.77 -40.88 8.37
CA SER B 448 4.80 -40.35 9.26
C SER B 448 4.33 -39.05 9.91
N LEU B 449 4.96 -38.73 11.05
CA LEU B 449 4.56 -37.51 11.76
C LEU B 449 4.94 -36.24 11.00
N PRO B 450 6.18 -36.06 10.53
CA PRO B 450 6.50 -34.81 9.82
C PRO B 450 5.81 -34.68 8.48
N GLU B 451 5.25 -35.77 7.94
CA GLU B 451 4.54 -35.68 6.66
C GLU B 451 3.25 -34.88 6.80
N GLN B 452 2.52 -35.09 7.91
CA GLN B 452 1.27 -34.37 8.14
C GLN B 452 1.47 -33.09 8.94
N LEU B 453 2.65 -32.88 9.51
CA LEU B 453 2.93 -31.69 10.32
C LEU B 453 3.61 -30.63 9.47
N ASP B 454 3.15 -29.38 9.60
CA ASP B 454 3.72 -28.29 8.81
C ASP B 454 5.13 -27.92 9.26
N LEU B 455 5.54 -28.34 10.45
CA LEU B 455 6.86 -27.99 10.95
C LEU B 455 7.93 -28.74 10.13
N PRO B 456 9.08 -28.11 9.90
CA PRO B 456 10.16 -28.78 9.17
C PRO B 456 10.69 -29.97 9.96
N PRO B 457 11.32 -30.94 9.29
CA PRO B 457 11.86 -32.11 10.01
C PRO B 457 12.99 -31.73 10.95
N THR B 458 13.91 -30.89 10.49
CA THR B 458 15.04 -30.50 11.33
C THR B 458 14.59 -29.80 12.60
N LEU B 459 13.36 -29.29 12.63
CA LEU B 459 12.84 -28.65 13.84
C LEU B 459 12.36 -29.69 14.85
N LEU B 460 11.79 -30.80 14.38
CA LEU B 460 11.24 -31.81 15.29
C LEU B 460 12.31 -32.50 16.11
N SER B 461 13.56 -32.52 15.64
CA SER B 461 14.64 -33.15 16.38
C SER B 461 15.08 -32.35 17.59
N ARG B 462 14.53 -31.16 17.78
CA ARG B 462 14.90 -30.32 18.92
C ARG B 462 14.04 -30.63 20.14
N PHE B 463 12.77 -30.95 19.91
CA PHE B 463 11.85 -31.23 21.01
C PHE B 463 12.20 -32.57 21.64
N ASP B 464 12.44 -32.57 22.95
CA ASP B 464 12.76 -33.83 23.64
C ASP B 464 11.55 -34.72 23.81
N LEU B 465 10.34 -34.15 23.83
CA LEU B 465 9.12 -34.90 24.02
C LEU B 465 8.08 -34.45 23.00
N ILE B 466 7.55 -35.41 22.24
CA ILE B 466 6.53 -35.15 21.22
C ILE B 466 5.37 -36.09 21.52
N PHE B 467 4.32 -35.57 22.15
CA PHE B 467 3.15 -36.36 22.50
C PHE B 467 2.06 -36.19 21.45
N LEU B 468 1.36 -37.29 21.15
CA LEU B 468 0.29 -37.29 20.17
C LEU B 468 -1.04 -37.31 20.90
N LEU B 469 -1.75 -36.18 20.88
CA LEU B 469 -3.06 -36.08 21.51
C LEU B 469 -4.16 -36.42 20.49
N LEU B 470 -4.05 -37.62 19.95
CA LEU B 470 -4.99 -38.08 18.93
C LEU B 470 -6.33 -38.44 19.55
N ASP B 471 -7.39 -38.20 18.79
CA ASP B 471 -8.74 -38.50 19.26
C ASP B 471 -9.03 -39.99 19.12
N GLU B 472 -9.54 -40.59 20.19
CA GLU B 472 -9.87 -42.01 20.21
C GLU B 472 -11.36 -42.20 20.44
N PRO B 473 -12.06 -42.90 19.56
CA PRO B 473 -13.50 -43.12 19.71
C PRO B 473 -13.89 -44.29 20.61
N ASP B 474 -12.97 -44.81 21.42
CA ASP B 474 -13.28 -45.94 22.28
C ASP B 474 -14.39 -45.59 23.26
N GLU B 475 -15.28 -46.55 23.50
CA GLU B 475 -16.43 -46.31 24.36
C GLU B 475 -16.01 -46.04 25.80
N LYS B 476 -14.98 -46.75 26.28
CA LYS B 476 -14.54 -46.58 27.65
C LYS B 476 -13.89 -45.21 27.86
N VAL B 477 -13.06 -44.79 26.90
CA VAL B 477 -12.40 -43.49 27.02
C VAL B 477 -13.38 -42.36 26.79
N ASP B 478 -14.50 -42.63 26.11
CA ASP B 478 -15.49 -41.59 25.88
C ASP B 478 -16.47 -41.49 27.05
N ALA B 479 -16.83 -42.63 27.65
CA ALA B 479 -17.72 -42.61 28.79
C ALA B 479 -17.06 -41.96 30.01
N SER B 480 -15.73 -42.01 30.08
CA SER B 480 -15.02 -41.42 31.20
C SER B 480 -14.81 -39.92 31.00
N ILE B 481 -14.57 -39.49 29.77
CA ILE B 481 -14.38 -38.06 29.51
C ILE B 481 -15.72 -37.34 29.51
N ALA B 482 -16.81 -38.04 29.16
CA ALA B 482 -18.13 -37.42 29.21
C ALA B 482 -18.59 -37.20 30.64
N GLU B 483 -18.29 -38.16 31.52
CA GLU B 483 -18.63 -37.99 32.93
C GLU B 483 -17.78 -36.92 33.60
N HIS B 484 -16.54 -36.73 33.12
CA HIS B 484 -15.69 -35.70 33.70
C HIS B 484 -16.11 -34.31 33.26
N ILE B 485 -16.52 -34.16 31.99
CA ILE B 485 -16.98 -32.87 31.50
C ILE B 485 -18.27 -32.47 32.20
N LEU B 486 -19.16 -33.43 32.46
CA LEU B 486 -20.37 -33.13 33.19
C LEU B 486 -20.10 -32.85 34.66
N LYS B 487 -18.95 -33.30 35.19
CA LYS B 487 -18.60 -33.00 36.56
C LYS B 487 -17.89 -31.64 36.67
N VAL B 488 -17.05 -31.30 35.70
CA VAL B 488 -16.39 -30.01 35.71
C VAL B 488 -17.38 -28.87 35.47
N ARG B 489 -18.53 -29.17 34.87
CA ARG B 489 -19.57 -28.16 34.68
C ARG B 489 -20.52 -28.07 35.87
N ARG B 490 -20.77 -29.18 36.56
CA ARG B 490 -21.63 -29.18 37.73
C ARG B 490 -20.99 -28.48 38.93
N GLY B 491 -19.69 -28.23 38.89
CA GLY B 491 -19.02 -27.56 40.00
C GLY B 491 -18.60 -28.48 41.12
N GLU B 492 -18.19 -29.70 40.80
CA GLU B 492 -17.75 -30.63 41.83
C GLU B 492 -16.36 -30.24 42.34
N ALA B 493 -16.08 -30.60 43.59
CA ALA B 493 -14.83 -30.22 44.22
C ALA B 493 -13.66 -31.05 43.72
N GLU B 494 -13.78 -32.38 43.80
CA GLU B 494 -12.67 -33.26 43.43
C GLU B 494 -12.34 -33.18 41.95
N ALA B 495 -13.27 -32.72 41.11
CA ALA B 495 -13.02 -32.63 39.67
C ALA B 495 -12.15 -31.44 39.29
N VAL B 496 -12.11 -30.40 40.11
CA VAL B 496 -11.33 -29.21 39.79
C VAL B 496 -10.25 -28.90 40.80
N THR B 497 -10.38 -29.33 42.05
CA THR B 497 -9.39 -29.01 43.07
C THR B 497 -8.17 -29.91 42.91
N PRO B 498 -7.00 -29.38 42.61
CA PRO B 498 -5.81 -30.23 42.48
C PRO B 498 -5.31 -30.70 43.84
N LYS B 499 -4.49 -31.75 43.80
CA LYS B 499 -3.90 -32.26 45.04
C LYS B 499 -2.92 -31.25 45.63
N ILE B 500 -2.30 -30.43 44.78
CA ILE B 500 -1.39 -29.37 45.21
C ILE B 500 -1.95 -28.06 44.70
N PRO B 501 -2.16 -27.05 45.54
CA PRO B 501 -2.73 -25.78 45.05
C PRO B 501 -1.79 -25.08 44.08
N TYR B 502 -2.38 -24.21 43.26
CA TYR B 502 -1.61 -23.51 42.24
C TYR B 502 -0.65 -22.49 42.86
N ASP B 503 -1.03 -21.90 44.00
CA ASP B 503 -0.16 -20.93 44.64
C ASP B 503 1.06 -21.59 45.27
N LEU B 504 0.94 -22.86 45.66
CA LEU B 504 2.06 -23.58 46.28
C LEU B 504 2.90 -24.31 45.25
N LEU B 505 2.28 -24.87 44.22
CA LEU B 505 3.04 -25.57 43.18
C LEU B 505 3.87 -24.59 42.35
N LYS B 506 3.36 -23.37 42.13
CA LYS B 506 4.13 -22.38 41.41
C LYS B 506 5.42 -22.03 42.14
N LYS B 507 5.38 -22.00 43.47
CA LYS B 507 6.59 -21.79 44.26
C LYS B 507 7.42 -23.07 44.34
N TYR B 508 6.79 -24.23 44.17
CA TYR B 508 7.54 -25.49 44.21
C TYR B 508 8.43 -25.63 42.98
N ILE B 509 7.96 -25.18 41.82
CA ILE B 509 8.78 -25.25 40.61
C ILE B 509 9.92 -24.23 40.68
N ALA B 510 9.64 -23.04 41.21
CA ALA B 510 10.68 -22.01 41.32
C ALA B 510 11.76 -22.42 42.31
N TYR B 511 11.37 -23.02 43.43
CA TYR B 511 12.35 -23.46 44.42
C TYR B 511 13.17 -24.64 43.91
N ALA B 512 12.58 -25.48 43.05
CA ALA B 512 13.31 -26.63 42.54
C ALA B 512 14.34 -26.21 41.48
N ARG B 513 13.96 -25.30 40.58
CA ARG B 513 14.86 -24.85 39.53
C ARG B 513 15.95 -23.93 40.05
N LYS B 514 15.88 -23.48 41.29
CA LYS B 514 16.83 -22.54 41.85
C LYS B 514 17.82 -23.17 42.81
N ASN B 515 17.35 -24.01 43.73
CA ASN B 515 18.20 -24.58 44.77
C ASN B 515 18.50 -26.06 44.59
N VAL B 516 17.73 -26.76 43.77
CA VAL B 516 17.89 -28.20 43.58
C VAL B 516 18.59 -28.42 42.24
N HIS B 517 19.85 -28.84 42.29
CA HIS B 517 20.65 -29.16 41.11
C HIS B 517 21.10 -30.61 41.23
N PRO B 518 20.36 -31.56 40.67
CA PRO B 518 20.71 -32.97 40.83
C PRO B 518 21.93 -33.35 40.02
N VAL B 519 22.61 -34.39 40.48
CA VAL B 519 23.79 -34.93 39.81
C VAL B 519 23.54 -36.39 39.47
N LEU B 520 24.21 -36.86 38.43
CA LEU B 520 24.04 -38.24 37.99
C LEU B 520 24.74 -39.21 38.95
N SER B 521 24.27 -40.45 38.93
CA SER B 521 24.83 -41.50 39.77
C SER B 521 25.09 -42.75 38.93
N ARG B 522 25.92 -43.63 39.49
CA ARG B 522 26.27 -44.86 38.77
C ARG B 522 25.05 -45.74 38.53
N GLU B 523 24.08 -45.70 39.46
CA GLU B 523 22.86 -46.48 39.29
C GLU B 523 22.06 -45.99 38.09
N ALA B 524 21.92 -44.67 37.96
CA ALA B 524 21.17 -44.13 36.83
C ALA B 524 21.97 -44.20 35.54
N MET B 525 23.29 -44.00 35.62
CA MET B 525 24.13 -44.05 34.42
C MET B 525 24.11 -45.45 33.81
N GLU B 526 24.23 -46.47 34.65
CA GLU B 526 24.21 -47.85 34.15
C GLU B 526 22.86 -48.20 33.57
N GLU B 527 21.78 -47.67 34.16
CA GLU B 527 20.44 -47.92 33.62
C GLU B 527 20.27 -47.25 32.26
N ILE B 528 20.75 -46.02 32.11
CA ILE B 528 20.66 -45.33 30.83
C ILE B 528 21.59 -45.99 29.82
N LYS B 529 22.78 -46.39 30.26
CA LYS B 529 23.73 -47.05 29.36
C LYS B 529 23.19 -48.38 28.86
N ARG B 530 22.53 -49.13 29.75
CA ARG B 530 21.98 -50.43 29.36
C ARG B 530 20.81 -50.26 28.39
N TYR B 531 19.93 -49.30 28.66
CA TYR B 531 18.78 -49.09 27.79
C TYR B 531 19.21 -48.52 26.44
N TYR B 532 20.26 -47.70 26.42
CA TYR B 532 20.70 -47.10 25.16
C TYR B 532 21.28 -48.15 24.23
N VAL B 533 22.19 -48.99 24.73
CA VAL B 533 22.78 -50.03 23.89
C VAL B 533 21.75 -51.09 23.52
N LYS B 534 20.70 -51.24 24.34
CA LYS B 534 19.64 -52.17 23.99
C LYS B 534 18.80 -51.64 22.84
N MET B 535 18.43 -50.36 22.90
CA MET B 535 17.66 -49.75 21.83
C MET B 535 18.51 -49.63 20.56
N ARG B 536 19.80 -49.31 20.71
CA ARG B 536 20.68 -49.19 19.55
C ARG B 536 20.83 -50.52 18.83
N LYS B 537 21.09 -51.59 19.58
CA LYS B 537 21.27 -52.89 18.96
C LYS B 537 19.95 -53.45 18.45
N GLY B 538 18.89 -53.33 19.24
CA GLY B 538 17.58 -53.80 18.84
C GLY B 538 17.02 -53.06 17.64
N LEU B 539 16.63 -53.81 16.60
CA LEU B 539 16.09 -53.24 15.37
C LEU B 539 17.07 -52.25 14.74
N ARG B 540 18.37 -52.57 14.79
CA ARG B 540 19.37 -51.66 14.26
C ARG B 540 19.37 -51.62 12.74
N ARG B 541 19.16 -52.76 12.08
CA ARG B 541 19.18 -52.85 10.62
C ARG B 541 17.85 -53.47 10.16
N GLY B 542 16.86 -52.61 9.96
CA GLY B 542 15.58 -53.07 9.45
C GLY B 542 15.61 -53.31 7.95
N ASP B 543 16.23 -52.40 7.21
CA ASP B 543 16.34 -52.48 5.75
C ASP B 543 17.82 -52.59 5.39
N GLU B 544 18.24 -53.80 5.02
CA GLU B 544 19.62 -54.02 4.63
C GLU B 544 19.85 -53.58 3.18
N ASP B 545 21.11 -53.62 2.75
CA ASP B 545 21.51 -53.20 1.41
C ASP B 545 21.07 -51.76 1.13
N GLY B 546 21.46 -50.87 2.02
CA GLY B 546 21.09 -49.47 1.92
C GLY B 546 20.99 -48.86 3.30
N VAL B 547 20.23 -47.76 3.37
CA VAL B 547 20.01 -47.09 4.65
C VAL B 547 19.18 -47.98 5.55
N GLN B 548 19.61 -48.12 6.81
CA GLN B 548 18.92 -48.97 7.76
C GLN B 548 18.31 -48.11 8.87
N PRO B 549 17.08 -48.43 9.30
CA PRO B 549 16.41 -47.62 10.33
C PRO B 549 17.21 -47.53 11.62
N ILE B 550 17.65 -46.32 11.98
CA ILE B 550 18.41 -46.09 13.20
C ILE B 550 17.42 -45.92 14.34
N PRO B 551 17.43 -46.79 15.36
CA PRO B 551 16.43 -46.67 16.42
C PRO B 551 16.59 -45.41 17.26
N ILE B 552 17.82 -44.99 17.53
CA ILE B 552 18.06 -43.82 18.37
C ILE B 552 19.45 -43.30 18.05
N THR B 553 19.63 -41.99 18.18
CA THR B 553 20.91 -41.33 17.95
C THR B 553 21.44 -40.73 19.25
N ALA B 554 22.60 -40.09 19.14
CA ALA B 554 23.21 -39.46 20.32
C ALA B 554 22.42 -38.25 20.78
N ARG B 555 21.57 -37.69 19.92
CA ARG B 555 20.78 -36.50 20.28
C ARG B 555 19.68 -36.83 21.29
N GLN B 556 19.06 -37.98 21.15
CA GLN B 556 18.05 -38.41 22.12
C GLN B 556 18.68 -38.93 23.41
N LEU B 557 19.95 -39.33 23.37
CA LEU B 557 20.63 -39.74 24.60
C LEU B 557 20.77 -38.57 25.56
N GLU B 558 21.06 -37.37 25.03
CA GLU B 558 21.11 -36.18 25.88
C GLU B 558 19.72 -35.80 26.38
N ALA B 559 18.68 -36.06 25.57
CA ALA B 559 17.32 -35.78 26.02
C ALA B 559 16.91 -36.70 27.16
N LEU B 560 17.36 -37.96 27.13
CA LEU B 560 17.06 -38.88 28.22
C LEU B 560 17.75 -38.47 29.51
N ILE B 561 18.91 -37.82 29.42
CA ILE B 561 19.59 -37.35 30.61
C ILE B 561 18.85 -36.17 31.21
N ARG B 562 18.34 -35.26 30.37
CA ARG B 562 17.58 -34.12 30.87
C ARG B 562 16.28 -34.57 31.53
N LEU B 563 15.63 -35.58 30.96
CA LEU B 563 14.41 -36.10 31.58
C LEU B 563 14.71 -36.87 32.85
N SER B 564 15.86 -37.54 32.91
CA SER B 564 16.25 -38.25 34.13
C SER B 564 16.52 -37.26 35.26
N GLU B 565 17.22 -36.17 34.97
CA GLU B 565 17.42 -35.12 35.96
C GLU B 565 16.13 -34.37 36.26
N ALA B 566 15.17 -34.38 35.32
CA ALA B 566 13.89 -33.73 35.58
C ALA B 566 13.08 -34.50 36.62
N HIS B 567 13.22 -35.82 36.66
CA HIS B 567 12.50 -36.61 37.66
C HIS B 567 13.15 -36.50 39.04
N ALA B 568 14.46 -36.24 39.10
CA ALA B 568 15.12 -36.05 40.38
C ALA B 568 14.83 -34.68 40.97
N ARG B 569 14.76 -33.65 40.13
CA ARG B 569 14.41 -32.32 40.60
C ARG B 569 12.93 -32.20 40.97
N MET B 570 12.07 -33.04 40.37
CA MET B 570 10.64 -32.97 40.65
C MET B 570 10.34 -33.33 42.10
N ARG B 571 11.15 -34.19 42.72
CA ARG B 571 10.98 -34.59 44.10
C ARG B 571 11.99 -33.93 45.04
N LEU B 572 12.68 -32.89 44.55
CA LEU B 572 13.66 -32.14 45.34
C LEU B 572 14.78 -33.07 45.83
N SER B 573 15.43 -33.72 44.87
CA SER B 573 16.52 -34.64 45.15
C SER B 573 17.79 -34.13 44.49
N GLU B 574 18.90 -34.15 45.23
CA GLU B 574 20.18 -33.69 44.72
C GLU B 574 20.95 -34.76 43.96
N THR B 575 20.37 -35.95 43.80
CA THR B 575 21.01 -37.04 43.08
C THR B 575 19.99 -37.70 42.15
N VAL B 576 20.49 -38.24 41.04
CA VAL B 576 19.64 -38.92 40.06
C VAL B 576 19.77 -40.42 40.32
N THR B 577 18.76 -40.99 40.98
CA THR B 577 18.75 -42.42 41.25
C THR B 577 18.35 -43.20 40.00
N ARG B 578 18.47 -44.52 40.09
CA ARG B 578 18.08 -45.37 38.96
C ARG B 578 16.58 -45.36 38.72
N GLU B 579 15.78 -45.00 39.73
CA GLU B 579 14.34 -44.89 39.53
C GLU B 579 13.98 -43.70 38.65
N ASP B 580 14.74 -42.61 38.76
CA ASP B 580 14.50 -41.45 37.90
C ASP B 580 14.84 -41.76 36.45
N ALA B 581 15.92 -42.53 36.22
CA ALA B 581 16.25 -42.94 34.87
C ALA B 581 15.21 -43.90 34.31
N ARG B 582 14.72 -44.83 35.13
CA ARG B 582 13.68 -45.75 34.67
C ARG B 582 12.39 -45.03 34.36
N ALA B 583 12.08 -43.96 35.08
CA ALA B 583 10.89 -43.17 34.79
C ALA B 583 11.05 -42.38 33.49
N ALA B 584 12.24 -41.82 33.27
CA ALA B 584 12.49 -41.10 32.02
C ALA B 584 12.50 -42.04 30.83
N ILE B 585 12.99 -43.26 31.00
CA ILE B 585 12.98 -44.23 29.92
C ILE B 585 11.54 -44.64 29.60
N GLU B 586 10.71 -44.82 30.62
CA GLU B 586 9.31 -45.18 30.39
C GLU B 586 8.58 -44.10 29.62
N ILE B 587 8.87 -42.84 29.92
CA ILE B 587 8.25 -41.74 29.17
C ILE B 587 8.71 -41.76 27.72
N ILE B 588 10.01 -42.00 27.49
CA ILE B 588 10.52 -42.10 26.13
C ILE B 588 9.95 -43.33 25.43
N GLU B 589 9.87 -44.46 26.16
CA GLU B 589 9.32 -45.68 25.57
C GLU B 589 7.84 -45.50 25.22
N ALA B 590 7.06 -44.91 26.13
CA ALA B 590 5.65 -44.70 25.85
C ALA B 590 5.44 -43.66 24.74
N MET B 591 6.38 -42.73 24.58
CA MET B 591 6.27 -41.74 23.51
C MET B 591 6.47 -42.39 22.15
N MET B 592 7.46 -43.29 22.03
CA MET B 592 7.70 -43.95 20.76
C MET B 592 6.56 -44.88 20.37
N LYS B 593 5.85 -45.43 21.37
CA LYS B 593 4.75 -46.34 21.07
C LYS B 593 3.51 -45.59 20.62
N THR B 594 3.15 -44.50 21.32
CA THR B 594 1.98 -43.72 20.95
C THR B 594 2.18 -42.96 19.64
N ILE B 595 3.42 -42.79 19.20
CA ILE B 595 3.67 -42.10 17.93
C ILE B 595 3.59 -43.06 16.77
N ALA B 596 4.06 -44.29 16.95
CA ALA B 596 4.23 -45.26 15.87
C ALA B 596 5.07 -44.66 14.74
N VAL B 597 6.28 -44.22 15.13
CA VAL B 597 7.13 -43.48 14.22
C VAL B 597 7.64 -44.37 13.09
N ASP B 598 7.81 -45.67 13.37
CA ASP B 598 8.31 -46.59 12.36
C ASP B 598 8.11 -48.02 12.87
N GLU B 599 8.39 -48.98 12.00
CA GLU B 599 8.30 -50.38 12.39
C GLU B 599 9.50 -50.78 13.25
N GLU B 600 10.69 -50.34 12.85
CA GLU B 600 11.92 -50.62 13.59
C GLU B 600 12.33 -49.48 14.51
N GLY B 601 11.43 -48.54 14.75
CA GLY B 601 11.74 -47.42 15.63
C GLY B 601 12.67 -46.39 15.03
N ASN B 602 12.65 -46.22 13.71
CA ASN B 602 13.53 -45.26 13.07
C ASN B 602 13.21 -43.84 13.51
N LEU B 603 14.24 -43.00 13.53
CA LEU B 603 14.08 -41.59 13.93
C LEU B 603 13.61 -40.79 12.73
N ASP B 604 12.32 -40.88 12.46
CA ASP B 604 11.71 -40.11 11.38
C ASP B 604 11.61 -38.64 11.71
N VAL B 605 11.88 -38.25 12.96
CA VAL B 605 11.76 -36.86 13.36
C VAL B 605 12.84 -36.01 12.70
N SER B 606 13.89 -36.64 12.19
CA SER B 606 15.02 -35.90 11.62
C SER B 606 14.98 -35.84 10.10
N ILE B 607 14.53 -36.91 9.44
CA ILE B 607 14.53 -36.98 7.98
C ILE B 607 13.13 -37.00 7.39
N LEU B 608 12.10 -37.27 8.20
CA LEU B 608 10.72 -37.38 7.72
C LEU B 608 10.57 -38.53 6.72
N GLU B 609 11.25 -39.64 7.01
CA GLU B 609 11.23 -40.81 6.15
C GLU B 609 11.75 -42.01 6.93
N VAL B 610 11.17 -43.17 6.69
CA VAL B 610 11.56 -44.41 7.34
C VAL B 610 12.39 -45.25 6.37
N GLY B 611 13.38 -45.96 6.89
CA GLY B 611 14.28 -46.72 6.03
C GLY B 611 13.58 -47.81 5.25
N LYS B 612 12.74 -48.61 5.92
CA LYS B 612 12.11 -49.75 5.28
C LYS B 612 10.97 -49.33 4.36
N SER B 613 9.97 -48.63 4.91
CA SER B 613 8.76 -48.35 4.16
C SER B 613 8.85 -47.11 3.27
N SER B 614 9.81 -46.23 3.50
CA SER B 614 9.93 -45.01 2.71
C SER B 614 11.23 -44.89 1.96
N LYS B 615 12.38 -45.02 2.64
CA LYS B 615 13.66 -44.75 1.98
C LYS B 615 13.98 -45.81 0.94
N LYS B 616 13.60 -47.06 1.19
CA LYS B 616 13.93 -48.12 0.23
C LYS B 616 13.13 -47.95 -1.05
N ILE B 617 11.89 -47.46 -0.95
CA ILE B 617 11.05 -47.31 -2.13
C ILE B 617 11.48 -46.11 -2.96
N ASN B 618 11.72 -44.97 -2.33
CA ASN B 618 12.09 -43.78 -3.08
C ASN B 618 13.48 -43.91 -3.71
N LYS B 619 14.33 -44.76 -3.14
CA LYS B 619 15.64 -45.01 -3.72
C LYS B 619 15.54 -45.79 -5.02
N ILE B 620 14.67 -46.81 -5.06
CA ILE B 620 14.52 -47.61 -6.26
C ILE B 620 13.64 -46.90 -7.29
N GLU B 621 12.69 -46.08 -6.85
CA GLU B 621 11.89 -45.31 -7.81
C GLU B 621 12.73 -44.22 -8.47
N LYS B 622 13.38 -43.39 -7.66
CA LYS B 622 14.21 -42.31 -8.19
C LYS B 622 15.67 -42.50 -7.76
N PRO B 639 9.57 -45.14 -25.11
CA PRO B 639 8.88 -44.07 -24.40
C PRO B 639 9.19 -44.06 -22.91
N GLU B 640 8.19 -44.39 -22.09
CA GLU B 640 8.36 -44.46 -20.63
C GLU B 640 8.87 -45.85 -20.27
N GLU B 641 10.20 -46.00 -20.38
CA GLU B 641 10.82 -47.30 -20.14
C GLU B 641 10.64 -47.75 -18.69
N LYS B 642 11.22 -47.01 -17.75
CA LYS B 642 11.20 -47.42 -16.36
C LYS B 642 9.89 -47.08 -15.65
N VAL B 643 9.03 -46.25 -16.26
CA VAL B 643 7.79 -45.88 -15.62
C VAL B 643 6.82 -47.06 -15.59
N ILE B 644 6.80 -47.86 -16.65
CA ILE B 644 5.88 -48.98 -16.75
C ILE B 644 6.57 -50.31 -16.44
N GLU B 645 7.82 -50.46 -16.83
CA GLU B 645 8.51 -51.74 -16.66
C GLU B 645 8.95 -51.92 -15.20
N ALA B 646 9.69 -50.95 -14.66
CA ALA B 646 10.19 -51.08 -13.30
C ALA B 646 9.06 -51.14 -12.28
N ALA B 647 7.89 -50.60 -12.61
CA ALA B 647 6.75 -50.70 -11.71
C ALA B 647 6.15 -52.10 -11.67
N LYS B 648 6.56 -52.98 -12.58
CA LYS B 648 6.01 -54.33 -12.67
C LYS B 648 7.02 -55.42 -12.31
N GLN B 649 8.21 -55.39 -12.92
CA GLN B 649 9.16 -56.47 -12.71
C GLN B 649 9.86 -56.35 -11.34
N ALA B 650 9.92 -55.14 -10.79
CA ALA B 650 10.56 -54.93 -9.51
C ALA B 650 9.60 -55.02 -8.33
N GLY B 651 8.31 -54.80 -8.56
CA GLY B 651 7.34 -54.80 -7.48
C GLY B 651 7.58 -53.71 -6.47
N ILE B 652 7.75 -52.48 -6.95
CA ILE B 652 8.05 -51.36 -6.06
C ILE B 652 6.86 -51.04 -5.17
N GLY B 653 5.64 -51.19 -5.68
CA GLY B 653 4.47 -50.88 -4.88
C GLY B 653 3.21 -50.97 -5.71
N THR B 654 2.10 -50.65 -5.06
CA THR B 654 0.80 -50.68 -5.72
C THR B 654 0.66 -49.52 -6.69
N LYS B 655 -0.46 -49.52 -7.43
CA LYS B 655 -0.70 -48.45 -8.41
C LYS B 655 -0.91 -47.11 -7.72
N ALA B 656 -1.62 -47.11 -6.58
CA ALA B 656 -1.85 -45.87 -5.86
C ALA B 656 -0.62 -45.43 -5.06
N ASP B 657 0.21 -46.37 -4.65
CA ASP B 657 1.40 -46.01 -3.87
C ASP B 657 2.44 -45.32 -4.75
N ILE B 658 2.68 -45.86 -5.95
CA ILE B 658 3.66 -45.24 -6.84
C ILE B 658 3.13 -43.94 -7.41
N GLU B 659 1.80 -43.79 -7.48
CA GLU B 659 1.21 -42.57 -8.04
C GLU B 659 1.54 -41.36 -7.18
N LYS B 660 1.46 -41.50 -5.86
CA LYS B 660 1.79 -40.38 -4.97
C LYS B 660 3.29 -40.13 -4.93
N LEU B 661 4.09 -41.17 -5.17
CA LEU B 661 5.54 -41.00 -5.16
C LEU B 661 6.01 -40.27 -6.41
N LEU B 662 5.47 -40.64 -7.57
CA LEU B 662 5.83 -39.91 -8.79
C LEU B 662 5.25 -38.51 -8.80
N ASN B 663 4.12 -38.30 -8.11
CA ASN B 663 3.58 -36.95 -7.97
C ASN B 663 4.50 -36.10 -7.11
N GLU B 664 4.89 -36.60 -5.95
CA GLU B 664 5.84 -35.88 -5.11
C GLU B 664 7.19 -35.73 -5.78
N LEU B 665 7.52 -36.62 -6.72
CA LEU B 665 8.78 -36.48 -7.46
C LEU B 665 8.73 -35.30 -8.42
N LYS B 666 7.53 -34.89 -8.83
CA LYS B 666 7.42 -33.72 -9.72
C LYS B 666 7.77 -32.44 -8.98
N SER B 667 7.41 -32.35 -7.69
CA SER B 667 7.71 -31.14 -6.92
C SER B 667 9.17 -31.08 -6.53
N ASP B 668 9.71 -32.17 -5.97
CA ASP B 668 11.10 -32.20 -5.53
C ASP B 668 12.07 -32.19 -6.70
N GLY B 669 11.60 -32.42 -7.92
CA GLY B 669 12.49 -32.42 -9.07
C GLY B 669 13.07 -33.77 -9.42
N ARG B 670 12.35 -34.85 -9.16
CA ARG B 670 12.83 -36.19 -9.45
C ARG B 670 12.17 -36.82 -10.67
N VAL B 671 11.03 -36.30 -11.11
CA VAL B 671 10.32 -36.80 -12.28
C VAL B 671 9.92 -35.62 -13.16
N TYR B 672 10.39 -35.62 -14.40
CA TYR B 672 10.09 -34.57 -15.36
C TYR B 672 9.30 -35.14 -16.53
N GLU B 673 8.32 -34.39 -17.01
CA GLU B 673 7.48 -34.82 -18.12
C GLU B 673 7.05 -33.58 -18.90
N PRO B 674 7.69 -33.30 -20.03
CA PRO B 674 7.27 -32.13 -20.83
C PRO B 674 5.86 -32.27 -21.38
N ARG B 675 5.53 -33.43 -21.95
CA ARG B 675 4.21 -33.68 -22.48
C ARG B 675 3.38 -34.48 -21.49
N ALA B 676 2.06 -34.44 -21.69
CA ALA B 676 1.16 -35.15 -20.78
C ALA B 676 1.06 -36.63 -21.11
N GLY B 677 1.14 -36.98 -22.40
CA GLY B 677 0.99 -38.38 -22.79
C GLY B 677 2.12 -39.26 -22.27
N PHE B 678 3.34 -38.76 -22.30
CA PHE B 678 4.51 -39.50 -21.85
C PHE B 678 5.08 -38.88 -20.59
N TYR B 679 5.41 -39.72 -19.62
CA TYR B 679 6.01 -39.29 -18.36
C TYR B 679 7.36 -39.97 -18.19
N ARG B 680 8.32 -39.23 -17.64
CA ARG B 680 9.68 -39.72 -17.46
C ARG B 680 10.18 -39.36 -16.07
N VAL B 681 11.30 -39.96 -15.69
CA VAL B 681 11.94 -39.74 -14.41
C VAL B 681 13.26 -39.02 -14.65
N ILE B 682 13.47 -37.91 -13.94
CA ILE B 682 14.66 -37.10 -14.12
C ILE B 682 15.61 -37.27 -12.94
N MET C 1 43.33 28.61 15.38
CA MET C 1 44.14 29.28 16.39
C MET C 1 45.59 29.39 15.93
N ASP C 2 46.09 30.62 15.89
CA ASP C 2 47.46 30.96 15.46
C ASP C 2 47.90 30.11 14.27
N ARG C 3 47.11 30.20 13.19
CA ARG C 3 47.43 29.45 11.98
C ARG C 3 48.75 29.90 11.38
N GLU C 4 49.02 31.21 11.38
CA GLU C 4 50.29 31.70 10.86
C GLU C 4 51.45 31.25 11.74
N GLU C 5 51.23 31.16 13.05
CA GLU C 5 52.28 30.69 13.94
C GLU C 5 52.55 29.20 13.76
N MET C 6 51.50 28.42 13.51
CA MET C 6 51.69 26.99 13.27
C MET C 6 52.47 26.73 11.99
N ILE C 7 52.29 27.58 10.98
CA ILE C 7 53.06 27.44 9.74
C ILE C 7 54.55 27.62 10.03
N ALA C 8 54.89 28.59 10.87
CA ALA C 8 56.29 28.79 11.24
C ALA C 8 56.81 27.64 12.09
N ARG C 9 55.96 27.07 12.94
CA ARG C 9 56.38 25.94 13.76
C ARG C 9 56.57 24.68 12.91
N PHE C 10 55.68 24.45 11.95
CA PHE C 10 55.85 23.31 11.05
C PHE C 10 57.09 23.48 10.18
N ALA C 11 57.36 24.72 9.74
CA ALA C 11 58.56 24.96 8.95
C ALA C 11 59.83 24.80 9.77
N LYS C 12 59.76 25.08 11.08
CA LYS C 12 60.93 24.90 11.94
C LYS C 12 61.28 23.43 12.07
N PHE C 13 60.27 22.57 12.29
CA PHE C 13 60.53 21.13 12.39
C PHE C 13 60.88 20.54 11.03
N LEU C 14 60.44 21.18 9.95
CA LEU C 14 60.73 20.69 8.60
C LEU C 14 62.11 21.18 8.14
N ILE C 27 64.74 18.44 8.77
CA ILE C 27 64.54 18.75 7.36
C ILE C 27 64.93 17.55 6.51
N ASN C 28 65.51 16.52 7.16
CA ASN C 28 65.89 15.32 6.45
C ASN C 28 64.67 14.58 5.90
N ARG C 29 63.53 14.70 6.56
CA ARG C 29 62.31 14.06 6.07
C ARG C 29 61.84 14.71 4.77
N LEU C 30 61.93 16.03 4.69
CA LEU C 30 61.60 16.71 3.44
C LEU C 30 62.77 16.68 2.46
N LYS C 31 63.95 16.25 2.92
CA LYS C 31 65.13 16.24 2.06
C LYS C 31 65.02 15.22 0.94
N ASP C 32 64.54 14.00 1.24
CA ASP C 32 64.43 12.99 0.19
C ASP C 32 63.27 13.32 -0.76
N LEU C 33 62.18 13.88 -0.23
CA LEU C 33 61.10 14.37 -1.08
C LEU C 33 61.59 15.44 -2.03
N LEU C 34 62.54 16.27 -1.59
CA LEU C 34 63.13 17.27 -2.47
C LEU C 34 63.83 16.62 -3.65
N THR C 35 64.34 15.40 -3.47
CA THR C 35 64.96 14.67 -4.57
C THR C 35 63.93 14.04 -5.49
N VAL C 36 63.01 13.26 -4.93
CA VAL C 36 61.99 12.59 -5.72
C VAL C 36 60.82 13.54 -5.98
N THR C 37 60.75 14.06 -7.19
CA THR C 37 59.70 15.01 -7.58
C THR C 37 58.35 14.35 -7.83
N PRO C 38 58.26 13.21 -8.55
CA PRO C 38 56.94 12.62 -8.82
C PRO C 38 56.19 12.18 -7.57
N LYS C 39 56.86 12.06 -6.42
CA LYS C 39 56.17 11.71 -5.19
C LYS C 39 55.21 12.82 -4.80
N ARG C 40 53.90 12.53 -4.86
CA ARG C 40 52.86 13.51 -4.63
C ARG C 40 52.47 13.63 -3.16
N SER C 41 53.16 12.94 -2.26
CA SER C 41 52.82 12.97 -0.85
C SER C 41 54.10 12.98 -0.02
N LEU C 42 53.92 13.06 1.30
CA LEU C 42 55.03 13.08 2.25
C LEU C 42 54.61 12.34 3.50
N ALA C 43 55.31 11.25 3.82
CA ALA C 43 55.03 10.47 5.01
C ALA C 43 55.70 11.15 6.21
N ILE C 44 54.89 11.74 7.08
CA ILE C 44 55.37 12.45 8.26
C ILE C 44 55.05 11.63 9.49
N ASP C 45 55.99 11.56 10.43
CA ASP C 45 55.83 10.81 11.66
C ASP C 45 55.39 11.74 12.77
N TRP C 46 54.41 11.30 13.56
CA TRP C 46 53.94 12.11 14.68
C TRP C 46 54.94 12.10 15.84
N ALA C 47 55.59 10.96 16.08
CA ALA C 47 56.59 10.90 17.16
C ALA C 47 57.79 11.77 16.85
N HIS C 48 58.14 11.93 15.57
CA HIS C 48 59.21 12.85 15.20
C HIS C 48 58.81 14.29 15.47
N LEU C 49 57.59 14.67 15.07
CA LEU C 49 57.10 16.02 15.36
C LEU C 49 56.92 16.23 16.86
N ASN C 50 56.56 15.18 17.59
CA ASN C 50 56.42 15.30 19.04
C ASN C 50 57.76 15.59 19.71
N SER C 51 58.86 15.08 19.16
CA SER C 51 60.17 15.35 19.72
C SER C 51 60.61 16.78 19.43
N PHE C 52 60.39 17.25 18.20
CA PHE C 52 60.79 18.61 17.85
C PHE C 52 59.88 19.64 18.50
N ASP C 53 58.57 19.49 18.32
CA ASP C 53 57.59 20.42 18.88
C ASP C 53 56.43 19.63 19.46
N PRO C 54 56.45 19.36 20.77
CA PRO C 54 55.35 18.59 21.37
C PRO C 54 54.03 19.35 21.39
N GLU C 55 54.07 20.68 21.56
CA GLU C 55 52.84 21.46 21.56
C GLU C 55 52.21 21.48 20.17
N LEU C 56 53.03 21.53 19.12
CA LEU C 56 52.49 21.50 17.76
C LEU C 56 51.88 20.14 17.45
N ALA C 57 52.51 19.06 17.89
CA ALA C 57 51.96 17.73 17.66
C ALA C 57 50.67 17.51 18.45
N ASP C 58 50.52 18.20 19.58
CA ASP C 58 49.28 18.09 20.34
C ASP C 58 48.11 18.73 19.61
N GLU C 59 48.36 19.80 18.84
CA GLU C 59 47.30 20.43 18.06
C GLU C 59 46.83 19.56 16.91
N LEU C 60 47.63 18.56 16.51
CA LEU C 60 47.20 17.65 15.44
C LEU C 60 45.99 16.84 15.87
N LEU C 61 46.01 16.32 17.10
CA LEU C 61 44.89 15.54 17.60
C LEU C 61 43.72 16.40 18.03
N ASN C 62 43.99 17.62 18.50
CA ASN C 62 42.92 18.49 19.00
C ASN C 62 42.12 19.09 17.84
N ASN C 63 42.78 19.87 16.98
CA ASN C 63 42.14 20.53 15.85
C ASN C 63 42.81 20.07 14.56
N PRO C 64 42.42 18.90 14.03
CA PRO C 64 43.06 18.42 12.79
C PRO C 64 42.65 19.20 11.56
N GLU C 65 41.56 19.98 11.61
CA GLU C 65 41.13 20.73 10.45
C GLU C 65 42.09 21.87 10.13
N GLU C 66 42.54 22.59 11.16
CA GLU C 66 43.49 23.68 10.97
C GLU C 66 44.94 23.24 11.02
N ALA C 67 45.21 22.00 11.43
CA ALA C 67 46.58 21.50 11.52
C ALA C 67 47.07 20.91 10.21
N ILE C 68 46.21 20.18 9.49
CA ILE C 68 46.63 19.59 8.22
C ILE C 68 46.76 20.67 7.15
N ALA C 69 45.85 21.63 7.13
CA ALA C 69 45.93 22.70 6.14
C ALA C 69 47.13 23.60 6.38
N SER C 70 47.43 23.91 7.64
CA SER C 70 48.58 24.76 7.94
C SER C 70 49.89 24.03 7.71
N ALA C 71 49.91 22.71 7.88
CA ALA C 71 51.13 21.95 7.64
C ALA C 71 51.43 21.80 6.15
N GLU C 72 50.38 21.68 5.33
CA GLU C 72 50.58 21.56 3.89
C GLU C 72 51.18 22.84 3.30
N ASP C 73 50.65 24.00 3.70
CA ASP C 73 51.19 25.26 3.21
C ASP C 73 52.56 25.55 3.80
N ALA C 74 52.85 25.05 5.00
CA ALA C 74 54.14 25.29 5.62
C ALA C 74 55.25 24.52 4.91
N ILE C 75 55.03 23.23 4.66
CA ILE C 75 56.04 22.43 3.97
C ILE C 75 56.16 22.84 2.51
N GLN C 76 55.16 23.55 1.97
CA GLN C 76 55.30 24.12 0.64
C GLN C 76 56.38 25.20 0.62
N ILE C 77 56.48 25.99 1.69
CA ILE C 77 57.53 27.00 1.79
C ILE C 77 58.88 26.32 2.02
N VAL C 78 58.88 25.17 2.67
CA VAL C 78 60.11 24.44 2.97
C VAL C 78 60.51 23.69 1.70
N LEU C 79 59.67 23.75 0.68
CA LEU C 79 59.93 23.13 -0.61
C LEU C 79 60.47 24.12 -1.64
N ARG C 80 59.89 25.33 -1.69
CA ARG C 80 60.29 26.30 -2.70
C ARG C 80 61.54 27.06 -2.27
N GLU C 81 61.74 27.25 -0.96
CA GLU C 81 62.89 28.02 -0.48
C GLU C 81 64.23 27.34 -0.79
N PRO C 82 64.45 26.07 -0.48
CA PRO C 82 65.74 25.44 -0.79
C PRO C 82 65.86 25.15 -2.28
N PRO C 83 67.04 24.75 -2.75
CA PRO C 83 67.17 24.39 -4.17
C PRO C 83 66.33 23.16 -4.52
N LEU C 84 66.39 22.79 -5.79
CA LEU C 84 65.59 21.71 -6.36
C LEU C 84 64.09 21.94 -6.18
N LEU C 85 63.66 23.19 -6.22
CA LEU C 85 62.25 23.50 -6.09
C LEU C 85 61.51 23.13 -7.38
N VAL C 86 60.40 22.41 -7.24
CA VAL C 86 59.63 22.00 -8.40
C VAL C 86 58.99 23.23 -9.06
N GLU C 87 58.77 23.13 -10.38
CA GLU C 87 58.19 24.24 -11.10
C GLU C 87 56.72 24.46 -10.73
N ARG C 88 55.93 23.39 -10.73
CA ARG C 88 54.52 23.44 -10.39
C ARG C 88 54.33 22.95 -8.96
N GLU C 89 53.75 23.78 -8.12
CA GLU C 89 53.57 23.46 -6.70
C GLU C 89 52.46 22.43 -6.57
N PHE C 90 52.84 21.17 -6.75
CA PHE C 90 51.88 20.07 -6.63
C PHE C 90 51.39 19.95 -5.19
N LYS C 91 50.18 19.41 -5.04
CA LYS C 91 49.57 19.28 -3.72
C LYS C 91 50.38 18.32 -2.85
N VAL C 92 50.85 18.82 -1.71
CA VAL C 92 51.60 18.01 -0.77
C VAL C 92 50.75 17.69 0.46
N HIS C 93 50.08 16.54 0.42
CA HIS C 93 49.22 16.16 1.53
C HIS C 93 50.07 15.67 2.71
N ALA C 94 49.74 16.16 3.91
CA ALA C 94 50.47 15.79 5.12
C ALA C 94 49.92 14.47 5.63
N ARG C 95 50.67 13.39 5.41
CA ARG C 95 50.27 12.05 5.81
C ARG C 95 50.98 11.69 7.11
N PHE C 96 50.21 11.62 8.20
CA PHE C 96 50.73 11.27 9.51
C PHE C 96 50.42 9.80 9.75
N TYR C 97 51.36 8.93 9.36
CA TYR C 97 51.12 7.49 9.45
C TYR C 97 51.16 7.00 10.89
N ASN C 98 52.05 7.56 11.70
CA ASN C 98 52.19 7.16 13.09
C ASN C 98 51.37 8.07 13.99
N LEU C 99 50.93 7.52 15.12
CA LEU C 99 50.17 8.25 16.12
C LEU C 99 50.46 7.64 17.48
N PRO C 100 50.32 8.42 18.56
CA PRO C 100 50.67 7.88 19.89
C PRO C 100 49.74 6.77 20.36
N LYS C 101 48.50 6.75 19.89
CA LYS C 101 47.52 5.76 20.32
C LYS C 101 46.93 5.07 19.10
N THR C 102 46.61 3.78 19.27
CA THR C 102 45.97 2.98 18.23
C THR C 102 44.59 2.56 18.74
N LEU C 103 43.56 2.98 18.03
CA LEU C 103 42.18 2.73 18.43
C LEU C 103 41.63 1.48 17.75
N LEU C 104 40.46 1.06 18.22
CA LEU C 104 39.77 -0.10 17.71
C LEU C 104 38.43 0.32 17.08
N VAL C 105 37.95 -0.48 16.14
CA VAL C 105 36.66 -0.19 15.52
C VAL C 105 35.54 -0.30 16.56
N LYS C 106 35.65 -1.27 17.46
CA LYS C 106 34.68 -1.39 18.54
C LYS C 106 34.85 -0.27 19.56
N GLU C 107 36.10 0.07 19.89
CA GLU C 107 36.36 1.15 20.84
C GLU C 107 36.02 2.52 20.26
N LEU C 108 35.97 2.65 18.94
CA LEU C 108 35.67 3.93 18.31
C LEU C 108 34.24 4.34 18.62
N GLY C 109 34.06 5.61 18.98
CA GLY C 109 32.75 6.14 19.29
C GLY C 109 32.55 7.56 18.81
N SER C 110 31.51 8.22 19.31
CA SER C 110 31.22 9.59 18.92
C SER C 110 32.12 10.62 19.62
N GLU C 111 32.90 10.21 20.62
CA GLU C 111 33.77 11.13 21.31
C GLU C 111 34.99 11.53 20.47
N HIS C 112 35.47 10.63 19.60
CA HIS C 112 36.63 10.89 18.77
C HIS C 112 36.28 11.62 17.47
N ILE C 113 35.09 12.20 17.37
CA ILE C 113 34.70 12.93 16.17
C ILE C 113 35.52 14.21 16.07
N ASN C 114 35.97 14.53 14.85
CA ASN C 114 36.81 15.69 14.59
C ASN C 114 38.13 15.63 15.35
N LYS C 115 38.65 14.41 15.54
CA LYS C 115 39.91 14.19 16.22
C LYS C 115 40.77 13.25 15.39
N LEU C 116 42.07 13.53 15.34
CA LEU C 116 43.00 12.70 14.58
C LEU C 116 43.17 11.36 15.29
N ILE C 117 42.62 10.30 14.70
CA ILE C 117 42.60 8.98 15.30
C ILE C 117 43.39 8.01 14.42
N GLN C 118 43.69 6.84 14.99
CA GLN C 118 44.40 5.77 14.29
C GLN C 118 43.71 4.46 14.66
N VAL C 119 42.73 4.06 13.85
CA VAL C 119 41.94 2.86 14.11
C VAL C 119 42.46 1.73 13.24
N GLU C 120 42.56 0.53 13.81
CA GLU C 120 43.00 -0.65 13.10
C GLU C 120 41.83 -1.58 12.83
N GLY C 121 41.92 -2.33 11.74
CA GLY C 121 40.85 -3.24 11.38
C GLY C 121 41.14 -3.92 10.07
N ILE C 122 40.10 -4.47 9.47
CA ILE C 122 40.19 -5.16 8.18
C ILE C 122 39.11 -4.61 7.26
N ILE C 123 39.47 -4.38 6.00
CA ILE C 123 38.54 -3.85 5.02
C ILE C 123 37.69 -4.97 4.47
N THR C 124 36.37 -4.78 4.50
CA THR C 124 35.42 -5.77 3.97
C THR C 124 34.77 -5.33 2.68
N ARG C 125 34.34 -4.07 2.58
CA ARG C 125 33.72 -3.53 1.39
C ARG C 125 34.61 -2.44 0.80
N VAL C 126 34.45 -2.20 -0.50
CA VAL C 126 35.21 -1.16 -1.19
C VAL C 126 34.45 -0.79 -2.45
N SER C 127 34.44 0.50 -2.77
CA SER C 127 33.74 1.01 -3.94
C SER C 127 34.72 1.17 -5.10
N GLU C 128 34.19 1.65 -6.23
CA GLU C 128 35.00 1.86 -7.42
C GLU C 128 35.78 3.17 -7.30
N VAL C 129 36.46 3.53 -8.38
CA VAL C 129 37.20 4.80 -8.44
C VAL C 129 36.20 5.84 -8.92
N LYS C 130 35.45 6.40 -7.98
CA LYS C 130 34.41 7.36 -8.31
C LYS C 130 34.97 8.77 -8.27
N PRO C 131 35.00 9.49 -9.40
CA PRO C 131 35.49 10.87 -9.38
C PRO C 131 34.50 11.80 -8.73
N PHE C 132 35.02 12.78 -8.00
CA PHE C 132 34.20 13.79 -7.34
C PHE C 132 34.81 15.16 -7.57
N VAL C 133 33.96 16.18 -7.58
CA VAL C 133 34.41 17.55 -7.80
C VAL C 133 34.85 18.16 -6.48
N GLU C 134 36.03 18.76 -6.48
CA GLU C 134 36.57 19.42 -5.28
C GLU C 134 36.08 20.85 -5.17
N LYS C 135 36.36 21.66 -6.20
CA LYS C 135 35.89 23.05 -6.26
C LYS C 135 34.68 23.08 -7.19
N ALA C 136 33.49 23.00 -6.60
CA ALA C 136 32.26 22.94 -7.36
C ALA C 136 31.89 24.33 -7.84
N VAL C 137 32.34 24.69 -9.04
CA VAL C 137 31.99 25.97 -9.64
C VAL C 137 30.63 25.84 -10.31
N PHE C 138 29.70 26.69 -9.91
CA PHE C 138 28.36 26.66 -10.50
C PHE C 138 28.27 27.69 -11.62
N VAL C 139 27.79 27.25 -12.78
CA VAL C 139 27.70 28.17 -13.91
C VAL C 139 26.43 28.99 -13.87
N CYS C 140 26.56 30.30 -13.65
CA CYS C 140 25.39 31.16 -13.67
C CYS C 140 25.60 32.22 -14.75
N ARG C 141 24.84 32.11 -15.83
CA ARG C 141 25.03 33.04 -16.94
C ARG C 141 24.89 34.48 -16.48
N ASP C 142 23.92 34.74 -15.62
CA ASP C 142 23.69 36.10 -15.15
C ASP C 142 24.90 36.65 -14.41
N CYS C 143 25.42 35.90 -13.44
CA CYS C 143 26.58 36.34 -12.68
C CYS C 143 27.00 35.31 -11.62
N GLY C 144 28.22 35.42 -11.13
CA GLY C 144 28.70 34.50 -10.12
C GLY C 144 29.15 33.18 -10.72
N ASN C 145 30.16 33.25 -11.58
CA ASN C 145 30.60 32.07 -12.32
C ASN C 145 31.61 31.27 -11.53
N GLU C 146 32.69 31.92 -11.08
CA GLU C 146 33.79 31.21 -10.44
C GLU C 146 33.51 30.90 -8.97
N MET C 147 32.31 31.20 -8.47
CA MET C 147 31.98 30.89 -7.08
C MET C 147 32.05 29.40 -6.83
N VAL C 148 32.62 29.03 -5.69
CA VAL C 148 32.87 27.63 -5.34
C VAL C 148 32.14 27.34 -4.04
N ARG C 149 31.36 26.25 -4.03
CA ARG C 149 30.78 25.71 -2.80
C ARG C 149 31.44 24.37 -2.53
N LEU C 150 32.54 24.41 -1.78
CA LEU C 150 33.37 23.24 -1.54
C LEU C 150 32.54 22.11 -0.92
N GLN C 151 32.39 21.03 -1.68
CA GLN C 151 31.63 19.87 -1.25
C GLN C 151 32.57 18.67 -1.08
N ARG C 152 32.29 17.86 -0.08
CA ARG C 152 33.07 16.64 0.12
C ARG C 152 32.40 15.48 -0.62
N PRO C 153 33.18 14.47 -1.04
CA PRO C 153 32.59 13.41 -1.88
C PRO C 153 31.45 12.66 -1.22
N TYR C 154 31.51 12.47 0.10
CA TYR C 154 30.42 11.79 0.79
C TYR C 154 29.21 12.70 0.98
N GLU C 155 29.44 14.01 1.05
CA GLU C 155 28.36 14.96 1.30
C GLU C 155 27.32 14.92 0.17
N ASN C 156 26.13 15.41 0.48
CA ASN C 156 25.03 15.39 -0.47
C ASN C 156 25.23 16.48 -1.54
N LEU C 157 24.22 16.60 -2.41
CA LEU C 157 24.28 17.57 -3.49
C LEU C 157 24.19 18.99 -2.94
N VAL C 158 25.16 19.82 -3.30
CA VAL C 158 25.19 21.23 -2.89
C VAL C 158 24.62 22.07 -4.04
N LYS C 159 23.71 22.99 -3.69
CA LYS C 159 23.10 23.87 -4.68
C LYS C 159 22.66 25.17 -4.01
N PRO C 160 23.12 26.31 -4.50
CA PRO C 160 22.70 27.58 -3.90
C PRO C 160 21.27 27.94 -4.31
N ALA C 161 20.58 28.63 -3.40
CA ALA C 161 19.19 29.00 -3.66
C ALA C 161 19.08 30.21 -4.57
N LYS C 162 20.02 31.14 -4.50
CA LYS C 162 20.00 32.34 -5.32
C LYS C 162 21.40 32.92 -5.41
N CYS C 163 21.68 33.58 -6.52
CA CYS C 163 22.97 34.22 -6.73
C CYS C 163 23.00 35.54 -5.98
N ASP C 164 24.02 35.72 -5.13
CA ASP C 164 24.12 36.94 -4.33
C ASP C 164 24.55 38.13 -5.18
N ALA C 165 25.18 37.92 -6.33
CA ALA C 165 25.69 39.03 -7.12
C ALA C 165 24.57 39.74 -7.86
N CYS C 166 23.74 38.99 -8.60
CA CYS C 166 22.70 39.60 -9.42
C CYS C 166 21.29 39.15 -9.07
N GLY C 167 21.12 38.26 -8.10
CA GLY C 167 19.79 37.85 -7.70
C GLY C 167 19.10 36.90 -8.65
N SER C 168 19.84 36.28 -9.56
CA SER C 168 19.27 35.34 -10.51
C SER C 168 19.20 33.94 -9.92
N ARG C 169 18.24 33.14 -10.42
CA ARG C 169 18.03 31.79 -9.95
C ARG C 169 18.33 30.74 -11.02
N ASN C 170 18.82 31.15 -12.18
CA ASN C 170 19.17 30.22 -13.26
C ASN C 170 20.48 29.52 -12.87
N ILE C 171 20.36 28.55 -11.98
CA ILE C 171 21.50 27.86 -11.39
C ILE C 171 21.78 26.59 -12.18
N GLU C 172 23.06 26.33 -12.46
CA GLU C 172 23.47 25.11 -13.14
C GLU C 172 24.93 24.83 -12.77
N LEU C 173 25.37 23.62 -13.08
CA LEU C 173 26.71 23.16 -12.70
C LEU C 173 27.67 23.36 -13.86
N ASP C 174 28.86 23.90 -13.55
CA ASP C 174 29.90 24.13 -14.55
C ASP C 174 30.96 23.06 -14.33
N VAL C 175 30.82 21.94 -15.06
CA VAL C 175 31.79 20.86 -14.96
C VAL C 175 32.96 21.02 -15.92
N ASP C 176 33.00 22.11 -16.68
CA ASP C 176 34.13 22.38 -17.56
C ASP C 176 35.30 23.03 -16.82
N LYS C 177 35.01 23.91 -15.87
CA LYS C 177 36.03 24.52 -15.03
C LYS C 177 36.19 23.80 -13.69
N SER C 178 35.37 22.81 -13.41
CA SER C 178 35.44 22.09 -12.14
C SER C 178 36.66 21.18 -12.12
N ARG C 179 37.41 21.21 -11.01
CA ARG C 179 38.58 20.37 -10.83
C ARG C 179 38.15 19.11 -10.06
N PHE C 180 38.03 18.00 -10.78
CA PHE C 180 37.58 16.76 -10.19
C PHE C 180 38.77 15.97 -9.64
N LEU C 181 38.52 15.26 -8.53
CA LEU C 181 39.53 14.44 -7.88
C LEU C 181 39.00 13.01 -7.72
N ASN C 182 39.90 12.09 -7.43
CA ASN C 182 39.53 10.70 -7.21
C ASN C 182 38.96 10.51 -5.82
N PHE C 183 38.10 9.50 -5.69
CA PHE C 183 37.43 9.22 -4.42
C PHE C 183 37.02 7.76 -4.38
N GLN C 184 37.24 7.11 -3.24
CA GLN C 184 36.85 5.73 -3.03
C GLN C 184 36.38 5.56 -1.59
N SER C 185 35.29 4.82 -1.41
CA SER C 185 34.71 4.58 -0.10
C SER C 185 34.79 3.10 0.23
N PHE C 186 35.37 2.78 1.39
CA PHE C 186 35.50 1.41 1.84
C PHE C 186 34.88 1.28 3.23
N ARG C 187 34.85 0.04 3.72
CA ARG C 187 34.25 -0.28 5.02
C ARG C 187 35.29 -1.00 5.86
N LEU C 188 35.65 -0.42 6.99
CA LEU C 188 36.64 -0.97 7.90
C LEU C 188 35.92 -1.68 9.05
N GLN C 189 36.12 -2.99 9.16
CA GLN C 189 35.50 -3.81 10.19
C GLN C 189 36.56 -4.37 11.13
N ASP C 190 36.09 -4.97 12.22
CA ASP C 190 36.99 -5.58 13.18
C ASP C 190 37.70 -6.79 12.57
N ARG C 191 38.96 -6.97 12.94
CA ARG C 191 39.74 -8.10 12.43
C ARG C 191 39.23 -9.39 13.05
N PRO C 192 38.94 -10.42 12.25
CA PRO C 192 38.46 -11.69 12.82
C PRO C 192 39.54 -12.49 13.52
N GLU C 193 40.80 -12.04 13.48
CA GLU C 193 41.88 -12.80 14.12
C GLU C 193 41.82 -12.65 15.64
N SER C 194 41.85 -11.42 16.12
CA SER C 194 41.85 -11.15 17.56
C SER C 194 40.65 -10.33 18.02
N LEU C 195 40.19 -9.37 17.23
CA LEU C 195 39.04 -8.55 17.61
C LEU C 195 37.72 -9.29 17.49
N LYS C 196 37.71 -10.55 17.07
CA LYS C 196 36.48 -11.32 17.03
C LYS C 196 36.01 -11.73 18.42
N GLY C 197 36.81 -11.50 19.46
CA GLY C 197 36.39 -11.85 20.80
C GLY C 197 35.11 -11.13 21.23
N GLY C 198 34.94 -9.89 20.78
CA GLY C 198 33.72 -9.16 21.06
C GLY C 198 32.48 -9.68 20.37
N GLN C 199 32.65 -10.55 19.37
CA GLN C 199 31.54 -11.16 18.64
C GLN C 199 30.62 -10.12 18.01
N MET C 200 31.19 -8.97 17.64
CA MET C 200 30.42 -7.88 17.01
C MET C 200 31.22 -7.33 15.83
N PRO C 201 30.84 -7.66 14.60
CA PRO C 201 31.55 -7.11 13.42
C PRO C 201 31.17 -5.66 13.14
N ARG C 202 31.53 -4.77 14.05
CA ARG C 202 31.23 -3.35 13.88
C ARG C 202 32.01 -2.80 12.70
N PHE C 203 31.44 -1.77 12.06
CA PHE C 203 32.03 -1.19 10.86
C PHE C 203 31.97 0.32 10.93
N VAL C 204 33.01 0.96 10.40
CA VAL C 204 33.07 2.42 10.29
C VAL C 204 33.43 2.77 8.86
N ASP C 205 32.43 3.19 8.08
CA ASP C 205 32.65 3.54 6.69
C ASP C 205 33.60 4.72 6.57
N ALA C 206 34.60 4.57 5.70
CA ALA C 206 35.62 5.59 5.49
C ALA C 206 35.72 5.93 4.01
N ILE C 207 36.40 7.04 3.72
CA ILE C 207 36.59 7.51 2.36
C ILE C 207 38.07 7.55 2.05
N LEU C 208 38.39 7.57 0.76
CA LEU C 208 39.77 7.62 0.29
C LEU C 208 39.90 8.73 -0.75
N LEU C 209 41.06 9.39 -0.74
CA LEU C 209 41.33 10.51 -1.65
C LEU C 209 42.49 10.17 -2.57
N ASP C 210 42.98 11.17 -3.31
CA ASP C 210 44.15 10.96 -4.15
C ASP C 210 45.30 10.39 -3.35
N ASP C 211 46.06 9.48 -3.97
CA ASP C 211 47.13 8.72 -3.36
C ASP C 211 46.63 7.81 -2.23
N LEU C 212 45.32 7.64 -2.11
CA LEU C 212 44.75 6.71 -1.14
C LEU C 212 43.78 5.77 -1.85
N VAL C 213 43.29 6.19 -3.02
CA VAL C 213 42.40 5.34 -3.80
C VAL C 213 43.17 4.14 -4.35
N ASP C 214 42.51 2.98 -4.34
CA ASP C 214 43.10 1.73 -4.82
C ASP C 214 44.41 1.41 -4.10
N ALA C 215 44.43 1.62 -2.79
CA ALA C 215 45.60 1.34 -1.97
C ALA C 215 45.42 0.14 -1.07
N ALA C 216 44.25 -0.50 -1.08
CA ALA C 216 43.99 -1.67 -0.26
C ALA C 216 42.80 -2.42 -0.81
N LEU C 217 42.84 -3.74 -0.73
CA LEU C 217 41.78 -4.62 -1.21
C LEU C 217 40.95 -5.13 -0.04
N PRO C 218 39.71 -5.56 -0.30
CA PRO C 218 38.89 -6.10 0.79
C PRO C 218 39.51 -7.38 1.36
N GLY C 219 39.30 -7.57 2.66
CA GLY C 219 39.90 -8.70 3.35
C GLY C 219 41.38 -8.54 3.63
N ASP C 220 41.84 -7.30 3.80
CA ASP C 220 43.24 -7.01 4.07
C ASP C 220 43.36 -6.27 5.41
N ARG C 221 44.43 -6.57 6.14
CA ARG C 221 44.68 -5.93 7.42
C ARG C 221 45.39 -4.60 7.19
N VAL C 222 44.70 -3.49 7.48
CA VAL C 222 45.24 -2.15 7.27
C VAL C 222 45.13 -1.37 8.56
N LEU C 223 45.99 -0.35 8.68
CA LEU C 223 46.01 0.56 9.82
C LEU C 223 45.81 1.97 9.27
N VAL C 224 44.55 2.39 9.21
CA VAL C 224 44.20 3.71 8.70
C VAL C 224 44.31 4.73 9.82
N THR C 225 44.64 5.97 9.46
CA THR C 225 44.78 7.06 10.42
C THR C 225 44.30 8.35 9.74
N GLY C 226 43.06 8.74 10.06
CA GLY C 226 42.44 9.90 9.46
C GLY C 226 41.58 10.65 10.46
N VAL C 227 40.88 11.66 9.94
CA VAL C 227 40.01 12.51 10.75
C VAL C 227 38.60 11.93 10.70
N LEU C 228 37.98 11.77 11.86
CA LEU C 228 36.63 11.22 11.95
C LEU C 228 35.63 12.34 11.64
N ARG C 229 35.13 12.35 10.41
CA ARG C 229 34.16 13.35 9.97
C ARG C 229 32.74 12.83 10.14
N VAL C 230 31.78 13.72 9.83
CA VAL C 230 30.36 13.41 9.97
C VAL C 230 29.63 13.92 8.73
N ILE C 231 28.42 13.40 8.54
CA ILE C 231 27.59 13.76 7.39
C ILE C 231 26.12 13.79 7.83
N LEU C 232 25.44 14.88 7.49
CA LEU C 232 24.01 15.02 7.77
C LEU C 232 23.21 14.50 6.58
N GLU C 233 23.21 13.17 6.44
CA GLU C 233 22.55 12.54 5.31
C GLU C 233 21.03 12.63 5.40
N GLN C 234 20.49 12.60 6.61
CA GLN C 234 19.06 12.65 6.83
C GLN C 234 18.67 14.01 7.39
N ARG C 235 17.49 14.48 7.00
CA ARG C 235 16.96 15.77 7.44
C ARG C 235 15.89 15.62 8.52
N GLU C 236 15.70 14.41 9.05
CA GLU C 236 14.70 14.21 10.09
C GLU C 236 15.11 14.81 11.43
N LYS C 237 16.40 15.11 11.62
CA LYS C 237 16.87 15.68 12.86
C LYS C 237 18.12 16.51 12.59
N ARG C 238 18.32 17.54 13.41
CA ARG C 238 19.51 18.37 13.28
C ARG C 238 20.81 17.62 13.57
N PRO C 239 20.92 16.80 14.61
CA PRO C 239 22.18 16.08 14.84
C PRO C 239 22.50 15.12 13.71
N ILE C 240 23.78 14.73 13.67
CA ILE C 240 24.27 13.85 12.62
C ILE C 240 23.60 12.47 12.72
N PHE C 241 23.46 11.82 11.56
CA PHE C 241 22.92 10.47 11.49
C PHE C 241 23.97 9.40 11.22
N LYS C 242 25.12 9.77 10.67
CA LYS C 242 26.16 8.80 10.35
C LYS C 242 27.51 9.49 10.32
N LYS C 243 28.52 8.81 10.87
CA LYS C 243 29.88 9.31 10.89
C LYS C 243 30.72 8.58 9.84
N ILE C 244 31.60 9.33 9.19
CA ILE C 244 32.45 8.80 8.13
C ILE C 244 33.89 9.25 8.40
N LEU C 245 34.78 8.29 8.55
CA LEU C 245 36.19 8.58 8.85
C LEU C 245 36.88 9.05 7.58
N GLU C 246 37.30 10.31 7.56
CA GLU C 246 38.06 10.87 6.45
C GLU C 246 39.51 10.41 6.59
N VAL C 247 39.88 9.37 5.85
CA VAL C 247 41.21 8.79 5.99
C VAL C 247 42.25 9.75 5.42
N ASN C 248 43.24 10.09 6.25
CA ASN C 248 44.34 10.94 5.82
C ASN C 248 45.52 10.12 5.30
N HIS C 249 45.80 8.98 5.91
CA HIS C 249 46.86 8.10 5.47
C HIS C 249 46.44 6.66 5.71
N ILE C 250 46.77 5.79 4.76
CA ILE C 250 46.48 4.37 4.86
C ILE C 250 47.78 3.59 4.86
N GLU C 251 47.81 2.50 5.62
CA GLU C 251 49.01 1.68 5.74
C GLU C 251 48.61 0.29 6.21
N GLN C 252 49.20 -0.73 5.60
CA GLN C 252 48.90 -2.11 5.98
C GLN C 252 49.51 -2.42 7.34
N LEU C 253 48.77 -3.20 8.13
CA LEU C 253 49.23 -3.55 9.47
C LEU C 253 50.48 -4.42 9.39
N SER C 254 51.36 -4.25 10.38
CA SER C 254 52.58 -5.04 10.43
C SER C 254 52.27 -6.50 10.74
N LYS C 255 53.30 -7.34 10.65
CA LYS C 255 53.12 -8.77 10.86
C LYS C 255 52.84 -9.08 12.33
N GLU C 256 53.52 -8.38 13.24
CA GLU C 256 53.41 -8.69 14.66
C GLU C 256 52.00 -8.38 15.19
N ILE C 257 51.36 -7.34 14.65
CA ILE C 257 50.06 -6.95 15.17
C ILE C 257 48.95 -7.80 14.57
N GLU C 258 49.15 -8.30 13.35
CA GLU C 258 48.13 -9.10 12.67
C GLU C 258 48.33 -10.60 12.86
N GLU C 259 49.28 -10.99 13.70
CA GLU C 259 49.54 -12.40 13.99
C GLU C 259 49.61 -12.61 15.49
N LEU C 260 49.42 -13.86 15.91
CA LEU C 260 49.45 -14.19 17.32
C LEU C 260 50.86 -14.01 17.88
N GLU C 261 50.95 -13.34 19.02
CA GLU C 261 52.22 -13.11 19.70
C GLU C 261 52.36 -14.05 20.88
N ILE C 262 53.60 -14.46 21.15
CA ILE C 262 53.91 -15.40 22.21
C ILE C 262 54.90 -14.74 23.17
N SER C 263 54.66 -14.92 24.46
CA SER C 263 55.56 -14.36 25.46
C SER C 263 56.88 -15.13 25.49
N PRO C 264 57.97 -14.49 25.89
CA PRO C 264 59.26 -15.20 25.96
C PRO C 264 59.25 -16.35 26.94
N GLU C 265 58.50 -16.24 28.05
CA GLU C 265 58.40 -17.36 28.98
C GLU C 265 57.65 -18.53 28.37
N ASP C 266 56.73 -18.27 27.43
CA ASP C 266 56.01 -19.35 26.78
C ASP C 266 56.82 -19.99 25.66
N GLU C 267 57.75 -19.24 25.06
CA GLU C 267 58.61 -19.81 24.02
C GLU C 267 59.46 -20.95 24.56
N GLN C 268 59.78 -20.91 25.85
CA GLN C 268 60.56 -22.00 26.45
C GLN C 268 59.69 -23.23 26.69
N LYS C 269 58.47 -23.03 27.20
CA LYS C 269 57.58 -24.16 27.48
C LYS C 269 57.00 -24.75 26.20
N ILE C 270 56.94 -23.97 25.12
CA ILE C 270 56.51 -24.54 23.84
C ILE C 270 57.59 -25.46 23.29
N ARG C 271 58.85 -25.03 23.34
CA ARG C 271 59.95 -25.91 22.96
C ARG C 271 60.07 -27.09 23.92
N GLU C 272 59.73 -26.89 25.20
CA GLU C 272 59.73 -27.99 26.15
C GLU C 272 58.64 -29.00 25.82
N LEU C 273 57.47 -28.52 25.38
CA LEU C 273 56.39 -29.42 25.00
C LEU C 273 56.75 -30.21 23.75
N ALA C 274 57.55 -29.64 22.86
CA ALA C 274 57.97 -30.35 21.66
C ALA C 274 58.89 -31.52 22.01
N LYS C 275 59.77 -31.33 23.00
CA LYS C 275 60.65 -32.40 23.44
C LYS C 275 59.91 -33.48 24.24
N ARG C 276 58.68 -33.21 24.66
CA ARG C 276 57.92 -34.20 25.41
C ARG C 276 57.52 -35.36 24.50
N LYS C 277 57.61 -36.57 25.04
CA LYS C 277 57.25 -37.76 24.29
C LYS C 277 55.75 -37.78 23.99
N ASP C 278 55.38 -38.60 23.01
CA ASP C 278 54.00 -38.75 22.52
C ASP C 278 53.30 -37.40 22.41
N ILE C 279 53.99 -36.44 21.80
CA ILE C 279 53.41 -35.13 21.59
C ILE C 279 52.27 -35.19 20.57
N VAL C 280 52.37 -36.09 19.60
CA VAL C 280 51.30 -36.24 18.61
C VAL C 280 50.03 -36.78 19.27
N ASP C 281 50.19 -37.78 20.14
CA ASP C 281 49.03 -38.34 20.83
C ASP C 281 48.41 -37.34 21.79
N ALA C 282 49.21 -36.45 22.36
CA ALA C 282 48.68 -35.47 23.31
C ALA C 282 47.84 -34.41 22.60
N ILE C 283 48.28 -33.99 21.41
CA ILE C 283 47.53 -32.97 20.68
C ILE C 283 46.23 -33.54 20.13
N VAL C 284 46.25 -34.80 19.67
CA VAL C 284 45.04 -35.43 19.16
C VAL C 284 43.99 -35.54 20.26
N ASP C 285 44.41 -35.98 21.46
CA ASP C 285 43.48 -36.07 22.58
C ASP C 285 43.05 -34.70 23.09
N SER C 286 43.82 -33.65 22.79
CA SER C 286 43.48 -32.31 23.24
C SER C 286 42.51 -31.59 22.31
N ILE C 287 42.25 -32.14 21.13
CA ILE C 287 41.31 -31.54 20.18
C ILE C 287 39.94 -32.15 20.41
N ALA C 288 39.01 -31.31 20.89
CA ALA C 288 37.64 -31.72 21.18
C ALA C 288 37.60 -32.93 22.10
N PRO C 289 37.96 -32.77 23.39
CA PRO C 289 37.93 -33.93 24.30
C PRO C 289 36.54 -34.41 24.63
N ALA C 290 35.50 -33.60 24.37
CA ALA C 290 34.15 -34.01 24.73
C ALA C 290 33.63 -35.13 23.82
N ILE C 291 33.87 -35.00 22.51
CA ILE C 291 33.40 -36.02 21.58
C ILE C 291 34.24 -37.29 21.74
N TRP C 292 33.60 -38.44 21.67
CA TRP C 292 34.25 -39.73 21.82
C TRP C 292 34.65 -40.28 20.45
N GLY C 293 35.79 -40.98 20.42
CA GLY C 293 36.23 -41.61 19.19
C GLY C 293 36.71 -40.61 18.15
N HIS C 294 36.62 -41.05 16.89
CA HIS C 294 37.05 -40.25 15.74
C HIS C 294 38.51 -39.80 15.87
N ARG C 295 39.36 -40.68 16.41
CA ARG C 295 40.77 -40.34 16.56
C ARG C 295 41.43 -40.09 15.22
N ILE C 296 41.02 -40.84 14.19
CA ILE C 296 41.52 -40.59 12.85
C ILE C 296 41.06 -39.22 12.35
N VAL C 297 39.81 -38.86 12.65
CA VAL C 297 39.30 -37.55 12.27
C VAL C 297 39.97 -36.47 13.10
N LYS C 298 40.26 -36.77 14.37
CA LYS C 298 40.95 -35.80 15.22
C LYS C 298 42.38 -35.55 14.76
N LYS C 299 43.09 -36.61 14.37
CA LYS C 299 44.44 -36.44 13.87
C LYS C 299 44.44 -35.75 12.51
N GLY C 300 43.43 -36.01 11.68
CA GLY C 300 43.35 -35.32 10.40
C GLY C 300 43.13 -33.83 10.56
N ILE C 301 42.31 -33.43 11.54
CA ILE C 301 42.12 -32.02 11.83
C ILE C 301 43.40 -31.43 12.40
N ALA C 302 44.13 -32.20 13.20
CA ALA C 302 45.40 -31.72 13.74
C ALA C 302 46.41 -31.44 12.64
N LEU C 303 46.45 -32.30 11.61
CA LEU C 303 47.34 -32.06 10.48
C LEU C 303 46.89 -30.84 9.68
N ALA C 304 45.59 -30.54 9.68
CA ALA C 304 45.12 -29.35 8.99
C ALA C 304 45.48 -28.08 9.75
N LEU C 305 45.48 -28.14 11.09
CA LEU C 305 45.87 -26.98 11.87
C LEU C 305 47.34 -26.65 11.67
N PHE C 306 48.22 -27.63 11.85
CA PHE C 306 49.65 -27.47 11.56
C PHE C 306 49.86 -27.69 10.06
N GLY C 307 49.45 -26.70 9.28
CA GLY C 307 49.50 -26.81 7.84
C GLY C 307 50.92 -26.95 7.32
N GLY C 308 51.03 -27.53 6.13
CA GLY C 308 52.32 -27.73 5.51
C GLY C 308 52.98 -26.42 5.11
N VAL C 309 54.27 -26.53 4.75
CA VAL C 309 55.03 -25.36 4.35
C VAL C 309 54.52 -24.83 3.02
N GLN C 310 54.37 -23.50 2.94
CA GLN C 310 53.95 -22.84 1.72
C GLN C 310 55.17 -22.19 1.07
N ARG C 311 55.62 -22.75 -0.05
CA ARG C 311 56.79 -22.26 -0.76
C ARG C 311 56.39 -21.69 -2.10
N THR C 312 57.20 -20.77 -2.61
CA THR C 312 57.00 -20.16 -3.92
C THR C 312 58.20 -20.46 -4.80
N LEU C 313 57.94 -20.92 -6.01
CA LEU C 313 59.01 -21.26 -6.93
C LEU C 313 59.46 -20.02 -7.71
N PRO C 314 60.73 -19.97 -8.12
CA PRO C 314 61.21 -18.82 -8.90
C PRO C 314 60.56 -18.71 -10.28
N ASP C 315 59.86 -19.73 -10.74
CA ASP C 315 59.19 -19.70 -12.03
C ASP C 315 57.91 -18.87 -12.03
N GLY C 316 57.48 -18.39 -10.86
CA GLY C 316 56.29 -17.56 -10.73
C GLY C 316 55.16 -18.22 -9.97
N THR C 317 55.07 -19.54 -10.03
CA THR C 317 54.00 -20.25 -9.34
C THR C 317 54.29 -20.35 -7.85
N LYS C 318 53.23 -20.64 -7.08
CA LYS C 318 53.38 -20.78 -5.64
C LYS C 318 52.77 -22.10 -5.19
N LEU C 319 53.57 -22.94 -4.56
CA LEU C 319 53.11 -24.23 -4.09
C LEU C 319 52.13 -24.08 -2.94
N ARG C 320 51.06 -24.87 -2.97
CA ARG C 320 50.04 -24.81 -1.93
C ARG C 320 50.56 -25.37 -0.62
N GLY C 321 50.09 -24.80 0.48
CA GLY C 321 50.51 -25.24 1.80
C GLY C 321 49.38 -25.39 2.78
N GLU C 322 48.20 -25.77 2.28
CA GLU C 322 47.02 -25.96 3.12
C GLU C 322 46.44 -27.35 2.86
N SER C 323 45.73 -27.86 3.87
CA SER C 323 45.10 -29.18 3.81
C SER C 323 43.64 -29.02 4.21
N HIS C 324 42.74 -29.03 3.22
CA HIS C 324 41.32 -28.90 3.49
C HIS C 324 40.74 -30.24 3.93
N VAL C 325 39.82 -30.19 4.89
CA VAL C 325 39.20 -31.38 5.46
C VAL C 325 37.69 -31.29 5.28
N LEU C 326 37.07 -32.40 4.93
CA LEU C 326 35.63 -32.50 4.77
C LEU C 326 35.10 -33.62 5.65
N LEU C 327 34.09 -33.32 6.46
CA LEU C 327 33.52 -34.28 7.41
C LEU C 327 32.10 -34.61 6.96
N VAL C 328 31.97 -35.71 6.23
CA VAL C 328 30.67 -36.19 5.75
C VAL C 328 30.21 -37.33 6.66
N GLY C 329 28.93 -37.31 7.01
CA GLY C 329 28.38 -38.35 7.87
C GLY C 329 26.92 -38.11 8.13
N ASP C 330 26.30 -39.10 8.76
CA ASP C 330 24.89 -39.02 9.09
C ASP C 330 24.66 -38.08 10.28
N PRO C 331 23.48 -37.47 10.37
CA PRO C 331 23.20 -36.58 11.52
C PRO C 331 23.22 -37.36 12.83
N GLY C 332 23.77 -36.72 13.86
CA GLY C 332 23.90 -37.32 15.17
C GLY C 332 25.29 -37.82 15.52
N VAL C 333 26.28 -37.56 14.69
CA VAL C 333 27.65 -38.00 14.96
C VAL C 333 28.52 -36.86 15.50
N ALA C 334 27.90 -35.73 15.88
CA ALA C 334 28.61 -34.58 16.43
C ALA C 334 29.65 -34.04 15.44
N LYS C 335 29.29 -34.01 14.16
CA LYS C 335 30.18 -33.43 13.16
C LYS C 335 30.18 -31.91 13.22
N SER C 336 29.09 -31.30 13.70
CA SER C 336 29.06 -29.85 13.87
C SER C 336 29.79 -29.41 15.13
N GLN C 337 29.80 -30.26 16.16
CA GLN C 337 30.55 -29.93 17.38
C GLN C 337 32.04 -29.91 17.10
N LEU C 338 32.53 -30.81 16.24
CA LEU C 338 33.94 -30.83 15.91
C LEU C 338 34.39 -29.52 15.26
N LEU C 339 33.48 -28.83 14.59
CA LEU C 339 33.78 -27.52 14.02
C LEU C 339 33.65 -26.40 15.02
N ARG C 340 33.30 -26.73 16.26
CA ARG C 340 33.20 -25.71 17.30
C ARG C 340 34.48 -25.69 18.11
N TYR C 341 34.87 -26.84 18.64
CA TYR C 341 36.05 -26.87 19.50
C TYR C 341 37.30 -26.41 18.76
N VAL C 342 37.38 -26.71 17.46
CA VAL C 342 38.51 -26.25 16.66
C VAL C 342 38.37 -24.75 16.34
N ALA C 343 37.14 -24.25 16.31
CA ALA C 343 36.93 -22.84 15.99
C ALA C 343 37.59 -21.94 17.04
N ASN C 344 37.55 -22.34 18.30
CA ASN C 344 38.20 -21.58 19.36
C ASN C 344 39.64 -22.02 19.61
N LEU C 345 40.02 -23.22 19.15
CA LEU C 345 41.39 -23.69 19.35
C LEU C 345 42.33 -23.14 18.28
N ALA C 346 41.83 -22.97 17.05
CA ALA C 346 42.66 -22.44 15.98
C ALA C 346 43.01 -20.98 16.24
N PRO C 347 44.20 -20.54 15.82
CA PRO C 347 44.57 -19.12 16.04
C PRO C 347 43.65 -18.14 15.33
N ARG C 348 43.49 -18.29 14.02
CA ARG C 348 42.61 -17.43 13.22
C ARG C 348 41.56 -18.32 12.57
N ALA C 349 40.35 -18.32 13.13
CA ALA C 349 39.27 -19.17 12.64
C ALA C 349 37.97 -18.40 12.63
N ILE C 350 37.20 -18.54 11.55
CA ILE C 350 35.90 -17.92 11.41
C ILE C 350 34.88 -19.03 11.27
N TYR C 351 34.21 -19.38 12.37
CA TYR C 351 33.18 -20.40 12.32
C TYR C 351 31.93 -19.84 11.66
N THR C 352 31.48 -20.49 10.59
CA THR C 352 30.31 -20.04 9.84
C THR C 352 29.57 -21.26 9.32
N SER C 353 28.41 -21.02 8.73
CA SER C 353 27.58 -22.07 8.16
C SER C 353 27.55 -21.93 6.65
N GLY C 354 27.28 -23.06 5.98
CA GLY C 354 27.20 -23.06 4.53
C GLY C 354 26.05 -22.23 3.98
N LYS C 355 25.04 -21.96 4.79
CA LYS C 355 23.90 -21.17 4.35
C LYS C 355 24.34 -19.77 3.93
N SER C 356 23.87 -19.32 2.78
CA SER C 356 24.20 -18.01 2.25
C SER C 356 23.34 -16.93 2.91
N SER C 357 23.68 -16.65 4.18
CA SER C 357 22.96 -15.63 4.93
C SER C 357 23.17 -14.23 4.35
N SER C 358 24.23 -14.03 3.58
CA SER C 358 24.52 -12.75 2.94
C SER C 358 24.96 -12.98 1.51
N ALA C 359 25.02 -11.89 0.75
CA ALA C 359 25.49 -11.97 -0.63
C ALA C 359 26.94 -12.48 -0.69
N ALA C 360 27.74 -12.11 0.30
CA ALA C 360 29.12 -12.57 0.41
C ALA C 360 29.34 -13.38 1.69
N GLY C 361 28.39 -14.26 2.00
CA GLY C 361 28.51 -15.06 3.22
C GLY C 361 29.67 -16.04 3.16
N LEU C 362 29.83 -16.72 2.03
CA LEU C 362 30.88 -17.70 1.85
C LEU C 362 32.03 -17.19 0.97
N THR C 363 31.72 -16.72 -0.23
CA THR C 363 32.71 -16.19 -1.14
C THR C 363 32.39 -14.72 -1.43
N ALA C 364 33.44 -13.91 -1.60
CA ALA C 364 33.26 -12.49 -1.84
C ALA C 364 32.47 -12.24 -3.12
N ALA C 365 31.44 -11.40 -3.01
CA ALA C 365 30.57 -11.07 -4.13
C ALA C 365 30.43 -9.55 -4.21
N ALA C 366 29.65 -9.09 -5.19
CA ALA C 366 29.42 -7.67 -5.43
C ALA C 366 27.96 -7.34 -5.17
N VAL C 367 27.72 -6.34 -4.31
CA VAL C 367 26.38 -5.91 -3.96
C VAL C 367 26.35 -4.39 -3.94
N ARG C 368 25.23 -3.82 -4.39
CA ARG C 368 25.06 -2.38 -4.40
C ARG C 368 24.78 -1.88 -2.99
N ASP C 369 25.52 -0.87 -2.56
CA ASP C 369 25.35 -0.33 -1.22
C ASP C 369 24.05 0.45 -1.11
N GLU C 370 23.60 0.64 0.13
CA GLU C 370 22.36 1.37 0.38
C GLU C 370 22.56 2.88 0.42
N PHE C 371 23.80 3.36 0.42
CA PHE C 371 24.04 4.79 0.50
C PHE C 371 23.86 5.47 -0.84
N THR C 372 24.67 5.08 -1.84
CA THR C 372 24.61 5.69 -3.16
C THR C 372 24.26 4.70 -4.25
N GLY C 373 23.95 3.45 -3.90
CA GLY C 373 23.61 2.45 -4.89
C GLY C 373 24.78 1.91 -5.68
N SER C 374 26.01 2.31 -5.35
CA SER C 374 27.18 1.83 -6.05
C SER C 374 27.55 0.43 -5.59
N TRP C 375 27.99 -0.40 -6.53
CA TRP C 375 28.39 -1.75 -6.21
C TRP C 375 29.67 -1.74 -5.38
N VAL C 376 29.65 -2.44 -4.25
CA VAL C 376 30.82 -2.57 -3.38
C VAL C 376 31.19 -4.04 -3.29
N LEU C 377 32.50 -4.30 -3.27
CA LEU C 377 33.00 -5.67 -3.20
C LEU C 377 33.12 -6.08 -1.74
N GLU C 378 32.15 -6.87 -1.27
CA GLU C 378 32.12 -7.34 0.11
C GLU C 378 32.86 -8.66 0.21
N ALA C 379 33.76 -8.76 1.18
CA ALA C 379 34.53 -9.99 1.36
C ALA C 379 33.68 -11.05 2.04
N GLY C 380 34.22 -12.28 2.09
CA GLY C 380 33.54 -13.40 2.70
C GLY C 380 34.40 -14.07 3.75
N VAL C 381 33.88 -15.19 4.27
CA VAL C 381 34.61 -15.94 5.29
C VAL C 381 35.88 -16.54 4.71
N LEU C 382 35.92 -16.77 3.41
CA LEU C 382 37.11 -17.27 2.74
C LEU C 382 38.09 -16.17 2.37
N VAL C 383 37.77 -14.91 2.70
CA VAL C 383 38.65 -13.78 2.43
C VAL C 383 39.11 -13.12 3.72
N LEU C 384 38.19 -12.95 4.69
CA LEU C 384 38.56 -12.37 5.97
C LEU C 384 39.48 -13.29 6.76
N ALA C 385 39.40 -14.60 6.52
CA ALA C 385 40.24 -15.58 7.20
C ALA C 385 41.50 -15.92 6.43
N ASP C 386 41.98 -15.02 5.57
CA ASP C 386 43.19 -15.28 4.81
C ASP C 386 44.37 -15.51 5.74
N GLY C 387 45.17 -16.53 5.42
CA GLY C 387 46.23 -16.93 6.31
C GLY C 387 45.76 -17.58 7.59
N GLY C 388 44.55 -18.12 7.59
CA GLY C 388 43.99 -18.73 8.77
C GLY C 388 43.08 -19.89 8.41
N PHE C 389 42.07 -20.10 9.24
CA PHE C 389 41.14 -21.19 9.09
C PHE C 389 39.72 -20.67 8.93
N ALA C 390 38.87 -21.48 8.29
CA ALA C 390 37.46 -21.13 8.07
C ALA C 390 36.66 -22.42 8.14
N LEU C 391 36.10 -22.71 9.30
CA LEU C 391 35.31 -23.92 9.51
C LEU C 391 33.89 -23.67 9.02
N ILE C 392 33.54 -24.28 7.88
CA ILE C 392 32.25 -24.06 7.25
C ILE C 392 31.37 -25.26 7.58
N ASP C 393 30.36 -25.02 8.41
CA ASP C 393 29.38 -26.06 8.73
C ASP C 393 28.29 -26.11 7.66
N GLU C 394 27.74 -27.31 7.47
CA GLU C 394 26.71 -27.55 6.46
C GLU C 394 27.19 -27.12 5.07
N PHE C 395 28.32 -27.68 4.67
CA PHE C 395 28.95 -27.32 3.41
C PHE C 395 28.17 -27.77 2.18
N ASP C 396 27.18 -28.66 2.35
CA ASP C 396 26.43 -29.16 1.21
C ASP C 396 25.31 -28.21 0.77
N LYS C 397 24.92 -27.26 1.62
CA LYS C 397 23.87 -26.31 1.29
C LYS C 397 24.50 -24.94 1.04
N MET C 398 24.89 -24.71 -0.21
CA MET C 398 25.51 -23.46 -0.62
C MET C 398 24.82 -22.93 -1.86
N SER C 399 25.00 -21.62 -2.10
CA SER C 399 24.43 -20.97 -3.27
C SER C 399 25.24 -21.32 -4.51
N ASP C 400 24.60 -21.15 -5.67
CA ASP C 400 25.28 -21.45 -6.94
C ASP C 400 26.45 -20.52 -7.19
N ARG C 401 26.35 -19.27 -6.72
CA ARG C 401 27.45 -18.33 -6.89
C ARG C 401 28.65 -18.74 -6.06
N ASP C 402 28.43 -19.24 -4.84
CA ASP C 402 29.54 -19.67 -4.00
C ASP C 402 30.13 -20.98 -4.50
N ARG C 403 29.29 -21.87 -5.05
CA ARG C 403 29.77 -23.15 -5.53
C ARG C 403 30.68 -23.01 -6.74
N SER C 404 30.56 -21.93 -7.50
CA SER C 404 31.36 -21.76 -8.71
C SER C 404 32.74 -21.18 -8.42
N ALA C 405 32.91 -20.46 -7.30
CA ALA C 405 34.16 -19.81 -7.01
C ALA C 405 35.04 -20.59 -6.03
N ILE C 406 34.46 -21.52 -5.27
CA ILE C 406 35.27 -22.31 -4.34
C ILE C 406 36.18 -23.26 -5.08
N HIS C 407 35.86 -23.58 -6.34
CA HIS C 407 36.74 -24.44 -7.14
C HIS C 407 38.09 -23.78 -7.39
N GLU C 408 38.13 -22.45 -7.39
CA GLU C 408 39.37 -21.71 -7.58
C GLU C 408 39.99 -21.28 -6.25
N ALA C 409 39.17 -20.96 -5.25
CA ALA C 409 39.69 -20.49 -3.97
C ALA C 409 40.39 -21.60 -3.20
N LEU C 410 40.06 -22.86 -3.47
CA LEU C 410 40.67 -23.97 -2.73
C LEU C 410 42.01 -24.38 -3.32
N GLU C 411 42.17 -24.29 -4.65
CA GLU C 411 43.43 -24.68 -5.29
C GLU C 411 44.35 -23.48 -5.49
N GLN C 412 43.88 -22.48 -6.23
CA GLN C 412 44.71 -21.32 -6.54
C GLN C 412 44.75 -20.29 -5.40
N GLN C 413 43.87 -20.42 -4.41
CA GLN C 413 43.81 -19.50 -3.28
C GLN C 413 43.58 -18.06 -3.72
N THR C 414 42.89 -17.87 -4.85
CA THR C 414 42.57 -16.55 -5.38
C THR C 414 41.09 -16.51 -5.75
N ILE C 415 40.50 -15.32 -5.61
CA ILE C 415 39.10 -15.09 -5.95
C ILE C 415 39.08 -13.87 -6.88
N SER C 416 38.99 -14.12 -8.19
CA SER C 416 39.03 -13.06 -9.19
C SER C 416 37.60 -12.77 -9.62
N ILE C 417 37.04 -11.66 -9.12
CA ILE C 417 35.72 -11.19 -9.51
C ILE C 417 35.89 -9.99 -10.42
N SER C 418 35.22 -10.01 -11.57
CA SER C 418 35.33 -8.95 -12.58
C SER C 418 33.92 -8.60 -13.07
N LYS C 419 33.00 -8.40 -12.13
CA LYS C 419 31.62 -8.08 -12.47
C LYS C 419 31.17 -6.89 -11.64
N ALA C 420 30.06 -6.30 -12.07
CA ALA C 420 29.46 -5.14 -11.39
C ALA C 420 30.43 -3.97 -11.30
N GLY C 421 31.25 -3.79 -12.33
CA GLY C 421 32.21 -2.71 -12.36
C GLY C 421 33.36 -2.83 -11.38
N ILE C 422 33.50 -3.97 -10.72
CA ILE C 422 34.58 -4.20 -9.76
C ILE C 422 35.41 -5.37 -10.26
N THR C 423 36.64 -5.07 -10.67
CA THR C 423 37.56 -6.09 -11.17
C THR C 423 38.81 -6.10 -10.29
N ALA C 424 39.12 -7.27 -9.73
CA ALA C 424 40.25 -7.45 -8.84
C ALA C 424 40.38 -8.92 -8.51
N THR C 425 41.40 -9.26 -7.73
CA THR C 425 41.62 -10.61 -7.25
C THR C 425 42.02 -10.56 -5.78
N LEU C 426 41.47 -11.47 -4.98
CA LEU C 426 41.73 -11.52 -3.56
C LEU C 426 42.62 -12.72 -3.23
N ASN C 427 42.98 -12.84 -1.96
CA ASN C 427 43.85 -13.90 -1.47
C ASN C 427 43.05 -14.78 -0.51
N SER C 428 42.51 -15.88 -1.02
CA SER C 428 41.74 -16.82 -0.21
C SER C 428 42.64 -17.96 0.27
N ARG C 429 43.68 -17.58 1.01
CA ARG C 429 44.64 -18.53 1.55
C ARG C 429 44.15 -19.03 2.91
N THR C 430 43.05 -19.79 2.85
CA THR C 430 42.39 -20.30 4.04
C THR C 430 42.35 -21.83 4.00
N THR C 431 42.34 -22.43 5.18
CA THR C 431 42.22 -23.88 5.33
C THR C 431 40.75 -24.20 5.61
N VAL C 432 40.07 -24.72 4.60
CA VAL C 432 38.63 -24.97 4.68
C VAL C 432 38.42 -26.33 5.34
N ILE C 433 38.16 -26.32 6.64
CA ILE C 433 37.80 -27.52 7.38
C ILE C 433 36.28 -27.53 7.43
N ALA C 434 35.67 -28.13 6.42
CA ALA C 434 34.23 -28.10 6.24
C ALA C 434 33.61 -29.44 6.68
N ALA C 435 32.28 -29.47 6.67
CA ALA C 435 31.53 -30.66 7.04
C ALA C 435 30.18 -30.61 6.33
N ALA C 436 29.92 -31.59 5.48
CA ALA C 436 28.71 -31.64 4.68
C ALA C 436 27.83 -32.82 5.12
N ASN C 437 26.55 -32.73 4.75
CA ASN C 437 25.58 -33.76 5.05
C ASN C 437 25.04 -34.36 3.76
N PRO C 438 24.79 -35.67 3.73
CA PRO C 438 24.26 -36.29 2.51
C PRO C 438 22.84 -35.83 2.23
N LYS C 439 22.53 -35.71 0.93
CA LYS C 439 21.21 -35.27 0.48
C LYS C 439 20.15 -36.37 0.59
N PHE C 440 20.53 -37.59 0.97
CA PHE C 440 19.59 -38.68 1.17
C PHE C 440 19.34 -38.98 2.63
N GLY C 441 19.61 -38.01 3.52
CA GLY C 441 19.42 -38.22 4.94
C GLY C 441 20.60 -38.90 5.59
N ARG C 442 20.84 -40.16 5.23
CA ARG C 442 21.94 -40.95 5.78
C ARG C 442 22.77 -41.52 4.65
N PHE C 443 24.09 -41.58 4.88
CA PHE C 443 25.01 -42.06 3.86
C PHE C 443 24.93 -43.57 3.74
N ASN C 444 24.83 -44.07 2.51
CA ASN C 444 24.76 -45.50 2.24
C ASN C 444 26.14 -46.01 1.86
N ARG C 445 26.50 -47.20 2.36
CA ARG C 445 27.78 -47.80 2.06
C ARG C 445 27.81 -48.50 0.71
N HIS C 446 26.66 -48.67 0.05
CA HIS C 446 26.59 -49.33 -1.24
C HIS C 446 26.68 -48.36 -2.41
N LYS C 447 26.81 -47.07 -2.13
CA LYS C 447 26.93 -46.05 -3.18
C LYS C 447 28.16 -45.19 -2.91
N SER C 448 28.65 -44.56 -3.98
CA SER C 448 29.83 -43.72 -3.87
C SER C 448 29.49 -42.41 -3.16
N LEU C 449 30.54 -41.64 -2.84
CA LEU C 449 30.32 -40.42 -2.05
C LEU C 449 29.65 -39.31 -2.84
N PRO C 450 30.12 -38.92 -4.03
CA PRO C 450 29.41 -37.87 -4.78
C PRO C 450 28.01 -38.28 -5.20
N GLU C 451 27.69 -39.57 -5.19
CA GLU C 451 26.33 -40.00 -5.53
C GLU C 451 25.33 -39.55 -4.46
N GLN C 452 25.75 -39.47 -3.21
CA GLN C 452 24.90 -39.06 -2.11
C GLN C 452 25.25 -37.70 -1.55
N LEU C 453 26.23 -37.01 -2.13
CA LEU C 453 26.66 -35.70 -1.66
C LEU C 453 26.24 -34.63 -2.65
N ASP C 454 25.75 -33.51 -2.11
CA ASP C 454 25.30 -32.40 -2.96
C ASP C 454 26.46 -31.66 -3.60
N LEU C 455 27.68 -31.84 -3.10
CA LEU C 455 28.82 -31.15 -3.67
C LEU C 455 29.14 -31.69 -5.06
N PRO C 456 29.67 -30.84 -5.95
CA PRO C 456 30.05 -31.31 -7.29
C PRO C 456 31.18 -32.30 -7.21
N PRO C 457 31.31 -33.19 -8.21
CA PRO C 457 32.40 -34.18 -8.17
C PRO C 457 33.78 -33.55 -8.28
N THR C 458 33.90 -32.44 -9.02
CA THR C 458 35.19 -31.78 -9.14
C THR C 458 35.60 -31.09 -7.85
N LEU C 459 34.62 -30.66 -7.05
CA LEU C 459 34.94 -30.00 -5.78
C LEU C 459 35.59 -30.96 -4.79
N LEU C 460 35.23 -32.24 -4.85
CA LEU C 460 35.82 -33.22 -3.95
C LEU C 460 37.29 -33.47 -4.25
N SER C 461 37.75 -33.14 -5.46
CA SER C 461 39.15 -33.30 -5.82
C SER C 461 40.07 -32.26 -5.18
N ARG C 462 39.51 -31.38 -4.34
CA ARG C 462 40.32 -30.32 -3.72
C ARG C 462 40.66 -30.62 -2.28
N PHE C 463 39.77 -31.33 -1.57
CA PHE C 463 40.01 -31.64 -0.18
C PHE C 463 41.04 -32.76 -0.04
N ASP C 464 42.07 -32.53 0.76
CA ASP C 464 43.12 -33.53 0.96
C ASP C 464 42.67 -34.64 1.91
N LEU C 465 41.73 -34.37 2.79
CA LEU C 465 41.25 -35.35 3.76
C LEU C 465 39.73 -35.32 3.79
N ILE C 466 39.10 -36.46 3.53
CA ILE C 466 37.66 -36.60 3.54
C ILE C 466 37.33 -37.79 4.43
N PHE C 467 36.94 -37.53 5.67
CA PHE C 467 36.60 -38.57 6.62
C PHE C 467 35.10 -38.82 6.62
N LEU C 468 34.71 -40.08 6.77
CA LEU C 468 33.30 -40.48 6.78
C LEU C 468 32.90 -40.76 8.23
N LEU C 469 32.24 -39.77 8.86
CA LEU C 469 31.76 -39.92 10.23
C LEU C 469 30.38 -40.57 10.20
N LEU C 470 30.37 -41.82 9.75
CA LEU C 470 29.13 -42.57 9.63
C LEU C 470 28.68 -43.08 11.00
N ASP C 471 27.41 -43.47 11.07
CA ASP C 471 26.81 -44.03 12.27
C ASP C 471 26.59 -45.52 12.06
N GLU C 472 27.29 -46.34 12.86
CA GLU C 472 27.20 -47.78 12.73
C GLU C 472 26.86 -48.37 14.09
N PRO C 473 25.82 -49.21 14.18
CA PRO C 473 25.44 -49.81 15.47
C PRO C 473 26.36 -50.97 15.82
N ASP C 474 27.06 -50.84 16.95
CA ASP C 474 27.94 -51.89 17.45
C ASP C 474 27.96 -51.81 18.97
N GLU C 475 27.90 -52.97 19.63
CA GLU C 475 27.81 -53.00 21.08
C GLU C 475 29.04 -52.40 21.74
N LYS C 476 30.20 -52.53 21.09
CA LYS C 476 31.44 -52.04 21.69
C LYS C 476 31.56 -50.52 21.56
N VAL C 477 31.36 -49.99 20.35
CA VAL C 477 31.55 -48.57 20.13
C VAL C 477 30.39 -47.74 20.64
N ASP C 478 29.21 -48.35 20.84
CA ASP C 478 28.06 -47.59 21.32
C ASP C 478 28.05 -47.52 22.84
N ALA C 479 28.50 -48.58 23.51
CA ALA C 479 28.57 -48.54 24.97
C ALA C 479 29.64 -47.58 25.47
N SER C 480 30.70 -47.38 24.68
CA SER C 480 31.75 -46.46 25.08
C SER C 480 31.31 -45.01 24.90
N ILE C 481 30.63 -44.71 23.79
CA ILE C 481 30.18 -43.34 23.56
C ILE C 481 29.01 -43.00 24.47
N ALA C 482 28.23 -44.00 24.90
CA ALA C 482 27.14 -43.74 25.83
C ALA C 482 27.66 -43.39 27.21
N GLU C 483 28.65 -44.14 27.70
CA GLU C 483 29.24 -43.82 29.00
C GLU C 483 30.08 -42.55 28.94
N HIS C 484 30.62 -42.22 27.77
CA HIS C 484 31.42 -41.00 27.65
C HIS C 484 30.54 -39.76 27.71
N ILE C 485 29.38 -39.80 27.05
CA ILE C 485 28.45 -38.68 27.13
C ILE C 485 27.95 -38.49 28.56
N LEU C 486 27.73 -39.60 29.26
CA LEU C 486 27.31 -39.51 30.65
C LEU C 486 28.37 -38.86 31.52
N LYS C 487 29.65 -39.16 31.25
CA LYS C 487 30.73 -38.52 32.01
C LYS C 487 30.83 -37.04 31.69
N VAL C 488 30.55 -36.66 30.43
CA VAL C 488 30.57 -35.25 30.06
C VAL C 488 29.44 -34.51 30.75
N ARG C 489 28.24 -35.09 30.75
CA ARG C 489 27.10 -34.46 31.39
C ARG C 489 27.25 -34.44 32.91
N ARG C 490 27.85 -35.47 33.49
CA ARG C 490 28.05 -35.52 34.94
C ARG C 490 29.08 -34.52 35.42
N GLY C 491 29.93 -34.00 34.53
CA GLY C 491 30.99 -33.10 34.94
C GLY C 491 32.28 -33.78 35.31
N GLU C 492 32.61 -34.89 34.68
CA GLU C 492 33.85 -35.59 34.97
C GLU C 492 35.05 -34.75 34.56
N ALA C 493 36.16 -34.92 35.29
CA ALA C 493 37.32 -34.06 35.07
C ALA C 493 38.04 -34.40 33.79
N GLU C 494 38.58 -35.62 33.70
CA GLU C 494 39.41 -36.00 32.55
C GLU C 494 38.59 -36.24 31.29
N ALA C 495 37.25 -36.19 31.36
CA ALA C 495 36.44 -36.43 30.18
C ALA C 495 36.22 -35.16 29.36
N VAL C 496 36.49 -33.99 29.94
CA VAL C 496 36.24 -32.73 29.25
C VAL C 496 37.54 -31.95 29.12
N THR C 497 38.47 -32.15 30.04
CA THR C 497 39.71 -31.37 30.04
C THR C 497 40.70 -31.96 29.03
N PRO C 498 41.47 -31.15 28.33
CA PRO C 498 42.48 -31.69 27.42
C PRO C 498 43.81 -31.91 28.12
N LYS C 499 44.64 -32.74 27.49
CA LYS C 499 45.99 -32.95 27.99
C LYS C 499 46.84 -31.69 27.87
N ILE C 500 46.64 -30.93 26.80
CA ILE C 500 47.29 -29.64 26.59
C ILE C 500 46.22 -28.56 26.68
N PRO C 501 46.38 -27.55 27.52
CA PRO C 501 45.32 -26.53 27.66
C PRO C 501 45.09 -25.78 26.36
N TYR C 502 43.83 -25.35 26.17
CA TYR C 502 43.46 -24.67 24.94
C TYR C 502 44.21 -23.35 24.77
N ASP C 503 44.52 -22.66 25.87
CA ASP C 503 45.26 -21.42 25.77
C ASP C 503 46.70 -21.66 25.30
N LEU C 504 47.35 -22.71 25.83
CA LEU C 504 48.71 -23.01 25.41
C LEU C 504 48.73 -23.66 24.04
N LEU C 505 47.74 -24.50 23.74
CA LEU C 505 47.70 -25.16 22.43
C LEU C 505 47.41 -24.17 21.31
N LYS C 506 46.62 -23.13 21.60
CA LYS C 506 46.37 -22.10 20.59
C LYS C 506 47.66 -21.38 20.22
N LYS C 507 48.55 -21.16 21.20
CA LYS C 507 49.84 -20.56 20.91
C LYS C 507 50.79 -21.58 20.29
N TYR C 508 50.61 -22.87 20.60
CA TYR C 508 51.47 -23.90 20.02
C TYR C 508 51.24 -24.03 18.51
N ILE C 509 50.00 -23.82 18.06
CA ILE C 509 49.71 -23.88 16.63
C ILE C 509 50.29 -22.66 15.92
N ALA C 510 50.14 -21.47 16.52
CA ALA C 510 50.69 -20.27 15.91
C ALA C 510 52.21 -20.28 15.90
N TYR C 511 52.83 -20.90 16.92
CA TYR C 511 54.28 -20.98 16.96
C TYR C 511 54.82 -21.90 15.86
N ALA C 512 54.07 -22.96 15.54
CA ALA C 512 54.51 -23.90 14.51
C ALA C 512 54.29 -23.35 13.11
N ARG C 513 53.20 -22.62 12.91
CA ARG C 513 52.87 -22.06 11.60
C ARG C 513 53.68 -20.82 11.25
N LYS C 514 54.55 -20.37 12.14
CA LYS C 514 55.33 -19.16 11.93
C LYS C 514 56.83 -19.37 11.97
N ASN C 515 57.32 -20.20 12.90
CA ASN C 515 58.75 -20.40 13.09
C ASN C 515 59.25 -21.71 12.49
N VAL C 516 58.61 -22.83 12.82
CA VAL C 516 59.06 -24.14 12.36
C VAL C 516 58.58 -24.36 10.94
N HIS C 517 59.52 -24.53 10.00
CA HIS C 517 59.22 -24.82 8.61
C HIS C 517 60.02 -26.06 8.21
N PRO C 518 59.44 -27.24 8.34
CA PRO C 518 60.18 -28.47 8.03
C PRO C 518 60.47 -28.60 6.54
N VAL C 519 61.51 -29.36 6.24
CA VAL C 519 61.94 -29.62 4.86
C VAL C 519 62.03 -31.12 4.66
N LEU C 520 61.75 -31.56 3.43
CA LEU C 520 61.76 -32.98 3.12
C LEU C 520 63.18 -33.54 3.23
N SER C 521 63.28 -34.74 3.80
CA SER C 521 64.55 -35.44 3.96
C SER C 521 64.61 -36.64 3.02
N ARG C 522 65.84 -37.13 2.79
CA ARG C 522 66.02 -38.27 1.92
C ARG C 522 65.33 -39.51 2.45
N GLU C 523 65.27 -39.66 3.77
CA GLU C 523 64.57 -40.80 4.35
C GLU C 523 63.07 -40.73 4.07
N ALA C 524 62.47 -39.56 4.24
CA ALA C 524 61.05 -39.41 3.97
C ALA C 524 60.75 -39.43 2.48
N MET C 525 61.70 -38.98 1.66
CA MET C 525 61.48 -38.99 0.21
C MET C 525 61.33 -40.41 -0.33
N GLU C 526 62.10 -41.35 0.21
CA GLU C 526 61.98 -42.73 -0.21
C GLU C 526 60.66 -43.34 0.25
N GLU C 527 60.13 -42.90 1.40
CA GLU C 527 58.87 -43.43 1.89
C GLU C 527 57.69 -42.90 1.06
N ILE C 528 57.74 -41.63 0.69
CA ILE C 528 56.69 -41.06 -0.15
C ILE C 528 56.73 -41.69 -1.54
N LYS C 529 57.93 -41.97 -2.04
CA LYS C 529 58.06 -42.60 -3.35
C LYS C 529 57.56 -44.03 -3.33
N ARG C 530 57.94 -44.81 -2.31
CA ARG C 530 57.57 -46.22 -2.27
C ARG C 530 56.07 -46.40 -2.08
N TYR C 531 55.42 -45.44 -1.40
CA TYR C 531 53.98 -45.55 -1.18
C TYR C 531 53.21 -45.23 -2.46
N TYR C 532 53.67 -44.23 -3.21
CA TYR C 532 52.98 -43.83 -4.43
C TYR C 532 53.04 -44.94 -5.48
N VAL C 533 54.20 -45.58 -5.62
CA VAL C 533 54.35 -46.63 -6.62
C VAL C 533 53.66 -47.91 -6.16
N LYS C 534 53.47 -48.07 -4.85
CA LYS C 534 52.81 -49.26 -4.34
C LYS C 534 51.34 -49.28 -4.71
N MET C 535 50.69 -48.11 -4.67
CA MET C 535 49.28 -48.05 -5.02
C MET C 535 49.05 -48.25 -6.51
N ARG C 536 50.04 -47.93 -7.34
CA ARG C 536 49.90 -48.13 -8.78
C ARG C 536 49.75 -49.62 -9.10
N LYS C 537 49.00 -49.90 -10.16
CA LYS C 537 48.65 -51.26 -10.57
C LYS C 537 47.90 -52.02 -9.48
N GLY C 538 47.25 -51.31 -8.56
CA GLY C 538 46.49 -51.98 -7.53
C GLY C 538 45.17 -52.52 -8.04
N LEU C 539 44.50 -51.77 -8.92
CA LEU C 539 43.25 -52.21 -9.51
C LEU C 539 43.14 -51.92 -10.99
N ARG C 540 44.20 -51.48 -11.65
CA ARG C 540 44.13 -51.16 -13.07
C ARG C 540 43.93 -52.41 -13.92
N ARG C 541 44.54 -53.52 -13.51
CA ARG C 541 44.41 -54.76 -14.27
C ARG C 541 42.99 -55.31 -14.21
N GLY C 542 42.25 -54.96 -13.16
CA GLY C 542 40.89 -55.44 -12.97
C GLY C 542 39.95 -55.11 -14.12
N ASP C 543 39.79 -53.82 -14.40
CA ASP C 543 38.86 -53.38 -15.46
C ASP C 543 39.60 -53.27 -16.80
N GLU C 544 39.96 -54.43 -17.34
CA GLU C 544 40.64 -54.49 -18.63
C GLU C 544 39.64 -54.22 -19.76
N ASP C 545 40.19 -54.02 -20.96
CA ASP C 545 39.41 -53.74 -22.16
C ASP C 545 38.51 -52.52 -21.97
N GLY C 546 39.06 -51.47 -21.36
CA GLY C 546 38.28 -50.26 -21.12
C GLY C 546 39.04 -49.28 -20.28
N VAL C 547 38.29 -48.49 -19.50
CA VAL C 547 38.86 -47.47 -18.63
C VAL C 547 39.48 -48.18 -17.44
N GLN C 548 40.81 -48.23 -17.39
CA GLN C 548 41.49 -48.87 -16.28
C GLN C 548 41.47 -47.96 -15.06
N PRO C 549 41.18 -48.50 -13.88
CA PRO C 549 41.12 -47.67 -12.67
C PRO C 549 42.49 -47.14 -12.29
N ILE C 550 42.53 -45.85 -11.92
CA ILE C 550 43.74 -45.21 -11.43
C ILE C 550 43.65 -45.17 -9.91
N PRO C 551 44.39 -46.02 -9.18
CA PRO C 551 44.21 -46.07 -7.72
C PRO C 551 44.57 -44.78 -7.02
N ILE C 552 45.65 -44.11 -7.42
CA ILE C 552 46.05 -42.85 -6.81
C ILE C 552 46.48 -41.90 -7.91
N THR C 553 46.19 -40.61 -7.71
CA THR C 553 46.49 -39.57 -8.69
C THR C 553 47.60 -38.69 -8.14
N ALA C 554 48.37 -38.09 -9.06
CA ALA C 554 49.45 -37.20 -8.67
C ALA C 554 48.96 -36.02 -7.83
N ARG C 555 47.67 -35.73 -7.90
CA ARG C 555 47.12 -34.68 -7.06
C ARG C 555 47.24 -35.12 -5.62
N GLN C 556 46.82 -36.35 -5.34
CA GLN C 556 46.93 -36.89 -3.99
C GLN C 556 48.37 -37.04 -3.53
N LEU C 557 49.31 -37.18 -4.47
CA LEU C 557 50.72 -37.23 -4.09
C LEU C 557 51.17 -35.93 -3.45
N GLU C 558 50.74 -34.80 -4.02
CA GLU C 558 51.05 -33.51 -3.40
C GLU C 558 50.37 -33.38 -2.04
N ALA C 559 49.17 -33.95 -1.89
CA ALA C 559 48.49 -33.93 -0.60
C ALA C 559 49.22 -34.80 0.42
N LEU C 560 49.84 -35.89 -0.03
CA LEU C 560 50.59 -36.74 0.88
C LEU C 560 51.82 -36.02 1.42
N ILE C 561 52.50 -35.25 0.56
CA ILE C 561 53.67 -34.49 1.01
C ILE C 561 53.25 -33.39 1.97
N ARG C 562 52.08 -32.79 1.75
CA ARG C 562 51.60 -31.76 2.66
C ARG C 562 51.29 -32.34 4.04
N LEU C 563 50.72 -33.54 4.07
CA LEU C 563 50.43 -34.18 5.36
C LEU C 563 51.70 -34.67 6.03
N SER C 564 52.68 -35.12 5.24
CA SER C 564 53.96 -35.55 5.81
C SER C 564 54.68 -34.37 6.44
N GLU C 565 54.68 -33.22 5.76
CA GLU C 565 55.25 -32.01 6.35
C GLU C 565 54.37 -31.46 7.48
N ALA C 566 53.09 -31.79 7.48
CA ALA C 566 52.21 -31.35 8.57
C ALA C 566 52.54 -32.09 9.86
N HIS C 567 52.88 -33.37 9.77
CA HIS C 567 53.23 -34.13 10.96
C HIS C 567 54.60 -33.72 11.50
N ALA C 568 55.50 -33.25 10.63
CA ALA C 568 56.79 -32.77 11.08
C ALA C 568 56.69 -31.40 11.75
N ARG C 569 55.80 -30.54 11.26
CA ARG C 569 55.60 -29.24 11.90
C ARG C 569 54.88 -29.38 13.22
N MET C 570 53.97 -30.35 13.33
CA MET C 570 53.28 -30.59 14.60
C MET C 570 54.26 -31.00 15.69
N ARG C 571 55.32 -31.70 15.33
CA ARG C 571 56.37 -32.09 16.27
C ARG C 571 57.43 -31.01 16.43
N LEU C 572 57.28 -29.87 15.77
CA LEU C 572 58.24 -28.77 15.82
C LEU C 572 59.63 -29.22 15.36
N SER C 573 59.66 -30.05 14.33
CA SER C 573 60.90 -30.55 13.75
C SER C 573 61.16 -29.85 12.43
N GLU C 574 62.39 -29.40 12.23
CA GLU C 574 62.78 -28.68 11.03
C GLU C 574 63.00 -29.60 9.83
N THR C 575 62.81 -30.90 9.99
CA THR C 575 62.98 -31.86 8.91
C THR C 575 61.88 -32.91 8.96
N VAL C 576 61.51 -33.44 7.80
CA VAL C 576 60.48 -34.47 7.70
C VAL C 576 61.15 -35.81 7.98
N THR C 577 61.02 -36.29 9.22
CA THR C 577 61.57 -37.59 9.59
C THR C 577 60.80 -38.71 8.89
N ARG C 578 61.51 -39.81 8.62
CA ARG C 578 60.88 -40.98 8.01
C ARG C 578 59.63 -41.41 8.80
N GLU C 579 59.67 -41.27 10.13
CA GLU C 579 58.50 -41.58 10.94
C GLU C 579 57.35 -40.60 10.67
N ASP C 580 57.67 -39.36 10.32
CA ASP C 580 56.61 -38.39 10.03
C ASP C 580 55.91 -38.72 8.72
N ALA C 581 56.68 -39.10 7.69
CA ALA C 581 56.06 -39.49 6.42
C ALA C 581 55.26 -40.78 6.56
N ARG C 582 55.66 -41.66 7.48
CA ARG C 582 54.89 -42.88 7.72
C ARG C 582 53.57 -42.59 8.40
N ALA C 583 53.54 -41.59 9.28
CA ALA C 583 52.31 -41.23 9.97
C ALA C 583 51.27 -40.69 8.98
N ALA C 584 51.71 -39.91 7.99
CA ALA C 584 50.79 -39.40 6.99
C ALA C 584 50.25 -40.51 6.11
N ILE C 585 51.00 -41.61 5.96
CA ILE C 585 50.54 -42.75 5.18
C ILE C 585 49.35 -43.42 5.87
N GLU C 586 49.43 -43.56 7.19
CA GLU C 586 48.34 -44.20 7.93
C GLU C 586 47.06 -43.37 7.83
N ILE C 587 47.18 -42.06 7.90
CA ILE C 587 46.01 -41.20 7.77
C ILE C 587 45.45 -41.26 6.36
N ILE C 588 46.33 -41.29 5.35
CA ILE C 588 45.88 -41.42 3.97
C ILE C 588 45.22 -42.79 3.76
N GLU C 589 45.87 -43.85 4.25
CA GLU C 589 45.30 -45.18 4.12
C GLU C 589 43.97 -45.29 4.85
N ALA C 590 43.83 -44.60 5.98
CA ALA C 590 42.56 -44.59 6.69
C ALA C 590 41.48 -43.89 5.86
N MET C 591 41.83 -42.78 5.21
CA MET C 591 40.88 -42.11 4.34
C MET C 591 40.61 -42.92 3.08
N MET C 592 41.60 -43.70 2.65
CA MET C 592 41.40 -44.55 1.49
C MET C 592 40.17 -45.40 1.74
N LYS C 593 40.07 -45.98 2.92
CA LYS C 593 38.93 -46.81 3.24
C LYS C 593 37.64 -46.03 3.11
N THR C 594 37.65 -44.77 3.56
CA THR C 594 36.46 -43.94 3.44
C THR C 594 36.11 -43.70 1.99
N ILE C 595 37.11 -43.39 1.17
CA ILE C 595 36.88 -43.14 -0.25
C ILE C 595 38.05 -43.58 -1.12
N ALA C 596 37.76 -44.07 -2.33
CA ALA C 596 38.81 -44.50 -3.27
C ALA C 596 39.47 -45.82 -2.85
N VAL C 597 38.97 -46.44 -1.79
CA VAL C 597 39.51 -47.72 -1.34
C VAL C 597 38.52 -48.35 -0.37
N ASP C 598 38.54 -49.68 -0.24
CA ASP C 598 37.61 -50.36 0.64
C ASP C 598 36.21 -49.96 0.27
N GLU C 599 35.98 -49.68 -1.02
CA GLU C 599 34.68 -49.27 -1.49
C GLU C 599 34.74 -49.22 -3.00
N GLU C 600 34.03 -50.11 -3.67
CA GLU C 600 34.09 -50.17 -5.13
C GLU C 600 35.55 -50.28 -5.54
N GLY C 601 36.35 -50.99 -4.76
CA GLY C 601 37.76 -51.13 -5.07
C GLY C 601 38.48 -49.81 -4.92
N ASN C 602 39.65 -49.69 -5.55
CA ASN C 602 40.40 -48.44 -5.49
C ASN C 602 39.85 -47.45 -6.50
N LEU C 603 40.45 -46.27 -6.58
CA LEU C 603 40.01 -45.27 -7.55
C LEU C 603 38.54 -44.87 -7.36
N ASP C 604 37.91 -45.40 -6.31
CA ASP C 604 36.51 -45.07 -6.08
C ASP C 604 36.34 -43.58 -5.89
N VAL C 605 35.21 -43.05 -6.33
CA VAL C 605 34.95 -41.61 -6.21
C VAL C 605 35.90 -40.82 -7.10
N SER C 606 37.19 -40.83 -6.76
CA SER C 606 38.18 -40.13 -7.57
C SER C 606 37.66 -38.77 -7.97
N ILE C 607 37.76 -38.44 -9.26
CA ILE C 607 37.22 -37.18 -9.75
C ILE C 607 35.70 -37.21 -9.70
N LEU C 608 35.12 -38.30 -10.19
CA LEU C 608 33.66 -38.43 -10.18
C LEU C 608 33.25 -39.81 -9.68
N GLU C 609 33.85 -40.85 -10.26
CA GLU C 609 33.54 -42.21 -9.84
C GLU C 609 34.69 -43.15 -10.17
N VAL C 610 34.65 -44.37 -9.66
CA VAL C 610 35.70 -45.34 -9.95
C VAL C 610 35.77 -45.63 -11.44
N GLY C 611 34.63 -45.66 -12.10
CA GLY C 611 34.59 -45.95 -13.52
C GLY C 611 34.92 -47.41 -13.80
N LYS C 612 35.70 -48.03 -12.93
CA LYS C 612 36.07 -49.42 -13.09
C LYS C 612 34.87 -50.22 -13.56
N SER C 613 33.69 -49.86 -13.09
CA SER C 613 32.48 -50.57 -13.49
C SER C 613 31.47 -49.62 -14.13
N SER C 614 31.09 -48.58 -13.39
CA SER C 614 30.07 -47.66 -13.91
C SER C 614 30.45 -47.16 -15.29
N LYS C 615 31.59 -46.50 -15.40
CA LYS C 615 32.03 -45.98 -16.69
C LYS C 615 32.06 -47.12 -17.69
N LYS C 616 32.59 -48.27 -17.27
CA LYS C 616 32.65 -49.42 -18.16
C LYS C 616 31.27 -49.76 -18.73
N ILE C 617 30.25 -49.79 -17.86
CA ILE C 617 28.90 -50.13 -18.33
C ILE C 617 28.31 -49.00 -19.15
N ASN C 618 28.74 -47.76 -18.91
CA ASN C 618 28.20 -46.64 -19.67
C ASN C 618 28.44 -46.78 -21.17
N LYS C 619 29.66 -47.18 -21.56
CA LYS C 619 29.96 -47.30 -22.98
C LYS C 619 29.24 -48.50 -23.61
N ILE C 620 28.99 -49.56 -22.82
CA ILE C 620 28.29 -50.72 -23.35
C ILE C 620 26.82 -50.39 -23.58
N GLU C 621 26.21 -49.65 -22.64
CA GLU C 621 24.82 -49.27 -22.81
C GLU C 621 24.66 -48.28 -23.97
N LYS C 622 25.64 -47.41 -24.17
CA LYS C 622 25.59 -46.43 -25.25
C LYS C 622 25.90 -47.09 -26.60
N PRO C 639 8.70 -45.25 -28.34
CA PRO C 639 9.26 -46.00 -29.47
C PRO C 639 10.52 -46.77 -29.09
N GLU C 640 10.89 -46.72 -27.81
CA GLU C 640 12.07 -47.41 -27.30
C GLU C 640 11.72 -48.74 -26.64
N GLU C 641 10.67 -49.42 -27.13
CA GLU C 641 10.30 -50.71 -26.58
C GLU C 641 11.26 -51.81 -26.98
N LYS C 642 12.13 -51.57 -27.96
CA LYS C 642 13.09 -52.58 -28.40
C LYS C 642 14.38 -52.51 -27.61
N VAL C 643 14.79 -51.30 -27.21
CA VAL C 643 16.07 -51.14 -26.52
C VAL C 643 16.00 -51.62 -25.08
N ILE C 644 14.81 -51.68 -24.48
CA ILE C 644 14.69 -52.21 -23.13
C ILE C 644 14.87 -53.72 -23.14
N GLU C 645 14.36 -54.39 -24.18
CA GLU C 645 14.56 -55.83 -24.29
C GLU C 645 15.99 -56.14 -24.75
N ALA C 646 16.55 -55.30 -25.62
CA ALA C 646 17.91 -55.52 -26.10
C ALA C 646 18.91 -55.55 -24.96
N ALA C 647 18.71 -54.69 -23.96
CA ALA C 647 19.58 -54.70 -22.79
C ALA C 647 19.32 -55.89 -21.88
N LYS C 648 18.20 -56.60 -22.08
CA LYS C 648 17.87 -57.73 -21.20
C LYS C 648 18.74 -58.94 -21.50
N GLN C 649 18.65 -59.47 -22.72
CA GLN C 649 19.44 -60.63 -23.08
C GLN C 649 20.93 -60.30 -23.24
N ALA C 650 21.28 -59.01 -23.27
CA ALA C 650 22.68 -58.64 -23.38
C ALA C 650 23.47 -59.05 -22.14
N GLY C 651 22.81 -59.18 -20.99
CA GLY C 651 23.48 -59.58 -19.77
C GLY C 651 24.39 -58.55 -19.16
N ILE C 652 24.32 -57.29 -19.60
CA ILE C 652 25.19 -56.26 -19.04
C ILE C 652 24.75 -55.89 -17.64
N GLY C 653 23.47 -56.08 -17.32
CA GLY C 653 22.97 -55.78 -15.99
C GLY C 653 21.58 -56.35 -15.80
N THR C 654 21.20 -56.51 -14.54
CA THR C 654 19.88 -57.03 -14.22
C THR C 654 18.81 -56.01 -14.59
N LYS C 655 17.56 -56.49 -14.63
CA LYS C 655 16.44 -55.63 -15.02
C LYS C 655 16.25 -54.47 -14.07
N ALA C 656 16.72 -54.61 -12.83
CA ALA C 656 16.64 -53.49 -11.88
C ALA C 656 17.78 -52.50 -12.10
N ASP C 657 18.98 -52.99 -12.42
CA ASP C 657 20.11 -52.08 -12.63
C ASP C 657 19.99 -51.34 -13.95
N ILE C 658 19.61 -52.04 -15.02
CA ILE C 658 19.42 -51.37 -16.31
C ILE C 658 18.23 -50.43 -16.27
N GLU C 659 17.31 -50.63 -15.32
CA GLU C 659 16.23 -49.66 -15.14
C GLU C 659 16.75 -48.35 -14.57
N LYS C 660 17.46 -48.42 -13.44
CA LYS C 660 18.01 -47.22 -12.82
C LYS C 660 19.06 -46.53 -13.70
N LEU C 661 19.63 -47.25 -14.66
CA LEU C 661 20.64 -46.65 -15.53
C LEU C 661 20.03 -45.61 -16.46
N LEU C 662 18.83 -45.88 -16.98
CA LEU C 662 18.19 -44.96 -17.90
C LEU C 662 17.52 -43.79 -17.19
N ASN C 663 17.21 -43.91 -15.90
CA ASN C 663 16.74 -42.75 -15.14
C ASN C 663 17.82 -41.68 -15.06
N GLU C 664 19.07 -42.08 -14.82
CA GLU C 664 20.17 -41.12 -14.85
C GLU C 664 20.46 -40.65 -16.26
N LEU C 665 20.20 -41.50 -17.26
CA LEU C 665 20.38 -41.08 -18.64
C LEU C 665 19.28 -40.10 -19.06
N LYS C 666 18.05 -40.34 -18.64
CA LYS C 666 16.97 -39.39 -18.92
C LYS C 666 17.19 -38.07 -18.18
N SER C 667 17.92 -38.10 -17.06
CA SER C 667 18.24 -36.88 -16.35
C SER C 667 19.06 -35.92 -17.21
N ASP C 668 20.00 -36.47 -18.00
CA ASP C 668 20.82 -35.68 -18.90
C ASP C 668 20.29 -35.66 -20.32
N GLY C 669 19.14 -36.27 -20.58
CA GLY C 669 18.56 -36.30 -21.90
C GLY C 669 18.91 -37.50 -22.75
N ARG C 670 19.73 -38.42 -22.23
CA ARG C 670 20.12 -39.61 -22.99
C ARG C 670 19.04 -40.69 -22.89
N MET D 1 -44.85 50.90 21.99
CA MET D 1 -45.56 51.95 22.72
C MET D 1 -46.33 51.37 23.90
N ASP D 2 -46.47 52.18 24.95
CA ASP D 2 -47.16 51.83 26.19
C ASP D 2 -46.87 50.39 26.61
N ARG D 3 -45.58 50.11 26.80
CA ARG D 3 -45.17 48.78 27.23
C ARG D 3 -45.71 48.45 28.61
N GLU D 4 -45.80 49.44 29.49
CA GLU D 4 -46.38 49.20 30.81
C GLU D 4 -47.86 48.84 30.71
N GLU D 5 -48.58 49.46 29.76
CA GLU D 5 -49.97 49.11 29.56
C GLU D 5 -50.12 47.72 28.96
N MET D 6 -49.12 47.26 28.19
CA MET D 6 -49.17 45.92 27.64
C MET D 6 -49.08 44.87 28.75
N ILE D 7 -48.24 45.12 29.76
CA ILE D 7 -48.11 44.19 30.87
C ILE D 7 -49.43 44.03 31.61
N ALA D 8 -50.18 45.13 31.78
CA ALA D 8 -51.47 45.06 32.44
C ALA D 8 -52.47 44.24 31.61
N ARG D 9 -52.49 44.44 30.29
CA ARG D 9 -53.40 43.69 29.46
C ARG D 9 -52.95 42.24 29.28
N PHE D 10 -51.64 41.99 29.31
CA PHE D 10 -51.15 40.62 29.21
C PHE D 10 -51.45 39.84 30.48
N ALA D 11 -51.24 40.46 31.65
CA ALA D 11 -51.50 39.77 32.90
C ALA D 11 -53.00 39.59 33.15
N LYS D 12 -53.82 40.53 32.68
CA LYS D 12 -55.26 40.39 32.85
C LYS D 12 -55.81 39.22 32.04
N PHE D 13 -55.33 39.07 30.81
CA PHE D 13 -55.76 37.92 29.99
C PHE D 13 -55.15 36.62 30.50
N LEU D 14 -54.05 36.70 31.23
CA LEU D 14 -53.39 35.53 31.77
C LEU D 14 -54.06 35.07 33.06
N ILE D 27 -56.79 32.61 30.89
CA ILE D 27 -56.16 31.94 32.01
C ILE D 27 -56.30 30.43 31.87
N ASN D 28 -57.08 30.01 30.86
CA ASN D 28 -57.24 28.59 30.60
C ASN D 28 -55.92 27.94 30.21
N ARG D 29 -55.16 28.59 29.33
CA ARG D 29 -53.83 28.10 28.99
C ARG D 29 -52.86 28.25 30.15
N LEU D 30 -53.06 29.29 30.98
CA LEU D 30 -52.17 29.53 32.12
C LEU D 30 -52.19 28.36 33.09
N LYS D 31 -53.36 27.75 33.31
CA LYS D 31 -53.45 26.60 34.21
C LYS D 31 -52.62 25.44 33.70
N ASP D 32 -52.45 25.32 32.39
CA ASP D 32 -51.63 24.25 31.83
C ASP D 32 -50.15 24.46 32.15
N LEU D 33 -49.71 25.72 32.20
CA LEU D 33 -48.31 26.00 32.49
C LEU D 33 -47.98 25.73 33.95
N LEU D 34 -48.92 26.02 34.85
CA LEU D 34 -48.68 25.77 36.27
C LEU D 34 -48.60 24.27 36.57
N THR D 35 -49.23 23.45 35.73
CA THR D 35 -49.20 22.01 35.95
C THR D 35 -47.81 21.44 35.67
N VAL D 36 -47.25 21.74 34.51
CA VAL D 36 -45.95 21.21 34.10
C VAL D 36 -44.89 22.29 34.36
N THR D 37 -44.00 22.00 35.30
CA THR D 37 -42.92 22.92 35.67
C THR D 37 -41.75 22.88 34.69
N PRO D 38 -41.18 21.71 34.36
CA PRO D 38 -39.97 21.72 33.53
C PRO D 38 -40.19 22.24 32.12
N LYS D 39 -41.42 22.19 31.61
CA LYS D 39 -41.69 22.69 30.26
C LYS D 39 -41.46 24.20 30.22
N ARG D 40 -40.53 24.64 29.37
CA ARG D 40 -40.18 26.04 29.24
C ARG D 40 -41.00 26.76 28.19
N SER D 41 -42.13 26.19 27.78
CA SER D 41 -43.00 26.80 26.78
C SER D 41 -44.45 26.61 27.16
N LEU D 42 -45.31 27.51 26.68
CA LEU D 42 -46.74 27.44 26.92
C LEU D 42 -47.47 27.86 25.65
N ALA D 43 -48.33 26.99 25.15
CA ALA D 43 -49.09 27.28 23.94
C ALA D 43 -50.13 28.37 24.22
N ILE D 44 -50.01 29.49 23.52
CA ILE D 44 -50.94 30.61 23.65
C ILE D 44 -51.56 30.86 22.28
N ASP D 45 -52.88 30.85 22.22
CA ASP D 45 -53.59 31.06 20.96
C ASP D 45 -53.81 32.54 20.70
N TRP D 46 -53.76 32.91 19.42
CA TRP D 46 -54.01 34.30 19.04
C TRP D 46 -55.50 34.61 19.07
N ALA D 47 -56.34 33.63 18.72
CA ALA D 47 -57.78 33.84 18.75
C ALA D 47 -58.29 34.05 20.18
N HIS D 48 -57.62 33.45 21.16
CA HIS D 48 -58.01 33.66 22.56
C HIS D 48 -57.69 35.07 23.02
N LEU D 49 -56.64 35.68 22.47
CA LEU D 49 -56.30 37.05 22.84
C LEU D 49 -57.28 38.05 22.25
N ASN D 50 -57.89 37.73 21.11
CA ASN D 50 -58.86 38.65 20.50
C ASN D 50 -60.13 38.74 21.35
N SER D 51 -60.52 37.65 21.99
CA SER D 51 -61.72 37.67 22.82
C SER D 51 -61.54 38.56 24.04
N PHE D 52 -60.31 38.69 24.53
CA PHE D 52 -60.03 39.53 25.69
C PHE D 52 -59.62 40.94 25.29
N ASP D 53 -58.64 41.08 24.40
CA ASP D 53 -58.14 42.37 23.96
C ASP D 53 -57.73 42.28 22.49
N PRO D 54 -58.59 42.73 21.57
CA PRO D 54 -58.22 42.66 20.15
C PRO D 54 -57.12 43.63 19.78
N GLU D 55 -57.06 44.80 20.44
CA GLU D 55 -56.03 45.77 20.13
C GLU D 55 -54.66 45.30 20.59
N LEU D 56 -54.61 44.59 21.72
CA LEU D 56 -53.34 44.06 22.22
C LEU D 56 -52.78 43.03 21.25
N ALA D 57 -53.64 42.22 20.63
CA ALA D 57 -53.17 41.24 19.66
C ALA D 57 -52.61 41.91 18.41
N ASP D 58 -53.11 43.10 18.06
CA ASP D 58 -52.57 43.82 16.92
C ASP D 58 -51.13 44.28 17.17
N GLU D 59 -50.78 44.53 18.43
CA GLU D 59 -49.41 44.92 18.74
C GLU D 59 -48.44 43.77 18.51
N LEU D 60 -48.90 42.53 18.64
CA LEU D 60 -48.04 41.38 18.37
C LEU D 60 -47.66 41.32 16.90
N LEU D 61 -48.59 41.66 16.00
CA LEU D 61 -48.30 41.64 14.58
C LEU D 61 -47.52 42.87 14.13
N ASN D 62 -47.51 43.93 14.95
CA ASN D 62 -46.80 45.16 14.60
C ASN D 62 -45.39 45.18 15.18
N ASN D 63 -45.28 45.10 16.51
CA ASN D 63 -44.00 45.12 17.21
C ASN D 63 -43.92 43.93 18.14
N PRO D 64 -43.57 42.75 17.60
CA PRO D 64 -43.45 41.56 18.45
C PRO D 64 -42.20 41.53 19.31
N GLU D 65 -41.28 42.48 19.14
CA GLU D 65 -40.06 42.49 19.95
C GLU D 65 -40.39 42.76 21.41
N GLU D 66 -41.15 43.82 21.67
CA GLU D 66 -41.55 44.14 23.03
C GLU D 66 -42.83 43.44 23.46
N ALA D 67 -43.69 43.06 22.52
CA ALA D 67 -44.92 42.35 22.87
C ALA D 67 -44.61 40.98 23.46
N ILE D 68 -43.70 40.24 22.84
CA ILE D 68 -43.28 38.95 23.38
C ILE D 68 -42.57 39.13 24.71
N ALA D 69 -41.72 40.16 24.81
CA ALA D 69 -40.98 40.39 26.04
C ALA D 69 -41.91 40.81 27.18
N SER D 70 -42.85 41.72 26.89
CA SER D 70 -43.78 42.16 27.93
C SER D 70 -44.70 41.02 28.37
N ALA D 71 -45.11 40.18 27.42
CA ALA D 71 -45.93 39.03 27.77
C ALA D 71 -45.14 38.04 28.62
N GLU D 72 -43.86 37.85 28.29
CA GLU D 72 -43.02 36.97 29.10
C GLU D 72 -42.80 37.56 30.49
N ASP D 73 -42.73 38.89 30.60
CA ASP D 73 -42.56 39.51 31.90
C ASP D 73 -43.87 39.55 32.69
N ALA D 74 -45.00 39.69 32.00
CA ALA D 74 -46.28 39.76 32.69
C ALA D 74 -46.69 38.39 33.23
N ILE D 75 -46.40 37.32 32.47
CA ILE D 75 -46.78 35.98 32.90
C ILE D 75 -45.98 35.55 34.12
N GLN D 76 -44.78 36.12 34.30
CA GLN D 76 -43.99 35.80 35.49
C GLN D 76 -44.66 36.32 36.76
N ILE D 77 -45.49 37.36 36.64
CA ILE D 77 -46.19 37.89 37.81
C ILE D 77 -47.43 37.05 38.12
N VAL D 78 -48.08 36.48 37.11
CA VAL D 78 -49.26 35.66 37.31
C VAL D 78 -48.86 34.22 37.51
N LEU D 79 -47.56 33.97 37.71
CA LEU D 79 -47.05 32.64 37.99
C LEU D 79 -46.39 32.58 39.36
N ARG D 80 -45.55 33.57 39.71
CA ARG D 80 -44.84 33.52 40.98
C ARG D 80 -45.80 33.73 42.16
N GLU D 81 -46.53 34.84 42.15
CA GLU D 81 -47.44 35.14 43.25
C GLU D 81 -48.58 34.12 43.37
N PRO D 82 -49.24 33.70 42.29
CA PRO D 82 -50.24 32.62 42.42
C PRO D 82 -49.57 31.32 42.81
N PRO D 83 -50.36 30.32 43.25
CA PRO D 83 -49.75 29.06 43.73
C PRO D 83 -49.10 28.24 42.64
N LEU D 84 -48.60 27.06 43.01
CA LEU D 84 -47.87 26.15 42.11
C LEU D 84 -46.59 26.77 41.57
N LEU D 85 -45.95 27.64 42.36
CA LEU D 85 -44.67 28.24 42.02
C LEU D 85 -43.60 27.91 43.05
N VAL D 86 -43.60 26.69 43.59
CA VAL D 86 -42.64 26.31 44.63
C VAL D 86 -41.22 26.34 44.09
N GLU D 87 -41.08 26.20 42.76
CA GLU D 87 -39.76 26.17 42.16
C GLU D 87 -39.57 27.29 41.14
N ARG D 88 -38.61 27.12 40.26
CA ARG D 88 -38.35 28.14 39.24
C ARG D 88 -39.59 28.38 38.39
N GLU D 89 -39.84 29.63 38.04
CA GLU D 89 -41.03 29.96 37.25
C GLU D 89 -41.02 29.18 35.94
N PHE D 90 -42.10 28.48 35.67
CA PHE D 90 -42.20 27.71 34.43
C PHE D 90 -42.18 28.67 33.25
N LYS D 91 -41.29 28.41 32.29
CA LYS D 91 -41.16 29.32 31.15
C LYS D 91 -42.27 29.11 30.13
N VAL D 92 -42.52 30.13 29.32
CA VAL D 92 -43.56 30.04 28.30
C VAL D 92 -42.95 30.30 26.94
N HIS D 93 -41.89 31.10 26.91
CA HIS D 93 -41.26 31.45 25.64
C HIS D 93 -42.25 32.20 24.77
N ALA D 94 -43.32 32.71 25.37
CA ALA D 94 -44.33 33.44 24.63
C ALA D 94 -44.70 32.70 23.35
N ARG D 95 -44.97 31.40 23.47
CA ARG D 95 -45.32 30.62 22.30
C ARG D 95 -46.63 31.12 21.71
N PHE D 96 -46.56 31.71 20.53
CA PHE D 96 -47.77 32.24 19.90
C PHE D 96 -48.00 31.55 18.56
N TYR D 97 -49.26 31.43 18.16
CA TYR D 97 -49.60 30.77 16.91
C TYR D 97 -51.03 31.17 16.54
N ASN D 98 -51.59 30.47 15.54
CA ASN D 98 -52.95 30.73 15.06
C ASN D 98 -53.13 32.17 14.61
N LEU D 99 -52.16 32.66 13.83
CA LEU D 99 -52.23 34.01 13.31
C LEU D 99 -53.37 34.12 12.30
N PRO D 100 -53.89 35.34 12.08
CA PRO D 100 -55.01 35.50 11.14
C PRO D 100 -54.69 35.06 9.72
N LYS D 101 -53.46 35.21 9.27
CA LYS D 101 -53.07 34.83 7.93
C LYS D 101 -51.94 33.81 7.97
N THR D 102 -51.96 32.89 7.01
CA THR D 102 -50.93 31.88 6.86
C THR D 102 -50.19 32.15 5.56
N LEU D 103 -48.95 32.62 5.67
CA LEU D 103 -48.17 33.00 4.50
C LEU D 103 -47.37 31.82 3.98
N LEU D 104 -46.79 32.00 2.80
CA LEU D 104 -45.92 31.01 2.18
C LEU D 104 -44.50 31.54 2.14
N VAL D 105 -43.56 30.63 1.85
CA VAL D 105 -42.16 31.03 1.73
C VAL D 105 -41.99 31.98 0.55
N LYS D 106 -42.66 31.69 -0.57
CA LYS D 106 -42.63 32.62 -1.70
C LYS D 106 -43.42 33.88 -1.39
N GLU D 107 -44.52 33.74 -0.64
CA GLU D 107 -45.31 34.91 -0.27
C GLU D 107 -44.55 35.81 0.71
N LEU D 108 -43.63 35.24 1.48
CA LEU D 108 -42.86 36.03 2.42
C LEU D 108 -41.99 37.05 1.69
N GLY D 109 -42.11 38.32 2.07
CA GLY D 109 -41.37 39.38 1.42
C GLY D 109 -40.50 40.16 2.37
N SER D 110 -40.00 41.32 1.90
CA SER D 110 -39.10 42.12 2.73
C SER D 110 -39.88 43.00 3.70
N GLU D 111 -41.15 43.29 3.40
CA GLU D 111 -41.94 44.17 4.24
C GLU D 111 -42.32 43.52 5.57
N HIS D 112 -42.22 42.19 5.68
CA HIS D 112 -42.59 41.48 6.89
C HIS D 112 -41.49 41.47 7.94
N ILE D 113 -40.44 42.26 7.76
CA ILE D 113 -39.35 42.30 8.73
C ILE D 113 -39.82 42.98 10.00
N ASN D 114 -39.43 42.43 11.15
CA ASN D 114 -39.79 42.94 12.48
C ASN D 114 -41.29 42.85 12.73
N LYS D 115 -41.97 41.89 12.13
CA LYS D 115 -43.39 41.66 12.34
C LYS D 115 -43.65 40.17 12.45
N LEU D 116 -44.57 39.80 13.35
CA LEU D 116 -44.88 38.39 13.57
C LEU D 116 -45.60 37.82 12.35
N ILE D 117 -45.04 36.77 11.77
CA ILE D 117 -45.59 36.14 10.58
C ILE D 117 -45.89 34.67 10.89
N GLN D 118 -46.61 34.03 9.97
CA GLN D 118 -46.95 32.60 10.08
C GLN D 118 -46.75 31.99 8.69
N VAL D 119 -45.56 31.46 8.45
CA VAL D 119 -45.20 30.90 7.15
C VAL D 119 -45.23 29.38 7.24
N GLU D 120 -45.80 28.75 6.21
CA GLU D 120 -45.88 27.30 6.13
C GLU D 120 -44.90 26.79 5.09
N GLY D 121 -44.40 25.58 5.31
CA GLY D 121 -43.45 25.00 4.39
C GLY D 121 -42.97 23.65 4.88
N ILE D 122 -41.96 23.12 4.18
CA ILE D 122 -41.36 21.84 4.50
C ILE D 122 -39.88 22.06 4.79
N ILE D 123 -39.37 21.37 5.80
CA ILE D 123 -37.97 21.50 6.18
C ILE D 123 -37.12 20.65 5.25
N THR D 124 -36.08 21.24 4.66
CA THR D 124 -35.17 20.55 3.77
C THR D 124 -33.79 20.31 4.38
N ARG D 125 -33.33 21.26 5.18
CA ARG D 125 -32.04 21.09 5.84
C ARG D 125 -32.17 21.37 7.33
N VAL D 126 -31.25 20.83 8.12
CA VAL D 126 -31.27 21.02 9.56
C VAL D 126 -29.86 20.75 10.08
N SER D 127 -29.45 21.54 11.07
CA SER D 127 -28.14 21.42 11.67
C SER D 127 -28.24 20.68 13.00
N GLU D 128 -27.08 20.44 13.61
CA GLU D 128 -27.04 19.77 14.90
C GLU D 128 -27.34 20.76 16.02
N VAL D 129 -27.35 20.26 17.25
CA VAL D 129 -27.61 21.11 18.42
C VAL D 129 -26.32 21.85 18.77
N LYS D 130 -26.19 23.07 18.27
CA LYS D 130 -24.99 23.86 18.52
C LYS D 130 -25.20 24.76 19.72
N PRO D 131 -24.26 24.78 20.67
CA PRO D 131 -24.42 25.64 21.85
C PRO D 131 -24.28 27.11 21.47
N PHE D 132 -25.20 27.93 21.99
CA PHE D 132 -25.22 29.36 21.73
C PHE D 132 -25.15 30.13 23.05
N VAL D 133 -24.33 31.16 23.09
CA VAL D 133 -24.16 31.99 24.28
C VAL D 133 -25.19 33.11 24.25
N GLU D 134 -26.08 33.13 25.24
CA GLU D 134 -27.10 34.16 25.31
C GLU D 134 -26.52 35.47 25.82
N LYS D 135 -25.89 35.45 26.99
CA LYS D 135 -25.24 36.61 27.57
C LYS D 135 -23.73 36.39 27.47
N ALA D 136 -23.10 37.10 26.53
CA ALA D 136 -21.66 36.98 26.30
C ALA D 136 -20.92 37.82 27.33
N VAL D 137 -20.37 37.16 28.35
CA VAL D 137 -19.63 37.83 29.41
C VAL D 137 -18.17 37.91 28.98
N PHE D 138 -17.71 39.13 28.69
CA PHE D 138 -16.32 39.37 28.31
C PHE D 138 -15.53 39.81 29.52
N VAL D 139 -14.43 39.12 29.80
CA VAL D 139 -13.60 39.40 30.96
C VAL D 139 -12.34 40.12 30.50
N CYS D 140 -11.91 41.11 31.28
CA CYS D 140 -10.66 41.81 31.03
C CYS D 140 -9.63 41.41 32.07
N ARG D 141 -8.36 41.37 31.67
CA ARG D 141 -7.31 41.03 32.62
C ARG D 141 -7.17 42.09 33.71
N ASP D 142 -7.52 43.34 33.40
CA ASP D 142 -7.47 44.42 34.38
C ASP D 142 -8.84 44.63 35.03
N CYS D 143 -9.33 43.54 35.63
CA CYS D 143 -10.59 43.52 36.41
C CYS D 143 -11.72 44.27 35.70
N GLY D 144 -11.95 43.90 34.44
CA GLY D 144 -12.98 44.54 33.65
C GLY D 144 -14.04 43.59 33.15
N ASN D 145 -14.41 42.61 33.99
CA ASN D 145 -15.42 41.63 33.60
C ASN D 145 -16.84 42.19 33.66
N GLU D 146 -17.01 43.47 33.99
CA GLU D 146 -18.35 44.04 34.11
C GLU D 146 -19.05 44.11 32.77
N MET D 147 -18.30 44.30 31.68
CA MET D 147 -18.90 44.45 30.37
C MET D 147 -19.48 43.11 29.89
N VAL D 148 -20.76 43.15 29.49
CA VAL D 148 -21.46 41.98 28.98
C VAL D 148 -22.23 42.37 27.73
N ARG D 149 -22.50 41.38 26.88
CA ARG D 149 -23.21 41.60 25.63
C ARG D 149 -24.26 40.50 25.46
N LEU D 150 -25.51 40.90 25.27
CA LEU D 150 -26.60 39.95 25.04
C LEU D 150 -26.69 39.67 23.55
N GLN D 151 -25.81 38.78 23.08
CA GLN D 151 -25.76 38.43 21.67
C GLN D 151 -27.03 37.70 21.25
N ARG D 152 -27.32 37.78 19.96
CA ARG D 152 -28.52 37.20 19.38
C ARG D 152 -28.16 36.02 18.49
N PRO D 153 -29.00 34.99 18.43
CA PRO D 153 -28.65 33.78 17.68
C PRO D 153 -28.96 33.86 16.19
N TYR D 154 -29.20 35.06 15.68
CA TYR D 154 -29.53 35.22 14.26
C TYR D 154 -28.27 35.18 13.41
N GLU D 155 -27.45 34.14 13.58
CA GLU D 155 -26.21 33.97 12.82
C GLU D 155 -25.32 35.20 12.91
N ASN D 156 -25.40 35.91 14.04
CA ASN D 156 -24.64 37.14 14.21
C ASN D 156 -23.21 36.83 14.62
N LEU D 157 -22.42 37.89 14.77
CA LEU D 157 -21.02 37.80 15.15
C LEU D 157 -20.83 38.31 16.58
N VAL D 158 -19.61 38.18 17.08
CA VAL D 158 -19.27 38.66 18.41
C VAL D 158 -19.27 40.17 18.40
N LYS D 159 -19.75 40.77 19.50
CA LYS D 159 -19.81 42.22 19.67
C LYS D 159 -18.80 42.65 20.72
N PRO D 160 -17.54 42.87 20.35
CA PRO D 160 -16.53 43.27 21.34
C PRO D 160 -16.54 44.78 21.60
N ALA D 161 -16.27 45.14 22.85
CA ALA D 161 -16.22 46.53 23.26
C ALA D 161 -15.00 46.76 24.14
N LYS D 162 -14.34 47.89 23.95
CA LYS D 162 -13.16 48.26 24.74
C LYS D 162 -13.60 48.92 26.03
N CYS D 163 -13.09 48.43 27.15
CA CYS D 163 -13.42 48.98 28.47
C CYS D 163 -12.65 50.29 28.64
N ASP D 164 -13.28 51.38 28.20
CA ASP D 164 -12.67 52.70 28.27
C ASP D 164 -12.78 53.33 29.66
N ALA D 165 -13.50 52.69 30.59
CA ALA D 165 -13.62 53.25 31.93
C ALA D 165 -12.29 53.22 32.66
N CYS D 166 -11.49 52.16 32.45
CA CYS D 166 -10.18 52.03 33.08
C CYS D 166 -9.07 51.81 32.06
N GLY D 167 -9.38 51.83 30.76
CA GLY D 167 -8.37 51.67 29.75
C GLY D 167 -7.81 50.27 29.63
N SER D 168 -8.65 49.25 29.74
CA SER D 168 -8.21 47.85 29.66
C SER D 168 -8.64 47.28 28.33
N ARG D 169 -7.75 47.35 27.34
CA ARG D 169 -8.01 46.77 26.02
C ARG D 169 -7.46 45.35 25.95
N ASN D 170 -7.93 44.51 26.88
CA ASN D 170 -7.52 43.12 26.99
C ASN D 170 -8.73 42.23 27.21
N ILE D 171 -9.79 42.45 26.43
CA ILE D 171 -11.03 41.72 26.60
C ILE D 171 -10.83 40.24 26.27
N GLU D 172 -11.71 39.40 26.79
CA GLU D 172 -11.68 37.96 26.54
C GLU D 172 -13.05 37.39 26.84
N LEU D 173 -13.61 36.67 25.88
CA LEU D 173 -14.94 36.09 26.04
C LEU D 173 -14.87 34.92 27.02
N ASP D 174 -15.42 35.11 28.21
CA ASP D 174 -15.42 34.05 29.22
C ASP D 174 -16.42 32.96 28.82
N VAL D 175 -16.07 31.72 29.17
CA VAL D 175 -16.89 30.57 28.84
C VAL D 175 -17.47 29.91 30.08
N ASP D 176 -17.41 30.57 31.24
CA ASP D 176 -17.92 29.99 32.47
C ASP D 176 -19.14 30.75 32.97
N LYS D 177 -18.99 32.07 33.17
CA LYS D 177 -20.10 32.87 33.67
C LYS D 177 -21.07 33.27 32.58
N SER D 178 -20.66 33.17 31.31
CA SER D 178 -21.53 33.54 30.20
C SER D 178 -22.70 32.56 30.10
N ARG D 179 -23.90 33.11 29.99
CA ARG D 179 -25.10 32.28 29.88
C ARG D 179 -25.17 31.65 28.49
N PHE D 180 -25.47 30.35 28.47
CA PHE D 180 -25.52 29.58 27.24
C PHE D 180 -26.95 29.12 26.97
N LEU D 181 -27.19 28.76 25.72
CA LEU D 181 -28.55 28.43 25.29
C LEU D 181 -28.47 27.52 24.07
N ASN D 182 -29.49 26.68 23.89
CA ASN D 182 -29.53 25.79 22.74
C ASN D 182 -29.83 26.56 21.46
N PHE D 183 -29.34 26.04 20.34
CA PHE D 183 -29.51 26.69 19.05
C PHE D 183 -29.47 25.64 17.95
N GLN D 184 -30.44 25.73 17.03
CA GLN D 184 -30.51 24.83 15.88
C GLN D 184 -31.04 25.61 14.69
N SER D 185 -30.40 25.42 13.54
CA SER D 185 -30.75 26.11 12.31
C SER D 185 -31.30 25.13 11.29
N PHE D 186 -32.43 25.48 10.68
CA PHE D 186 -33.04 24.65 9.65
C PHE D 186 -33.45 25.53 8.47
N ARG D 187 -33.57 24.89 7.32
CA ARG D 187 -33.85 25.59 6.06
C ARG D 187 -35.31 25.32 5.66
N LEU D 188 -36.17 26.31 5.92
CA LEU D 188 -37.55 26.20 5.49
C LEU D 188 -37.67 26.40 3.98
N GLN D 189 -38.64 25.71 3.38
CA GLN D 189 -38.83 25.77 1.94
C GLN D 189 -40.27 25.44 1.63
N ASP D 190 -40.80 26.06 0.57
CA ASP D 190 -42.16 25.77 0.11
C ASP D 190 -42.30 24.29 -0.22
N ARG D 191 -43.50 23.77 0.01
CA ARG D 191 -43.78 22.36 -0.21
C ARG D 191 -43.74 22.03 -1.70
N PRO D 192 -42.80 21.20 -2.16
CA PRO D 192 -42.82 20.80 -3.58
C PRO D 192 -44.01 19.93 -3.92
N GLU D 193 -44.61 19.27 -2.93
CA GLU D 193 -45.82 18.48 -3.17
C GLU D 193 -46.98 19.38 -3.58
N SER D 194 -47.21 20.45 -2.81
CA SER D 194 -48.26 21.40 -3.17
C SER D 194 -47.89 22.15 -4.45
N LEU D 195 -46.60 22.39 -4.67
CA LEU D 195 -46.14 23.04 -5.89
C LEU D 195 -46.07 22.09 -7.08
N LYS D 196 -46.26 20.79 -6.85
CA LYS D 196 -46.21 19.79 -7.91
C LYS D 196 -44.88 19.82 -8.64
N GLY D 197 -43.79 19.90 -7.88
CA GLY D 197 -42.45 19.97 -8.41
C GLY D 197 -41.75 21.20 -7.87
N GLY D 198 -40.79 21.71 -8.64
CA GLY D 198 -40.06 22.89 -8.25
C GLY D 198 -40.66 24.17 -8.81
N GLN D 199 -41.96 24.35 -8.58
CA GLN D 199 -42.63 25.56 -9.07
C GLN D 199 -42.05 26.81 -8.41
N MET D 200 -42.24 26.95 -7.10
CA MET D 200 -41.72 28.07 -6.34
C MET D 200 -41.03 27.54 -5.08
N PRO D 201 -39.90 26.83 -5.25
CA PRO D 201 -39.23 26.39 -4.03
C PRO D 201 -38.45 27.53 -3.39
N ARG D 202 -39.15 28.51 -2.85
CA ARG D 202 -38.48 29.64 -2.22
C ARG D 202 -37.72 29.20 -0.98
N PHE D 203 -36.81 30.03 -0.48
CA PHE D 203 -35.99 29.61 0.65
C PHE D 203 -36.00 30.58 1.82
N VAL D 204 -36.41 30.11 2.99
CA VAL D 204 -36.38 30.95 4.18
C VAL D 204 -35.72 30.19 5.33
N ASP D 205 -34.41 30.38 5.49
CA ASP D 205 -33.71 29.72 6.58
C ASP D 205 -34.19 30.25 7.92
N ALA D 206 -34.45 29.36 8.86
CA ALA D 206 -34.94 29.78 10.16
C ALA D 206 -34.18 29.11 11.30
N ILE D 207 -34.11 29.78 12.45
CA ILE D 207 -33.38 29.22 13.59
C ILE D 207 -34.30 28.74 14.70
N LEU D 208 -33.84 27.77 15.48
CA LEU D 208 -34.63 27.26 16.60
C LEU D 208 -33.77 27.29 17.84
N LEU D 209 -34.36 27.57 19.00
CA LEU D 209 -33.56 27.68 20.21
C LEU D 209 -34.26 27.19 21.47
N ASP D 210 -33.49 26.98 22.53
CA ASP D 210 -34.05 26.55 23.81
C ASP D 210 -35.00 25.37 23.70
N ASP D 211 -36.30 25.63 23.61
CA ASP D 211 -37.27 24.54 23.59
C ASP D 211 -37.62 24.07 22.19
N LEU D 212 -37.51 24.94 21.19
CA LEU D 212 -37.85 24.57 19.83
C LEU D 212 -36.80 23.67 19.19
N VAL D 213 -35.64 23.46 19.83
CA VAL D 213 -34.62 22.60 19.26
C VAL D 213 -35.08 21.15 19.31
N ASP D 214 -34.73 20.38 18.28
CA ASP D 214 -35.10 18.97 18.15
C ASP D 214 -36.62 18.81 18.20
N ALA D 215 -37.29 19.52 17.30
CA ALA D 215 -38.75 19.49 17.21
C ALA D 215 -39.27 18.86 15.93
N ALA D 216 -38.58 19.05 14.82
CA ALA D 216 -39.01 18.48 13.55
C ALA D 216 -37.79 17.99 12.77
N LEU D 217 -38.04 17.04 11.88
CA LEU D 217 -37.03 16.45 11.02
C LEU D 217 -37.18 16.98 9.60
N PRO D 218 -36.10 16.97 8.80
CA PRO D 218 -36.22 17.43 7.42
C PRO D 218 -37.13 16.54 6.61
N GLY D 219 -37.94 17.15 5.75
CA GLY D 219 -38.94 16.44 4.98
C GLY D 219 -40.33 16.46 5.57
N ASP D 220 -40.51 17.07 6.75
CA ASP D 220 -41.81 17.14 7.40
C ASP D 220 -42.43 18.51 7.14
N ARG D 221 -43.76 18.53 6.99
CA ARG D 221 -44.50 19.76 6.75
C ARG D 221 -44.85 20.39 8.09
N VAL D 222 -44.25 21.55 8.37
CA VAL D 222 -44.46 22.25 9.63
C VAL D 222 -45.02 23.63 9.35
N LEU D 223 -45.67 24.19 10.36
CA LEU D 223 -46.26 25.53 10.30
C LEU D 223 -45.56 26.38 11.37
N VAL D 224 -44.46 27.01 10.98
CA VAL D 224 -43.68 27.84 11.90
C VAL D 224 -44.26 29.25 11.89
N THR D 225 -44.31 29.87 13.07
CA THR D 225 -44.84 31.23 13.22
C THR D 225 -43.95 32.00 14.21
N GLY D 226 -43.03 32.80 13.66
CA GLY D 226 -42.11 33.56 14.46
C GLY D 226 -41.83 34.92 13.84
N VAL D 227 -40.99 35.69 14.54
CA VAL D 227 -40.62 37.02 14.09
C VAL D 227 -39.58 36.91 12.99
N LEU D 228 -39.80 37.62 11.89
CA LEU D 228 -38.86 37.63 10.78
C LEU D 228 -37.74 38.62 11.09
N ARG D 229 -36.58 38.10 11.48
CA ARG D 229 -35.42 38.91 11.78
C ARG D 229 -34.56 39.07 10.53
N VAL D 230 -33.63 40.02 10.59
CA VAL D 230 -32.76 40.36 9.46
C VAL D 230 -31.31 40.32 9.95
N ILE D 231 -30.41 39.96 9.05
CA ILE D 231 -28.98 39.88 9.36
C ILE D 231 -28.23 40.85 8.46
N LEU D 232 -27.09 41.35 8.92
CA LEU D 232 -26.32 42.32 8.14
C LEU D 232 -25.91 41.77 6.78
N GLU D 233 -24.66 41.33 6.67
CA GLU D 233 -24.19 40.75 5.42
C GLU D 233 -22.74 40.31 5.52
N GLN D 234 -22.25 39.64 4.49
CA GLN D 234 -20.85 39.23 4.48
C GLN D 234 -20.00 40.38 3.96
N ARG D 235 -18.99 40.78 4.74
CA ARG D 235 -18.12 41.87 4.34
C ARG D 235 -18.94 43.14 4.14
N GLU D 236 -20.10 43.22 4.78
CA GLU D 236 -20.95 44.40 4.67
C GLU D 236 -21.06 44.84 3.22
N LYS D 237 -20.82 46.13 2.96
CA LYS D 237 -20.89 46.66 1.59
C LYS D 237 -22.30 46.67 1.04
N ARG D 238 -22.79 47.83 0.61
CA ARG D 238 -24.12 47.95 0.07
C ARG D 238 -25.13 47.78 1.20
N PRO D 239 -26.30 48.42 1.12
CA PRO D 239 -27.30 48.25 2.19
C PRO D 239 -28.13 46.99 2.02
N ILE D 240 -27.47 45.85 1.79
CA ILE D 240 -28.14 44.57 1.63
C ILE D 240 -28.17 43.88 2.99
N PHE D 241 -29.32 43.31 3.34
CA PHE D 241 -29.49 42.66 4.64
C PHE D 241 -30.41 41.46 4.46
N LYS D 242 -29.83 40.27 4.52
CA LYS D 242 -30.60 39.05 4.38
C LYS D 242 -31.52 38.83 5.55
N LYS D 243 -32.66 38.20 5.29
CA LYS D 243 -33.63 37.91 6.34
C LYS D 243 -33.41 36.51 6.89
N ILE D 244 -33.57 36.37 8.21
CA ILE D 244 -33.43 35.10 8.90
C ILE D 244 -34.62 35.00 9.87
N LEU D 245 -35.55 34.09 9.58
CA LEU D 245 -36.74 33.94 10.39
C LEU D 245 -36.39 33.36 11.75
N GLU D 246 -36.81 34.06 12.82
CA GLU D 246 -36.64 33.57 14.19
C GLU D 246 -37.93 32.87 14.59
N VAL D 247 -37.91 31.53 14.58
CA VAL D 247 -39.11 30.77 14.88
C VAL D 247 -39.50 30.96 16.34
N ASN D 248 -40.77 31.25 16.58
CA ASN D 248 -41.30 31.43 17.93
C ASN D 248 -42.13 30.24 18.40
N HIS D 249 -42.87 29.60 17.49
CA HIS D 249 -43.67 28.44 17.83
C HIS D 249 -43.76 27.54 16.60
N ILE D 250 -43.23 26.32 16.72
CA ILE D 250 -43.23 25.35 15.63
C ILE D 250 -44.41 24.40 15.83
N GLU D 251 -45.00 23.96 14.73
CA GLU D 251 -46.15 23.06 14.76
C GLU D 251 -46.28 22.38 13.41
N GLN D 252 -46.58 21.08 13.44
CA GLN D 252 -46.73 20.32 12.20
C GLN D 252 -48.03 20.68 11.51
N LEU D 253 -47.99 20.71 10.18
CA LEU D 253 -49.16 21.05 9.39
C LEU D 253 -50.21 19.94 9.48
N SER D 254 -51.47 20.34 9.35
CA SER D 254 -52.56 19.36 9.37
C SER D 254 -52.62 18.59 8.05
N LYS D 255 -53.38 17.50 8.07
CA LYS D 255 -53.49 16.66 6.89
C LYS D 255 -54.29 17.36 5.79
N GLU D 256 -55.36 18.06 6.16
CA GLU D 256 -56.20 18.73 5.17
C GLU D 256 -55.50 19.94 4.55
N ILE D 257 -54.46 20.46 5.19
CA ILE D 257 -53.77 21.63 4.63
C ILE D 257 -52.84 21.20 3.50
N GLU D 258 -52.19 20.04 3.64
CA GLU D 258 -51.26 19.55 2.65
C GLU D 258 -51.90 18.57 1.66
N GLU D 259 -53.22 18.47 1.65
CA GLU D 259 -53.94 17.60 0.74
C GLU D 259 -54.92 18.41 -0.10
N LEU D 260 -55.54 17.73 -1.06
CA LEU D 260 -56.51 18.39 -1.93
C LEU D 260 -57.79 18.72 -1.16
N GLU D 261 -58.28 19.93 -1.35
CA GLU D 261 -59.51 20.38 -0.70
C GLU D 261 -60.71 20.02 -1.58
N ILE D 262 -61.05 18.73 -1.54
CA ILE D 262 -62.16 18.23 -2.35
C ILE D 262 -63.48 18.77 -1.80
N SER D 263 -64.34 19.22 -2.71
CA SER D 263 -65.65 19.75 -2.36
C SER D 263 -66.66 18.62 -2.20
N PRO D 264 -67.74 18.86 -1.45
CA PRO D 264 -68.76 17.82 -1.30
C PRO D 264 -69.40 17.40 -2.61
N GLU D 265 -69.58 18.34 -3.55
CA GLU D 265 -70.13 17.97 -4.84
C GLU D 265 -69.09 17.24 -5.70
N ASP D 266 -67.80 17.43 -5.40
CA ASP D 266 -66.77 16.70 -6.11
C ASP D 266 -66.67 15.26 -5.63
N GLU D 267 -66.95 15.03 -4.35
CA GLU D 267 -66.94 13.67 -3.82
C GLU D 267 -68.06 12.84 -4.43
N GLN D 268 -69.19 13.48 -4.75
CA GLN D 268 -70.28 12.77 -5.42
C GLN D 268 -69.89 12.38 -6.84
N LYS D 269 -69.24 13.29 -7.56
CA LYS D 269 -68.75 12.97 -8.90
C LYS D 269 -67.68 11.89 -8.85
N ILE D 270 -66.86 11.88 -7.80
CA ILE D 270 -65.88 10.81 -7.62
C ILE D 270 -66.58 9.49 -7.32
N ARG D 271 -67.59 9.52 -6.45
CA ARG D 271 -68.36 8.32 -6.14
C ARG D 271 -69.13 7.83 -7.36
N GLU D 272 -69.59 8.76 -8.20
CA GLU D 272 -70.29 8.38 -9.41
C GLU D 272 -69.35 7.69 -10.40
N LEU D 273 -68.09 8.12 -10.43
CA LEU D 273 -67.11 7.50 -11.32
C LEU D 273 -66.82 6.06 -10.91
N ALA D 274 -66.93 5.75 -9.61
CA ALA D 274 -66.71 4.39 -9.16
C ALA D 274 -67.84 3.46 -9.60
N LYS D 275 -69.07 3.96 -9.60
CA LYS D 275 -70.21 3.17 -10.05
C LYS D 275 -70.20 2.97 -11.56
N ARG D 276 -69.45 3.78 -12.29
CA ARG D 276 -69.38 3.65 -13.74
C ARG D 276 -68.70 2.34 -14.13
N LYS D 277 -69.26 1.67 -15.13
CA LYS D 277 -68.69 0.41 -15.61
C LYS D 277 -67.31 0.64 -16.21
N ASP D 278 -66.56 -0.45 -16.35
CA ASP D 278 -65.19 -0.47 -16.86
C ASP D 278 -64.36 0.69 -16.33
N ILE D 279 -64.45 0.95 -15.02
CA ILE D 279 -63.66 2.01 -14.40
C ILE D 279 -62.18 1.69 -14.50
N VAL D 280 -61.82 0.41 -14.44
CA VAL D 280 -60.41 0.03 -14.59
C VAL D 280 -59.93 0.32 -16.01
N ASP D 281 -60.81 0.17 -17.00
CA ASP D 281 -60.43 0.48 -18.37
C ASP D 281 -60.38 1.98 -18.62
N ALA D 282 -61.19 2.75 -17.90
CA ALA D 282 -61.19 4.20 -18.09
C ALA D 282 -59.95 4.84 -17.49
N ILE D 283 -59.52 4.38 -16.31
CA ILE D 283 -58.34 4.95 -15.67
C ILE D 283 -57.08 4.61 -16.45
N VAL D 284 -56.98 3.37 -16.94
CA VAL D 284 -55.82 2.97 -17.71
C VAL D 284 -55.71 3.78 -19.00
N ASP D 285 -56.85 3.97 -19.68
CA ASP D 285 -56.83 4.76 -20.91
C ASP D 285 -56.59 6.23 -20.63
N SER D 286 -56.94 6.71 -19.43
CA SER D 286 -56.77 8.11 -19.10
C SER D 286 -55.35 8.47 -18.68
N ILE D 287 -54.51 7.48 -18.40
CA ILE D 287 -53.13 7.72 -17.98
C ILE D 287 -52.28 7.85 -19.24
N ALA D 288 -51.77 9.05 -19.48
CA ALA D 288 -50.95 9.39 -20.65
C ALA D 288 -51.64 8.97 -21.94
N PRO D 289 -52.71 9.65 -22.35
CA PRO D 289 -53.38 9.28 -23.61
C PRO D 289 -52.56 9.57 -24.86
N ALA D 290 -51.48 10.34 -24.76
CA ALA D 290 -50.67 10.65 -25.93
C ALA D 290 -49.94 9.42 -26.44
N ILE D 291 -49.24 8.71 -25.55
CA ILE D 291 -48.50 7.52 -25.94
C ILE D 291 -49.49 6.41 -26.29
N TRP D 292 -49.20 5.67 -27.35
CA TRP D 292 -50.05 4.58 -27.82
C TRP D 292 -49.60 3.26 -27.21
N GLY D 293 -50.56 2.37 -26.96
CA GLY D 293 -50.24 1.07 -26.43
C GLY D 293 -49.82 1.13 -24.97
N HIS D 294 -49.04 0.13 -24.57
CA HIS D 294 -48.52 0.00 -23.20
C HIS D 294 -49.64 -0.01 -22.16
N ARG D 295 -50.81 -0.54 -22.51
CA ARG D 295 -51.92 -0.59 -21.56
C ARG D 295 -51.58 -1.47 -20.36
N ILE D 296 -50.76 -2.50 -20.58
CA ILE D 296 -50.28 -3.31 -19.46
C ILE D 296 -49.38 -2.48 -18.55
N VAL D 297 -48.50 -1.67 -19.16
CA VAL D 297 -47.67 -0.77 -18.37
C VAL D 297 -48.51 0.32 -17.74
N LYS D 298 -49.51 0.82 -18.46
CA LYS D 298 -50.41 1.82 -17.89
C LYS D 298 -51.20 1.25 -16.72
N LYS D 299 -51.58 -0.02 -16.81
CA LYS D 299 -52.29 -0.65 -15.70
C LYS D 299 -51.38 -0.85 -14.51
N GLY D 300 -50.10 -1.18 -14.76
CA GLY D 300 -49.15 -1.31 -13.67
C GLY D 300 -48.90 0.01 -12.97
N ILE D 301 -48.80 1.10 -13.73
CA ILE D 301 -48.65 2.42 -13.13
C ILE D 301 -49.92 2.81 -12.39
N ALA D 302 -51.09 2.43 -12.93
CA ALA D 302 -52.34 2.70 -12.24
C ALA D 302 -52.42 1.98 -10.91
N LEU D 303 -51.94 0.73 -10.86
CA LEU D 303 -51.90 0.00 -9.59
C LEU D 303 -50.91 0.63 -8.63
N ALA D 304 -49.84 1.26 -9.14
CA ALA D 304 -48.89 1.95 -8.28
C ALA D 304 -49.47 3.26 -7.75
N LEU D 305 -50.33 3.91 -8.52
CA LEU D 305 -50.96 5.15 -8.06
C LEU D 305 -51.90 4.88 -6.89
N PHE D 306 -52.81 3.92 -7.06
CA PHE D 306 -53.70 3.50 -5.97
C PHE D 306 -52.95 2.47 -5.13
N GLY D 307 -52.02 2.97 -4.32
CA GLY D 307 -51.18 2.08 -3.54
C GLY D 307 -51.96 1.29 -2.51
N GLY D 308 -51.33 0.22 -2.04
CA GLY D 308 -51.96 -0.65 -1.06
C GLY D 308 -52.10 0.02 0.29
N VAL D 309 -52.94 -0.60 1.13
CA VAL D 309 -53.20 -0.05 2.46
C VAL D 309 -52.02 -0.31 3.37
N GLN D 310 -51.66 0.69 4.16
CA GLN D 310 -50.56 0.59 5.12
C GLN D 310 -51.15 0.35 6.51
N ARG D 311 -50.83 -0.80 7.08
CA ARG D 311 -51.32 -1.18 8.40
C ARG D 311 -50.16 -1.38 9.37
N THR D 312 -50.45 -1.20 10.65
CA THR D 312 -49.46 -1.33 11.72
C THR D 312 -49.91 -2.46 12.65
N LEU D 313 -49.21 -3.58 12.60
CA LEU D 313 -49.53 -4.71 13.46
C LEU D 313 -49.19 -4.37 14.91
N PRO D 314 -49.89 -4.98 15.88
CA PRO D 314 -49.56 -4.74 17.29
C PRO D 314 -48.19 -5.27 17.70
N ASP D 315 -47.53 -6.03 16.84
CA ASP D 315 -46.19 -6.53 17.16
C ASP D 315 -45.14 -5.43 17.14
N GLY D 316 -45.40 -4.33 16.44
CA GLY D 316 -44.46 -3.24 16.29
C GLY D 316 -43.93 -3.08 14.88
N THR D 317 -44.04 -4.11 14.04
CA THR D 317 -43.57 -4.02 12.67
C THR D 317 -44.53 -3.19 11.82
N LYS D 318 -44.04 -2.77 10.65
CA LYS D 318 -44.86 -1.99 9.75
C LYS D 318 -44.89 -2.65 8.37
N LEU D 319 -46.06 -3.05 7.94
CA LEU D 319 -46.24 -3.70 6.65
C LEU D 319 -46.15 -2.67 5.53
N ARG D 320 -45.44 -3.03 4.47
CA ARG D 320 -45.25 -2.11 3.35
C ARG D 320 -46.52 -2.00 2.53
N GLY D 321 -46.81 -0.79 2.04
CA GLY D 321 -47.99 -0.56 1.23
C GLY D 321 -47.71 0.33 0.03
N GLU D 322 -46.47 0.27 -0.47
CA GLU D 322 -46.05 1.07 -1.62
C GLU D 322 -45.54 0.12 -2.69
N SER D 323 -46.13 0.20 -3.89
CA SER D 323 -45.77 -0.67 -5.01
C SER D 323 -44.86 0.12 -5.94
N HIS D 324 -43.55 -0.15 -5.88
CA HIS D 324 -42.59 0.50 -6.75
C HIS D 324 -42.57 -0.17 -8.11
N VAL D 325 -42.51 0.64 -9.16
CA VAL D 325 -42.51 0.16 -10.53
C VAL D 325 -41.28 0.70 -11.25
N LEU D 326 -40.59 -0.18 -11.98
CA LEU D 326 -39.41 0.16 -12.73
C LEU D 326 -39.69 -0.06 -14.21
N LEU D 327 -39.53 0.98 -15.02
CA LEU D 327 -39.83 0.93 -16.45
C LEU D 327 -38.49 0.87 -17.21
N VAL D 328 -38.00 -0.35 -17.41
CA VAL D 328 -36.76 -0.55 -18.16
C VAL D 328 -37.10 -0.73 -19.63
N GLY D 329 -36.39 0.02 -20.48
CA GLY D 329 -36.62 -0.09 -21.90
C GLY D 329 -35.49 0.57 -22.67
N ASP D 330 -35.44 0.26 -23.97
CA ASP D 330 -34.42 0.81 -24.83
C ASP D 330 -34.81 2.25 -25.24
N PRO D 331 -33.82 3.06 -25.64
CA PRO D 331 -34.26 4.39 -26.09
C PRO D 331 -35.26 4.30 -27.24
N GLY D 332 -36.18 5.25 -27.33
CA GLY D 332 -37.14 5.26 -28.42
C GLY D 332 -38.54 4.78 -28.06
N VAL D 333 -38.81 4.58 -26.78
CA VAL D 333 -40.11 4.06 -26.37
C VAL D 333 -40.95 5.12 -25.62
N ALA D 334 -40.53 6.37 -25.69
CA ALA D 334 -41.28 7.45 -25.03
C ALA D 334 -41.52 7.17 -23.55
N LYS D 335 -40.57 6.50 -22.91
CA LYS D 335 -40.69 6.20 -21.48
C LYS D 335 -40.67 7.47 -20.65
N SER D 336 -39.84 8.43 -21.04
CA SER D 336 -39.74 9.67 -20.28
C SER D 336 -41.06 10.41 -20.24
N GLN D 337 -41.75 10.45 -21.37
CA GLN D 337 -43.05 11.13 -21.43
C GLN D 337 -43.99 10.52 -20.42
N LEU D 338 -43.98 9.19 -20.32
CA LEU D 338 -44.82 8.52 -19.34
C LEU D 338 -44.59 9.13 -17.97
N LEU D 339 -43.33 9.22 -17.57
CA LEU D 339 -43.02 9.75 -16.25
C LEU D 339 -43.38 11.23 -16.10
N ARG D 340 -43.78 11.89 -17.18
CA ARG D 340 -44.18 13.29 -17.13
C ARG D 340 -45.69 13.49 -17.01
N TYR D 341 -46.48 12.61 -17.62
CA TYR D 341 -47.93 12.71 -17.50
C TYR D 341 -48.39 12.28 -16.11
N VAL D 342 -47.81 11.21 -15.56
CA VAL D 342 -48.14 10.76 -14.23
C VAL D 342 -47.61 11.72 -13.17
N ALA D 343 -46.54 12.47 -13.48
CA ALA D 343 -45.99 13.42 -12.52
C ALA D 343 -47.01 14.51 -12.19
N ASN D 344 -47.76 14.96 -13.19
CA ASN D 344 -48.81 15.95 -12.97
C ASN D 344 -50.17 15.32 -12.66
N LEU D 345 -50.31 14.01 -12.90
CA LEU D 345 -51.58 13.34 -12.61
C LEU D 345 -51.65 12.89 -11.16
N ALA D 346 -50.52 12.44 -10.61
CA ALA D 346 -50.50 12.01 -9.22
C ALA D 346 -50.71 13.20 -8.28
N PRO D 347 -51.36 12.98 -7.13
CA PRO D 347 -51.60 14.11 -6.21
C PRO D 347 -50.32 14.67 -5.63
N ARG D 348 -49.44 13.82 -5.11
CA ARG D 348 -48.17 14.24 -4.52
C ARG D 348 -47.05 13.53 -5.26
N ALA D 349 -46.44 14.23 -6.22
CA ALA D 349 -45.38 13.65 -7.04
C ALA D 349 -44.34 14.72 -7.34
N ILE D 350 -43.08 14.32 -7.31
CA ILE D 350 -41.95 15.21 -7.58
C ILE D 350 -41.12 14.57 -8.68
N TYR D 351 -41.23 15.11 -9.90
CA TYR D 351 -40.42 14.61 -11.00
C TYR D 351 -38.96 14.96 -10.78
N THR D 352 -38.08 14.01 -11.14
CA THR D 352 -36.65 14.18 -10.93
C THR D 352 -35.91 13.26 -11.89
N SER D 353 -34.58 13.27 -11.78
CA SER D 353 -33.73 12.44 -12.62
C SER D 353 -32.62 11.83 -11.77
N GLY D 354 -32.03 10.75 -12.28
CA GLY D 354 -30.95 10.10 -11.55
C GLY D 354 -29.70 10.95 -11.46
N LYS D 355 -29.46 11.79 -12.46
CA LYS D 355 -28.30 12.69 -12.48
C LYS D 355 -28.59 13.96 -11.68
N SER D 356 -28.78 13.78 -10.38
CA SER D 356 -29.08 14.88 -9.47
C SER D 356 -27.79 15.62 -9.13
N SER D 357 -27.80 16.93 -9.36
CA SER D 357 -26.61 17.74 -9.06
C SER D 357 -26.34 17.78 -7.56
N SER D 358 -27.38 17.87 -6.75
CA SER D 358 -27.22 17.89 -5.31
C SER D 358 -26.76 16.52 -4.81
N ALA D 359 -25.85 16.53 -3.83
CA ALA D 359 -25.37 15.28 -3.25
C ALA D 359 -26.51 14.52 -2.58
N ALA D 360 -27.45 15.24 -1.98
CA ALA D 360 -28.62 14.64 -1.35
C ALA D 360 -29.74 14.47 -2.38
N GLY D 361 -29.40 13.79 -3.47
CA GLY D 361 -30.36 13.50 -4.53
C GLY D 361 -30.89 12.08 -4.39
N LEU D 362 -32.22 11.96 -4.39
CA LEU D 362 -32.94 10.70 -4.25
C LEU D 362 -32.71 10.03 -2.90
N THR D 363 -31.96 10.69 -2.01
CA THR D 363 -31.63 10.15 -0.70
C THR D 363 -31.13 11.31 0.15
N ALA D 364 -31.07 11.14 1.47
CA ALA D 364 -30.55 12.16 2.36
C ALA D 364 -29.03 12.13 2.36
N ALA D 365 -28.44 13.22 2.84
CA ALA D 365 -26.99 13.34 2.89
C ALA D 365 -26.62 14.48 3.83
N ALA D 366 -25.45 14.36 4.45
CA ALA D 366 -24.93 15.37 5.36
C ALA D 366 -23.87 16.19 4.62
N VAL D 367 -24.11 17.49 4.49
CA VAL D 367 -23.20 18.40 3.80
C VAL D 367 -22.93 19.59 4.71
N ARG D 368 -21.78 20.24 4.48
CA ARG D 368 -21.41 21.40 5.27
C ARG D 368 -22.14 22.65 4.77
N ASP D 369 -22.63 23.45 5.71
CA ASP D 369 -23.34 24.67 5.37
C ASP D 369 -22.35 25.79 5.04
N GLU D 370 -22.88 26.91 4.56
CA GLU D 370 -22.05 28.06 4.19
C GLU D 370 -22.03 29.14 5.27
N PHE D 371 -22.90 29.05 6.27
CA PHE D 371 -22.93 30.07 7.31
C PHE D 371 -21.72 29.93 8.24
N THR D 372 -21.53 28.73 8.82
CA THR D 372 -20.42 28.49 9.72
C THR D 372 -19.67 27.19 9.40
N GLY D 373 -19.95 26.57 8.26
CA GLY D 373 -19.26 25.35 7.90
C GLY D 373 -19.71 24.13 8.68
N SER D 374 -20.87 24.17 9.30
CA SER D 374 -21.37 23.05 10.07
C SER D 374 -22.16 22.10 9.18
N TRP D 375 -22.16 20.82 9.56
CA TRP D 375 -22.87 19.81 8.79
C TRP D 375 -24.38 19.98 8.94
N VAL D 376 -25.08 20.00 7.81
CA VAL D 376 -26.53 20.10 7.79
C VAL D 376 -27.08 18.90 7.01
N LEU D 377 -28.11 18.27 7.56
CA LEU D 377 -28.73 17.11 6.92
C LEU D 377 -29.69 17.58 5.84
N GLU D 378 -29.32 17.38 4.58
CA GLU D 378 -30.13 17.82 3.45
C GLU D 378 -31.03 16.68 3.00
N ALA D 379 -32.29 17.00 2.73
CA ALA D 379 -33.27 16.01 2.28
C ALA D 379 -33.24 15.89 0.76
N GLY D 380 -33.85 14.82 0.27
CA GLY D 380 -33.88 14.57 -1.16
C GLY D 380 -35.28 14.38 -1.71
N VAL D 381 -35.38 13.81 -2.91
CA VAL D 381 -36.69 13.60 -3.53
C VAL D 381 -37.48 12.55 -2.77
N LEU D 382 -36.81 11.50 -2.30
CA LEU D 382 -37.47 10.46 -1.54
C LEU D 382 -37.83 10.90 -0.12
N VAL D 383 -37.43 12.09 0.30
CA VAL D 383 -37.75 12.61 1.62
C VAL D 383 -38.77 13.73 1.55
N LEU D 384 -38.61 14.65 0.59
CA LEU D 384 -39.57 15.74 0.43
C LEU D 384 -40.92 15.26 -0.08
N ALA D 385 -40.96 14.08 -0.71
CA ALA D 385 -42.20 13.51 -1.23
C ALA D 385 -42.77 12.45 -0.30
N ASP D 386 -42.62 12.63 1.01
CA ASP D 386 -43.11 11.66 1.98
C ASP D 386 -44.62 11.52 1.87
N GLY D 387 -45.09 10.28 1.81
CA GLY D 387 -46.51 10.03 1.65
C GLY D 387 -47.05 10.36 0.27
N GLY D 388 -46.20 10.30 -0.75
CA GLY D 388 -46.62 10.62 -2.11
C GLY D 388 -45.88 9.79 -3.12
N PHE D 389 -45.52 10.40 -4.25
CA PHE D 389 -44.87 9.71 -5.35
C PHE D 389 -43.55 10.40 -5.69
N ALA D 390 -42.67 9.65 -6.34
CA ALA D 390 -41.38 10.18 -6.79
C ALA D 390 -41.00 9.45 -8.06
N LEU D 391 -41.33 10.05 -9.20
CA LEU D 391 -41.03 9.46 -10.51
C LEU D 391 -39.58 9.76 -10.85
N ILE D 392 -38.71 8.77 -10.64
CA ILE D 392 -37.27 8.94 -10.83
C ILE D 392 -36.94 8.50 -12.25
N ASP D 393 -36.61 9.46 -13.11
CA ASP D 393 -36.15 9.15 -14.45
C ASP D 393 -34.66 8.80 -14.42
N GLU D 394 -34.27 7.87 -15.29
CA GLU D 394 -32.90 7.39 -15.39
C GLU D 394 -32.42 6.87 -14.03
N PHE D 395 -33.11 5.84 -13.54
CA PHE D 395 -32.79 5.26 -12.24
C PHE D 395 -31.44 4.55 -12.23
N ASP D 396 -30.92 4.18 -13.40
CA ASP D 396 -29.64 3.48 -13.45
C ASP D 396 -28.45 4.40 -13.21
N LYS D 397 -28.64 5.71 -13.33
CA LYS D 397 -27.54 6.68 -13.19
C LYS D 397 -27.39 7.21 -11.78
N MET D 398 -27.77 6.43 -10.77
CA MET D 398 -27.59 6.87 -9.39
C MET D 398 -26.13 6.79 -8.99
N SER D 399 -25.66 7.79 -8.24
CA SER D 399 -24.29 7.83 -7.80
C SER D 399 -24.07 6.88 -6.62
N ASP D 400 -22.82 6.82 -6.15
CA ASP D 400 -22.51 5.96 -5.00
C ASP D 400 -23.23 6.43 -3.75
N ARG D 401 -23.41 7.75 -3.61
CA ARG D 401 -24.15 8.28 -2.47
C ARG D 401 -25.61 7.84 -2.52
N ASP D 402 -26.18 7.75 -3.72
CA ASP D 402 -27.58 7.38 -3.86
C ASP D 402 -27.78 5.87 -3.71
N ARG D 403 -26.87 5.08 -4.27
CA ARG D 403 -26.99 3.63 -4.20
C ARG D 403 -26.73 3.06 -2.81
N SER D 404 -26.29 3.89 -1.87
CA SER D 404 -25.98 3.39 -0.53
C SER D 404 -27.25 3.07 0.24
N ALA D 405 -28.18 4.02 0.30
CA ALA D 405 -29.43 3.86 1.06
C ALA D 405 -30.64 3.71 0.15
N ILE D 406 -30.44 3.31 -1.11
CA ILE D 406 -31.58 3.13 -2.00
C ILE D 406 -32.29 1.82 -1.71
N HIS D 407 -31.62 0.88 -1.05
CA HIS D 407 -32.25 -0.39 -0.70
C HIS D 407 -33.08 -0.27 0.57
N GLU D 408 -32.65 0.58 1.51
CA GLU D 408 -33.38 0.74 2.76
C GLU D 408 -34.61 1.61 2.58
N ALA D 409 -34.51 2.65 1.74
CA ALA D 409 -35.64 3.55 1.54
C ALA D 409 -36.78 2.88 0.79
N LEU D 410 -36.49 1.81 0.04
CA LEU D 410 -37.54 1.15 -0.73
C LEU D 410 -38.30 0.12 0.10
N GLU D 411 -37.61 -0.60 0.97
CA GLU D 411 -38.22 -1.64 1.80
C GLU D 411 -38.53 -1.15 3.21
N GLN D 412 -37.52 -0.68 3.93
CA GLN D 412 -37.72 -0.21 5.30
C GLN D 412 -38.44 1.13 5.35
N GLN D 413 -38.47 1.87 4.25
CA GLN D 413 -39.16 3.16 4.16
C GLN D 413 -38.63 4.15 5.21
N THR D 414 -37.35 4.04 5.57
CA THR D 414 -36.76 4.92 6.58
C THR D 414 -35.28 5.05 6.27
N ILE D 415 -34.88 6.23 5.80
CA ILE D 415 -33.47 6.50 5.50
C ILE D 415 -32.75 6.77 6.81
N SER D 416 -31.71 5.99 7.08
CA SER D 416 -30.93 6.10 8.32
C SER D 416 -29.51 6.48 7.97
N ILE D 417 -29.07 7.64 8.46
CA ILE D 417 -27.71 8.13 8.25
C ILE D 417 -27.15 8.58 9.60
N SER D 418 -25.96 8.09 9.93
CA SER D 418 -25.31 8.42 11.19
C SER D 418 -23.92 9.02 11.01
N LYS D 419 -23.51 9.33 9.79
CA LYS D 419 -22.19 9.87 9.53
C LYS D 419 -22.20 11.39 9.70
N ALA D 420 -20.99 11.96 9.72
CA ALA D 420 -20.78 13.41 9.84
C ALA D 420 -21.43 13.98 11.09
N GLY D 421 -21.53 13.17 12.15
CA GLY D 421 -22.09 13.63 13.41
C GLY D 421 -23.59 13.85 13.42
N ILE D 422 -24.28 13.59 12.32
CA ILE D 422 -25.72 13.76 12.23
C ILE D 422 -26.37 12.39 12.15
N THR D 423 -27.17 12.05 13.17
CA THR D 423 -27.88 10.78 13.22
C THR D 423 -29.37 11.06 13.21
N ALA D 424 -30.06 10.59 12.18
CA ALA D 424 -31.49 10.81 12.05
C ALA D 424 -32.09 9.72 11.17
N THR D 425 -33.35 9.39 11.43
CA THR D 425 -34.09 8.37 10.69
C THR D 425 -35.25 9.07 9.98
N LEU D 426 -35.00 9.55 8.77
CA LEU D 426 -36.02 10.26 8.02
C LEU D 426 -37.04 9.29 7.44
N ASN D 427 -38.32 9.66 7.54
CA ASN D 427 -39.40 8.84 7.02
C ASN D 427 -39.50 9.04 5.52
N SER D 428 -39.15 8.01 4.76
CA SER D 428 -39.18 8.04 3.31
C SER D 428 -40.22 7.03 2.83
N ARG D 429 -41.47 7.47 2.74
CA ARG D 429 -42.59 6.64 2.30
C ARG D 429 -43.09 7.20 0.97
N THR D 430 -42.46 6.75 -0.12
CA THR D 430 -42.80 7.20 -1.47
C THR D 430 -43.00 6.01 -2.37
N THR D 431 -43.86 6.20 -3.39
CA THR D 431 -44.08 5.20 -4.42
C THR D 431 -43.19 5.55 -5.62
N VAL D 432 -42.11 4.81 -5.80
CA VAL D 432 -41.09 5.13 -6.79
C VAL D 432 -41.50 4.46 -8.11
N ILE D 433 -42.11 5.24 -8.99
CA ILE D 433 -42.38 4.81 -10.36
C ILE D 433 -41.17 5.25 -11.19
N ALA D 434 -40.14 4.41 -11.19
CA ALA D 434 -38.87 4.75 -11.80
C ALA D 434 -38.75 4.17 -13.21
N ALA D 435 -37.69 4.58 -13.90
CA ALA D 435 -37.39 4.10 -15.23
C ALA D 435 -35.90 4.22 -15.47
N ALA D 436 -35.38 3.35 -16.35
CA ALA D 436 -33.95 3.33 -16.63
C ALA D 436 -33.72 2.63 -17.97
N ASN D 437 -32.52 2.76 -18.50
CA ASN D 437 -32.21 2.08 -19.76
C ASN D 437 -31.22 0.94 -19.54
N PRO D 438 -31.23 -0.05 -20.44
CA PRO D 438 -30.30 -1.18 -20.32
C PRO D 438 -28.86 -0.70 -20.39
N LYS D 439 -27.92 -1.50 -19.89
CA LYS D 439 -26.53 -1.09 -19.83
C LYS D 439 -26.05 -0.57 -21.19
N PHE D 440 -26.39 -1.28 -22.26
CA PHE D 440 -25.96 -0.86 -23.59
C PHE D 440 -26.83 -1.44 -24.69
N GLY D 441 -27.63 -0.59 -25.33
CA GLY D 441 -28.47 -1.05 -26.44
C GLY D 441 -29.71 -1.76 -26.00
N ARG D 442 -30.55 -2.14 -26.97
CA ARG D 442 -31.79 -2.83 -26.65
C ARG D 442 -31.54 -4.03 -25.75
N PHE D 443 -32.39 -4.19 -24.74
CA PHE D 443 -32.23 -5.31 -23.82
C PHE D 443 -32.06 -6.60 -24.60
N ASN D 444 -30.96 -7.30 -24.37
CA ASN D 444 -30.77 -8.58 -25.03
C ASN D 444 -31.82 -9.53 -24.53
N ARG D 445 -32.66 -10.01 -25.43
CA ARG D 445 -33.74 -10.89 -25.01
C ARG D 445 -33.20 -12.21 -24.48
N HIS D 446 -32.00 -12.58 -24.92
CA HIS D 446 -31.45 -13.87 -24.50
C HIS D 446 -31.09 -13.86 -23.01
N LYS D 447 -30.33 -12.87 -22.57
CA LYS D 447 -29.90 -12.77 -21.20
C LYS D 447 -30.99 -12.14 -20.34
N SER D 448 -30.81 -12.23 -19.02
CA SER D 448 -31.78 -11.68 -18.07
C SER D 448 -31.62 -10.17 -17.96
N LEU D 449 -32.52 -9.57 -17.18
CA LEU D 449 -32.49 -8.12 -17.02
C LEU D 449 -31.40 -7.64 -16.07
N PRO D 450 -31.23 -8.22 -14.86
CA PRO D 450 -30.14 -7.73 -14.00
C PRO D 450 -28.76 -7.90 -14.59
N GLU D 451 -28.58 -8.85 -15.51
CA GLU D 451 -27.30 -9.00 -16.18
C GLU D 451 -27.02 -7.86 -17.14
N GLN D 452 -28.04 -7.08 -17.51
CA GLN D 452 -27.90 -5.96 -18.43
C GLN D 452 -28.28 -4.63 -17.80
N LEU D 453 -28.58 -4.62 -16.50
CA LEU D 453 -28.99 -3.40 -15.80
C LEU D 453 -27.90 -2.99 -14.82
N ASP D 454 -27.58 -1.69 -14.81
CA ASP D 454 -26.55 -1.19 -13.91
C ASP D 454 -26.93 -1.29 -12.44
N LEU D 455 -28.23 -1.41 -12.15
CA LEU D 455 -28.66 -1.53 -10.77
C LEU D 455 -28.24 -2.89 -10.20
N PRO D 456 -27.98 -2.95 -8.90
CA PRO D 456 -27.65 -4.24 -8.28
C PRO D 456 -28.83 -5.18 -8.38
N PRO D 457 -28.58 -6.49 -8.46
CA PRO D 457 -29.70 -7.44 -8.56
C PRO D 457 -30.57 -7.48 -7.32
N THR D 458 -30.02 -7.17 -6.15
CA THR D 458 -30.83 -7.16 -4.93
C THR D 458 -31.79 -5.98 -4.91
N LEU D 459 -31.52 -4.94 -5.70
CA LEU D 459 -32.41 -3.79 -5.74
C LEU D 459 -33.63 -4.04 -6.61
N LEU D 460 -33.50 -4.86 -7.64
CA LEU D 460 -34.63 -5.15 -8.52
C LEU D 460 -35.73 -5.94 -7.81
N SER D 461 -35.39 -6.70 -6.78
CA SER D 461 -36.40 -7.41 -6.01
C SER D 461 -37.27 -6.47 -5.20
N ARG D 462 -36.82 -5.25 -4.96
CA ARG D 462 -37.62 -4.26 -4.22
C ARG D 462 -38.81 -3.81 -5.04
N PHE D 463 -38.61 -3.63 -6.33
CA PHE D 463 -39.69 -3.17 -7.21
C PHE D 463 -40.72 -4.28 -7.37
N ASP D 464 -41.99 -3.96 -7.13
CA ASP D 464 -43.04 -4.97 -7.25
C ASP D 464 -43.33 -5.30 -8.71
N LEU D 465 -43.31 -4.30 -9.59
CA LEU D 465 -43.59 -4.48 -11.00
C LEU D 465 -42.44 -3.95 -11.83
N ILE D 466 -42.02 -4.74 -12.82
CA ILE D 466 -40.96 -4.36 -13.75
C ILE D 466 -41.48 -4.64 -15.15
N PHE D 467 -41.61 -3.59 -15.96
CA PHE D 467 -42.11 -3.71 -17.33
C PHE D 467 -40.99 -3.42 -18.31
N LEU D 468 -40.85 -4.30 -19.31
CA LEU D 468 -39.81 -4.15 -20.33
C LEU D 468 -40.41 -3.45 -21.54
N LEU D 469 -40.06 -2.17 -21.72
CA LEU D 469 -40.55 -1.38 -22.84
C LEU D 469 -39.69 -1.67 -24.07
N LEU D 470 -39.82 -2.90 -24.57
CA LEU D 470 -39.07 -3.34 -25.74
C LEU D 470 -39.80 -2.94 -27.02
N ASP D 471 -39.02 -2.62 -28.05
CA ASP D 471 -39.56 -2.26 -29.35
C ASP D 471 -39.39 -3.42 -30.31
N GLU D 472 -40.50 -3.91 -30.86
CA GLU D 472 -40.48 -5.02 -31.81
C GLU D 472 -41.06 -4.53 -33.14
N PRO D 473 -40.29 -4.60 -34.23
CA PRO D 473 -40.80 -4.14 -35.55
C PRO D 473 -41.88 -5.08 -36.10
N ASP D 474 -43.07 -4.99 -35.51
CA ASP D 474 -44.21 -5.79 -35.92
C ASP D 474 -45.16 -4.93 -36.74
N GLU D 475 -45.87 -5.58 -37.67
CA GLU D 475 -46.74 -4.85 -38.58
C GLU D 475 -47.93 -4.23 -37.87
N LYS D 476 -48.44 -4.90 -36.83
CA LYS D 476 -49.64 -4.40 -36.16
C LYS D 476 -49.34 -3.19 -35.30
N VAL D 477 -48.16 -3.13 -34.69
CA VAL D 477 -47.85 -2.03 -33.78
C VAL D 477 -47.25 -0.84 -34.53
N ASP D 478 -46.52 -1.12 -35.61
CA ASP D 478 -45.85 -0.04 -36.33
C ASP D 478 -46.85 0.80 -37.13
N ALA D 479 -47.77 0.15 -37.83
CA ALA D 479 -48.76 0.89 -38.62
C ALA D 479 -49.77 1.61 -37.74
N SER D 480 -50.01 1.10 -36.53
CA SER D 480 -50.99 1.72 -35.64
C SER D 480 -50.39 2.89 -34.86
N ILE D 481 -49.17 2.72 -34.35
CA ILE D 481 -48.53 3.81 -33.62
C ILE D 481 -48.15 4.96 -34.55
N ALA D 482 -48.03 4.70 -35.85
CA ALA D 482 -47.76 5.79 -36.78
C ALA D 482 -49.02 6.63 -37.02
N GLU D 483 -50.17 5.98 -37.13
CA GLU D 483 -51.42 6.71 -37.28
C GLU D 483 -51.79 7.45 -36.01
N HIS D 484 -51.50 6.86 -34.85
CA HIS D 484 -51.77 7.54 -33.59
C HIS D 484 -50.88 8.76 -33.41
N ILE D 485 -49.61 8.65 -33.81
CA ILE D 485 -48.71 9.81 -33.77
C ILE D 485 -49.22 10.90 -34.70
N LEU D 486 -49.74 10.51 -35.87
CA LEU D 486 -50.30 11.49 -36.79
C LEU D 486 -51.57 12.12 -36.22
N LYS D 487 -52.32 11.38 -35.40
CA LYS D 487 -53.54 11.94 -34.82
C LYS D 487 -53.22 12.98 -33.75
N VAL D 488 -52.27 12.66 -32.86
CA VAL D 488 -51.90 13.61 -31.81
C VAL D 488 -51.17 14.82 -32.40
N ARG D 489 -50.49 14.62 -33.54
CA ARG D 489 -49.80 15.73 -34.18
C ARG D 489 -50.78 16.65 -34.90
N ARG D 490 -51.70 16.06 -35.67
CA ARG D 490 -52.69 16.87 -36.38
C ARG D 490 -53.65 17.58 -35.44
N GLY D 491 -53.83 17.06 -34.23
CA GLY D 491 -54.75 17.65 -33.28
C GLY D 491 -56.08 16.93 -33.13
N GLU D 492 -56.09 15.60 -33.25
CA GLU D 492 -57.34 14.86 -33.12
C GLU D 492 -57.86 14.92 -31.69
N ALA D 493 -59.17 15.10 -31.57
CA ALA D 493 -59.82 15.25 -30.27
C ALA D 493 -59.66 14.01 -29.40
N GLU D 494 -60.20 12.88 -29.85
CA GLU D 494 -60.20 11.68 -29.03
C GLU D 494 -58.81 11.03 -28.92
N ALA D 495 -57.81 11.57 -29.62
CA ALA D 495 -56.47 10.99 -29.54
C ALA D 495 -55.77 11.34 -28.23
N VAL D 496 -56.13 12.47 -27.61
CA VAL D 496 -55.41 12.93 -26.43
C VAL D 496 -56.37 13.13 -25.26
N THR D 497 -57.67 13.23 -25.55
CA THR D 497 -58.65 13.54 -24.53
C THR D 497 -58.98 12.28 -23.72
N PRO D 498 -58.65 12.24 -22.43
CA PRO D 498 -58.90 11.03 -21.64
C PRO D 498 -60.36 10.89 -21.24
N LYS D 499 -60.75 9.65 -20.96
CA LYS D 499 -62.11 9.40 -20.50
C LYS D 499 -62.39 10.08 -19.17
N ILE D 500 -61.36 10.27 -18.35
CA ILE D 500 -61.46 10.96 -17.08
C ILE D 500 -60.49 12.14 -17.14
N PRO D 501 -60.96 13.37 -16.90
CA PRO D 501 -60.04 14.52 -16.99
C PRO D 501 -58.98 14.47 -15.91
N TYR D 502 -57.83 15.10 -16.20
CA TYR D 502 -56.70 15.07 -15.28
C TYR D 502 -57.03 15.80 -13.98
N ASP D 503 -57.88 16.83 -14.06
CA ASP D 503 -58.27 17.55 -12.85
C ASP D 503 -59.15 16.70 -11.94
N LEU D 504 -59.96 15.81 -12.53
CA LEU D 504 -60.82 14.95 -11.73
C LEU D 504 -60.10 13.68 -11.28
N LEU D 505 -59.27 13.11 -12.16
CA LEU D 505 -58.54 11.90 -11.80
C LEU D 505 -57.51 12.16 -10.71
N LYS D 506 -56.95 13.37 -10.67
CA LYS D 506 -56.02 13.72 -9.60
C LYS D 506 -56.73 13.71 -8.24
N LYS D 507 -57.97 14.19 -8.20
CA LYS D 507 -58.76 14.08 -6.97
C LYS D 507 -59.23 12.66 -6.73
N TYR D 508 -59.41 11.87 -7.79
CA TYR D 508 -59.83 10.49 -7.64
C TYR D 508 -58.75 9.65 -6.97
N ILE D 509 -57.48 9.90 -7.30
CA ILE D 509 -56.40 9.16 -6.68
C ILE D 509 -56.22 9.57 -5.23
N ALA D 510 -56.33 10.87 -4.94
CA ALA D 510 -56.20 11.34 -3.57
C ALA D 510 -57.37 10.90 -2.70
N TYR D 511 -58.57 10.75 -3.30
CA TYR D 511 -59.72 10.28 -2.54
C TYR D 511 -59.60 8.81 -2.19
N ALA D 512 -59.07 8.00 -3.13
CA ALA D 512 -58.95 6.57 -2.88
C ALA D 512 -57.85 6.28 -1.86
N ARG D 513 -56.75 7.02 -1.92
CA ARG D 513 -55.64 6.81 -0.99
C ARG D 513 -55.90 7.38 0.39
N LYS D 514 -57.08 7.96 0.65
CA LYS D 514 -57.39 8.58 1.92
C LYS D 514 -58.51 7.88 2.67
N ASN D 515 -59.62 7.60 1.99
CA ASN D 515 -60.79 6.99 2.63
C ASN D 515 -60.95 5.51 2.31
N VAL D 516 -60.60 5.09 1.10
CA VAL D 516 -60.79 3.69 0.70
C VAL D 516 -59.63 2.86 1.24
N HIS D 517 -59.94 1.94 2.15
CA HIS D 517 -58.97 1.01 2.73
C HIS D 517 -59.50 -0.41 2.53
N PRO D 518 -59.20 -1.04 1.39
CA PRO D 518 -59.75 -2.37 1.11
C PRO D 518 -59.11 -3.43 1.99
N VAL D 519 -59.90 -4.46 2.29
CA VAL D 519 -59.45 -5.59 3.09
C VAL D 519 -59.59 -6.86 2.27
N LEU D 520 -58.78 -7.86 2.63
CA LEU D 520 -58.80 -9.14 1.93
C LEU D 520 -60.02 -9.95 2.35
N SER D 521 -60.63 -10.62 1.37
CA SER D 521 -61.77 -11.49 1.60
C SER D 521 -61.36 -12.95 1.40
N ARG D 522 -62.25 -13.85 1.82
CA ARG D 522 -61.98 -15.28 1.69
C ARG D 522 -61.91 -15.70 0.22
N GLU D 523 -62.68 -15.05 -0.64
CA GLU D 523 -62.64 -15.39 -2.06
C GLU D 523 -61.32 -14.99 -2.70
N ALA D 524 -60.80 -13.81 -2.34
CA ALA D 524 -59.52 -13.37 -2.90
C ALA D 524 -58.36 -14.18 -2.34
N MET D 525 -58.42 -14.52 -1.05
CA MET D 525 -57.35 -15.30 -0.44
C MET D 525 -57.25 -16.70 -1.06
N GLU D 526 -58.39 -17.29 -1.40
CA GLU D 526 -58.38 -18.60 -2.04
C GLU D 526 -57.79 -18.51 -3.45
N GLU D 527 -58.06 -17.41 -4.17
CA GLU D 527 -57.51 -17.24 -5.51
C GLU D 527 -56.00 -17.05 -5.45
N ILE D 528 -55.51 -16.31 -4.45
CA ILE D 528 -54.07 -16.09 -4.32
C ILE D 528 -53.39 -17.37 -3.87
N LYS D 529 -54.02 -18.11 -2.95
CA LYS D 529 -53.45 -19.37 -2.50
C LYS D 529 -53.44 -20.41 -3.63
N ARG D 530 -54.48 -20.41 -4.46
CA ARG D 530 -54.51 -21.34 -5.59
C ARG D 530 -53.44 -21.01 -6.61
N TYR D 531 -53.25 -19.71 -6.89
CA TYR D 531 -52.21 -19.31 -7.85
C TYR D 531 -50.81 -19.47 -7.27
N TYR D 532 -50.68 -19.34 -5.95
CA TYR D 532 -49.36 -19.51 -5.33
C TYR D 532 -48.84 -20.93 -5.52
N VAL D 533 -49.67 -21.93 -5.20
CA VAL D 533 -49.27 -23.31 -5.37
C VAL D 533 -49.25 -23.72 -6.82
N LYS D 534 -49.95 -22.99 -7.69
CA LYS D 534 -49.94 -23.31 -9.12
C LYS D 534 -48.64 -22.85 -9.77
N MET D 535 -48.24 -21.60 -9.51
CA MET D 535 -47.02 -21.08 -10.10
C MET D 535 -45.78 -21.73 -9.49
N ARG D 536 -45.82 -21.98 -8.17
CA ARG D 536 -44.69 -22.60 -7.50
C ARG D 536 -44.48 -24.03 -7.99
N LYS D 537 -45.56 -24.75 -8.27
CA LYS D 537 -45.44 -26.10 -8.79
C LYS D 537 -45.01 -26.06 -10.26
N GLY D 538 -44.21 -27.06 -10.64
CA GLY D 538 -43.70 -27.14 -11.99
C GLY D 538 -42.45 -28.00 -12.03
N LEU D 539 -41.68 -27.79 -13.10
CA LEU D 539 -40.42 -28.52 -13.28
C LEU D 539 -39.26 -27.91 -12.52
N ARG D 540 -39.43 -27.70 -11.21
CA ARG D 540 -38.32 -27.18 -10.41
C ARG D 540 -37.24 -28.24 -10.21
N ARG D 541 -37.64 -29.51 -10.16
CA ARG D 541 -36.68 -30.60 -10.02
C ARG D 541 -35.92 -30.89 -11.31
N GLY D 542 -36.17 -30.12 -12.38
CA GLY D 542 -35.43 -30.34 -13.61
C GLY D 542 -33.93 -30.11 -13.45
N ASP D 543 -33.56 -29.13 -12.63
CA ASP D 543 -32.16 -28.87 -12.33
C ASP D 543 -31.74 -29.71 -11.12
N GLU D 544 -31.76 -31.03 -11.32
CA GLU D 544 -31.44 -31.95 -10.26
C GLU D 544 -29.94 -31.93 -9.95
N ASP D 545 -29.55 -32.69 -8.92
CA ASP D 545 -28.16 -32.79 -8.48
C ASP D 545 -27.59 -31.43 -8.11
N GLY D 546 -28.39 -30.63 -7.43
CA GLY D 546 -27.96 -29.30 -7.02
C GLY D 546 -29.16 -28.43 -6.66
N VAL D 547 -28.95 -27.12 -6.82
CA VAL D 547 -30.01 -26.16 -6.51
C VAL D 547 -31.13 -26.27 -7.54
N GLN D 548 -32.33 -25.85 -7.15
CA GLN D 548 -33.48 -25.91 -8.02
C GLN D 548 -34.06 -24.52 -8.25
N PRO D 549 -34.53 -24.23 -9.46
CA PRO D 549 -35.11 -22.90 -9.73
C PRO D 549 -36.39 -22.69 -8.93
N ILE D 550 -36.44 -21.60 -8.19
CA ILE D 550 -37.61 -21.25 -7.38
C ILE D 550 -38.50 -20.35 -8.22
N PRO D 551 -39.73 -20.76 -8.53
CA PRO D 551 -40.61 -19.91 -9.36
C PRO D 551 -40.99 -18.61 -8.66
N ILE D 552 -41.52 -18.72 -7.44
CA ILE D 552 -41.95 -17.55 -6.66
C ILE D 552 -41.53 -17.74 -5.21
N THR D 553 -41.46 -16.62 -4.50
CA THR D 553 -41.02 -16.60 -3.11
C THR D 553 -41.95 -15.69 -2.33
N ALA D 554 -41.91 -15.84 -1.00
CA ALA D 554 -42.76 -15.05 -0.11
C ALA D 554 -42.60 -13.55 -0.32
N ARG D 555 -41.45 -13.12 -0.81
CA ARG D 555 -41.26 -11.70 -1.08
C ARG D 555 -42.21 -11.26 -2.19
N GLN D 556 -42.24 -12.00 -3.29
CA GLN D 556 -43.13 -11.66 -4.39
C GLN D 556 -44.59 -11.90 -4.06
N LEU D 557 -44.88 -12.73 -3.05
CA LEU D 557 -46.26 -12.96 -2.65
C LEU D 557 -46.87 -11.72 -2.03
N GLU D 558 -46.11 -11.02 -1.17
CA GLU D 558 -46.60 -9.78 -0.58
C GLU D 558 -46.81 -8.71 -1.63
N ALA D 559 -46.02 -8.73 -2.71
CA ALA D 559 -46.23 -7.78 -3.81
C ALA D 559 -47.53 -8.08 -4.55
N LEU D 560 -47.91 -9.36 -4.63
CA LEU D 560 -49.17 -9.70 -5.29
C LEU D 560 -50.37 -9.22 -4.47
N ILE D 561 -50.26 -9.25 -3.14
CA ILE D 561 -51.34 -8.77 -2.29
C ILE D 561 -51.48 -7.26 -2.41
N ARG D 562 -50.36 -6.55 -2.51
CA ARG D 562 -50.41 -5.10 -2.68
C ARG D 562 -51.09 -4.72 -3.99
N LEU D 563 -50.82 -5.47 -5.06
CA LEU D 563 -51.51 -5.23 -6.31
C LEU D 563 -52.95 -5.71 -6.27
N SER D 564 -53.22 -6.78 -5.51
CA SER D 564 -54.60 -7.25 -5.35
C SER D 564 -55.43 -6.23 -4.59
N GLU D 565 -54.85 -5.59 -3.57
CA GLU D 565 -55.53 -4.51 -2.86
C GLU D 565 -55.52 -3.20 -3.63
N ALA D 566 -54.68 -3.08 -4.65
CA ALA D 566 -54.65 -1.87 -5.46
C ALA D 566 -55.81 -1.82 -6.44
N HIS D 567 -56.31 -2.97 -6.89
CA HIS D 567 -57.43 -3.00 -7.82
C HIS D 567 -58.75 -2.72 -7.12
N ALA D 568 -58.88 -3.10 -5.85
CA ALA D 568 -60.09 -2.79 -5.10
C ALA D 568 -60.16 -1.31 -4.73
N ARG D 569 -59.01 -0.71 -4.38
CA ARG D 569 -58.99 0.71 -4.09
C ARG D 569 -59.15 1.55 -5.35
N MET D 570 -58.74 1.00 -6.50
CA MET D 570 -58.87 1.73 -7.76
C MET D 570 -60.33 1.97 -8.13
N ARG D 571 -61.21 1.03 -7.78
CA ARG D 571 -62.64 1.16 -8.06
C ARG D 571 -63.43 1.63 -6.84
N LEU D 572 -62.75 2.13 -5.81
CA LEU D 572 -63.38 2.63 -4.59
C LEU D 572 -64.24 1.55 -3.93
N SER D 573 -63.57 0.48 -3.52
CA SER D 573 -64.21 -0.64 -2.84
C SER D 573 -63.42 -0.99 -1.58
N GLU D 574 -64.13 -1.22 -0.49
CA GLU D 574 -63.52 -1.56 0.79
C GLU D 574 -63.36 -3.07 0.98
N THR D 575 -63.45 -3.85 -0.10
CA THR D 575 -63.29 -5.29 -0.02
C THR D 575 -62.63 -5.79 -1.30
N VAL D 576 -61.76 -6.80 -1.16
CA VAL D 576 -61.07 -7.39 -2.30
C VAL D 576 -61.79 -8.70 -2.62
N THR D 577 -62.57 -8.71 -3.69
CA THR D 577 -63.27 -9.90 -4.12
C THR D 577 -62.38 -10.71 -5.06
N ARG D 578 -62.98 -11.68 -5.75
CA ARG D 578 -62.21 -12.54 -6.65
C ARG D 578 -61.72 -11.80 -7.88
N GLU D 579 -62.44 -10.76 -8.31
CA GLU D 579 -62.06 -10.04 -9.52
C GLU D 579 -60.75 -9.28 -9.33
N ASP D 580 -60.55 -8.70 -8.15
CA ASP D 580 -59.32 -7.95 -7.92
C ASP D 580 -58.11 -8.87 -7.84
N ALA D 581 -58.29 -10.09 -7.30
CA ALA D 581 -57.16 -11.02 -7.22
C ALA D 581 -56.76 -11.54 -8.60
N ARG D 582 -57.75 -11.85 -9.44
CA ARG D 582 -57.44 -12.34 -10.78
C ARG D 582 -56.79 -11.26 -11.65
N ALA D 583 -57.14 -9.99 -11.41
CA ALA D 583 -56.53 -8.91 -12.18
C ALA D 583 -55.06 -8.74 -11.81
N ALA D 584 -54.74 -8.79 -10.53
CA ALA D 584 -53.35 -8.67 -10.11
C ALA D 584 -52.52 -9.86 -10.51
N ILE D 585 -53.12 -11.06 -10.53
CA ILE D 585 -52.41 -12.25 -10.96
C ILE D 585 -52.08 -12.17 -12.44
N GLU D 586 -53.02 -11.68 -13.25
CA GLU D 586 -52.77 -11.53 -14.69
C GLU D 586 -51.64 -10.54 -14.96
N ILE D 587 -51.52 -9.51 -14.13
CA ILE D 587 -50.43 -8.56 -14.30
C ILE D 587 -49.10 -9.21 -13.96
N ILE D 588 -49.05 -9.98 -12.86
CA ILE D 588 -47.84 -10.68 -12.50
C ILE D 588 -47.51 -11.75 -13.53
N GLU D 589 -48.53 -12.44 -14.04
CA GLU D 589 -48.31 -13.45 -15.08
C GLU D 589 -47.77 -12.81 -16.35
N ALA D 590 -48.33 -11.66 -16.74
CA ALA D 590 -47.83 -10.97 -17.93
C ALA D 590 -46.46 -10.35 -17.69
N MET D 591 -46.16 -9.96 -16.45
CA MET D 591 -44.85 -9.39 -16.15
C MET D 591 -43.75 -10.43 -16.30
N MET D 592 -43.97 -11.62 -15.72
CA MET D 592 -42.96 -12.67 -15.83
C MET D 592 -42.80 -13.16 -17.27
N LYS D 593 -43.84 -12.99 -18.09
CA LYS D 593 -43.76 -13.39 -19.49
C LYS D 593 -43.04 -12.36 -20.34
N THR D 594 -43.40 -11.08 -20.16
CA THR D 594 -42.76 -10.02 -20.95
C THR D 594 -41.30 -9.82 -20.59
N ILE D 595 -40.87 -10.25 -19.41
CA ILE D 595 -39.47 -10.16 -19.04
C ILE D 595 -38.71 -11.39 -19.51
N ALA D 596 -39.36 -12.56 -19.46
CA ALA D 596 -38.73 -13.84 -19.79
C ALA D 596 -37.47 -14.06 -18.96
N VAL D 597 -37.68 -14.14 -17.64
CA VAL D 597 -36.56 -14.27 -16.71
C VAL D 597 -35.77 -15.55 -17.00
N ASP D 598 -36.46 -16.66 -17.21
CA ASP D 598 -35.79 -17.94 -17.38
C ASP D 598 -36.67 -18.86 -18.21
N GLU D 599 -36.06 -19.94 -18.71
CA GLU D 599 -36.79 -20.94 -19.46
C GLU D 599 -37.67 -21.81 -18.57
N GLU D 600 -37.50 -21.74 -17.25
CA GLU D 600 -38.28 -22.52 -16.31
C GLU D 600 -38.97 -21.66 -15.25
N GLY D 601 -38.66 -20.37 -15.19
CA GLY D 601 -39.34 -19.48 -14.27
C GLY D 601 -38.59 -19.13 -13.00
N ASN D 602 -37.26 -19.26 -12.98
CA ASN D 602 -36.50 -18.88 -11.79
C ASN D 602 -36.58 -17.38 -11.55
N LEU D 603 -36.57 -16.98 -10.28
CA LEU D 603 -36.67 -15.56 -9.92
C LEU D 603 -35.33 -14.90 -10.22
N ASP D 604 -35.16 -14.52 -11.48
CA ASP D 604 -33.92 -13.86 -11.90
C ASP D 604 -33.89 -12.38 -11.55
N VAL D 605 -34.98 -11.81 -11.03
CA VAL D 605 -34.96 -10.41 -10.62
C VAL D 605 -34.08 -10.23 -9.39
N SER D 606 -33.89 -11.30 -8.62
CA SER D 606 -33.03 -11.27 -7.43
C SER D 606 -31.67 -11.92 -7.72
N ILE D 607 -31.68 -13.18 -8.16
CA ILE D 607 -30.46 -13.90 -8.50
C ILE D 607 -30.36 -13.91 -10.02
N LEU D 608 -29.43 -13.11 -10.54
CA LEU D 608 -29.30 -12.97 -12.00
C LEU D 608 -29.00 -14.30 -12.68
N GLU D 609 -28.39 -15.24 -11.96
CA GLU D 609 -28.13 -16.55 -12.53
C GLU D 609 -29.43 -17.31 -12.75
N VAL D 610 -29.53 -17.95 -13.92
CA VAL D 610 -30.74 -18.70 -14.26
C VAL D 610 -30.96 -19.85 -13.28
N GLY D 611 -29.88 -20.42 -12.76
CA GLY D 611 -30.00 -21.52 -11.79
C GLY D 611 -30.25 -22.89 -12.38
N LYS D 612 -31.13 -22.97 -13.38
CA LYS D 612 -31.41 -24.26 -14.02
C LYS D 612 -30.19 -24.77 -14.78
N SER D 613 -29.61 -23.91 -15.63
CA SER D 613 -28.43 -24.29 -16.40
C SER D 613 -27.40 -23.18 -16.44
N SER D 614 -27.42 -22.28 -15.45
CA SER D 614 -26.42 -21.22 -15.34
C SER D 614 -25.58 -21.36 -14.08
N LYS D 615 -26.21 -21.43 -12.90
CA LYS D 615 -25.45 -21.57 -11.67
C LYS D 615 -24.79 -22.93 -11.58
N LYS D 616 -25.45 -23.97 -12.11
CA LYS D 616 -24.86 -25.31 -12.10
C LYS D 616 -23.58 -25.36 -12.92
N ILE D 617 -23.57 -24.66 -14.07
CA ILE D 617 -22.41 -24.68 -14.95
C ILE D 617 -21.22 -24.01 -14.28
N ASN D 618 -21.46 -22.95 -13.50
CA ASN D 618 -20.38 -22.30 -12.78
C ASN D 618 -19.73 -23.24 -11.76
N LYS D 619 -20.50 -24.19 -11.22
CA LYS D 619 -19.93 -25.14 -10.28
C LYS D 619 -19.16 -26.24 -11.01
N ILE D 620 -19.53 -26.56 -12.24
CA ILE D 620 -18.75 -27.49 -13.04
C ILE D 620 -17.43 -26.85 -13.46
N GLU D 621 -17.44 -25.56 -13.76
CA GLU D 621 -16.21 -24.87 -14.13
C GLU D 621 -15.32 -24.63 -12.92
N LYS D 622 -15.90 -24.38 -11.75
CA LYS D 622 -15.13 -24.14 -10.54
C LYS D 622 -14.50 -25.44 -10.03
N PRO D 639 -5.35 -24.74 -17.84
CA PRO D 639 -5.01 -23.73 -18.85
C PRO D 639 -6.22 -23.21 -19.60
N GLU D 640 -6.15 -21.97 -20.10
CA GLU D 640 -7.26 -21.38 -20.83
C GLU D 640 -7.59 -22.19 -22.07
N GLU D 641 -6.57 -22.57 -22.83
CA GLU D 641 -6.80 -23.41 -24.01
C GLU D 641 -7.24 -24.82 -23.63
N LYS D 642 -7.04 -25.22 -22.39
CA LYS D 642 -7.44 -26.56 -21.97
C LYS D 642 -8.87 -26.57 -21.44
N VAL D 643 -9.26 -25.56 -20.66
CA VAL D 643 -10.61 -25.52 -20.11
C VAL D 643 -11.66 -25.30 -21.18
N ILE D 644 -11.31 -24.65 -22.29
CA ILE D 644 -12.25 -24.54 -23.40
C ILE D 644 -12.42 -25.88 -24.08
N GLU D 645 -11.32 -26.62 -24.27
CA GLU D 645 -11.43 -27.96 -24.81
C GLU D 645 -12.10 -28.92 -23.83
N ALA D 646 -11.90 -28.70 -22.53
CA ALA D 646 -12.56 -29.53 -21.54
C ALA D 646 -14.06 -29.23 -21.47
N ALA D 647 -14.44 -27.96 -21.64
CA ALA D 647 -15.85 -27.61 -21.68
C ALA D 647 -16.50 -27.99 -23.00
N LYS D 648 -15.71 -28.13 -24.07
CA LYS D 648 -16.27 -28.53 -25.36
C LYS D 648 -16.78 -29.96 -25.31
N GLN D 649 -15.96 -30.88 -24.78
CA GLN D 649 -16.41 -32.26 -24.65
C GLN D 649 -17.46 -32.41 -23.56
N ALA D 650 -17.46 -31.52 -22.56
CA ALA D 650 -18.44 -31.60 -21.50
C ALA D 650 -19.81 -31.11 -21.98
N GLY D 651 -19.82 -30.11 -22.86
CA GLY D 651 -21.07 -29.59 -23.37
C GLY D 651 -21.82 -28.70 -22.41
N ILE D 652 -21.14 -28.15 -21.40
CA ILE D 652 -21.81 -27.30 -20.42
C ILE D 652 -22.23 -25.99 -21.05
N GLY D 653 -21.50 -25.54 -22.08
CA GLY D 653 -21.83 -24.31 -22.75
C GLY D 653 -21.06 -24.16 -24.04
N THR D 654 -21.57 -23.30 -24.92
CA THR D 654 -20.91 -23.05 -26.18
C THR D 654 -19.62 -22.26 -25.97
N LYS D 655 -18.83 -22.18 -27.04
CA LYS D 655 -17.54 -21.48 -26.99
C LYS D 655 -17.71 -20.02 -26.58
N ALA D 656 -18.70 -19.34 -27.18
CA ALA D 656 -18.97 -17.95 -26.81
C ALA D 656 -19.55 -17.85 -25.42
N ASP D 657 -20.28 -18.87 -24.98
CA ASP D 657 -20.89 -18.84 -23.65
C ASP D 657 -19.84 -19.05 -22.57
N ILE D 658 -18.99 -20.07 -22.73
CA ILE D 658 -17.97 -20.34 -21.73
C ILE D 658 -16.90 -19.25 -21.70
N GLU D 659 -16.74 -18.51 -22.79
CA GLU D 659 -15.81 -17.38 -22.79
C GLU D 659 -16.29 -16.28 -21.85
N LYS D 660 -17.61 -16.08 -21.75
CA LYS D 660 -18.14 -15.09 -20.83
C LYS D 660 -18.27 -15.63 -19.41
N LEU D 661 -18.40 -16.95 -19.27
CA LEU D 661 -18.50 -17.53 -17.93
C LEU D 661 -17.19 -17.38 -17.16
N LEU D 662 -16.05 -17.62 -17.82
CA LEU D 662 -14.77 -17.46 -17.15
C LEU D 662 -14.37 -16.00 -17.03
N ASN D 663 -14.74 -15.17 -18.01
CA ASN D 663 -14.37 -13.75 -17.95
C ASN D 663 -15.17 -13.04 -16.86
N GLU D 664 -16.46 -13.37 -16.73
CA GLU D 664 -17.24 -12.82 -15.62
C GLU D 664 -16.69 -13.26 -14.27
N LEU D 665 -16.12 -14.46 -14.21
CA LEU D 665 -15.48 -14.91 -12.98
C LEU D 665 -14.16 -14.20 -12.74
N LYS D 666 -13.52 -13.71 -13.81
CA LYS D 666 -12.28 -12.95 -13.65
C LYS D 666 -12.54 -11.61 -12.97
N SER D 667 -13.76 -11.09 -13.07
CA SER D 667 -14.10 -9.84 -12.39
C SER D 667 -14.12 -10.03 -10.87
N ASP D 668 -14.86 -11.05 -10.40
CA ASP D 668 -14.91 -11.30 -8.97
C ASP D 668 -13.61 -11.93 -8.46
N GLY D 669 -12.86 -12.59 -9.34
CA GLY D 669 -11.62 -13.22 -8.97
C GLY D 669 -11.68 -14.70 -8.68
N ARG D 670 -12.82 -15.35 -8.95
CA ARG D 670 -12.93 -16.78 -8.71
C ARG D 670 -12.03 -17.57 -9.65
N VAL D 671 -12.05 -17.23 -10.93
CA VAL D 671 -11.22 -17.86 -11.95
C VAL D 671 -10.27 -16.80 -12.49
N TYR D 672 -8.99 -16.93 -12.17
CA TYR D 672 -7.98 -15.97 -12.59
C TYR D 672 -7.14 -16.54 -13.73
N GLU D 673 -6.32 -15.67 -14.31
CA GLU D 673 -5.42 -16.05 -15.41
C GLU D 673 -4.00 -16.15 -14.89
N PRO D 674 -3.46 -17.35 -14.65
CA PRO D 674 -2.09 -17.46 -14.14
C PRO D 674 -1.04 -16.90 -15.09
N ARG D 675 -1.02 -17.37 -16.33
CA ARG D 675 -0.02 -16.94 -17.30
C ARG D 675 -0.68 -16.83 -18.67
N ALA D 676 0.15 -16.71 -19.71
CA ALA D 676 -0.34 -16.55 -21.07
C ALA D 676 -1.08 -17.80 -21.52
N GLY D 677 -2.39 -17.67 -21.70
CA GLY D 677 -3.20 -18.81 -22.11
C GLY D 677 -3.44 -19.81 -21.00
N PHE D 678 -3.61 -19.35 -19.77
CA PHE D 678 -3.86 -20.21 -18.63
C PHE D 678 -5.07 -19.71 -17.86
N TYR D 679 -5.81 -20.65 -17.26
CA TYR D 679 -7.01 -20.33 -16.50
C TYR D 679 -7.16 -21.36 -15.39
N ARG D 680 -7.00 -20.95 -14.14
CA ARG D 680 -7.15 -21.82 -13.00
C ARG D 680 -7.99 -21.12 -11.94
N VAL D 681 -8.82 -21.91 -11.24
CA VAL D 681 -9.68 -21.34 -10.22
C VAL D 681 -8.86 -20.95 -8.99
N ILE D 682 -9.39 -20.00 -8.22
CA ILE D 682 -8.72 -19.54 -7.02
C ILE D 682 -9.13 -20.40 -5.82
N MET E 1 42.81 32.05 -21.30
CA MET E 1 42.59 33.49 -21.49
C MET E 1 43.24 33.96 -22.79
N ASP E 2 43.21 35.28 -23.00
CA ASP E 2 43.71 35.95 -24.20
C ASP E 2 43.36 35.17 -25.48
N ARG E 3 42.06 34.87 -25.60
CA ARG E 3 41.58 34.12 -26.76
C ARG E 3 41.87 34.87 -28.06
N GLU E 4 41.77 36.19 -28.04
CA GLU E 4 42.11 36.98 -29.22
C GLU E 4 43.59 36.87 -29.54
N GLU E 5 44.43 36.79 -28.50
CA GLU E 5 45.87 36.63 -28.72
C GLU E 5 46.20 35.21 -29.19
N MET E 6 45.44 34.22 -28.73
CA MET E 6 45.67 32.85 -29.17
C MET E 6 45.37 32.68 -30.65
N ILE E 7 44.31 33.32 -31.14
CA ILE E 7 44.00 33.27 -32.56
C ILE E 7 45.14 33.86 -33.39
N ALA E 8 45.71 34.97 -32.92
CA ALA E 8 46.86 35.54 -33.60
C ALA E 8 48.10 34.66 -33.47
N ARG E 9 48.21 33.91 -32.37
CA ARG E 9 49.35 33.03 -32.19
C ARG E 9 49.24 31.81 -33.09
N PHE E 10 48.06 31.19 -33.17
CA PHE E 10 47.88 30.03 -34.03
C PHE E 10 48.00 30.42 -35.51
N ALA E 11 47.43 31.57 -35.89
CA ALA E 11 47.52 32.01 -37.27
C ALA E 11 48.94 32.37 -37.68
N LYS E 12 49.76 32.80 -36.71
CA LYS E 12 51.16 33.09 -37.02
C LYS E 12 51.92 31.83 -37.37
N PHE E 13 51.72 30.76 -36.60
CA PHE E 13 52.35 29.48 -36.91
C PHE E 13 51.72 28.83 -38.13
N LEU E 14 50.45 29.13 -38.39
CA LEU E 14 49.75 28.57 -39.55
C LEU E 14 50.08 29.34 -40.81
N ILE E 27 51.99 25.32 -41.53
CA ILE E 27 52.58 25.64 -42.82
C ILE E 27 52.50 24.44 -43.75
N ASN E 28 53.28 23.41 -43.46
CA ASN E 28 53.28 22.21 -44.29
C ASN E 28 51.98 21.42 -44.12
N ARG E 29 51.37 21.47 -42.93
CA ARG E 29 50.10 20.79 -42.72
C ARG E 29 48.99 21.44 -43.55
N LEU E 30 48.96 22.77 -43.60
CA LEU E 30 48.00 23.46 -44.47
C LEU E 30 48.32 23.23 -45.93
N LYS E 31 49.60 23.08 -46.27
CA LYS E 31 49.98 22.70 -47.63
C LYS E 31 49.37 21.36 -48.01
N ASP E 32 49.21 20.45 -47.04
CA ASP E 32 48.53 19.20 -47.32
C ASP E 32 47.02 19.39 -47.42
N LEU E 33 46.48 20.44 -46.78
CA LEU E 33 45.04 20.64 -46.79
C LEU E 33 44.54 21.02 -48.18
N LEU E 34 45.32 21.81 -48.93
CA LEU E 34 44.89 22.18 -50.28
C LEU E 34 44.92 20.99 -51.21
N THR E 35 45.79 20.01 -50.95
CA THR E 35 45.84 18.83 -51.79
C THR E 35 44.57 17.98 -51.64
N VAL E 36 44.20 17.65 -50.41
CA VAL E 36 43.01 16.86 -50.14
C VAL E 36 41.89 17.84 -49.78
N THR E 37 41.01 18.10 -50.75
CA THR E 37 39.91 19.03 -50.51
C THR E 37 38.93 18.53 -49.46
N PRO E 38 38.44 17.27 -49.49
CA PRO E 38 37.53 16.85 -48.40
C PRO E 38 38.29 16.44 -47.13
N LYS E 39 38.87 17.44 -46.48
CA LYS E 39 39.64 17.25 -45.25
C LYS E 39 38.92 17.99 -44.12
N ARG E 40 37.98 17.30 -43.47
CA ARG E 40 37.20 17.92 -42.41
C ARG E 40 38.03 18.12 -41.15
N SER E 41 39.14 17.38 -41.03
CA SER E 41 40.00 17.44 -39.84
C SER E 41 41.45 17.41 -40.31
N LEU E 42 42.13 18.54 -40.18
CA LEU E 42 43.54 18.62 -40.52
C LEU E 42 44.40 18.23 -39.31
N ALA E 43 45.44 17.43 -39.56
CA ALA E 43 46.31 16.96 -38.50
C ALA E 43 47.47 17.92 -38.29
N ILE E 44 47.72 18.25 -37.02
CA ILE E 44 48.76 19.21 -36.63
C ILE E 44 49.74 18.50 -35.72
N ASP E 45 51.03 18.64 -36.01
CA ASP E 45 52.06 18.02 -35.20
C ASP E 45 52.31 18.82 -33.93
N TRP E 46 52.55 18.11 -32.83
CA TRP E 46 52.74 18.79 -31.54
C TRP E 46 54.12 19.42 -31.44
N ALA E 47 55.16 18.72 -31.90
CA ALA E 47 56.51 19.26 -31.83
C ALA E 47 56.65 20.52 -32.69
N HIS E 48 55.85 20.64 -33.75
CA HIS E 48 55.87 21.86 -34.55
C HIS E 48 55.27 23.02 -33.78
N LEU E 49 54.20 22.77 -33.01
CA LEU E 49 53.61 23.81 -32.18
C LEU E 49 54.43 24.07 -30.92
N ASN E 50 55.02 23.03 -30.34
CA ASN E 50 55.84 23.21 -29.14
C ASN E 50 57.09 24.01 -29.44
N SER E 51 57.71 23.77 -30.59
CA SER E 51 58.89 24.55 -30.98
C SER E 51 58.52 25.98 -31.36
N PHE E 52 57.30 26.18 -31.86
CA PHE E 52 56.86 27.53 -32.21
C PHE E 52 56.64 28.38 -30.96
N ASP E 53 55.82 27.89 -30.04
CA ASP E 53 55.55 28.60 -28.79
C ASP E 53 55.21 27.62 -27.68
N PRO E 54 56.11 27.41 -26.72
CA PRO E 54 55.79 26.48 -25.62
C PRO E 54 54.68 26.98 -24.72
N GLU E 55 54.55 28.30 -24.54
CA GLU E 55 53.47 28.83 -23.72
C GLU E 55 52.12 28.62 -24.39
N LEU E 56 52.05 28.84 -25.71
CA LEU E 56 50.81 28.59 -26.44
C LEU E 56 50.45 27.11 -26.43
N ALA E 57 51.45 26.25 -26.61
CA ALA E 57 51.19 24.81 -26.57
C ALA E 57 50.78 24.36 -25.17
N ASP E 58 51.31 25.00 -24.13
CA ASP E 58 50.94 24.65 -22.76
C ASP E 58 49.49 24.98 -22.48
N GLU E 59 48.91 25.95 -23.20
CA GLU E 59 47.51 26.30 -22.99
C GLU E 59 46.58 25.23 -23.54
N LEU E 60 47.08 24.38 -24.43
CA LEU E 60 46.25 23.30 -24.98
C LEU E 60 45.94 22.24 -23.93
N LEU E 61 46.89 21.98 -23.03
CA LEU E 61 46.65 20.98 -22.00
C LEU E 61 45.83 21.54 -20.84
N ASN E 62 46.00 22.82 -20.55
CA ASN E 62 45.26 23.43 -19.44
C ASN E 62 43.78 23.52 -19.75
N ASN E 63 43.43 24.24 -20.82
CA ASN E 63 42.03 24.41 -21.22
C ASN E 63 41.91 24.11 -22.71
N PRO E 64 41.65 22.86 -23.08
CA PRO E 64 41.54 22.52 -24.50
C PRO E 64 40.24 22.97 -25.14
N GLU E 65 39.20 23.28 -24.35
CA GLU E 65 37.94 23.73 -24.93
C GLU E 65 38.12 25.04 -25.69
N GLU E 66 38.78 26.02 -25.06
CA GLU E 66 39.08 27.28 -25.74
C GLU E 66 40.30 27.18 -26.63
N ALA E 67 41.17 26.20 -26.41
CA ALA E 67 42.36 26.05 -27.24
C ALA E 67 42.01 25.50 -28.62
N ILE E 68 41.29 24.38 -28.67
CA ILE E 68 40.92 23.79 -29.95
C ILE E 68 39.89 24.64 -30.67
N ALA E 69 39.14 25.49 -29.96
CA ALA E 69 38.19 26.37 -30.61
C ALA E 69 38.91 27.54 -31.29
N SER E 70 39.91 28.11 -30.61
CA SER E 70 40.69 29.19 -31.21
C SER E 70 41.66 28.67 -32.26
N ALA E 71 42.11 27.43 -32.12
CA ALA E 71 43.03 26.86 -33.11
C ALA E 71 42.35 26.66 -34.45
N GLU E 72 41.13 26.11 -34.45
CA GLU E 72 40.42 25.91 -35.70
C GLU E 72 39.92 27.23 -36.28
N ASP E 73 39.56 28.19 -35.42
CA ASP E 73 39.07 29.47 -35.91
C ASP E 73 40.20 30.30 -36.51
N ALA E 74 41.41 30.16 -35.98
CA ALA E 74 42.55 30.89 -36.53
C ALA E 74 42.94 30.35 -37.91
N ILE E 75 43.03 29.02 -38.04
CA ILE E 75 43.37 28.43 -39.33
C ILE E 75 42.21 28.55 -40.31
N GLN E 76 41.00 28.82 -39.83
CA GLN E 76 39.90 29.13 -40.74
C GLN E 76 40.16 30.45 -41.46
N ILE E 77 40.79 31.41 -40.79
CA ILE E 77 41.21 32.64 -41.47
C ILE E 77 42.31 32.33 -42.46
N VAL E 78 43.24 31.44 -42.10
CA VAL E 78 44.26 30.99 -43.02
C VAL E 78 43.65 30.16 -44.15
N LEU E 79 42.42 29.68 -43.97
CA LEU E 79 41.75 28.95 -45.04
C LEU E 79 41.12 29.92 -46.05
N ARG E 80 40.82 31.14 -45.61
CA ARG E 80 40.12 32.12 -46.44
C ARG E 80 40.98 33.28 -46.91
N GLU E 81 41.79 33.87 -46.02
CA GLU E 81 42.54 35.06 -46.39
C GLU E 81 43.65 34.78 -47.42
N PRO E 82 44.50 33.77 -47.26
CA PRO E 82 45.50 33.47 -48.29
C PRO E 82 44.83 33.01 -49.58
N PRO E 83 45.56 33.03 -50.70
CA PRO E 83 44.97 32.57 -51.96
C PRO E 83 44.64 31.09 -51.93
N LEU E 84 44.03 30.63 -53.03
CA LEU E 84 43.53 29.25 -53.14
C LEU E 84 42.54 28.92 -52.02
N LEU E 85 41.72 29.90 -51.65
CA LEU E 85 40.82 29.74 -50.52
C LEU E 85 39.58 28.96 -50.92
N VAL E 86 38.98 28.29 -49.93
CA VAL E 86 37.71 27.61 -50.14
C VAL E 86 36.60 28.66 -50.27
N GLU E 87 35.60 28.34 -51.10
CA GLU E 87 34.52 29.29 -51.36
C GLU E 87 33.83 29.75 -50.08
N ARG E 88 33.76 28.88 -49.08
CA ARG E 88 33.16 29.20 -47.80
C ARG E 88 34.13 28.82 -46.67
N GLU E 89 33.75 29.15 -45.44
CA GLU E 89 34.54 28.80 -44.26
C GLU E 89 34.30 27.32 -43.95
N PHE E 90 35.03 26.46 -44.66
CA PHE E 90 34.88 25.03 -44.50
C PHE E 90 35.28 24.59 -43.09
N LYS E 91 34.41 23.79 -42.48
CA LYS E 91 34.66 23.31 -41.12
C LYS E 91 35.91 22.45 -41.08
N VAL E 92 36.88 22.85 -40.26
CA VAL E 92 38.14 22.13 -40.11
C VAL E 92 38.37 21.86 -38.63
N HIS E 93 38.80 20.64 -38.31
CA HIS E 93 39.06 20.24 -36.94
C HIS E 93 40.56 20.21 -36.68
N ALA E 94 40.99 20.83 -35.59
CA ALA E 94 42.40 20.88 -35.21
C ALA E 94 42.79 19.53 -34.59
N ARG E 95 43.17 18.60 -35.47
CA ARG E 95 43.56 17.28 -35.02
C ARG E 95 45.01 17.27 -34.54
N PHE E 96 45.25 16.71 -33.36
CA PHE E 96 46.57 16.61 -32.78
C PHE E 96 46.89 15.14 -32.54
N TYR E 97 47.97 14.66 -33.17
CA TYR E 97 48.36 13.25 -33.10
C TYR E 97 49.64 13.05 -32.30
N ASN E 98 49.95 13.96 -31.39
CA ASN E 98 51.16 13.85 -30.59
C ASN E 98 51.00 14.67 -29.31
N LEU E 99 51.64 14.20 -28.24
CA LEU E 99 51.65 14.88 -26.96
C LEU E 99 52.96 14.57 -26.27
N PRO E 100 53.43 15.44 -25.37
CA PRO E 100 54.73 15.18 -24.73
C PRO E 100 54.74 13.94 -23.86
N LYS E 101 53.64 13.62 -23.20
CA LYS E 101 53.54 12.44 -22.34
C LYS E 101 52.39 11.56 -22.81
N THR E 102 52.68 10.28 -23.02
CA THR E 102 51.68 9.30 -23.38
C THR E 102 51.27 8.53 -22.13
N LEU E 103 50.10 8.87 -21.58
CA LEU E 103 49.63 8.26 -20.34
C LEU E 103 49.09 6.86 -20.61
N LEU E 104 48.79 6.16 -19.52
CA LEU E 104 48.24 4.81 -19.57
C LEU E 104 46.82 4.82 -19.03
N VAL E 105 46.12 3.71 -19.25
CA VAL E 105 44.73 3.60 -18.80
C VAL E 105 44.67 3.53 -17.28
N LYS E 106 45.46 2.65 -16.67
CA LYS E 106 45.48 2.56 -15.22
C LYS E 106 46.10 3.80 -14.58
N GLU E 107 47.03 4.45 -15.27
CA GLU E 107 47.62 5.68 -14.75
C GLU E 107 46.69 6.88 -14.90
N LEU E 108 45.69 6.79 -15.77
CA LEU E 108 44.74 7.88 -15.95
C LEU E 108 43.83 7.99 -14.75
N GLY E 109 43.76 9.20 -14.16
CA GLY E 109 42.92 9.44 -13.01
C GLY E 109 41.98 10.60 -13.27
N SER E 110 41.19 10.92 -12.22
CA SER E 110 40.24 12.02 -12.32
C SER E 110 40.91 13.39 -12.33
N GLU E 111 42.21 13.45 -12.07
CA GLU E 111 42.93 14.72 -12.08
C GLU E 111 43.25 15.21 -13.48
N HIS E 112 42.92 14.44 -14.52
CA HIS E 112 43.17 14.81 -15.90
C HIS E 112 41.90 15.22 -16.64
N ILE E 113 40.79 15.40 -15.93
CA ILE E 113 39.54 15.80 -16.57
C ILE E 113 39.67 17.21 -17.12
N ASN E 114 39.04 17.45 -18.29
CA ASN E 114 39.09 18.74 -18.97
C ASN E 114 40.52 19.11 -19.36
N LYS E 115 41.32 18.12 -19.72
CA LYS E 115 42.70 18.33 -20.14
C LYS E 115 43.02 17.40 -21.31
N LEU E 116 43.78 17.90 -22.27
CA LEU E 116 44.17 17.10 -23.42
C LEU E 116 45.15 16.01 -22.98
N ILE E 117 44.74 14.75 -23.09
CA ILE E 117 45.53 13.62 -22.65
C ILE E 117 45.79 12.69 -23.82
N GLN E 118 46.87 11.92 -23.72
CA GLN E 118 47.25 10.92 -24.70
C GLN E 118 47.39 9.58 -23.99
N VAL E 119 46.41 8.71 -24.17
CA VAL E 119 46.37 7.41 -23.50
C VAL E 119 46.39 6.32 -24.57
N GLU E 120 47.18 5.27 -24.32
CA GLU E 120 47.27 4.13 -25.22
C GLU E 120 46.58 2.92 -24.60
N GLY E 121 46.22 1.98 -25.45
CA GLY E 121 45.56 0.77 -25.00
C GLY E 121 44.87 0.07 -26.16
N ILE E 122 44.05 -0.92 -25.79
CA ILE E 122 43.32 -1.72 -26.75
C ILE E 122 41.82 -1.46 -26.58
N ILE E 123 41.06 -1.77 -27.62
CA ILE E 123 39.62 -1.55 -27.64
C ILE E 123 38.91 -2.89 -27.49
N THR E 124 37.84 -2.91 -26.70
CA THR E 124 37.04 -4.13 -26.52
C THR E 124 35.58 -3.98 -26.92
N ARG E 125 35.06 -2.76 -26.98
CA ARG E 125 33.66 -2.51 -27.35
C ARG E 125 33.61 -1.37 -28.35
N VAL E 126 32.77 -1.52 -29.38
CA VAL E 126 32.58 -0.51 -30.41
C VAL E 126 31.09 -0.47 -30.76
N SER E 127 30.51 0.72 -30.73
CA SER E 127 29.11 0.90 -31.06
C SER E 127 28.96 1.20 -32.56
N GLU E 128 27.71 1.36 -33.00
CA GLU E 128 27.42 1.64 -34.39
C GLU E 128 27.36 3.15 -34.61
N VAL E 129 26.91 3.56 -35.79
CA VAL E 129 26.81 4.98 -36.13
C VAL E 129 25.50 5.53 -35.57
N LYS E 130 25.60 6.49 -34.66
CA LYS E 130 24.42 7.11 -34.06
C LYS E 130 24.35 8.57 -34.49
N PRO E 131 23.36 8.97 -35.28
CA PRO E 131 23.26 10.38 -35.72
C PRO E 131 22.69 11.29 -34.65
N PHE E 132 23.49 11.55 -33.62
CA PHE E 132 23.06 12.44 -32.55
C PHE E 132 23.13 13.90 -33.00
N VAL E 133 22.40 14.75 -32.29
CA VAL E 133 22.35 16.16 -32.62
C VAL E 133 23.46 16.90 -31.88
N GLU E 134 24.01 17.92 -32.52
CA GLU E 134 25.04 18.76 -31.91
C GLU E 134 24.45 20.03 -31.31
N LYS E 135 23.47 20.63 -31.97
CA LYS E 135 22.80 21.82 -31.46
C LYS E 135 21.30 21.63 -31.71
N ALA E 136 20.56 21.31 -30.65
CA ALA E 136 19.13 21.04 -30.76
C ALA E 136 18.38 22.35 -30.55
N VAL E 137 17.86 22.91 -31.64
CA VAL E 137 17.10 24.16 -31.58
C VAL E 137 15.66 23.78 -31.21
N PHE E 138 15.35 23.93 -29.93
CA PHE E 138 14.00 23.60 -29.44
C PHE E 138 13.00 24.65 -29.91
N VAL E 139 11.95 24.19 -30.58
CA VAL E 139 10.92 25.08 -31.12
C VAL E 139 9.83 25.22 -30.06
N CYS E 140 9.58 26.46 -29.66
CA CYS E 140 8.46 26.74 -28.77
C CYS E 140 7.22 27.05 -29.60
N ARG E 141 6.07 26.56 -29.15
CA ARG E 141 4.83 26.71 -29.93
C ARG E 141 4.41 28.17 -30.02
N ASP E 142 4.50 28.90 -28.91
CA ASP E 142 4.05 30.29 -28.90
C ASP E 142 5.05 31.18 -29.63
N CYS E 143 6.27 31.29 -29.12
CA CYS E 143 7.31 32.13 -29.70
C CYS E 143 8.62 31.83 -28.97
N GLY E 144 9.71 32.33 -29.53
CA GLY E 144 11.02 32.15 -28.93
C GLY E 144 11.77 30.92 -29.39
N ASN E 145 11.45 30.36 -30.55
CA ASN E 145 12.13 29.17 -31.03
C ASN E 145 13.57 29.46 -31.42
N GLU E 146 13.96 30.73 -31.47
CA GLU E 146 15.30 31.14 -31.87
C GLU E 146 16.35 30.61 -30.90
N MET E 147 15.95 30.31 -29.67
CA MET E 147 16.88 29.82 -28.67
C MET E 147 17.46 28.47 -29.09
N VAL E 148 18.71 28.22 -28.68
CA VAL E 148 19.42 27.00 -29.02
C VAL E 148 20.12 26.48 -27.77
N ARG E 149 20.68 25.28 -27.88
CA ARG E 149 21.41 24.66 -26.79
C ARG E 149 22.40 23.67 -27.38
N LEU E 150 23.65 23.73 -26.91
CA LEU E 150 24.72 22.88 -27.43
C LEU E 150 24.57 21.49 -26.82
N GLN E 151 23.82 20.63 -27.50
CA GLN E 151 23.63 19.27 -27.04
C GLN E 151 24.89 18.45 -27.29
N ARG E 152 25.31 17.71 -26.25
CA ARG E 152 26.51 16.91 -26.33
C ARG E 152 26.16 15.46 -26.67
N PRO E 153 27.03 14.77 -27.42
CA PRO E 153 26.73 13.37 -27.76
C PRO E 153 26.78 12.44 -26.57
N TYR E 154 27.73 12.65 -25.65
CA TYR E 154 27.81 11.79 -24.47
C TYR E 154 26.65 12.03 -23.51
N GLU E 155 26.05 13.22 -23.55
CA GLU E 155 24.92 13.55 -22.70
C GLU E 155 23.61 13.26 -23.43
N ASN E 156 22.57 12.97 -22.65
CA ASN E 156 21.25 12.72 -23.18
C ASN E 156 20.58 14.03 -23.59
N LEU E 157 19.37 13.91 -24.15
CA LEU E 157 18.63 15.09 -24.58
C LEU E 157 18.21 15.92 -23.37
N VAL E 158 18.60 17.19 -23.36
CA VAL E 158 18.27 18.10 -22.29
C VAL E 158 16.97 18.82 -22.64
N LYS E 159 16.30 19.33 -21.62
CA LYS E 159 15.00 19.96 -21.80
C LYS E 159 14.88 21.18 -20.90
N PRO E 160 14.87 22.40 -21.47
CA PRO E 160 14.72 23.58 -20.62
C PRO E 160 13.33 23.67 -20.03
N ALA E 161 13.23 24.38 -18.90
CA ALA E 161 11.97 24.45 -18.17
C ALA E 161 10.98 25.37 -18.87
N LYS E 162 11.42 26.55 -19.28
CA LYS E 162 10.51 27.53 -19.88
C LYS E 162 11.26 28.36 -20.90
N CYS E 163 10.51 29.12 -21.69
CA CYS E 163 11.07 30.00 -22.71
C CYS E 163 11.27 31.39 -22.13
N ASP E 164 12.33 32.07 -22.59
CA ASP E 164 12.63 33.40 -22.06
C ASP E 164 11.92 34.50 -22.85
N ALA E 165 11.55 34.23 -24.11
CA ALA E 165 10.94 35.26 -24.94
C ALA E 165 9.53 35.61 -24.45
N CYS E 166 8.63 34.62 -24.46
CA CYS E 166 7.24 34.85 -24.09
C CYS E 166 6.83 34.14 -22.80
N GLY E 167 7.72 33.35 -22.20
CA GLY E 167 7.39 32.65 -20.98
C GLY E 167 6.48 31.47 -21.13
N SER E 168 6.29 30.96 -22.35
CA SER E 168 5.42 29.82 -22.58
C SER E 168 6.16 28.51 -22.29
N ARG E 169 5.39 27.46 -22.04
CA ARG E 169 5.94 26.14 -21.75
C ARG E 169 5.61 25.10 -22.81
N ASN E 170 4.89 25.48 -23.86
CA ASN E 170 4.56 24.55 -24.95
C ASN E 170 5.77 24.38 -25.84
N ILE E 171 6.75 23.65 -25.33
CA ILE E 171 8.02 23.44 -26.03
C ILE E 171 7.95 22.11 -26.78
N GLU E 172 8.65 22.03 -27.90
CA GLU E 172 8.68 20.84 -28.72
C GLU E 172 10.03 20.73 -29.41
N LEU E 173 10.35 19.53 -29.87
CA LEU E 173 11.62 19.27 -30.53
C LEU E 173 11.51 19.57 -32.02
N ASP E 174 12.53 20.21 -32.58
CA ASP E 174 12.59 20.56 -34.00
C ASP E 174 13.71 19.76 -34.64
N VAL E 175 13.35 18.67 -35.32
CA VAL E 175 14.33 17.83 -36.00
C VAL E 175 14.64 18.30 -37.42
N ASP E 176 13.99 19.37 -37.88
CA ASP E 176 14.23 19.86 -39.24
C ASP E 176 15.50 20.69 -39.31
N LYS E 177 15.59 21.73 -38.48
CA LYS E 177 16.76 22.60 -38.46
C LYS E 177 17.90 22.06 -37.61
N SER E 178 17.62 21.08 -36.74
CA SER E 178 18.65 20.52 -35.88
C SER E 178 19.71 19.81 -36.72
N ARG E 179 20.98 20.09 -36.42
CA ARG E 179 22.10 19.54 -37.17
C ARG E 179 22.52 18.22 -36.51
N PHE E 180 22.11 17.11 -37.10
CA PHE E 180 22.47 15.80 -36.60
C PHE E 180 23.80 15.36 -37.20
N LEU E 181 24.74 15.00 -36.32
CA LEU E 181 26.07 14.57 -36.74
C LEU E 181 26.32 13.15 -36.27
N ASN E 182 27.28 12.48 -36.89
CA ASN E 182 27.58 11.10 -36.57
C ASN E 182 28.23 11.00 -35.20
N PHE E 183 27.92 9.92 -34.47
CA PHE E 183 28.46 9.69 -33.14
C PHE E 183 28.67 8.20 -32.93
N GLN E 184 29.79 7.85 -32.30
CA GLN E 184 30.10 6.46 -31.97
C GLN E 184 30.82 6.44 -30.64
N SER E 185 30.58 5.39 -29.86
CA SER E 185 31.17 5.23 -28.54
C SER E 185 31.91 3.90 -28.46
N PHE E 186 33.15 3.94 -27.98
CA PHE E 186 33.96 2.74 -27.83
C PHE E 186 34.62 2.73 -26.45
N ARG E 187 35.03 1.54 -26.03
CA ARG E 187 35.64 1.32 -24.72
C ARG E 187 37.10 0.93 -24.92
N LEU E 188 38.01 1.76 -24.41
CA LEU E 188 39.43 1.55 -24.55
C LEU E 188 39.99 1.04 -23.22
N GLN E 189 40.60 -0.14 -23.24
CA GLN E 189 41.14 -0.80 -22.06
C GLN E 189 42.66 -0.80 -22.09
N ASP E 190 43.24 -1.39 -21.06
CA ASP E 190 44.69 -1.58 -21.01
C ASP E 190 45.13 -2.62 -22.03
N ARG E 191 46.44 -2.73 -22.20
CA ARG E 191 46.98 -3.73 -23.11
C ARG E 191 46.99 -5.09 -22.42
N PRO E 192 46.32 -6.10 -22.99
CA PRO E 192 46.32 -7.42 -22.34
C PRO E 192 47.64 -8.15 -22.45
N GLU E 193 48.47 -7.79 -23.43
CA GLU E 193 49.75 -8.47 -23.64
C GLU E 193 50.93 -7.67 -23.11
N SER E 194 51.00 -6.37 -23.42
CA SER E 194 52.13 -5.57 -22.97
C SER E 194 52.03 -5.24 -21.48
N LEU E 195 50.83 -4.87 -21.01
CA LEU E 195 50.62 -4.56 -19.60
C LEU E 195 50.00 -5.71 -18.83
N LYS E 196 50.37 -6.96 -19.15
CA LYS E 196 49.87 -8.08 -18.36
C LYS E 196 50.46 -8.06 -16.95
N GLY E 197 51.64 -7.48 -16.77
CA GLY E 197 52.21 -7.38 -15.44
C GLY E 197 51.44 -6.43 -14.54
N GLY E 198 50.81 -5.41 -15.11
CA GLY E 198 50.01 -4.50 -14.31
C GLY E 198 48.76 -5.16 -13.75
N GLN E 199 48.24 -6.17 -14.46
CA GLN E 199 47.07 -6.95 -14.02
C GLN E 199 45.84 -6.08 -13.80
N MET E 200 45.74 -4.95 -14.49
CA MET E 200 44.60 -4.04 -14.31
C MET E 200 43.83 -3.92 -15.61
N PRO E 201 42.62 -4.46 -15.69
CA PRO E 201 41.84 -4.38 -16.93
C PRO E 201 41.01 -3.11 -17.03
N ARG E 202 41.36 -2.09 -16.24
CA ARG E 202 40.59 -0.84 -16.20
C ARG E 202 40.34 -0.29 -17.60
N PHE E 203 39.27 0.49 -17.72
CA PHE E 203 38.88 1.06 -19.00
C PHE E 203 38.36 2.47 -18.78
N VAL E 204 38.37 3.25 -19.86
CA VAL E 204 37.76 4.59 -19.89
C VAL E 204 36.88 4.66 -21.14
N ASP E 205 35.62 5.03 -20.94
CA ASP E 205 34.70 5.13 -22.06
C ASP E 205 35.04 6.37 -22.91
N ALA E 206 34.99 6.21 -24.23
CA ALA E 206 35.32 7.28 -25.14
C ALA E 206 34.30 7.34 -26.28
N ILE E 207 34.16 8.52 -26.86
CA ILE E 207 33.22 8.76 -27.95
C ILE E 207 34.00 9.07 -29.21
N LEU E 208 33.44 8.71 -30.36
CA LEU E 208 34.05 8.94 -31.66
C LEU E 208 33.16 9.88 -32.47
N LEU E 209 33.75 10.94 -32.99
CA LEU E 209 33.01 11.97 -33.72
C LEU E 209 32.96 11.60 -35.20
N ASP E 210 32.56 12.57 -36.04
CA ASP E 210 32.39 12.33 -37.47
C ASP E 210 33.67 11.82 -38.12
N ASP E 211 34.80 12.46 -37.80
CA ASP E 211 36.06 12.09 -38.43
C ASP E 211 36.60 10.77 -37.92
N LEU E 212 36.23 10.37 -36.69
CA LEU E 212 36.75 9.16 -36.07
C LEU E 212 35.72 8.07 -35.90
N VAL E 213 34.54 8.21 -36.52
CA VAL E 213 33.53 7.15 -36.44
C VAL E 213 33.99 5.96 -37.28
N ASP E 214 33.76 4.75 -36.76
CA ASP E 214 34.16 3.51 -37.43
C ASP E 214 35.65 3.49 -37.72
N ALA E 215 36.46 4.08 -36.84
CA ALA E 215 37.90 4.16 -37.08
C ALA E 215 38.58 2.83 -36.75
N ALA E 216 38.24 2.22 -35.62
CA ALA E 216 38.88 0.99 -35.18
C ALA E 216 37.82 0.01 -34.72
N LEU E 217 38.23 -1.25 -34.58
CA LEU E 217 37.34 -2.33 -34.17
C LEU E 217 37.82 -2.87 -32.84
N PRO E 218 37.00 -3.64 -32.11
CA PRO E 218 37.46 -4.19 -30.83
C PRO E 218 38.65 -5.11 -31.02
N GLY E 219 39.64 -4.96 -30.16
CA GLY E 219 40.88 -5.71 -30.28
C GLY E 219 41.96 -5.02 -31.08
N ASP E 220 41.85 -3.71 -31.29
CA ASP E 220 42.84 -2.94 -32.04
C ASP E 220 43.56 -1.99 -31.09
N ARG E 221 44.86 -2.20 -30.92
CA ARG E 221 45.66 -1.34 -30.07
C ARG E 221 45.90 0.00 -30.77
N VAL E 222 45.32 1.06 -30.22
CA VAL E 222 45.41 2.39 -30.81
C VAL E 222 45.96 3.37 -29.79
N LEU E 223 46.38 4.53 -30.29
CA LEU E 223 46.93 5.61 -29.47
C LEU E 223 46.04 6.84 -29.67
N VAL E 224 45.06 7.00 -28.79
CA VAL E 224 44.15 8.14 -28.90
C VAL E 224 44.75 9.34 -28.20
N THR E 225 44.35 10.53 -28.64
CA THR E 225 44.81 11.81 -28.09
C THR E 225 43.59 12.71 -27.97
N GLY E 226 42.98 12.74 -26.80
CA GLY E 226 41.76 13.51 -26.61
C GLY E 226 41.66 14.24 -25.29
N VAL E 227 40.46 14.72 -24.97
CA VAL E 227 40.20 15.49 -23.76
C VAL E 227 39.30 14.68 -22.84
N LEU E 228 39.67 14.58 -21.57
CA LEU E 228 38.89 13.84 -20.59
C LEU E 228 37.72 14.70 -20.13
N ARG E 229 36.51 14.36 -20.58
CA ARG E 229 35.31 15.06 -20.18
C ARG E 229 34.76 14.46 -18.90
N VAL E 230 33.53 14.82 -18.54
CA VAL E 230 32.89 14.32 -17.33
C VAL E 230 31.38 14.32 -17.54
N ILE E 231 30.72 13.27 -17.07
CA ILE E 231 29.27 13.11 -17.23
C ILE E 231 28.65 13.13 -15.83
N LEU E 232 29.24 13.92 -14.94
CA LEU E 232 28.75 13.98 -13.56
C LEU E 232 27.27 14.32 -13.47
N GLU E 233 26.75 15.07 -14.44
CA GLU E 233 25.33 15.38 -14.49
C GLU E 233 24.59 14.22 -15.13
N GLN E 234 23.70 13.57 -14.39
CA GLN E 234 22.91 12.46 -14.91
C GLN E 234 21.52 12.52 -14.32
N ARG E 235 20.50 12.39 -15.19
CA ARG E 235 19.12 12.44 -14.72
C ARG E 235 18.78 11.24 -13.85
N GLU E 236 19.38 10.08 -14.14
CA GLU E 236 19.14 8.89 -13.33
C GLU E 236 19.67 9.06 -11.92
N LYS E 237 20.95 9.41 -11.80
CA LYS E 237 21.59 9.62 -10.51
C LYS E 237 22.48 10.86 -10.61
N ARG E 238 22.12 11.92 -9.89
CA ARG E 238 22.92 13.14 -9.89
C ARG E 238 24.35 12.91 -9.43
N PRO E 239 24.63 12.14 -8.37
CA PRO E 239 26.04 11.76 -8.10
C PRO E 239 26.48 10.59 -8.95
N ILE E 240 26.49 10.79 -10.27
CA ILE E 240 26.79 9.74 -11.23
C ILE E 240 28.21 9.23 -11.04
N PHE E 241 29.14 10.14 -10.74
CA PHE E 241 30.56 9.80 -10.58
C PHE E 241 31.11 9.11 -11.83
N LYS E 242 30.86 9.72 -12.99
CA LYS E 242 31.26 9.17 -14.27
C LYS E 242 32.02 10.22 -15.07
N LYS E 243 33.17 9.83 -15.63
CA LYS E 243 33.97 10.72 -16.46
C LYS E 243 34.22 10.02 -17.80
N ILE E 244 33.92 10.72 -18.88
CA ILE E 244 34.08 10.19 -20.22
C ILE E 244 35.24 10.92 -20.89
N LEU E 245 35.68 10.40 -22.04
CA LEU E 245 36.84 10.92 -22.74
C LEU E 245 36.49 11.20 -24.19
N GLU E 246 36.47 12.47 -24.57
CA GLU E 246 36.32 12.82 -25.98
C GLU E 246 37.70 12.81 -26.63
N VAL E 247 37.81 12.12 -27.76
CA VAL E 247 39.09 11.95 -28.45
C VAL E 247 39.13 12.87 -29.66
N ASN E 248 40.28 13.49 -29.89
CA ASN E 248 40.50 14.36 -31.04
C ASN E 248 41.11 13.62 -32.23
N HIS E 249 42.09 12.76 -31.99
CA HIS E 249 42.72 11.98 -33.06
C HIS E 249 42.98 10.56 -32.57
N ILE E 250 42.83 9.60 -33.47
CA ILE E 250 43.05 8.19 -33.17
C ILE E 250 44.09 7.65 -34.13
N GLU E 251 44.95 6.76 -33.65
CA GLU E 251 46.00 6.17 -34.45
C GLU E 251 46.45 4.87 -33.81
N GLN E 252 46.64 3.84 -34.63
CA GLN E 252 47.02 2.53 -34.12
C GLN E 252 48.41 2.58 -33.48
N LEU E 253 48.63 1.69 -32.51
CA LEU E 253 49.92 1.62 -31.83
C LEU E 253 51.01 1.20 -32.79
N SER E 254 52.18 1.85 -32.68
CA SER E 254 53.34 1.48 -33.45
C SER E 254 54.04 0.29 -32.82
N LYS E 255 54.79 -0.45 -33.65
CA LYS E 255 55.48 -1.64 -33.16
C LYS E 255 56.57 -1.32 -32.15
N GLU E 256 57.05 -0.07 -32.13
CA GLU E 256 58.12 0.28 -31.20
C GLU E 256 57.64 0.28 -29.76
N ILE E 257 56.37 0.62 -29.55
CA ILE E 257 55.82 0.77 -28.20
C ILE E 257 54.92 -0.39 -27.78
N GLU E 258 54.30 -1.08 -28.74
CA GLU E 258 53.29 -2.10 -28.42
C GLU E 258 53.87 -3.50 -28.34
N GLU E 259 55.19 -3.65 -28.37
CA GLU E 259 55.84 -4.95 -28.27
C GLU E 259 56.94 -4.90 -27.22
N LEU E 260 57.47 -6.07 -26.90
CA LEU E 260 58.57 -6.16 -25.94
C LEU E 260 59.84 -5.55 -26.53
N GLU E 261 60.68 -5.02 -25.65
CA GLU E 261 61.90 -4.34 -26.09
C GLU E 261 63.05 -5.33 -26.22
N ILE E 262 63.82 -5.18 -27.30
CA ILE E 262 65.03 -5.97 -27.52
C ILE E 262 66.18 -5.03 -27.84
N SER E 263 67.06 -4.81 -26.87
CA SER E 263 68.18 -3.91 -27.07
C SER E 263 69.20 -4.54 -28.03
N PRO E 264 70.05 -3.71 -28.64
CA PRO E 264 71.13 -4.27 -29.48
C PRO E 264 72.02 -5.25 -28.73
N GLU E 265 72.34 -4.96 -27.47
CA GLU E 265 73.06 -5.92 -26.65
C GLU E 265 72.21 -7.17 -26.40
N ASP E 266 70.92 -6.97 -26.14
CA ASP E 266 70.02 -8.10 -25.96
C ASP E 266 69.90 -8.91 -27.24
N GLU E 267 69.78 -8.24 -28.39
CA GLU E 267 69.70 -8.95 -29.66
C GLU E 267 70.97 -9.75 -29.92
N GLN E 268 72.10 -9.32 -29.35
CA GLN E 268 73.33 -10.08 -29.48
C GLN E 268 73.28 -11.34 -28.62
N LYS E 269 72.73 -11.21 -27.42
CA LYS E 269 72.62 -12.36 -26.54
C LYS E 269 71.70 -13.39 -27.18
N ILE E 270 70.62 -12.93 -27.80
CA ILE E 270 69.72 -13.85 -28.49
C ILE E 270 70.46 -14.54 -29.63
N ARG E 271 71.26 -13.78 -30.37
CA ARG E 271 72.10 -14.39 -31.40
C ARG E 271 73.17 -15.30 -30.78
N GLU E 272 73.63 -14.95 -29.58
CA GLU E 272 74.59 -15.81 -28.89
C GLU E 272 73.96 -17.13 -28.48
N LEU E 273 72.68 -17.11 -28.09
CA LEU E 273 71.99 -18.35 -27.74
C LEU E 273 71.89 -19.28 -28.95
N ALA E 274 71.79 -18.72 -30.15
CA ALA E 274 71.78 -19.55 -31.35
C ALA E 274 73.13 -20.24 -31.56
N LYS E 275 74.23 -19.58 -31.18
CA LYS E 275 75.54 -20.22 -31.26
C LYS E 275 75.73 -21.28 -30.20
N ARG E 276 74.95 -21.24 -29.12
CA ARG E 276 75.01 -22.29 -28.11
C ARG E 276 74.48 -23.60 -28.70
N LYS E 277 75.15 -24.70 -28.35
CA LYS E 277 74.76 -26.00 -28.90
C LYS E 277 73.50 -26.51 -28.23
N ASP E 278 72.97 -27.61 -28.78
CA ASP E 278 71.82 -28.38 -28.33
C ASP E 278 70.71 -27.52 -27.73
N ILE E 279 70.44 -26.36 -28.35
CA ILE E 279 69.33 -25.54 -27.91
C ILE E 279 67.99 -26.11 -28.39
N VAL E 280 68.01 -26.98 -29.40
CA VAL E 280 66.79 -27.65 -29.82
C VAL E 280 66.27 -28.56 -28.72
N ASP E 281 67.16 -29.03 -27.85
CA ASP E 281 66.77 -29.81 -26.68
C ASP E 281 66.73 -28.98 -25.41
N ALA E 282 67.54 -27.93 -25.33
CA ALA E 282 67.55 -27.07 -24.15
C ALA E 282 66.28 -26.24 -24.05
N ILE E 283 65.70 -25.85 -25.19
CA ILE E 283 64.46 -25.10 -25.16
C ILE E 283 63.32 -25.97 -24.65
N VAL E 284 63.30 -27.25 -25.04
CA VAL E 284 62.29 -28.17 -24.55
C VAL E 284 62.43 -28.36 -23.04
N ASP E 285 63.67 -28.47 -22.55
CA ASP E 285 63.88 -28.68 -21.13
C ASP E 285 63.57 -27.41 -20.32
N SER E 286 63.78 -26.24 -20.93
CA SER E 286 63.56 -25.00 -20.20
C SER E 286 62.07 -24.68 -20.06
N ILE E 287 61.26 -25.09 -21.02
CA ILE E 287 59.82 -24.83 -20.98
C ILE E 287 59.21 -25.71 -19.89
N ALA E 288 58.68 -25.09 -18.84
CA ALA E 288 58.06 -25.76 -17.71
C ALA E 288 58.98 -26.81 -17.11
N PRO E 289 60.07 -26.42 -16.44
CA PRO E 289 60.99 -27.41 -15.88
C PRO E 289 60.44 -28.12 -14.65
N ALA E 290 59.36 -27.61 -14.04
CA ALA E 290 58.82 -28.24 -12.85
C ALA E 290 58.17 -29.58 -13.18
N ILE E 291 57.32 -29.61 -14.20
CA ILE E 291 56.67 -30.85 -14.60
C ILE E 291 57.66 -31.76 -15.30
N TRP E 292 57.64 -33.04 -14.95
CA TRP E 292 58.56 -34.03 -15.48
C TRP E 292 57.99 -34.65 -16.75
N GLY E 293 58.88 -35.05 -17.65
CA GLY E 293 58.47 -35.78 -18.84
C GLY E 293 57.88 -34.88 -19.91
N HIS E 294 57.05 -35.50 -20.75
CA HIS E 294 56.40 -34.80 -21.87
C HIS E 294 57.41 -34.17 -22.81
N ARG E 295 58.46 -34.93 -23.15
CA ARG E 295 59.50 -34.42 -24.05
C ARG E 295 58.92 -34.02 -25.39
N ILE E 296 58.09 -34.89 -25.97
CA ILE E 296 57.48 -34.57 -27.27
C ILE E 296 56.41 -33.50 -27.10
N VAL E 297 55.70 -33.50 -25.97
CA VAL E 297 54.66 -32.52 -25.75
C VAL E 297 55.26 -31.14 -25.55
N LYS E 298 56.30 -31.05 -24.72
CA LYS E 298 56.96 -29.76 -24.49
C LYS E 298 57.61 -29.24 -25.77
N LYS E 299 58.20 -30.15 -26.55
CA LYS E 299 58.78 -29.74 -27.83
C LYS E 299 57.69 -29.28 -28.80
N GLY E 300 56.49 -29.84 -28.68
CA GLY E 300 55.38 -29.38 -29.50
C GLY E 300 54.92 -27.98 -29.12
N ILE E 301 54.97 -27.66 -27.83
CA ILE E 301 54.63 -26.31 -27.40
C ILE E 301 55.69 -25.32 -27.87
N ALA E 302 56.96 -25.71 -27.80
CA ALA E 302 58.02 -24.86 -28.34
C ALA E 302 57.87 -24.70 -29.85
N LEU E 303 57.45 -25.77 -30.53
CA LEU E 303 57.20 -25.67 -31.97
C LEU E 303 56.05 -24.72 -32.27
N ALA E 304 55.08 -24.60 -31.37
CA ALA E 304 53.98 -23.68 -31.58
C ALA E 304 54.36 -22.24 -31.25
N LEU E 305 55.33 -22.05 -30.36
CA LEU E 305 55.75 -20.69 -30.01
C LEU E 305 56.44 -20.01 -31.19
N PHE E 306 57.34 -20.72 -31.87
CA PHE E 306 58.00 -20.18 -33.06
C PHE E 306 57.18 -20.55 -34.29
N GLY E 307 56.02 -19.91 -34.39
CA GLY E 307 55.09 -20.22 -35.46
C GLY E 307 55.66 -19.90 -36.84
N GLY E 308 55.02 -20.47 -37.84
CA GLY E 308 55.48 -20.30 -39.21
C GLY E 308 55.28 -18.88 -39.72
N VAL E 309 55.90 -18.61 -40.87
CA VAL E 309 55.84 -17.31 -41.50
C VAL E 309 54.47 -17.12 -42.14
N GLN E 310 54.02 -15.86 -42.26
CA GLN E 310 52.77 -15.52 -42.89
C GLN E 310 53.06 -14.74 -44.17
N ARG E 311 52.81 -15.36 -45.32
CA ARG E 311 53.05 -14.75 -46.62
C ARG E 311 51.73 -14.65 -47.36
N THR E 312 51.45 -13.47 -47.91
CA THR E 312 50.24 -13.24 -48.70
C THR E 312 50.53 -13.65 -50.14
N LEU E 313 50.03 -14.82 -50.54
CA LEU E 313 50.23 -15.28 -51.90
C LEU E 313 49.47 -14.37 -52.88
N PRO E 314 49.97 -14.25 -54.12
CA PRO E 314 49.28 -13.41 -55.11
C PRO E 314 47.88 -13.90 -55.48
N ASP E 315 47.52 -15.12 -55.10
CA ASP E 315 46.19 -15.65 -55.38
C ASP E 315 45.13 -15.12 -54.43
N GLY E 316 45.52 -14.37 -53.39
CA GLY E 316 44.59 -13.80 -52.43
C GLY E 316 44.61 -14.47 -51.07
N THR E 317 45.12 -15.68 -50.98
CA THR E 317 45.15 -16.41 -49.72
C THR E 317 46.41 -16.08 -48.94
N LYS E 318 46.55 -16.67 -47.76
CA LYS E 318 47.71 -16.48 -46.90
C LYS E 318 47.98 -17.76 -46.13
N LEU E 319 49.25 -18.17 -46.10
CA LEU E 319 49.64 -19.36 -45.37
C LEU E 319 49.55 -19.10 -43.87
N ARG E 320 48.70 -19.86 -43.19
CA ARG E 320 48.54 -19.70 -41.75
C ARG E 320 49.83 -20.08 -41.02
N GLY E 321 50.22 -19.24 -40.07
CA GLY E 321 51.43 -19.49 -39.29
C GLY E 321 51.13 -19.80 -37.84
N GLU E 322 49.86 -19.77 -37.47
CA GLU E 322 49.43 -20.05 -36.09
C GLU E 322 49.25 -21.56 -35.95
N SER E 323 50.30 -22.24 -35.53
CA SER E 323 50.28 -23.69 -35.37
C SER E 323 49.53 -24.02 -34.08
N HIS E 324 48.23 -24.28 -34.21
CA HIS E 324 47.42 -24.61 -33.05
C HIS E 324 47.79 -25.98 -32.51
N VAL E 325 47.79 -26.10 -31.18
CA VAL E 325 48.15 -27.33 -30.49
C VAL E 325 47.09 -27.61 -29.42
N LEU E 326 46.74 -28.88 -29.26
CA LEU E 326 45.72 -29.32 -28.30
C LEU E 326 46.32 -30.39 -27.40
N LEU E 327 46.04 -30.28 -26.10
CA LEU E 327 46.59 -31.20 -25.10
C LEU E 327 45.41 -31.90 -24.41
N VAL E 328 44.95 -33.00 -24.99
CA VAL E 328 43.87 -33.79 -24.42
C VAL E 328 44.50 -34.78 -23.45
N GLY E 329 44.23 -34.61 -22.15
CA GLY E 329 44.82 -35.46 -21.14
C GLY E 329 43.84 -35.78 -20.03
N ASP E 330 44.30 -36.64 -19.13
CA ASP E 330 43.50 -37.07 -17.99
C ASP E 330 43.72 -36.14 -16.80
N PRO E 331 42.76 -36.08 -15.87
CA PRO E 331 43.04 -35.23 -14.70
C PRO E 331 44.29 -35.68 -13.96
N GLY E 332 45.05 -34.74 -13.41
CA GLY E 332 46.23 -35.09 -12.65
C GLY E 332 47.51 -35.21 -13.44
N VAL E 333 47.48 -34.82 -14.72
CA VAL E 333 48.68 -34.87 -15.54
C VAL E 333 49.34 -33.49 -15.59
N ALA E 334 48.87 -32.57 -14.75
CA ALA E 334 49.44 -31.24 -14.69
C ALA E 334 49.40 -30.53 -16.05
N LYS E 335 48.35 -30.78 -16.82
CA LYS E 335 48.21 -30.12 -18.11
C LYS E 335 48.07 -28.63 -17.89
N SER E 336 47.30 -28.24 -16.87
CA SER E 336 47.10 -26.84 -16.58
C SER E 336 48.42 -26.16 -16.29
N GLN E 337 49.28 -26.84 -15.53
CA GLN E 337 50.59 -26.29 -15.24
C GLN E 337 51.30 -25.91 -16.52
N LEU E 338 51.30 -26.81 -17.49
CA LEU E 338 51.94 -26.52 -18.78
C LEU E 338 51.36 -25.25 -19.40
N LEU E 339 50.06 -25.01 -19.20
CA LEU E 339 49.45 -23.79 -19.74
C LEU E 339 49.78 -22.56 -18.91
N ARG E 340 50.34 -22.75 -17.72
CA ARG E 340 50.70 -21.62 -16.89
C ARG E 340 52.13 -21.18 -17.19
N TYR E 341 53.07 -22.12 -17.19
CA TYR E 341 54.46 -21.76 -17.41
C TYR E 341 54.68 -21.15 -18.79
N VAL E 342 53.96 -21.66 -19.79
CA VAL E 342 54.11 -21.13 -21.15
C VAL E 342 53.43 -19.77 -21.29
N ALA E 343 52.36 -19.53 -20.54
CA ALA E 343 51.65 -18.26 -20.64
C ALA E 343 52.56 -17.09 -20.28
N ASN E 344 53.29 -17.21 -19.17
CA ASN E 344 54.21 -16.15 -18.78
C ASN E 344 55.48 -16.17 -19.64
N LEU E 345 55.84 -17.33 -20.18
CA LEU E 345 57.03 -17.43 -21.01
C LEU E 345 56.80 -16.83 -22.39
N ALA E 346 55.61 -17.04 -22.96
CA ALA E 346 55.31 -16.51 -24.27
C ALA E 346 55.23 -14.99 -24.23
N PRO E 347 55.64 -14.32 -25.32
CA PRO E 347 55.59 -12.85 -25.31
C PRO E 347 54.18 -12.29 -25.28
N ARG E 348 53.26 -12.86 -26.06
CA ARG E 348 51.88 -12.40 -26.13
C ARG E 348 50.97 -13.60 -25.86
N ALA E 349 50.56 -13.75 -24.60
CA ALA E 349 49.72 -14.87 -24.20
C ALA E 349 48.96 -14.49 -22.94
N ILE E 350 47.64 -14.62 -22.98
CA ILE E 350 46.77 -14.32 -21.84
C ILE E 350 46.09 -15.61 -21.41
N TYR E 351 46.03 -15.84 -20.10
CA TYR E 351 45.42 -17.05 -19.57
C TYR E 351 43.93 -16.84 -19.38
N THR E 352 43.16 -17.85 -19.77
CA THR E 352 41.71 -17.81 -19.62
C THR E 352 41.17 -19.23 -19.63
N SER E 353 39.98 -19.41 -19.06
CA SER E 353 39.34 -20.71 -18.95
C SER E 353 38.21 -20.83 -19.97
N GLY E 354 37.69 -22.04 -20.09
CA GLY E 354 36.57 -22.27 -21.00
C GLY E 354 35.32 -21.54 -20.56
N LYS E 355 34.94 -21.72 -19.29
CA LYS E 355 33.80 -21.00 -18.73
C LYS E 355 34.21 -19.57 -18.39
N SER E 356 33.36 -18.62 -18.78
CA SER E 356 33.65 -17.21 -18.54
C SER E 356 32.36 -16.50 -18.14
N SER E 357 32.47 -15.60 -17.18
CA SER E 357 31.33 -14.83 -16.69
C SER E 357 31.10 -13.55 -17.48
N SER E 358 32.11 -13.07 -18.22
CA SER E 358 31.97 -11.85 -18.99
C SER E 358 31.05 -12.08 -20.19
N ALA E 359 30.79 -11.00 -20.93
CA ALA E 359 29.94 -11.10 -22.12
C ALA E 359 30.61 -11.91 -23.20
N ALA E 360 31.88 -11.63 -23.50
CA ALA E 360 32.64 -12.33 -24.53
C ALA E 360 33.96 -12.81 -23.91
N GLY E 361 33.92 -14.00 -23.30
CA GLY E 361 35.14 -14.63 -22.87
C GLY E 361 35.92 -15.21 -24.04
N LEU E 362 35.26 -15.29 -25.20
CA LEU E 362 35.83 -15.85 -26.42
C LEU E 362 35.68 -14.84 -27.55
N THR E 363 35.89 -15.31 -28.78
CA THR E 363 36.08 -14.49 -29.97
C THR E 363 35.24 -13.23 -30.03
N ALA E 364 33.91 -13.37 -29.89
CA ALA E 364 33.03 -12.22 -30.00
C ALA E 364 31.67 -12.55 -29.39
N ALA E 365 30.95 -11.48 -29.02
CA ALA E 365 29.58 -11.57 -28.55
C ALA E 365 28.85 -10.29 -28.88
N ALA E 366 27.52 -10.33 -28.75
CA ALA E 366 26.67 -9.18 -29.07
C ALA E 366 25.64 -9.00 -27.96
N VAL E 367 25.67 -7.84 -27.32
CA VAL E 367 24.72 -7.51 -26.26
C VAL E 367 24.65 -5.99 -26.15
N ARG E 368 23.46 -5.48 -25.85
CA ARG E 368 23.26 -4.04 -25.73
C ARG E 368 24.06 -3.49 -24.56
N ASP E 369 24.57 -2.27 -24.72
CA ASP E 369 25.36 -1.64 -23.68
C ASP E 369 24.48 -1.20 -22.51
N GLU E 370 25.12 -0.95 -21.37
CA GLU E 370 24.41 -0.50 -20.18
C GLU E 370 24.20 1.01 -20.14
N PHE E 371 24.83 1.76 -21.04
CA PHE E 371 24.71 3.21 -21.02
C PHE E 371 23.40 3.68 -21.67
N THR E 372 23.21 3.33 -22.94
CA THR E 372 22.02 3.76 -23.67
C THR E 372 21.27 2.58 -24.31
N GLY E 373 21.60 1.35 -23.93
CA GLY E 373 20.92 0.20 -24.50
C GLY E 373 21.24 -0.07 -25.96
N SER E 374 22.36 0.45 -26.46
CA SER E 374 22.75 0.25 -27.85
C SER E 374 23.61 -1.00 -27.98
N TRP E 375 23.41 -1.73 -29.06
CA TRP E 375 24.17 -2.96 -29.31
C TRP E 375 25.63 -2.62 -29.57
N VAL E 376 26.52 -3.14 -28.73
CA VAL E 376 27.96 -2.94 -28.87
C VAL E 376 28.62 -4.30 -29.05
N LEU E 377 29.60 -4.36 -29.95
CA LEU E 377 30.32 -5.61 -30.19
C LEU E 377 31.42 -5.78 -29.16
N GLU E 378 31.39 -6.90 -28.44
CA GLU E 378 32.36 -7.19 -27.40
C GLU E 378 33.54 -7.97 -27.96
N ALA E 379 34.64 -7.95 -27.21
CA ALA E 379 35.87 -8.62 -27.60
C ALA E 379 36.22 -9.70 -26.60
N GLY E 380 37.15 -10.57 -27.00
CA GLY E 380 37.56 -11.67 -26.17
C GLY E 380 39.06 -11.92 -26.19
N VAL E 381 39.47 -13.11 -25.73
CA VAL E 381 40.89 -13.41 -25.65
C VAL E 381 41.49 -13.70 -27.03
N LEU E 382 40.68 -14.23 -27.94
CA LEU E 382 41.17 -14.59 -29.26
C LEU E 382 41.33 -13.39 -30.19
N VAL E 383 40.92 -12.20 -29.76
CA VAL E 383 41.15 -10.97 -30.51
C VAL E 383 42.08 -10.03 -29.75
N LEU E 384 41.97 -9.99 -28.42
CA LEU E 384 42.87 -9.16 -27.63
C LEU E 384 44.32 -9.62 -27.77
N ALA E 385 44.55 -10.90 -28.08
CA ALA E 385 45.89 -11.44 -28.22
C ALA E 385 46.30 -11.64 -29.67
N ASP E 386 45.75 -10.85 -30.59
CA ASP E 386 46.12 -10.97 -32.00
C ASP E 386 47.61 -10.71 -32.18
N GLY E 387 48.24 -11.54 -33.01
CA GLY E 387 49.69 -11.47 -33.17
C GLY E 387 50.45 -12.19 -32.08
N GLY E 388 49.84 -13.15 -31.40
CA GLY E 388 50.48 -13.85 -30.31
C GLY E 388 49.85 -15.21 -30.04
N PHE E 389 49.68 -15.54 -28.77
CA PHE E 389 49.15 -16.84 -28.36
C PHE E 389 48.00 -16.64 -27.38
N ALA E 390 47.22 -17.69 -27.20
CA ALA E 390 46.09 -17.70 -26.26
C ALA E 390 45.94 -19.11 -25.73
N LEU E 391 46.16 -19.29 -24.43
CA LEU E 391 46.08 -20.59 -23.78
C LEU E 391 44.76 -20.69 -23.02
N ILE E 392 43.95 -21.67 -23.37
CA ILE E 392 42.62 -21.84 -22.79
C ILE E 392 42.55 -23.24 -22.19
N ASP E 393 42.53 -23.32 -20.86
CA ASP E 393 42.25 -24.58 -20.19
C ASP E 393 40.74 -24.79 -20.10
N GLU E 394 40.35 -26.04 -19.84
CA GLU E 394 38.95 -26.47 -19.92
C GLU E 394 38.35 -26.10 -21.27
N PHE E 395 39.12 -26.38 -22.34
CA PHE E 395 38.68 -26.02 -23.68
C PHE E 395 37.41 -26.77 -24.08
N ASP E 396 37.23 -27.98 -23.55
CA ASP E 396 36.06 -28.77 -23.90
C ASP E 396 34.77 -28.13 -23.38
N LYS E 397 34.84 -27.50 -22.21
CA LYS E 397 33.68 -26.79 -21.65
C LYS E 397 33.54 -25.44 -22.34
N MET E 398 32.51 -25.31 -23.17
CA MET E 398 32.26 -24.07 -23.89
C MET E 398 30.81 -24.06 -24.35
N SER E 399 30.26 -22.86 -24.48
CA SER E 399 28.88 -22.69 -24.90
C SER E 399 28.72 -22.97 -26.38
N ASP E 400 27.46 -23.02 -26.82
CA ASP E 400 27.17 -23.30 -28.23
C ASP E 400 27.70 -22.19 -29.13
N ARG E 401 27.57 -20.93 -28.69
CA ARG E 401 28.12 -19.82 -29.46
C ARG E 401 29.64 -19.92 -29.54
N ASP E 402 30.27 -20.43 -28.49
CA ASP E 402 31.73 -20.54 -28.45
C ASP E 402 32.22 -21.57 -29.46
N ARG E 403 31.58 -22.74 -29.51
CA ARG E 403 32.06 -23.82 -30.36
C ARG E 403 32.03 -23.44 -31.83
N SER E 404 31.01 -22.70 -32.26
CA SER E 404 30.90 -22.34 -33.67
C SER E 404 31.77 -21.16 -34.02
N ALA E 405 31.99 -20.24 -33.07
CA ALA E 405 32.75 -19.03 -33.36
C ALA E 405 34.25 -19.29 -33.43
N ILE E 406 34.74 -20.25 -32.64
CA ILE E 406 36.19 -20.47 -32.59
C ILE E 406 36.68 -21.09 -33.89
N HIS E 407 35.84 -21.92 -34.53
CA HIS E 407 36.26 -22.60 -35.75
C HIS E 407 36.68 -21.61 -36.83
N GLU E 408 36.00 -20.47 -36.90
CA GLU E 408 36.42 -19.42 -37.84
C GLU E 408 37.64 -18.68 -37.31
N ALA E 409 37.79 -18.60 -35.98
CA ALA E 409 38.92 -17.88 -35.40
C ALA E 409 40.21 -18.71 -35.46
N LEU E 410 40.09 -20.03 -35.33
CA LEU E 410 41.27 -20.89 -35.35
C LEU E 410 41.74 -21.16 -36.78
N GLU E 411 40.86 -21.69 -37.62
CA GLU E 411 41.28 -22.10 -38.96
C GLU E 411 41.44 -20.91 -39.90
N GLN E 412 40.38 -20.10 -40.05
CA GLN E 412 40.41 -18.98 -40.98
C GLN E 412 40.93 -17.69 -40.36
N GLN E 413 41.16 -17.66 -39.05
CA GLN E 413 41.71 -16.49 -38.37
C GLN E 413 40.83 -15.26 -38.56
N THR E 414 39.53 -15.47 -38.72
CA THR E 414 38.58 -14.38 -38.93
C THR E 414 37.37 -14.59 -38.04
N ILE E 415 36.75 -13.49 -37.64
CA ILE E 415 35.55 -13.50 -36.81
C ILE E 415 34.49 -12.67 -37.54
N SER E 416 33.56 -13.35 -38.20
CA SER E 416 32.50 -12.70 -38.96
C SER E 416 31.26 -12.61 -38.08
N ILE E 417 31.02 -11.44 -37.49
CA ILE E 417 29.86 -11.20 -36.63
C ILE E 417 29.15 -9.96 -37.16
N SER E 418 27.95 -10.16 -37.70
CA SER E 418 27.16 -9.06 -38.26
C SER E 418 25.80 -8.93 -37.59
N LYS E 419 25.55 -9.68 -36.51
CA LYS E 419 24.26 -9.62 -35.85
C LYS E 419 24.15 -8.34 -35.01
N ALA E 420 22.92 -8.03 -34.62
CA ALA E 420 22.61 -6.86 -33.78
C ALA E 420 23.04 -5.55 -34.45
N GLY E 421 23.10 -5.54 -35.78
CA GLY E 421 23.48 -4.35 -36.51
C GLY E 421 24.94 -3.98 -36.46
N ILE E 422 25.76 -4.73 -35.72
CA ILE E 422 27.19 -4.44 -35.60
C ILE E 422 27.89 -5.17 -36.74
N THR E 423 27.96 -4.50 -37.89
CA THR E 423 28.63 -5.06 -39.07
C THR E 423 30.14 -4.95 -38.88
N ALA E 424 30.80 -6.08 -38.66
CA ALA E 424 32.23 -6.09 -38.41
C ALA E 424 32.79 -7.47 -38.73
N THR E 425 34.08 -7.50 -39.05
CA THR E 425 34.80 -8.75 -39.35
C THR E 425 36.16 -8.69 -38.68
N LEU E 426 36.22 -9.24 -37.46
CA LEU E 426 37.48 -9.26 -36.71
C LEU E 426 38.42 -10.31 -37.27
N ASN E 427 39.71 -10.06 -37.12
CA ASN E 427 40.76 -10.97 -37.58
C ASN E 427 41.43 -11.58 -36.34
N SER E 428 41.20 -12.87 -36.12
CA SER E 428 41.73 -13.57 -34.95
C SER E 428 43.01 -14.33 -35.32
N ARG E 429 44.09 -13.56 -35.53
CA ARG E 429 45.41 -14.13 -35.83
C ARG E 429 46.09 -14.53 -34.53
N THR E 430 45.62 -15.64 -33.96
CA THR E 430 46.10 -16.13 -32.69
C THR E 430 46.53 -17.58 -32.80
N THR E 431 47.57 -17.94 -32.06
CA THR E 431 48.04 -19.32 -31.97
C THR E 431 47.57 -19.91 -30.65
N VAL E 432 46.51 -20.71 -30.70
CA VAL E 432 45.84 -21.20 -29.50
C VAL E 432 46.58 -22.44 -28.99
N ILE E 433 46.82 -22.48 -27.68
CA ILE E 433 47.37 -23.66 -27.03
C ILE E 433 46.29 -24.15 -26.08
N ALA E 434 45.47 -25.08 -26.57
CA ALA E 434 44.31 -25.57 -25.83
C ALA E 434 44.63 -26.88 -25.13
N ALA E 435 43.76 -27.24 -24.18
CA ALA E 435 43.91 -28.48 -23.43
C ALA E 435 42.52 -28.95 -23.01
N ALA E 436 41.99 -29.94 -23.73
CA ALA E 436 40.67 -30.47 -23.45
C ALA E 436 40.75 -31.64 -22.48
N ASN E 437 39.58 -32.07 -22.00
CA ASN E 437 39.46 -33.18 -21.08
C ASN E 437 38.31 -34.07 -21.52
N PRO E 438 38.55 -35.36 -21.75
CA PRO E 438 37.45 -36.24 -22.18
C PRO E 438 36.38 -36.38 -21.11
N LYS E 439 35.13 -36.36 -21.56
CA LYS E 439 33.99 -36.43 -20.65
C LYS E 439 33.84 -37.79 -19.98
N PHE E 440 34.37 -38.85 -20.59
CA PHE E 440 34.21 -40.19 -20.04
C PHE E 440 35.33 -40.54 -19.07
N GLY E 441 35.56 -39.67 -18.09
CA GLY E 441 36.57 -39.95 -17.08
C GLY E 441 37.95 -40.06 -17.69
N ARG E 442 38.68 -41.10 -17.29
CA ARG E 442 40.01 -41.34 -17.83
C ARG E 442 39.92 -41.73 -19.30
N PHE E 443 40.83 -41.20 -20.10
CA PHE E 443 40.84 -41.47 -21.54
C PHE E 443 41.18 -42.93 -21.79
N ASN E 444 40.29 -43.64 -22.47
CA ASN E 444 40.49 -45.04 -22.81
C ASN E 444 41.04 -45.16 -24.23
N ARG E 445 42.09 -45.95 -24.39
CA ARG E 445 42.72 -46.13 -25.69
C ARG E 445 41.87 -46.94 -26.66
N HIS E 446 40.87 -47.68 -26.15
CA HIS E 446 40.12 -48.59 -27.01
C HIS E 446 39.25 -47.81 -28.00
N LYS E 447 38.45 -46.87 -27.52
CA LYS E 447 37.57 -46.09 -28.37
C LYS E 447 38.25 -44.80 -28.80
N SER E 448 37.76 -44.25 -29.91
CA SER E 448 38.42 -43.12 -30.57
C SER E 448 38.25 -41.84 -29.76
N LEU E 449 38.90 -40.78 -30.24
CA LEU E 449 38.90 -39.48 -29.59
C LEU E 449 37.58 -38.73 -29.78
N PRO E 450 37.04 -38.60 -31.00
CA PRO E 450 35.79 -37.86 -31.16
C PRO E 450 34.63 -38.43 -30.37
N GLU E 451 34.67 -39.72 -30.03
CA GLU E 451 33.62 -40.30 -29.19
C GLU E 451 33.72 -39.80 -27.76
N GLN E 452 34.92 -39.45 -27.30
CA GLN E 452 35.14 -39.00 -25.94
C GLN E 452 35.21 -37.48 -25.83
N LEU E 453 35.40 -36.77 -26.93
CA LEU E 453 35.53 -35.32 -26.94
C LEU E 453 34.30 -34.71 -27.58
N ASP E 454 33.72 -33.71 -26.91
CA ASP E 454 32.58 -32.99 -27.46
C ASP E 454 32.98 -32.05 -28.59
N LEU E 455 34.27 -31.87 -28.85
CA LEU E 455 34.70 -30.99 -29.93
C LEU E 455 34.33 -31.60 -31.28
N PRO E 456 33.98 -30.78 -32.26
CA PRO E 456 33.67 -31.33 -33.58
C PRO E 456 34.89 -31.96 -34.21
N PRO E 457 34.70 -32.94 -35.09
CA PRO E 457 35.87 -33.57 -35.73
C PRO E 457 36.65 -32.63 -36.62
N THR E 458 35.99 -31.64 -37.24
CA THR E 458 36.71 -30.67 -38.05
C THR E 458 37.52 -29.71 -37.20
N LEU E 459 37.15 -29.53 -35.93
CA LEU E 459 37.91 -28.67 -35.05
C LEU E 459 39.26 -29.29 -34.69
N LEU E 460 39.30 -30.62 -34.57
CA LEU E 460 40.57 -31.30 -34.27
C LEU E 460 41.55 -31.14 -35.42
N SER E 461 41.06 -31.01 -36.66
CA SER E 461 41.95 -30.80 -37.79
C SER E 461 42.58 -29.41 -37.76
N ARG E 462 41.94 -28.45 -37.11
CA ARG E 462 42.52 -27.11 -36.99
C ARG E 462 43.76 -27.14 -36.12
N PHE E 463 43.76 -27.95 -35.07
CA PHE E 463 44.93 -28.11 -34.23
C PHE E 463 45.99 -28.93 -34.95
N ASP E 464 47.15 -28.32 -35.21
CA ASP E 464 48.21 -29.01 -35.93
C ASP E 464 48.75 -30.18 -35.12
N LEU E 465 48.86 -30.03 -33.80
CA LEU E 465 49.37 -31.07 -32.92
C LEU E 465 48.33 -31.37 -31.86
N ILE E 466 48.10 -32.66 -31.62
CA ILE E 466 47.19 -33.13 -30.57
C ILE E 466 47.95 -34.15 -29.74
N PHE E 467 48.26 -33.80 -28.49
CA PHE E 467 48.97 -34.68 -27.58
C PHE E 467 47.97 -35.35 -26.64
N LEU E 468 48.03 -36.68 -26.57
CA LEU E 468 47.16 -37.45 -25.69
C LEU E 468 47.92 -37.71 -24.39
N LEU E 469 47.81 -36.76 -23.46
CA LEU E 469 48.41 -36.92 -22.15
C LEU E 469 47.65 -37.96 -21.34
N LEU E 470 48.35 -38.60 -20.40
CA LEU E 470 47.76 -39.65 -19.59
C LEU E 470 48.62 -39.84 -18.35
N ASP E 471 48.04 -40.52 -17.35
CA ASP E 471 48.72 -40.85 -16.11
C ASP E 471 48.64 -42.36 -15.90
N GLU E 472 49.61 -43.07 -16.48
CA GLU E 472 49.62 -44.52 -16.39
C GLU E 472 50.20 -44.97 -15.06
N PRO E 473 49.67 -46.04 -14.47
CA PRO E 473 50.19 -46.51 -13.19
C PRO E 473 51.44 -47.36 -13.34
N ASP E 474 52.38 -46.91 -14.16
CA ASP E 474 53.63 -47.63 -14.36
C ASP E 474 54.62 -47.22 -13.27
N GLU E 475 55.08 -48.20 -12.48
CA GLU E 475 55.97 -47.90 -11.36
C GLU E 475 57.28 -47.28 -11.81
N LYS E 476 57.67 -47.52 -13.07
CA LYS E 476 58.90 -46.93 -13.58
C LYS E 476 58.80 -45.42 -13.67
N VAL E 477 57.78 -44.92 -14.39
CA VAL E 477 57.63 -43.48 -14.53
C VAL E 477 57.06 -42.87 -13.25
N ASP E 478 56.35 -43.69 -12.45
CA ASP E 478 55.80 -43.18 -11.20
C ASP E 478 56.91 -42.83 -10.22
N ALA E 479 57.85 -43.75 -10.00
CA ALA E 479 58.97 -43.46 -9.11
C ALA E 479 59.83 -42.32 -9.64
N SER E 480 59.88 -42.16 -10.97
CA SER E 480 60.62 -41.06 -11.55
C SER E 480 59.89 -39.73 -11.35
N ILE E 481 58.57 -39.73 -11.52
CA ILE E 481 57.81 -38.50 -11.34
C ILE E 481 57.59 -38.21 -9.86
N ALA E 482 57.58 -39.23 -9.00
CA ALA E 482 57.48 -38.99 -7.56
C ALA E 482 58.77 -38.39 -7.03
N GLU E 483 59.91 -38.87 -7.50
CA GLU E 483 61.19 -38.27 -7.12
C GLU E 483 61.32 -36.86 -7.67
N HIS E 484 60.73 -36.61 -8.84
CA HIS E 484 60.78 -35.27 -9.42
C HIS E 484 59.86 -34.31 -8.67
N ILE E 485 58.64 -34.76 -8.36
CA ILE E 485 57.70 -33.92 -7.62
C ILE E 485 58.26 -33.57 -6.25
N LEU E 486 58.95 -34.53 -5.60
CA LEU E 486 59.55 -34.25 -4.31
C LEU E 486 60.66 -33.21 -4.43
N LYS E 487 61.41 -33.24 -5.54
CA LYS E 487 62.48 -32.27 -5.74
C LYS E 487 61.93 -30.86 -5.91
N VAL E 488 60.78 -30.74 -6.58
CA VAL E 488 60.17 -29.42 -6.78
C VAL E 488 59.72 -28.84 -5.45
N ARG E 489 59.17 -29.69 -4.57
CA ARG E 489 58.64 -29.21 -3.30
C ARG E 489 59.76 -29.04 -2.27
N ARG E 490 60.84 -29.80 -2.40
CA ARG E 490 61.95 -29.73 -1.47
C ARG E 490 62.74 -28.44 -1.67
N GLY E 491 62.55 -27.79 -2.81
CA GLY E 491 63.29 -26.59 -3.14
C GLY E 491 64.53 -26.80 -3.96
N GLU E 492 64.69 -27.96 -4.58
CA GLU E 492 65.85 -28.22 -5.42
C GLU E 492 65.84 -27.31 -6.64
N ALA E 493 66.96 -26.63 -6.88
CA ALA E 493 67.02 -25.68 -7.98
C ALA E 493 66.90 -26.38 -9.33
N GLU E 494 67.58 -27.52 -9.50
CA GLU E 494 67.60 -28.22 -10.78
C GLU E 494 66.19 -28.46 -11.31
N ALA E 495 65.25 -28.71 -10.41
CA ALA E 495 63.86 -28.92 -10.82
C ALA E 495 63.17 -27.62 -11.23
N VAL E 496 63.67 -26.47 -10.80
CA VAL E 496 63.00 -25.20 -11.05
C VAL E 496 63.94 -24.17 -11.71
N THR E 497 65.02 -24.63 -12.33
CA THR E 497 65.89 -23.74 -13.12
C THR E 497 65.87 -24.16 -14.58
N PRO E 498 65.30 -23.36 -15.47
CA PRO E 498 65.29 -23.72 -16.89
C PRO E 498 66.67 -23.55 -17.53
N LYS E 499 66.87 -24.26 -18.63
CA LYS E 499 68.13 -24.16 -19.37
C LYS E 499 68.34 -22.73 -19.88
N ILE E 500 67.28 -22.09 -20.33
CA ILE E 500 67.30 -20.69 -20.77
C ILE E 500 66.45 -19.88 -19.80
N PRO E 501 66.93 -18.74 -19.31
CA PRO E 501 66.12 -17.95 -18.38
C PRO E 501 64.78 -17.55 -18.99
N TYR E 502 63.77 -17.44 -18.12
CA TYR E 502 62.42 -17.10 -18.57
C TYR E 502 62.39 -15.73 -19.24
N ASP E 503 63.08 -14.75 -18.65
CA ASP E 503 63.13 -13.42 -19.24
C ASP E 503 63.92 -13.42 -20.55
N LEU E 504 64.97 -14.24 -20.62
CA LEU E 504 65.78 -14.27 -21.83
C LEU E 504 65.08 -15.06 -22.93
N LEU E 505 64.38 -16.13 -22.58
CA LEU E 505 63.68 -16.92 -23.58
C LEU E 505 62.44 -16.20 -24.08
N LYS E 506 61.84 -15.35 -23.25
CA LYS E 506 60.70 -14.55 -23.71
C LYS E 506 61.12 -13.60 -24.82
N LYS E 507 62.29 -12.98 -24.68
CA LYS E 507 62.82 -12.14 -25.75
C LYS E 507 63.33 -12.98 -26.93
N TYR E 508 63.60 -14.27 -26.69
CA TYR E 508 64.05 -15.14 -27.77
C TYR E 508 62.92 -15.43 -28.76
N ILE E 509 61.68 -15.50 -28.28
CA ILE E 509 60.56 -15.79 -29.17
C ILE E 509 60.20 -14.54 -29.98
N ALA E 510 60.26 -13.36 -29.37
CA ALA E 510 59.93 -12.14 -30.09
C ALA E 510 60.96 -11.84 -31.18
N TYR E 511 62.23 -12.07 -30.89
CA TYR E 511 63.27 -11.84 -31.90
C TYR E 511 63.20 -12.86 -33.02
N ALA E 512 62.70 -14.06 -32.74
CA ALA E 512 62.64 -15.10 -33.76
C ALA E 512 61.47 -14.88 -34.71
N ARG E 513 60.30 -14.55 -34.16
CA ARG E 513 59.11 -14.38 -34.99
C ARG E 513 59.16 -13.10 -35.82
N LYS E 514 59.85 -12.07 -35.32
CA LYS E 514 59.85 -10.78 -36.00
C LYS E 514 60.92 -10.73 -37.09
N ASN E 515 62.14 -11.18 -36.79
CA ASN E 515 63.26 -11.07 -37.70
C ASN E 515 63.49 -12.33 -38.52
N VAL E 516 63.61 -13.48 -37.87
CA VAL E 516 63.89 -14.73 -38.58
C VAL E 516 62.64 -15.15 -39.36
N HIS E 517 62.80 -15.27 -40.68
CA HIS E 517 61.71 -15.69 -41.57
C HIS E 517 62.22 -16.82 -42.43
N PRO E 518 62.07 -18.07 -41.98
CA PRO E 518 62.57 -19.21 -42.75
C PRO E 518 61.83 -19.35 -44.07
N VAL E 519 62.58 -19.74 -45.11
CA VAL E 519 62.04 -19.98 -46.44
C VAL E 519 62.31 -21.43 -46.80
N LEU E 520 61.44 -22.00 -47.64
CA LEU E 520 61.55 -23.41 -48.00
C LEU E 520 62.79 -23.65 -48.85
N SER E 521 63.48 -24.76 -48.59
CA SER E 521 64.66 -25.15 -49.33
C SER E 521 64.42 -26.49 -50.00
N ARG E 522 65.32 -26.83 -50.93
CA ARG E 522 65.18 -28.08 -51.68
C ARG E 522 65.30 -29.29 -50.76
N GLU E 523 66.21 -29.23 -49.79
CA GLU E 523 66.42 -30.37 -48.90
C GLU E 523 65.19 -30.62 -48.02
N ALA E 524 64.51 -29.55 -47.61
CA ALA E 524 63.32 -29.71 -46.79
C ALA E 524 62.10 -30.02 -47.65
N MET E 525 62.03 -29.45 -48.85
CA MET E 525 60.89 -29.70 -49.73
C MET E 525 60.90 -31.13 -50.26
N GLU E 526 62.08 -31.74 -50.36
CA GLU E 526 62.16 -33.13 -50.82
C GLU E 526 61.76 -34.08 -49.70
N GLU E 527 62.21 -33.81 -48.47
CA GLU E 527 61.83 -34.66 -47.35
C GLU E 527 60.35 -34.49 -47.01
N ILE E 528 59.80 -33.29 -47.21
CA ILE E 528 58.38 -33.08 -46.95
C ILE E 528 57.52 -33.67 -48.06
N LYS E 529 58.09 -33.92 -49.25
CA LYS E 529 57.35 -34.60 -50.29
C LYS E 529 57.55 -36.11 -50.25
N ARG E 530 58.68 -36.57 -49.70
CA ARG E 530 58.87 -38.00 -49.51
C ARG E 530 57.99 -38.53 -48.40
N TYR E 531 58.10 -37.94 -47.20
CA TYR E 531 57.36 -38.44 -46.05
C TYR E 531 55.86 -38.35 -46.26
N TYR E 532 55.40 -37.46 -47.14
CA TYR E 532 53.97 -37.35 -47.40
C TYR E 532 53.46 -38.54 -48.18
N VAL E 533 54.20 -38.97 -49.20
CA VAL E 533 53.68 -40.00 -50.11
C VAL E 533 53.92 -41.42 -49.61
N LYS E 534 54.89 -41.64 -48.71
CA LYS E 534 55.07 -42.97 -48.15
C LYS E 534 54.03 -43.30 -47.08
N MET E 535 53.27 -42.31 -46.61
CA MET E 535 52.26 -42.52 -45.59
C MET E 535 50.85 -42.25 -46.09
N ARG E 536 50.65 -41.17 -46.86
CA ARG E 536 49.34 -40.89 -47.42
C ARG E 536 48.91 -41.99 -48.40
N LYS E 537 49.74 -42.24 -49.42
CA LYS E 537 49.41 -43.26 -50.40
C LYS E 537 49.52 -44.67 -49.81
N GLY E 538 50.30 -44.82 -48.74
CA GLY E 538 50.43 -46.14 -48.11
C GLY E 538 49.12 -46.63 -47.51
N LEU E 539 48.42 -45.77 -46.79
CA LEU E 539 47.11 -46.09 -46.24
C LEU E 539 45.98 -45.40 -47.00
N ARG E 540 46.21 -44.99 -48.24
CA ARG E 540 45.16 -44.38 -49.04
C ARG E 540 44.04 -45.37 -49.32
N ARG E 541 44.40 -46.56 -49.81
CA ARG E 541 43.41 -47.59 -50.05
C ARG E 541 42.55 -47.80 -48.82
N GLY E 542 43.07 -47.39 -47.66
CA GLY E 542 42.33 -47.55 -46.42
C GLY E 542 41.98 -49.00 -46.17
N ASP E 543 40.74 -49.25 -45.74
CA ASP E 543 40.31 -50.61 -45.46
C ASP E 543 38.83 -50.83 -45.76
N GLU E 544 38.49 -51.94 -46.39
CA GLU E 544 37.09 -52.24 -46.69
C GLU E 544 36.42 -51.15 -47.52
N ASP E 545 37.21 -50.48 -48.35
CA ASP E 545 36.66 -49.42 -49.19
C ASP E 545 35.89 -48.41 -48.37
N GLY E 546 34.71 -48.01 -48.85
CA GLY E 546 33.90 -47.06 -48.11
C GLY E 546 34.69 -45.83 -47.71
N VAL E 547 34.60 -45.46 -46.44
CA VAL E 547 35.37 -44.31 -45.96
C VAL E 547 36.74 -44.77 -45.46
N GLN E 548 37.75 -44.63 -46.31
CA GLN E 548 39.10 -45.04 -45.93
C GLN E 548 39.72 -44.05 -44.96
N PRO E 549 40.47 -44.56 -43.97
CA PRO E 549 41.14 -43.67 -43.02
C PRO E 549 42.24 -42.87 -43.70
N ILE E 550 42.31 -41.59 -43.37
CA ILE E 550 43.28 -40.68 -43.97
C ILE E 550 44.34 -40.31 -42.93
N PRO E 551 45.57 -40.82 -43.09
CA PRO E 551 46.62 -40.40 -42.17
C PRO E 551 47.11 -39.00 -42.54
N ILE E 552 48.32 -38.88 -43.07
CA ILE E 552 48.82 -37.59 -43.51
C ILE E 552 48.05 -37.15 -44.74
N THR E 553 47.83 -35.84 -44.88
CA THR E 553 47.05 -35.33 -46.01
C THR E 553 47.47 -33.91 -46.37
N ALA E 554 46.78 -33.30 -47.33
CA ALA E 554 47.14 -31.96 -47.76
C ALA E 554 47.13 -30.99 -46.58
N ARG E 555 46.05 -31.01 -45.80
CA ARG E 555 46.00 -30.15 -44.62
C ARG E 555 47.09 -30.57 -43.64
N GLN E 556 47.33 -31.87 -43.54
CA GLN E 556 48.37 -32.37 -42.65
C GLN E 556 49.74 -31.86 -43.10
N LEU E 557 50.00 -31.95 -44.40
CA LEU E 557 51.28 -31.48 -44.93
C LEU E 557 51.39 -29.98 -44.73
N GLU E 558 50.28 -29.26 -44.88
CA GLU E 558 50.29 -27.83 -44.62
C GLU E 558 50.83 -27.66 -43.23
N ALA E 559 50.10 -28.15 -42.23
CA ALA E 559 50.59 -28.12 -40.87
C ALA E 559 52.03 -28.63 -40.80
N LEU E 560 52.37 -29.62 -41.63
CA LEU E 560 53.71 -30.18 -41.61
C LEU E 560 54.73 -29.18 -42.14
N ILE E 561 54.32 -28.29 -43.04
CA ILE E 561 55.23 -27.23 -43.48
C ILE E 561 55.49 -26.25 -42.34
N ARG E 562 54.48 -26.01 -41.50
CA ARG E 562 54.69 -25.16 -40.34
C ARG E 562 55.67 -25.79 -39.37
N LEU E 563 55.62 -27.12 -39.24
CA LEU E 563 56.50 -27.81 -38.29
C LEU E 563 57.95 -27.73 -38.72
N SER E 564 58.22 -27.83 -40.02
CA SER E 564 59.59 -27.75 -40.51
C SER E 564 60.15 -26.35 -40.36
N GLU E 565 59.37 -25.34 -40.71
CA GLU E 565 59.84 -23.96 -40.60
C GLU E 565 59.94 -23.51 -39.15
N ALA E 566 59.17 -24.13 -38.25
CA ALA E 566 59.25 -23.77 -36.83
C ALA E 566 60.58 -24.20 -36.23
N HIS E 567 61.12 -25.33 -36.68
CA HIS E 567 62.40 -25.80 -36.16
C HIS E 567 63.54 -24.89 -36.61
N ALA E 568 63.45 -24.31 -37.81
CA ALA E 568 64.47 -23.38 -38.27
C ALA E 568 64.39 -22.06 -37.50
N ARG E 569 63.17 -21.58 -37.26
CA ARG E 569 62.99 -20.37 -36.47
C ARG E 569 63.39 -20.60 -35.02
N MET E 570 63.25 -21.83 -34.52
CA MET E 570 63.61 -22.11 -33.13
C MET E 570 65.11 -21.94 -32.89
N ARG E 571 65.94 -22.21 -33.91
CA ARG E 571 67.38 -22.08 -33.79
C ARG E 571 67.91 -20.86 -34.53
N LEU E 572 67.03 -19.91 -34.90
CA LEU E 572 67.40 -18.68 -35.58
C LEU E 572 68.14 -18.99 -36.90
N SER E 573 67.43 -19.67 -37.79
CA SER E 573 67.98 -20.06 -39.10
C SER E 573 67.02 -19.62 -40.19
N GLU E 574 67.55 -18.94 -41.20
CA GLU E 574 66.76 -18.46 -42.33
C GLU E 574 66.45 -19.55 -43.34
N THR E 575 67.22 -20.64 -43.36
CA THR E 575 67.03 -21.73 -44.31
C THR E 575 66.61 -22.98 -43.55
N VAL E 576 65.49 -23.58 -43.98
CA VAL E 576 65.00 -24.82 -43.37
C VAL E 576 65.76 -25.97 -44.04
N THR E 577 66.71 -26.54 -43.30
CA THR E 577 67.50 -27.64 -43.82
C THR E 577 66.73 -28.95 -43.62
N ARG E 578 67.21 -30.02 -44.26
CA ARG E 578 66.49 -31.29 -44.23
C ARG E 578 66.31 -31.79 -42.80
N GLU E 579 67.30 -31.58 -41.94
CA GLU E 579 67.18 -32.03 -40.56
C GLU E 579 66.09 -31.27 -39.83
N ASP E 580 65.86 -30.01 -40.19
CA ASP E 580 64.71 -29.29 -39.65
C ASP E 580 63.41 -29.91 -40.12
N ALA E 581 63.41 -30.47 -41.34
CA ALA E 581 62.24 -31.22 -41.80
C ALA E 581 62.18 -32.59 -41.14
N ARG E 582 63.34 -33.22 -40.92
CA ARG E 582 63.36 -34.49 -40.20
C ARG E 582 62.83 -34.33 -38.79
N ALA E 583 63.19 -33.24 -38.12
CA ALA E 583 62.66 -32.96 -36.79
C ALA E 583 61.16 -32.75 -36.83
N ALA E 584 60.63 -32.25 -37.96
CA ALA E 584 59.19 -32.13 -38.10
C ALA E 584 58.52 -33.50 -38.20
N ILE E 585 59.20 -34.48 -38.80
CA ILE E 585 58.64 -35.83 -38.89
C ILE E 585 58.56 -36.46 -37.51
N GLU E 586 59.61 -36.29 -36.69
CA GLU E 586 59.65 -36.93 -35.39
C GLU E 586 58.50 -36.47 -34.50
N ILE E 587 57.99 -35.26 -34.72
CA ILE E 587 56.88 -34.77 -33.90
C ILE E 587 55.54 -35.21 -34.50
N ILE E 588 55.42 -35.19 -35.83
CA ILE E 588 54.15 -35.54 -36.45
C ILE E 588 53.96 -37.05 -36.47
N GLU E 589 55.06 -37.81 -36.57
CA GLU E 589 54.96 -39.26 -36.51
C GLU E 589 54.52 -39.73 -35.13
N ALA E 590 54.95 -39.00 -34.09
CA ALA E 590 54.47 -39.29 -32.74
C ALA E 590 52.97 -39.03 -32.61
N MET E 591 52.43 -38.16 -33.46
CA MET E 591 51.00 -37.88 -33.40
C MET E 591 50.18 -39.10 -33.81
N MET E 592 50.59 -39.79 -34.88
CA MET E 592 49.93 -41.05 -35.21
C MET E 592 50.31 -42.17 -34.24
N LYS E 593 51.47 -42.07 -33.60
CA LYS E 593 51.84 -43.07 -32.60
C LYS E 593 50.95 -42.95 -31.37
N THR E 594 50.86 -41.75 -30.80
CA THR E 594 50.01 -41.54 -29.63
C THR E 594 48.52 -41.59 -29.99
N ILE E 595 48.16 -41.29 -31.23
CA ILE E 595 46.78 -41.38 -31.67
C ILE E 595 46.68 -42.31 -32.87
N MET F 1 -39.70 73.13 -8.36
CA MET F 1 -40.37 73.94 -9.37
C MET F 1 -41.89 73.79 -9.30
N ASP F 2 -42.53 74.78 -8.69
CA ASP F 2 -43.98 74.84 -8.47
C ASP F 2 -44.55 73.47 -8.11
N ARG F 3 -44.03 72.94 -6.99
CA ARG F 3 -44.50 71.64 -6.51
C ARG F 3 -45.96 71.69 -6.13
N GLU F 4 -46.38 72.75 -5.43
CA GLU F 4 -47.79 72.87 -5.04
C GLU F 4 -48.70 72.97 -6.25
N GLU F 5 -48.24 73.63 -7.32
CA GLU F 5 -49.04 73.70 -8.53
C GLU F 5 -49.15 72.34 -9.22
N MET F 6 -48.14 71.50 -9.06
CA MET F 6 -48.18 70.17 -9.67
C MET F 6 -49.19 69.27 -8.97
N ILE F 7 -49.33 69.42 -7.64
CA ILE F 7 -50.29 68.61 -6.90
C ILE F 7 -51.70 68.89 -7.35
N ALA F 8 -52.01 70.16 -7.68
CA ALA F 8 -53.34 70.50 -8.16
C ALA F 8 -53.59 69.95 -9.55
N ARG F 9 -52.59 70.02 -10.43
CA ARG F 9 -52.77 69.53 -11.79
C ARG F 9 -52.79 68.01 -11.83
N PHE F 10 -51.99 67.35 -10.98
CA PHE F 10 -51.98 65.89 -10.94
C PHE F 10 -53.26 65.35 -10.33
N ALA F 11 -53.91 66.11 -9.45
CA ALA F 11 -55.15 65.65 -8.85
C ALA F 11 -56.28 65.59 -9.87
N LYS F 12 -56.37 66.61 -10.73
CA LYS F 12 -57.40 66.61 -11.76
C LYS F 12 -57.12 65.56 -12.83
N PHE F 13 -55.87 65.16 -12.99
CA PHE F 13 -55.50 64.14 -13.98
C PHE F 13 -55.86 62.75 -13.48
N ILE F 27 -58.06 60.03 -13.55
CA ILE F 27 -58.93 59.59 -12.47
C ILE F 27 -59.78 58.41 -12.93
N ASN F 28 -59.81 58.20 -14.25
CA ASN F 28 -60.57 57.08 -14.80
C ASN F 28 -60.01 55.74 -14.34
N ARG F 29 -58.71 55.53 -14.56
CA ARG F 29 -58.07 54.31 -14.09
C ARG F 29 -57.84 54.32 -12.59
N LEU F 30 -57.81 55.51 -11.97
CA LEU F 30 -57.62 55.58 -10.53
C LEU F 30 -58.85 55.10 -9.79
N LYS F 31 -60.05 55.30 -10.36
CA LYS F 31 -61.26 54.84 -9.71
C LYS F 31 -61.29 53.33 -9.56
N ASP F 32 -60.69 52.60 -10.48
CA ASP F 32 -60.60 51.15 -10.35
C ASP F 32 -59.72 50.75 -9.18
N LEU F 33 -58.68 51.55 -8.88
CA LEU F 33 -57.82 51.26 -7.75
C LEU F 33 -58.53 51.48 -6.43
N LEU F 34 -59.57 52.30 -6.41
CA LEU F 34 -60.35 52.49 -5.18
C LEU F 34 -61.22 51.28 -4.88
N THR F 35 -61.66 50.56 -5.91
CA THR F 35 -62.48 49.37 -5.71
C THR F 35 -61.65 48.23 -5.12
N VAL F 36 -60.61 47.81 -5.83
CA VAL F 36 -59.73 46.74 -5.38
C VAL F 36 -58.70 47.36 -4.44
N THR F 37 -58.77 47.01 -3.16
CA THR F 37 -57.90 47.57 -2.14
C THR F 37 -56.48 46.97 -2.16
N PRO F 38 -56.32 45.65 -2.18
CA PRO F 38 -54.96 45.09 -2.07
C PRO F 38 -54.01 45.50 -3.19
N LYS F 39 -54.52 46.14 -4.25
CA LYS F 39 -53.66 46.61 -5.33
C LYS F 39 -52.64 47.61 -4.79
N ARG F 40 -51.37 47.36 -5.10
CA ARG F 40 -50.29 48.12 -4.47
C ARG F 40 -49.95 49.40 -5.23
N SER F 41 -49.89 49.34 -6.56
CA SER F 41 -49.42 50.46 -7.36
C SER F 41 -50.44 50.78 -8.46
N LEU F 42 -50.14 51.81 -9.22
CA LEU F 42 -50.98 52.26 -10.33
C LEU F 42 -50.09 52.75 -11.46
N ALA F 43 -50.59 52.65 -12.69
CA ALA F 43 -49.86 53.09 -13.87
C ALA F 43 -50.50 54.36 -14.41
N ILE F 44 -49.78 55.47 -14.33
CA ILE F 44 -50.25 56.73 -14.88
C ILE F 44 -49.99 56.75 -16.37
N ASP F 45 -51.01 57.13 -17.14
CA ASP F 45 -50.92 57.17 -18.60
C ASP F 45 -50.39 58.53 -19.04
N TRP F 46 -49.26 58.52 -19.74
CA TRP F 46 -48.70 59.78 -20.24
C TRP F 46 -49.58 60.39 -21.33
N ALA F 47 -50.17 59.54 -22.18
CA ALA F 47 -51.05 60.04 -23.23
C ALA F 47 -52.26 60.74 -22.65
N HIS F 48 -52.84 60.19 -21.58
CA HIS F 48 -53.96 60.86 -20.92
C HIS F 48 -53.52 62.17 -20.28
N LEU F 49 -52.31 62.20 -19.73
CA LEU F 49 -51.84 63.41 -19.05
C LEU F 49 -51.60 64.54 -20.05
N ASN F 50 -51.28 64.20 -21.30
CA ASN F 50 -51.12 65.22 -22.34
C ASN F 50 -52.45 65.93 -22.61
N SER F 51 -53.56 65.19 -22.54
CA SER F 51 -54.86 65.82 -22.74
C SER F 51 -55.19 66.78 -21.60
N PHE F 52 -54.78 66.42 -20.38
CA PHE F 52 -55.04 67.30 -19.23
C PHE F 52 -54.13 68.51 -19.26
N ASP F 53 -52.82 68.29 -19.35
CA ASP F 53 -51.84 69.37 -19.36
C ASP F 53 -50.61 68.91 -20.12
N PRO F 54 -50.44 69.37 -21.36
CA PRO F 54 -49.23 68.97 -22.11
C PRO F 54 -47.95 69.61 -21.57
N GLU F 55 -48.06 70.80 -20.97
CA GLU F 55 -46.89 71.43 -20.37
C GLU F 55 -46.36 70.60 -19.21
N LEU F 56 -47.26 70.00 -18.42
CA LEU F 56 -46.83 69.15 -17.32
C LEU F 56 -46.06 67.94 -17.80
N ALA F 57 -46.35 67.48 -19.03
CA ALA F 57 -45.60 66.35 -19.59
C ALA F 57 -44.14 66.69 -19.82
N ASP F 58 -43.84 67.97 -20.06
CA ASP F 58 -42.44 68.36 -20.25
C ASP F 58 -41.67 68.28 -18.93
N GLU F 59 -42.21 68.85 -17.86
CA GLU F 59 -41.55 68.80 -16.56
C GLU F 59 -41.46 67.38 -16.02
N LEU F 60 -42.29 66.47 -16.52
CA LEU F 60 -42.19 65.07 -16.11
C LEU F 60 -40.88 64.45 -16.60
N LEU F 61 -40.41 64.87 -17.77
CA LEU F 61 -39.17 64.31 -18.32
C LEU F 61 -37.94 65.09 -17.86
N ASN F 62 -38.07 66.40 -17.67
CA ASN F 62 -36.90 67.22 -17.30
C ASN F 62 -36.48 66.94 -15.85
N ASN F 63 -37.38 67.21 -14.90
CA ASN F 63 -37.10 67.03 -13.47
C ASN F 63 -38.10 66.03 -12.90
N PRO F 64 -37.88 64.74 -13.11
CA PRO F 64 -38.81 63.74 -12.55
C PRO F 64 -38.64 63.53 -11.06
N GLU F 65 -37.53 63.95 -10.47
CA GLU F 65 -37.33 63.77 -9.03
C GLU F 65 -38.39 64.52 -8.24
N GLU F 66 -38.68 65.77 -8.64
CA GLU F 66 -39.73 66.54 -7.97
C GLU F 66 -41.10 66.27 -8.58
N ALA F 67 -41.15 65.83 -9.85
CA ALA F 67 -42.43 65.58 -10.49
C ALA F 67 -43.07 64.31 -9.95
N ILE F 68 -42.30 63.22 -9.86
CA ILE F 68 -42.83 61.98 -9.33
C ILE F 68 -43.17 62.11 -7.86
N ALA F 69 -42.33 62.84 -7.11
CA ALA F 69 -42.60 63.05 -5.69
C ALA F 69 -43.88 63.85 -5.49
N SER F 70 -44.09 64.89 -6.30
CA SER F 70 -45.34 65.64 -6.21
C SER F 70 -46.52 64.80 -6.68
N ALA F 71 -46.31 63.97 -7.71
CA ALA F 71 -47.38 63.10 -8.19
C ALA F 71 -47.68 61.98 -7.19
N GLU F 72 -46.66 61.51 -6.46
CA GLU F 72 -46.89 60.48 -5.46
C GLU F 72 -47.70 61.02 -4.29
N ASP F 73 -47.51 62.30 -3.96
CA ASP F 73 -48.29 62.92 -2.90
C ASP F 73 -49.65 63.41 -3.41
N ALA F 74 -49.76 63.71 -4.70
CA ALA F 74 -51.03 64.18 -5.24
C ALA F 74 -52.04 63.05 -5.34
N ILE F 75 -51.60 61.85 -5.71
CA ILE F 75 -52.53 60.73 -5.81
C ILE F 75 -53.02 60.31 -4.44
N GLN F 76 -52.25 60.60 -3.39
CA GLN F 76 -52.64 60.23 -2.04
C GLN F 76 -53.84 61.06 -1.57
N ILE F 77 -53.85 62.36 -1.87
CA ILE F 77 -54.96 63.21 -1.43
C ILE F 77 -56.23 62.86 -2.20
N VAL F 78 -56.08 62.39 -3.43
CA VAL F 78 -57.23 61.88 -4.18
C VAL F 78 -57.60 60.48 -3.72
N LEU F 79 -56.70 59.80 -3.02
CA LEU F 79 -56.99 58.49 -2.45
C LEU F 79 -57.63 58.57 -1.07
N ARG F 80 -57.52 59.72 -0.39
CA ARG F 80 -58.02 59.85 0.98
C ARG F 80 -59.24 60.75 1.04
N GLU F 81 -59.21 61.94 0.45
CA GLU F 81 -60.34 62.87 0.59
C GLU F 81 -61.57 62.40 -0.19
N PRO F 82 -61.49 62.00 -1.45
CA PRO F 82 -62.69 61.47 -2.13
C PRO F 82 -63.15 60.17 -1.48
N PRO F 83 -64.37 59.72 -1.78
CA PRO F 83 -64.88 58.48 -1.19
C PRO F 83 -64.07 57.27 -1.65
N LEU F 84 -64.46 56.11 -1.11
CA LEU F 84 -63.74 54.86 -1.32
C LEU F 84 -62.28 54.97 -0.90
N LEU F 85 -62.04 55.65 0.21
CA LEU F 85 -60.68 55.86 0.68
C LEU F 85 -60.19 54.65 1.48
N VAL F 86 -58.94 54.23 1.20
CA VAL F 86 -58.34 53.13 1.94
C VAL F 86 -57.93 53.60 3.33
N GLU F 87 -57.80 52.64 4.25
CA GLU F 87 -57.46 52.98 5.62
C GLU F 87 -56.01 53.44 5.75
N ARG F 88 -55.08 52.66 5.21
CA ARG F 88 -53.65 52.97 5.30
C ARG F 88 -53.11 53.30 3.91
N GLU F 89 -52.21 54.27 3.85
CA GLU F 89 -51.60 54.67 2.59
C GLU F 89 -50.72 53.55 2.05
N PHE F 90 -51.11 53.01 0.90
CA PHE F 90 -50.36 51.93 0.25
C PHE F 90 -49.11 52.42 -0.47
N LYS F 91 -48.84 53.73 -0.45
CA LYS F 91 -47.71 54.31 -1.18
C LYS F 91 -47.80 54.00 -2.67
N VAL F 92 -48.92 54.40 -3.29
CA VAL F 92 -49.14 54.12 -4.69
C VAL F 92 -48.12 54.88 -5.53
N HIS F 93 -47.34 54.15 -6.33
CA HIS F 93 -46.31 54.76 -7.14
C HIS F 93 -46.90 55.34 -8.42
N ALA F 94 -46.06 56.05 -9.17
CA ALA F 94 -46.49 56.68 -10.41
C ALA F 94 -46.51 55.68 -11.56
N ARG F 95 -45.37 55.08 -11.87
CA ARG F 95 -45.23 54.05 -12.90
C ARG F 95 -45.64 54.59 -14.27
N PHE F 96 -44.87 55.56 -14.74
CA PHE F 96 -45.06 56.10 -16.09
C PHE F 96 -44.50 55.14 -17.11
N TYR F 97 -45.39 54.48 -17.88
CA TYR F 97 -44.97 53.55 -18.91
C TYR F 97 -44.93 54.18 -20.30
N ASN F 98 -45.82 55.12 -20.59
CA ASN F 98 -45.83 55.77 -21.89
C ASN F 98 -44.86 56.95 -21.92
N LEU F 99 -44.27 57.17 -23.09
CA LEU F 99 -43.30 58.24 -23.28
C LEU F 99 -43.12 58.45 -24.78
N PRO F 100 -42.96 59.70 -25.24
CA PRO F 100 -42.99 59.95 -26.70
C PRO F 100 -41.89 59.24 -27.47
N LYS F 101 -40.63 59.49 -27.14
CA LYS F 101 -39.49 58.97 -27.91
C LYS F 101 -38.92 57.76 -27.21
N THR F 102 -39.02 56.60 -27.85
CA THR F 102 -38.46 55.37 -27.30
C THR F 102 -36.94 55.43 -27.44
N LEU F 103 -36.23 54.95 -26.42
CA LEU F 103 -34.79 55.02 -26.39
C LEU F 103 -34.19 53.64 -26.66
N LEU F 104 -32.97 53.65 -27.20
CA LEU F 104 -32.20 52.43 -27.45
C LEU F 104 -31.06 52.35 -26.46
N VAL F 105 -30.65 51.12 -26.13
CA VAL F 105 -29.56 50.91 -25.19
C VAL F 105 -28.26 51.48 -25.76
N LYS F 106 -28.04 51.32 -27.06
CA LYS F 106 -26.87 51.91 -27.71
C LYS F 106 -27.03 53.41 -27.84
N GLU F 107 -28.26 53.90 -27.97
CA GLU F 107 -28.51 55.32 -28.07
C GLU F 107 -28.44 56.02 -26.71
N LEU F 108 -28.63 55.28 -25.62
CA LEU F 108 -28.57 55.87 -24.29
C LEU F 108 -27.18 56.41 -24.00
N GLY F 109 -27.12 57.64 -23.52
CA GLY F 109 -25.86 58.28 -23.20
C GLY F 109 -25.94 59.02 -21.88
N SER F 110 -24.86 59.75 -21.57
CA SER F 110 -24.79 60.50 -20.33
C SER F 110 -25.66 61.75 -20.33
N GLU F 111 -26.26 62.11 -21.47
CA GLU F 111 -27.11 63.30 -21.52
C GLU F 111 -28.48 63.06 -20.91
N HIS F 112 -28.88 61.81 -20.72
CA HIS F 112 -30.18 61.47 -20.17
C HIS F 112 -30.14 61.25 -18.65
N ILE F 113 -29.13 61.79 -17.98
CA ILE F 113 -29.01 61.60 -16.53
C ILE F 113 -30.09 62.39 -15.81
N ASN F 114 -30.73 61.75 -14.83
CA ASN F 114 -31.77 62.37 -14.01
C ASN F 114 -32.96 62.80 -14.85
N LYS F 115 -33.33 61.97 -15.82
CA LYS F 115 -34.47 62.23 -16.68
C LYS F 115 -35.22 60.94 -16.94
N LEU F 116 -36.53 61.07 -17.13
CA LEU F 116 -37.40 59.91 -17.39
C LEU F 116 -37.21 59.48 -18.84
N ILE F 117 -36.69 58.27 -19.03
CA ILE F 117 -36.42 57.74 -20.35
C ILE F 117 -37.20 56.46 -20.56
N GLN F 118 -37.47 56.14 -21.83
CA GLN F 118 -38.18 54.93 -22.23
C GLN F 118 -37.25 54.13 -23.14
N VAL F 119 -36.48 53.22 -22.54
CA VAL F 119 -35.51 52.41 -23.27
C VAL F 119 -36.05 50.99 -23.40
N GLU F 120 -35.75 50.35 -24.52
CA GLU F 120 -36.17 48.99 -24.78
C GLU F 120 -34.96 48.09 -24.99
N GLY F 121 -35.16 46.80 -24.73
CA GLY F 121 -34.08 45.85 -24.88
C GLY F 121 -34.47 44.51 -24.29
N ILE F 122 -33.46 43.65 -24.19
CA ILE F 122 -33.63 42.29 -23.67
C ILE F 122 -32.86 42.16 -22.37
N ILE F 123 -33.43 41.42 -21.43
CA ILE F 123 -32.79 41.17 -20.14
C ILE F 123 -31.86 39.98 -20.27
N THR F 124 -30.70 40.08 -19.63
CA THR F 124 -29.71 38.99 -19.63
C THR F 124 -29.40 38.46 -18.23
N ARG F 125 -29.60 39.26 -17.19
CA ARG F 125 -29.33 38.85 -15.82
C ARG F 125 -30.46 39.34 -14.92
N VAL F 126 -30.66 38.65 -13.81
CA VAL F 126 -31.68 39.01 -12.83
C VAL F 126 -31.21 38.57 -11.45
N SER F 127 -31.30 39.47 -10.48
CA SER F 127 -30.77 39.22 -9.14
C SER F 127 -31.86 38.71 -8.20
N GLU F 128 -31.43 38.24 -7.04
CA GLU F 128 -32.32 37.74 -6.02
C GLU F 128 -32.89 38.90 -5.20
N VAL F 129 -34.10 38.69 -4.69
CA VAL F 129 -34.80 39.69 -3.89
C VAL F 129 -34.07 39.83 -2.56
N LYS F 130 -33.42 40.97 -2.34
CA LYS F 130 -32.71 41.22 -1.10
C LYS F 130 -33.35 42.37 -0.34
N PRO F 131 -33.52 42.25 0.97
CA PRO F 131 -34.17 43.33 1.75
C PRO F 131 -33.26 44.53 1.97
N PHE F 132 -33.19 45.43 1.00
CA PHE F 132 -32.41 46.64 1.15
C PHE F 132 -33.18 47.65 1.99
N VAL F 133 -32.43 48.57 2.62
CA VAL F 133 -33.01 49.59 3.50
C VAL F 133 -33.11 50.90 2.73
N GLU F 134 -34.22 51.61 2.93
CA GLU F 134 -34.43 52.92 2.33
C GLU F 134 -34.30 54.05 3.35
N LYS F 135 -34.97 53.91 4.50
CA LYS F 135 -34.90 54.89 5.58
C LYS F 135 -34.05 54.28 6.69
N ALA F 136 -32.73 54.50 6.59
CA ALA F 136 -31.77 53.88 7.51
C ALA F 136 -31.75 54.65 8.82
N VAL F 137 -32.37 54.08 9.85
CA VAL F 137 -32.38 54.66 11.19
C VAL F 137 -31.21 54.10 11.97
N PHE F 138 -30.41 54.98 12.57
CA PHE F 138 -29.22 54.58 13.31
C PHE F 138 -29.45 54.69 14.81
N VAL F 139 -28.95 53.71 15.56
CA VAL F 139 -29.06 53.68 17.01
C VAL F 139 -27.68 53.91 17.61
N CYS F 140 -27.62 54.67 18.69
CA CYS F 140 -26.34 54.95 19.33
C CYS F 140 -26.50 54.90 20.85
N ARG F 141 -25.42 54.59 21.55
CA ARG F 141 -25.49 54.50 23.00
C ARG F 141 -25.97 55.83 23.56
N ASP F 142 -25.52 56.93 22.96
CA ASP F 142 -25.95 58.24 23.41
C ASP F 142 -27.26 58.62 22.72
N CYS F 143 -28.23 57.71 22.72
CA CYS F 143 -29.54 57.99 22.12
C CYS F 143 -29.43 58.67 20.76
N GLY F 144 -28.45 58.27 19.95
CA GLY F 144 -28.33 58.84 18.62
C GLY F 144 -29.21 58.08 17.67
N ASN F 145 -30.52 58.15 17.87
CA ASN F 145 -31.45 57.39 17.05
C ASN F 145 -32.23 58.25 16.08
N GLU F 146 -32.74 59.38 16.56
CA GLU F 146 -33.50 60.29 15.70
C GLU F 146 -32.84 60.41 14.33
N MET F 147 -31.53 60.59 14.32
CA MET F 147 -30.79 60.72 13.07
C MET F 147 -31.19 59.63 12.09
N VAL F 148 -31.32 60.01 10.82
CA VAL F 148 -31.71 59.10 9.76
C VAL F 148 -30.96 59.49 8.48
N ARG F 149 -30.92 58.55 7.54
CA ARG F 149 -30.24 58.79 6.26
C ARG F 149 -31.00 58.07 5.17
N LEU F 150 -31.51 58.83 4.20
CA LEU F 150 -32.24 58.26 3.06
C LEU F 150 -31.19 57.71 2.08
N GLN F 151 -30.95 56.41 2.17
CA GLN F 151 -29.95 55.78 1.31
C GLN F 151 -30.56 55.34 0.00
N ARG F 152 -29.78 55.43 -1.06
CA ARG F 152 -30.23 55.00 -2.37
C ARG F 152 -30.05 53.50 -2.52
N PRO F 153 -30.95 52.82 -3.24
CA PRO F 153 -30.81 51.37 -3.40
C PRO F 153 -29.54 50.96 -4.14
N TYR F 154 -29.10 51.77 -5.11
CA TYR F 154 -27.88 51.45 -5.84
C TYR F 154 -26.64 51.88 -5.07
N GLU F 155 -26.73 52.98 -4.33
CA GLU F 155 -25.57 53.48 -3.59
C GLU F 155 -25.19 52.52 -2.47
N ASN F 156 -23.96 52.70 -1.97
CA ASN F 156 -23.44 51.86 -0.91
C ASN F 156 -24.00 52.29 0.44
N LEU F 157 -23.77 51.45 1.45
CA LEU F 157 -24.20 51.76 2.81
C LEU F 157 -23.41 52.95 3.35
N VAL F 158 -24.11 53.87 4.00
CA VAL F 158 -23.50 55.07 4.55
C VAL F 158 -23.56 55.00 6.07
N LYS F 159 -22.56 55.61 6.72
CA LYS F 159 -22.47 55.65 8.16
C LYS F 159 -22.17 57.09 8.57
N PRO F 160 -22.96 57.69 9.46
CA PRO F 160 -22.70 59.07 9.87
C PRO F 160 -21.41 59.18 10.66
N ALA F 161 -20.70 60.29 10.44
CA ALA F 161 -19.43 60.51 11.15
C ALA F 161 -19.66 60.72 12.64
N LYS F 162 -20.52 61.67 12.99
CA LYS F 162 -20.81 61.96 14.39
C LYS F 162 -22.15 62.67 14.47
N CYS F 163 -22.93 62.33 15.48
CA CYS F 163 -24.24 62.94 15.70
C CYS F 163 -24.06 64.28 16.40
N ASP F 164 -24.61 65.34 15.81
CA ASP F 164 -24.49 66.67 16.38
C ASP F 164 -25.42 66.90 17.57
N ALA F 165 -26.33 65.95 17.86
CA ALA F 165 -27.26 66.13 18.97
C ALA F 165 -26.53 66.06 20.31
N CYS F 166 -25.63 65.08 20.47
CA CYS F 166 -24.91 64.92 21.72
C CYS F 166 -23.40 64.77 21.54
N GLY F 167 -22.92 64.65 20.31
CA GLY F 167 -21.48 64.54 20.06
C GLY F 167 -20.87 63.21 20.44
N SER F 168 -21.35 62.12 19.83
CA SER F 168 -20.84 60.78 20.09
C SER F 168 -20.57 60.07 18.77
N ARG F 169 -19.50 59.27 18.75
CA ARG F 169 -19.11 58.51 17.57
C ARG F 169 -19.46 57.03 17.69
N ASN F 170 -20.43 56.69 18.53
CA ASN F 170 -20.84 55.30 18.75
C ASN F 170 -22.08 54.99 17.91
N ILE F 171 -21.87 54.96 16.60
CA ILE F 171 -22.94 54.74 15.63
C ILE F 171 -23.16 53.25 15.45
N GLU F 172 -24.41 52.82 15.58
CA GLU F 172 -24.84 51.46 15.28
C GLU F 172 -26.08 51.50 14.41
N LEU F 173 -26.35 50.40 13.73
CA LEU F 173 -27.48 50.30 12.81
C LEU F 173 -28.69 49.73 13.54
N ASP F 174 -29.81 50.46 13.48
CA ASP F 174 -31.07 50.01 14.09
C ASP F 174 -31.90 49.33 13.01
N VAL F 175 -31.75 48.01 12.91
CA VAL F 175 -32.49 47.26 11.91
C VAL F 175 -33.96 47.11 12.27
N ASP F 176 -34.33 47.38 13.52
CA ASP F 176 -35.73 47.23 13.92
C ASP F 176 -36.57 48.39 13.43
N LYS F 177 -36.05 49.62 13.50
CA LYS F 177 -36.79 50.80 13.11
C LYS F 177 -36.61 51.20 11.66
N SER F 178 -35.62 50.62 10.98
CA SER F 178 -35.35 50.97 9.58
C SER F 178 -36.21 50.09 8.67
N ARG F 179 -36.97 50.73 7.78
CA ARG F 179 -37.82 49.99 6.87
C ARG F 179 -37.01 49.33 5.77
N PHE F 180 -37.41 48.12 5.39
CA PHE F 180 -36.75 47.36 4.34
C PHE F 180 -37.73 47.09 3.21
N LEU F 181 -37.23 47.17 1.97
CA LEU F 181 -38.04 46.98 0.78
C LEU F 181 -37.38 45.91 -0.10
N ASN F 182 -38.15 45.45 -1.08
CA ASN F 182 -37.66 44.45 -2.02
C ASN F 182 -36.73 45.09 -3.05
N PHE F 183 -35.76 44.30 -3.52
CA PHE F 183 -34.76 44.78 -4.47
C PHE F 183 -34.56 43.75 -5.56
N GLN F 184 -34.26 44.22 -6.78
CA GLN F 184 -33.96 43.35 -7.90
C GLN F 184 -33.20 44.15 -8.94
N SER F 185 -32.00 43.71 -9.27
CA SER F 185 -31.14 44.38 -10.23
C SER F 185 -30.96 43.48 -11.44
N PHE F 186 -31.46 43.94 -12.59
CA PHE F 186 -31.38 43.20 -13.85
C PHE F 186 -30.55 43.97 -14.85
N ARG F 187 -29.82 43.23 -15.68
CA ARG F 187 -28.94 43.81 -16.70
C ARG F 187 -29.68 43.80 -18.04
N LEU F 188 -30.12 44.98 -18.47
CA LEU F 188 -30.80 45.13 -19.76
C LEU F 188 -29.75 45.36 -20.86
N GLN F 189 -29.90 44.63 -21.96
CA GLN F 189 -28.99 44.74 -23.09
C GLN F 189 -29.80 44.96 -24.36
N ASP F 190 -29.11 45.39 -25.41
CA ASP F 190 -29.74 45.57 -26.71
C ASP F 190 -30.27 44.25 -27.25
N ARG F 191 -31.43 44.30 -27.88
CA ARG F 191 -32.03 43.11 -28.48
C ARG F 191 -31.13 42.61 -29.61
N PRO F 192 -30.56 41.41 -29.50
CA PRO F 192 -29.69 40.93 -30.60
C PRO F 192 -30.45 40.70 -31.89
N GLU F 193 -31.68 40.16 -31.82
CA GLU F 193 -32.44 39.90 -33.03
C GLU F 193 -32.87 41.20 -33.70
N SER F 194 -33.15 42.23 -32.92
CA SER F 194 -33.65 43.49 -33.49
C SER F 194 -32.52 44.42 -33.90
N LEU F 195 -31.37 44.35 -33.24
CA LEU F 195 -30.25 45.24 -33.50
C LEU F 195 -28.99 44.47 -33.86
N LYS F 196 -29.12 43.46 -34.72
CA LYS F 196 -27.97 42.72 -35.21
C LYS F 196 -27.25 43.44 -36.34
N GLY F 197 -27.87 44.44 -36.96
CA GLY F 197 -27.22 45.15 -38.05
C GLY F 197 -26.00 45.93 -37.58
N GLY F 198 -26.04 46.45 -36.36
CA GLY F 198 -24.93 47.21 -35.82
C GLY F 198 -23.98 46.37 -35.01
N GLN F 199 -24.44 45.21 -34.55
CA GLN F 199 -23.64 44.30 -33.73
C GLN F 199 -23.08 44.99 -32.50
N MET F 200 -23.93 45.78 -31.83
CA MET F 200 -23.53 46.56 -30.66
C MET F 200 -24.48 46.22 -29.52
N PRO F 201 -24.31 45.05 -28.89
CA PRO F 201 -25.19 44.64 -27.79
C PRO F 201 -24.66 45.11 -26.43
N ARG F 202 -24.69 46.43 -26.21
CA ARG F 202 -24.19 46.98 -24.97
C ARG F 202 -25.17 46.70 -23.82
N PHE F 203 -24.66 46.76 -22.60
CA PHE F 203 -25.42 46.45 -21.41
C PHE F 203 -25.56 47.70 -20.53
N VAL F 204 -26.66 47.74 -19.79
CA VAL F 204 -26.93 48.78 -18.82
C VAL F 204 -27.55 48.14 -17.59
N ASP F 205 -26.98 48.42 -16.41
CA ASP F 205 -27.46 47.82 -15.17
C ASP F 205 -28.64 48.64 -14.64
N ALA F 206 -29.78 47.98 -14.45
CA ALA F 206 -30.99 48.62 -13.96
C ALA F 206 -31.49 47.91 -12.71
N ILE F 207 -32.12 48.68 -11.83
CA ILE F 207 -32.65 48.16 -10.57
C ILE F 207 -34.17 48.26 -10.59
N LEU F 208 -34.81 47.41 -9.79
CA LEU F 208 -36.26 47.35 -9.71
C LEU F 208 -36.70 47.69 -8.30
N LEU F 209 -37.79 48.46 -8.18
CA LEU F 209 -38.31 48.85 -6.88
C LEU F 209 -39.11 47.72 -6.26
N ASP F 210 -39.77 48.05 -5.14
CA ASP F 210 -40.55 47.06 -4.40
C ASP F 210 -41.72 46.52 -5.22
N ASP F 211 -42.24 47.32 -6.15
CA ASP F 211 -43.36 46.86 -6.96
C ASP F 211 -42.87 46.21 -8.25
N LEU F 212 -41.73 46.67 -8.79
CA LEU F 212 -41.21 46.06 -10.01
C LEU F 212 -40.48 44.75 -9.71
N VAL F 213 -40.30 44.41 -8.44
CA VAL F 213 -39.58 43.19 -8.08
C VAL F 213 -40.38 41.97 -8.51
N ASP F 214 -39.66 40.91 -8.87
CA ASP F 214 -40.25 39.62 -9.26
C ASP F 214 -41.29 39.81 -10.36
N ALA F 215 -40.96 40.67 -11.34
CA ALA F 215 -41.86 40.94 -12.44
C ALA F 215 -41.16 40.88 -13.79
N ALA F 216 -40.03 40.18 -13.88
CA ALA F 216 -39.28 40.09 -15.12
C ALA F 216 -38.43 38.83 -15.10
N LEU F 217 -38.23 38.24 -16.28
CA LEU F 217 -37.44 37.05 -16.47
C LEU F 217 -36.22 37.37 -17.32
N PRO F 218 -35.14 36.61 -17.19
CA PRO F 218 -33.94 36.87 -18.02
C PRO F 218 -34.12 36.45 -19.47
N GLY F 219 -35.33 36.10 -19.86
CA GLY F 219 -35.60 35.72 -21.24
C GLY F 219 -36.82 36.42 -21.81
N ASP F 220 -37.10 37.63 -21.36
CA ASP F 220 -38.25 38.40 -21.82
C ASP F 220 -37.82 39.80 -22.22
N ARG F 221 -38.51 40.35 -23.21
CA ARG F 221 -38.25 41.69 -23.72
C ARG F 221 -39.25 42.65 -23.10
N VAL F 222 -38.74 43.69 -22.43
CA VAL F 222 -39.56 44.63 -21.69
C VAL F 222 -39.18 46.05 -22.07
N LEU F 223 -40.17 46.94 -22.06
CA LEU F 223 -39.95 48.37 -22.31
C LEU F 223 -39.89 49.11 -20.98
N VAL F 224 -38.73 48.97 -20.32
CA VAL F 224 -38.54 49.57 -19.01
C VAL F 224 -38.54 51.08 -19.12
N THR F 225 -39.11 51.75 -18.11
CA THR F 225 -39.22 53.20 -18.09
C THR F 225 -38.88 53.69 -16.68
N GLY F 226 -37.91 54.58 -16.59
CA GLY F 226 -37.52 55.11 -15.30
C GLY F 226 -36.47 56.18 -15.45
N VAL F 227 -36.08 56.76 -14.32
CA VAL F 227 -35.05 57.80 -14.31
C VAL F 227 -33.68 57.14 -14.43
N LEU F 228 -32.77 57.83 -15.10
CA LEU F 228 -31.40 57.33 -15.29
C LEU F 228 -30.52 57.93 -14.21
N ARG F 229 -30.43 57.22 -13.08
CA ARG F 229 -29.53 57.64 -12.01
C ARG F 229 -28.08 57.34 -12.42
N VAL F 230 -27.15 57.63 -11.50
CA VAL F 230 -25.73 57.46 -11.78
C VAL F 230 -25.03 57.05 -10.49
N ILE F 231 -23.94 56.29 -10.64
CA ILE F 231 -23.12 55.85 -9.52
C ILE F 231 -21.67 55.79 -10.00
N LEU F 232 -20.76 55.90 -9.05
CA LEU F 232 -19.32 55.84 -9.33
C LEU F 232 -18.82 54.43 -9.03
N GLU F 233 -18.20 53.80 -10.02
CA GLU F 233 -17.58 52.50 -9.82
C GLU F 233 -16.09 52.62 -9.49
N GLN F 234 -15.46 53.70 -9.94
CA GLN F 234 -14.06 53.99 -9.66
C GLN F 234 -13.94 55.43 -9.17
N ARG F 235 -12.72 55.83 -8.85
CA ARG F 235 -12.46 57.19 -8.36
C ARG F 235 -11.40 57.94 -9.15
N GLU F 236 -10.53 57.25 -9.89
CA GLU F 236 -9.49 57.93 -10.65
C GLU F 236 -10.09 58.70 -11.84
N LYS F 237 -11.04 58.07 -12.53
CA LYS F 237 -11.65 58.71 -13.69
C LYS F 237 -12.48 59.92 -13.28
N ARG F 238 -12.28 61.03 -13.99
CA ARG F 238 -13.03 62.25 -13.70
C ARG F 238 -14.51 62.16 -14.10
N PRO F 239 -14.89 61.69 -15.30
CA PRO F 239 -16.32 61.61 -15.62
C PRO F 239 -17.01 60.47 -14.88
N ILE F 240 -18.29 60.26 -15.18
CA ILE F 240 -19.05 59.21 -14.49
C ILE F 240 -18.56 57.84 -14.92
N PHE F 241 -18.91 56.83 -14.12
CA PHE F 241 -18.49 55.46 -14.37
C PHE F 241 -19.63 54.49 -14.64
N LYS F 242 -20.81 54.73 -14.08
CA LYS F 242 -21.94 53.82 -14.30
C LYS F 242 -23.27 54.55 -14.10
N LYS F 243 -24.14 54.50 -15.10
CA LYS F 243 -25.44 55.15 -15.03
C LYS F 243 -26.49 54.08 -14.72
N ILE F 244 -26.76 53.90 -13.41
CA ILE F 244 -27.76 52.93 -13.00
C ILE F 244 -29.14 53.41 -13.43
N LEU F 245 -29.86 52.55 -14.15
CA LEU F 245 -31.18 52.89 -14.67
C LEU F 245 -32.22 52.55 -13.60
N GLU F 246 -32.60 53.58 -12.82
CA GLU F 246 -33.65 53.41 -11.82
C GLU F 246 -34.99 53.32 -12.52
N VAL F 247 -35.50 52.09 -12.67
CA VAL F 247 -36.73 51.86 -13.41
C VAL F 247 -37.92 52.25 -12.55
N ASN F 248 -38.95 52.79 -13.20
CA ASN F 248 -40.20 53.18 -12.53
C ASN F 248 -41.39 52.36 -13.00
N HIS F 249 -41.40 51.93 -14.25
CA HIS F 249 -42.46 51.07 -14.79
C HIS F 249 -41.84 50.11 -15.79
N ILE F 250 -42.20 48.84 -15.66
CA ILE F 250 -41.74 47.79 -16.57
C ILE F 250 -42.96 47.17 -17.24
N GLU F 251 -42.88 47.02 -18.56
CA GLU F 251 -43.95 46.42 -19.35
C GLU F 251 -43.35 45.57 -20.45
N GLN F 252 -43.90 44.38 -20.67
CA GLN F 252 -43.36 43.47 -21.66
C GLN F 252 -43.52 44.04 -23.07
N LEU F 253 -42.41 44.04 -23.81
CA LEU F 253 -42.43 44.55 -25.19
C LEU F 253 -43.27 43.65 -26.07
N SER F 254 -44.08 44.26 -26.93
CA SER F 254 -44.95 43.50 -27.82
C SER F 254 -44.14 42.89 -28.96
N LYS F 255 -44.79 41.97 -29.69
CA LYS F 255 -44.14 41.30 -30.80
C LYS F 255 -43.94 42.26 -31.97
N GLU F 256 -44.80 43.28 -32.07
CA GLU F 256 -44.71 44.22 -33.19
C GLU F 256 -43.41 45.03 -33.15
N ILE F 257 -42.95 45.39 -31.96
CA ILE F 257 -41.73 46.18 -31.85
C ILE F 257 -40.50 45.28 -31.94
N GLU F 258 -40.55 44.10 -31.34
CA GLU F 258 -39.41 43.19 -31.37
C GLU F 258 -39.17 42.66 -32.78
N GLU F 259 -40.18 41.99 -33.36
CA GLU F 259 -40.05 41.45 -34.69
C GLU F 259 -40.32 42.52 -35.74
N LEU F 260 -39.76 42.31 -36.93
CA LEU F 260 -39.94 43.27 -38.02
C LEU F 260 -41.37 43.20 -38.54
N GLU F 261 -41.75 44.23 -39.30
CA GLU F 261 -43.07 44.33 -39.89
C GLU F 261 -42.95 44.51 -41.40
N ILE F 262 -44.08 44.43 -42.08
CA ILE F 262 -44.15 44.57 -43.52
C ILE F 262 -45.35 45.43 -43.88
N SER F 263 -45.16 46.36 -44.81
CA SER F 263 -46.24 47.22 -45.27
C SER F 263 -47.23 46.40 -46.08
N PRO F 264 -48.46 46.90 -46.25
CA PRO F 264 -49.43 46.19 -47.11
C PRO F 264 -48.94 45.98 -48.53
N GLU F 265 -48.06 46.84 -49.02
CA GLU F 265 -47.47 46.62 -50.34
C GLU F 265 -46.50 45.43 -50.32
N ASP F 266 -45.83 45.21 -49.20
CA ASP F 266 -44.95 44.05 -49.10
C ASP F 266 -45.75 42.78 -48.78
N GLU F 267 -46.90 42.93 -48.12
CA GLU F 267 -47.71 41.77 -47.77
C GLU F 267 -48.21 41.04 -49.00
N GLN F 268 -48.42 41.76 -50.11
CA GLN F 268 -48.91 41.12 -51.32
C GLN F 268 -47.76 40.53 -52.13
N LYS F 269 -46.58 41.14 -52.05
CA LYS F 269 -45.43 40.62 -52.79
C LYS F 269 -44.81 39.41 -52.11
N ILE F 270 -45.01 39.25 -50.80
CA ILE F 270 -44.59 38.04 -50.12
C ILE F 270 -45.44 36.85 -50.57
N ARG F 271 -46.76 37.05 -50.64
CA ARG F 271 -47.63 36.00 -51.14
C ARG F 271 -47.50 35.84 -52.64
N GLU F 272 -47.00 36.87 -53.34
CA GLU F 272 -46.78 36.76 -54.78
C GLU F 272 -45.68 35.74 -55.10
N LEU F 273 -44.71 35.58 -54.20
CA LEU F 273 -43.67 34.58 -54.41
C LEU F 273 -44.25 33.18 -54.43
N ALA F 274 -45.30 32.93 -53.64
CA ALA F 274 -45.97 31.64 -53.68
C ALA F 274 -46.60 31.38 -55.04
N LYS F 275 -47.15 32.42 -55.68
CA LYS F 275 -47.67 32.26 -57.04
C LYS F 275 -46.54 32.09 -58.05
N ARG F 276 -45.34 32.60 -57.73
CA ARG F 276 -44.19 32.41 -58.62
C ARG F 276 -43.79 30.94 -58.61
N LYS F 277 -43.59 30.38 -59.80
CA LYS F 277 -43.29 28.96 -59.92
C LYS F 277 -41.94 28.65 -59.28
N ASP F 278 -41.67 27.34 -59.14
CA ASP F 278 -40.45 26.77 -58.57
C ASP F 278 -39.88 27.62 -57.43
N ILE F 279 -40.77 28.04 -56.52
CA ILE F 279 -40.35 28.83 -55.37
C ILE F 279 -39.50 27.98 -54.44
N VAL F 280 -39.81 26.69 -54.32
CA VAL F 280 -38.97 25.79 -53.53
C VAL F 280 -37.58 25.70 -54.12
N ASP F 281 -37.44 25.90 -55.43
CA ASP F 281 -36.13 26.00 -56.05
C ASP F 281 -35.57 27.42 -55.95
N ALA F 282 -36.45 28.42 -56.00
CA ALA F 282 -35.99 29.81 -55.93
C ALA F 282 -35.46 30.14 -54.54
N ILE F 283 -36.06 29.57 -53.49
CA ILE F 283 -35.61 29.84 -52.14
C ILE F 283 -34.27 29.17 -51.87
N VAL F 284 -34.13 27.91 -52.26
CA VAL F 284 -32.89 27.16 -52.00
C VAL F 284 -31.72 27.81 -52.74
N ASP F 285 -31.93 28.18 -54.01
CA ASP F 285 -30.87 28.84 -54.76
C ASP F 285 -30.55 30.22 -54.19
N SER F 286 -31.49 30.82 -53.45
CA SER F 286 -31.23 32.11 -52.84
C SER F 286 -30.37 31.98 -51.58
N ILE F 287 -30.42 30.83 -50.91
CA ILE F 287 -29.63 30.63 -49.70
C ILE F 287 -28.19 30.34 -50.09
N ALA F 288 -27.28 31.25 -49.69
CA ALA F 288 -25.85 31.13 -49.92
C ALA F 288 -25.53 30.89 -51.39
N PRO F 289 -25.77 31.87 -52.27
CA PRO F 289 -25.44 31.65 -53.69
C PRO F 289 -23.96 31.67 -53.97
N ALA F 290 -23.16 32.31 -53.11
CA ALA F 290 -21.72 32.41 -53.37
C ALA F 290 -21.06 31.05 -53.32
N ILE F 291 -21.54 30.15 -52.44
CA ILE F 291 -20.98 28.81 -52.36
C ILE F 291 -21.65 27.92 -53.40
N TRP F 292 -20.97 26.83 -53.73
CA TRP F 292 -21.44 25.88 -54.73
C TRP F 292 -21.83 24.57 -54.07
N GLY F 293 -22.81 23.89 -54.65
CA GLY F 293 -23.21 22.59 -54.18
C GLY F 293 -23.97 22.65 -52.86
N HIS F 294 -24.13 21.47 -52.26
CA HIS F 294 -24.83 21.31 -50.98
C HIS F 294 -26.25 21.88 -51.07
N ARG F 295 -26.96 21.50 -52.13
CA ARG F 295 -28.33 21.98 -52.32
C ARG F 295 -29.24 21.42 -51.23
N ILE F 296 -29.12 20.13 -50.93
CA ILE F 296 -29.95 19.52 -49.88
C ILE F 296 -29.60 20.11 -48.52
N VAL F 297 -28.37 20.61 -48.37
CA VAL F 297 -27.97 21.22 -47.10
C VAL F 297 -28.76 22.50 -46.86
N LYS F 298 -28.75 23.42 -47.82
CA LYS F 298 -29.49 24.67 -47.67
C LYS F 298 -30.99 24.43 -47.77
N LYS F 299 -31.40 23.38 -48.49
CA LYS F 299 -32.82 23.02 -48.54
C LYS F 299 -33.30 22.56 -47.17
N GLY F 300 -32.54 21.67 -46.52
CA GLY F 300 -32.88 21.27 -45.17
C GLY F 300 -32.80 22.40 -44.18
N ILE F 301 -31.86 23.33 -44.38
CA ILE F 301 -31.81 24.53 -43.55
C ILE F 301 -33.06 25.37 -43.78
N ALA F 302 -33.51 25.48 -45.03
CA ALA F 302 -34.76 26.19 -45.32
C ALA F 302 -35.93 25.52 -44.63
N LEU F 303 -35.95 24.19 -44.59
CA LEU F 303 -36.97 23.48 -43.82
C LEU F 303 -36.88 23.83 -42.34
N ALA F 304 -35.66 24.02 -41.83
CA ALA F 304 -35.50 24.49 -40.46
C ALA F 304 -35.86 25.96 -40.33
N LEU F 305 -35.65 26.74 -41.40
CA LEU F 305 -36.05 28.15 -41.36
C LEU F 305 -37.56 28.29 -41.30
N PHE F 306 -38.27 27.61 -42.20
CA PHE F 306 -39.74 27.57 -42.15
C PHE F 306 -40.17 26.43 -41.23
N GLY F 307 -39.89 26.62 -39.94
CA GLY F 307 -40.17 25.59 -38.96
C GLY F 307 -41.65 25.30 -38.85
N GLY F 308 -41.95 24.09 -38.39
CA GLY F 308 -43.33 23.68 -38.24
C GLY F 308 -44.06 24.46 -37.16
N VAL F 309 -45.39 24.41 -37.24
CA VAL F 309 -46.23 25.12 -36.28
C VAL F 309 -46.12 24.47 -34.92
N GLN F 310 -45.88 25.28 -33.89
CA GLN F 310 -45.80 24.79 -32.52
C GLN F 310 -47.21 24.71 -31.93
N ARG F 311 -47.64 23.51 -31.57
CA ARG F 311 -48.97 23.27 -31.04
C ARG F 311 -48.87 22.86 -29.57
N THR F 312 -49.86 23.29 -28.79
CA THR F 312 -49.91 23.01 -27.36
C THR F 312 -50.91 21.89 -27.11
N LEU F 313 -50.44 20.81 -26.49
CA LEU F 313 -51.31 19.68 -26.20
C LEU F 313 -52.20 20.03 -25.02
N PRO F 314 -53.50 19.70 -25.09
CA PRO F 314 -54.42 20.02 -23.98
C PRO F 314 -54.14 19.23 -22.70
N ASP F 315 -53.36 18.14 -22.78
CA ASP F 315 -53.06 17.33 -21.62
C ASP F 315 -51.88 17.87 -20.81
N GLY F 316 -51.42 19.09 -21.09
CA GLY F 316 -50.33 19.70 -20.38
C GLY F 316 -49.01 19.70 -21.13
N THR F 317 -48.87 18.86 -22.15
CA THR F 317 -47.65 18.80 -22.95
C THR F 317 -47.76 19.76 -24.12
N LYS F 318 -46.82 19.66 -25.07
CA LYS F 318 -46.83 20.51 -26.25
C LYS F 318 -46.28 19.69 -27.43
N LEU F 319 -46.27 20.32 -28.60
CA LEU F 319 -45.80 19.70 -29.82
C LEU F 319 -44.61 20.50 -30.35
N ARG F 320 -43.46 19.83 -30.49
CA ARG F 320 -42.26 20.49 -30.96
C ARG F 320 -42.41 20.90 -32.42
N GLY F 321 -42.13 22.17 -32.71
CA GLY F 321 -42.18 22.66 -34.06
C GLY F 321 -40.81 23.04 -34.59
N GLU F 322 -39.83 23.13 -33.69
CA GLU F 322 -38.48 23.47 -34.06
C GLU F 322 -37.78 22.28 -34.70
N SER F 323 -36.82 22.57 -35.59
CA SER F 323 -36.09 21.55 -36.33
C SER F 323 -34.60 21.84 -36.19
N HIS F 324 -33.99 21.31 -35.13
CA HIS F 324 -32.56 21.48 -34.91
C HIS F 324 -31.77 20.72 -35.97
N VAL F 325 -30.87 21.42 -36.65
CA VAL F 325 -30.06 20.85 -37.72
C VAL F 325 -28.60 20.88 -37.31
N LEU F 326 -27.89 19.78 -37.56
CA LEU F 326 -26.48 19.65 -37.25
C LEU F 326 -25.70 19.48 -38.56
N LEU F 327 -24.60 20.22 -38.70
CA LEU F 327 -23.80 20.23 -39.91
C LEU F 327 -22.45 19.60 -39.60
N VAL F 328 -22.13 18.50 -40.30
CA VAL F 328 -20.88 17.80 -40.12
C VAL F 328 -20.30 17.46 -41.49
N GLY F 329 -18.99 17.35 -41.55
CA GLY F 329 -18.30 17.05 -42.79
C GLY F 329 -16.94 17.74 -42.80
N ASP F 330 -16.66 18.43 -43.90
CA ASP F 330 -15.43 19.18 -44.03
C ASP F 330 -15.38 20.31 -43.01
N PRO F 331 -14.38 20.37 -42.15
CA PRO F 331 -14.32 21.45 -41.16
C PRO F 331 -13.80 22.75 -41.75
N GLY F 332 -14.22 23.85 -41.14
CA GLY F 332 -13.75 25.17 -41.52
C GLY F 332 -14.78 25.94 -42.31
N VAL F 333 -14.43 26.35 -43.53
CA VAL F 333 -15.28 27.23 -44.33
C VAL F 333 -16.50 26.48 -44.87
N ALA F 334 -16.41 25.15 -44.96
CA ALA F 334 -17.48 24.38 -45.57
C ALA F 334 -18.80 24.56 -44.82
N LYS F 335 -18.75 24.68 -43.50
CA LYS F 335 -19.95 24.85 -42.69
C LYS F 335 -20.09 26.25 -42.09
N SER F 336 -18.98 26.92 -41.81
CA SER F 336 -19.06 28.26 -41.21
C SER F 336 -19.61 29.28 -42.21
N GLN F 337 -19.35 29.07 -43.50
CA GLN F 337 -19.85 29.99 -44.51
C GLN F 337 -21.37 29.93 -44.59
N LEU F 338 -21.94 28.73 -44.46
CA LEU F 338 -23.40 28.60 -44.44
C LEU F 338 -23.98 29.28 -43.20
N LEU F 339 -23.25 29.25 -42.08
CA LEU F 339 -23.71 29.88 -40.86
C LEU F 339 -23.61 31.40 -40.89
N ARG F 340 -23.02 31.97 -41.94
CA ARG F 340 -22.91 33.41 -42.08
C ARG F 340 -23.98 34.02 -42.97
N TYR F 341 -24.46 33.28 -43.97
CA TYR F 341 -25.49 33.81 -44.86
C TYR F 341 -26.88 33.68 -44.25
N VAL F 342 -27.19 32.51 -43.70
CA VAL F 342 -28.50 32.31 -43.08
C VAL F 342 -28.64 33.07 -41.77
N ALA F 343 -27.52 33.53 -41.20
CA ALA F 343 -27.59 34.33 -39.97
C ALA F 343 -28.28 35.66 -40.23
N ASN F 344 -27.94 36.32 -41.34
CA ASN F 344 -28.58 37.56 -41.72
C ASN F 344 -29.83 37.35 -42.58
N LEU F 345 -29.95 36.21 -43.24
CA LEU F 345 -31.14 35.94 -44.04
C LEU F 345 -32.35 35.64 -43.16
N ALA F 346 -32.13 34.95 -42.04
CA ALA F 346 -33.22 34.63 -41.14
C ALA F 346 -33.73 35.90 -40.44
N PRO F 347 -35.03 35.97 -40.15
CA PRO F 347 -35.54 37.18 -39.46
C PRO F 347 -35.03 37.33 -38.04
N ARG F 348 -34.98 36.23 -37.28
CA ARG F 348 -34.52 36.26 -35.90
C ARG F 348 -33.51 35.13 -35.71
N ALA F 349 -32.22 35.48 -35.71
CA ALA F 349 -31.17 34.49 -35.55
C ALA F 349 -29.95 35.17 -34.97
N ILE F 350 -29.23 34.45 -34.10
CA ILE F 350 -28.04 34.97 -33.42
C ILE F 350 -26.89 34.03 -33.78
N TYR F 351 -25.91 34.53 -34.53
CA TYR F 351 -24.74 33.74 -34.88
C TYR F 351 -23.74 33.79 -33.72
N THR F 352 -23.41 32.61 -33.19
CA THR F 352 -22.47 32.49 -32.08
C THR F 352 -21.61 31.26 -32.36
N SER F 353 -20.61 31.01 -31.52
CA SER F 353 -19.72 29.88 -31.65
C SER F 353 -19.88 28.97 -30.44
N GLY F 354 -19.17 27.84 -30.48
CA GLY F 354 -19.19 26.91 -29.37
C GLY F 354 -18.66 27.52 -28.09
N LYS F 355 -17.57 28.29 -28.19
CA LYS F 355 -17.03 29.04 -27.06
C LYS F 355 -17.79 30.36 -26.95
N SER F 356 -18.96 30.28 -26.30
CA SER F 356 -19.78 31.47 -26.11
C SER F 356 -19.07 32.48 -25.21
N SER F 357 -19.19 33.76 -25.56
CA SER F 357 -18.52 34.80 -24.79
C SER F 357 -19.08 34.89 -23.37
N SER F 358 -20.38 34.64 -23.21
CA SER F 358 -20.97 34.65 -21.88
C SER F 358 -20.56 33.40 -21.11
N ALA F 359 -20.50 33.54 -19.78
CA ALA F 359 -20.14 32.39 -18.94
C ALA F 359 -21.21 31.31 -19.00
N ALA F 360 -22.45 31.70 -19.26
CA ALA F 360 -23.58 30.78 -19.41
C ALA F 360 -24.22 30.93 -20.78
N GLY F 361 -23.37 30.97 -21.82
CA GLY F 361 -23.87 31.31 -23.15
C GLY F 361 -24.81 30.28 -23.75
N LEU F 362 -24.78 29.05 -23.26
CA LEU F 362 -25.65 28.01 -23.76
C LEU F 362 -26.64 27.49 -22.74
N THR F 363 -26.34 27.61 -21.45
CA THR F 363 -27.20 27.06 -20.40
C THR F 363 -27.16 28.01 -19.22
N ALA F 364 -28.32 28.53 -18.81
CA ALA F 364 -28.39 29.50 -17.72
C ALA F 364 -27.81 28.93 -16.43
N ALA F 365 -27.17 29.79 -15.66
CA ALA F 365 -26.55 29.38 -14.41
C ALA F 365 -26.56 30.56 -13.45
N ALA F 366 -26.12 30.29 -12.21
CA ALA F 366 -26.06 31.31 -11.17
C ALA F 366 -24.66 31.90 -11.14
N VAL F 367 -24.55 33.18 -11.46
CA VAL F 367 -23.28 33.90 -11.48
C VAL F 367 -23.42 35.14 -10.61
N ARG F 368 -22.36 35.46 -9.89
CA ARG F 368 -22.34 36.66 -9.06
C ARG F 368 -22.19 37.90 -9.92
N ASP F 369 -22.81 39.00 -9.47
CA ASP F 369 -22.76 40.24 -10.21
C ASP F 369 -21.52 41.05 -9.83
N GLU F 370 -21.26 42.10 -10.62
CA GLU F 370 -20.07 42.92 -10.42
C GLU F 370 -20.20 43.89 -9.26
N PHE F 371 -21.42 44.12 -8.76
CA PHE F 371 -21.60 45.11 -7.70
C PHE F 371 -21.18 44.56 -6.35
N THR F 372 -21.88 43.52 -5.87
CA THR F 372 -21.59 42.98 -4.53
C THR F 372 -21.58 41.45 -4.51
N GLY F 373 -21.40 40.81 -5.67
CA GLY F 373 -21.39 39.36 -5.70
C GLY F 373 -22.74 38.70 -5.56
N SER F 374 -23.83 39.43 -5.76
CA SER F 374 -25.16 38.84 -5.68
C SER F 374 -25.39 37.89 -6.85
N TRP F 375 -25.99 36.74 -6.57
CA TRP F 375 -26.22 35.73 -7.58
C TRP F 375 -27.25 36.22 -8.59
N VAL F 376 -26.82 36.34 -9.86
CA VAL F 376 -27.70 36.73 -10.94
C VAL F 376 -27.70 35.62 -11.99
N LEU F 377 -28.82 35.52 -12.72
CA LEU F 377 -28.99 34.49 -13.74
C LEU F 377 -28.54 35.03 -15.08
N GLU F 378 -27.27 34.80 -15.42
CA GLU F 378 -26.74 35.21 -16.71
C GLU F 378 -27.30 34.28 -17.78
N ALA F 379 -28.09 34.85 -18.69
CA ALA F 379 -28.72 34.06 -19.73
C ALA F 379 -27.74 33.75 -20.85
N GLY F 380 -28.17 32.87 -21.76
CA GLY F 380 -27.36 32.48 -22.90
C GLY F 380 -28.15 32.55 -24.19
N VAL F 381 -27.47 32.26 -25.29
CA VAL F 381 -28.07 32.41 -26.62
C VAL F 381 -29.28 31.50 -26.77
N LEU F 382 -29.30 30.39 -26.04
CA LEU F 382 -30.48 29.53 -26.04
C LEU F 382 -31.62 30.12 -25.21
N VAL F 383 -31.31 30.99 -24.27
CA VAL F 383 -32.31 31.69 -23.46
C VAL F 383 -32.50 33.13 -23.93
N LEU F 384 -31.41 33.77 -24.36
CA LEU F 384 -31.51 35.12 -24.90
C LEU F 384 -32.47 35.17 -26.07
N ALA F 385 -32.38 34.21 -26.99
CA ALA F 385 -33.31 34.12 -28.10
C ALA F 385 -34.54 33.35 -27.69
N ASP F 386 -35.69 33.78 -28.22
CA ASP F 386 -36.97 33.14 -27.92
C ASP F 386 -37.81 33.14 -29.19
N GLY F 387 -38.17 31.95 -29.67
CA GLY F 387 -38.92 31.83 -30.90
C GLY F 387 -38.12 32.09 -32.15
N GLY F 388 -36.78 32.17 -32.05
CA GLY F 388 -35.94 32.41 -33.20
C GLY F 388 -34.77 31.45 -33.21
N PHE F 389 -34.03 31.49 -34.32
CA PHE F 389 -32.91 30.57 -34.51
C PHE F 389 -31.72 30.99 -33.65
N ALA F 390 -30.83 30.02 -33.41
CA ALA F 390 -29.63 30.26 -32.61
C ALA F 390 -28.49 29.46 -33.24
N LEU F 391 -27.63 30.14 -33.99
CA LEU F 391 -26.55 29.50 -34.72
C LEU F 391 -25.33 29.39 -33.82
N ILE F 392 -24.82 28.17 -33.66
CA ILE F 392 -23.68 27.90 -32.79
C ILE F 392 -22.62 27.21 -33.64
N ASP F 393 -21.59 27.97 -34.03
CA ASP F 393 -20.50 27.40 -34.81
C ASP F 393 -19.59 26.56 -33.92
N GLU F 394 -18.98 25.54 -34.52
CA GLU F 394 -18.11 24.60 -33.82
C GLU F 394 -18.82 24.00 -32.61
N PHE F 395 -20.00 23.44 -32.87
CA PHE F 395 -20.83 22.86 -31.81
C PHE F 395 -20.19 21.64 -31.16
N ASP F 396 -19.16 21.04 -31.78
CA ASP F 396 -18.53 19.87 -31.19
C ASP F 396 -17.76 20.22 -29.92
N LYS F 397 -17.07 21.36 -29.92
CA LYS F 397 -16.26 21.78 -28.79
C LYS F 397 -17.09 22.70 -27.90
N MET F 398 -17.57 22.16 -26.79
CA MET F 398 -18.34 22.92 -25.81
C MET F 398 -17.87 22.57 -24.41
N SER F 399 -18.31 23.37 -23.45
CA SER F 399 -17.93 23.14 -22.06
C SER F 399 -18.84 22.09 -21.42
N ASP F 400 -18.41 21.57 -20.27
CA ASP F 400 -19.19 20.55 -19.58
C ASP F 400 -20.51 21.12 -19.06
N ARG F 401 -20.51 22.39 -18.65
CA ARG F 401 -21.73 23.01 -18.14
C ARG F 401 -22.79 23.11 -19.23
N ASP F 402 -22.38 23.51 -20.44
CA ASP F 402 -23.33 23.61 -21.54
C ASP F 402 -23.88 22.23 -21.92
N ARG F 403 -22.99 21.25 -22.07
CA ARG F 403 -23.39 19.92 -22.50
C ARG F 403 -24.35 19.25 -21.53
N SER F 404 -24.47 19.75 -20.30
CA SER F 404 -25.31 19.12 -19.29
C SER F 404 -26.80 19.30 -19.56
N ALA F 405 -27.21 20.43 -20.15
CA ALA F 405 -28.62 20.73 -20.33
C ALA F 405 -29.04 20.95 -21.77
N ILE F 406 -28.12 20.92 -22.74
CA ILE F 406 -28.51 21.04 -24.14
C ILE F 406 -29.42 19.87 -24.52
N HIS F 407 -29.28 18.73 -23.85
CA HIS F 407 -30.21 17.62 -24.06
C HIS F 407 -31.65 18.02 -23.79
N GLU F 408 -31.85 18.97 -22.87
CA GLU F 408 -33.19 19.43 -22.52
C GLU F 408 -33.66 20.58 -23.40
N ALA F 409 -32.75 21.47 -23.80
CA ALA F 409 -33.13 22.62 -24.61
C ALA F 409 -33.56 22.22 -26.02
N LEU F 410 -33.09 21.09 -26.53
CA LEU F 410 -33.42 20.65 -27.87
C LEU F 410 -34.63 19.72 -27.93
N GLU F 411 -35.08 19.20 -26.79
CA GLU F 411 -36.23 18.31 -26.74
C GLU F 411 -37.44 18.97 -26.10
N GLN F 412 -37.28 19.53 -24.90
CA GLN F 412 -38.36 20.21 -24.20
C GLN F 412 -38.45 21.69 -24.52
N GLN F 413 -37.49 22.22 -25.28
CA GLN F 413 -37.47 23.63 -25.67
C GLN F 413 -37.50 24.56 -24.46
N THR F 414 -36.80 24.15 -23.40
CA THR F 414 -36.74 24.95 -22.19
C THR F 414 -35.45 24.62 -21.43
N ILE F 415 -35.09 25.51 -20.51
CA ILE F 415 -33.89 25.35 -19.68
C ILE F 415 -34.29 25.62 -18.23
N SER F 416 -33.99 24.66 -17.36
CA SER F 416 -34.31 24.75 -15.94
C SER F 416 -33.02 24.59 -15.14
N ILE F 417 -32.51 25.69 -14.60
CA ILE F 417 -31.33 25.68 -13.76
C ILE F 417 -31.77 25.83 -12.31
N SER F 418 -31.33 24.91 -11.45
CA SER F 418 -31.73 24.89 -10.05
C SER F 418 -30.63 25.36 -9.11
N LYS F 419 -29.63 26.07 -9.63
CA LYS F 419 -28.55 26.57 -8.78
C LYS F 419 -29.06 27.60 -7.79
N ALA F 420 -28.62 27.47 -6.54
CA ALA F 420 -29.00 28.37 -5.46
C ALA F 420 -30.52 28.41 -5.24
N GLY F 421 -31.19 27.30 -5.53
CA GLY F 421 -32.62 27.21 -5.31
C GLY F 421 -33.46 28.08 -6.22
N ILE F 422 -32.94 28.48 -7.38
CA ILE F 422 -33.70 29.33 -8.28
C ILE F 422 -34.80 28.54 -8.97
N THR F 423 -34.41 27.51 -9.73
CA THR F 423 -35.34 26.66 -10.49
C THR F 423 -36.24 27.50 -11.40
N ALA F 424 -35.60 28.25 -12.29
CA ALA F 424 -36.31 29.10 -13.25
C ALA F 424 -36.43 28.34 -14.57
N THR F 425 -37.65 27.94 -14.90
CA THR F 425 -37.91 27.20 -16.13
C THR F 425 -37.98 28.18 -17.31
N LEU F 426 -36.80 28.57 -17.78
CA LEU F 426 -36.70 29.52 -18.87
C LEU F 426 -36.97 28.84 -20.20
N ASN F 427 -37.76 29.49 -21.05
CA ASN F 427 -38.10 28.93 -22.35
C ASN F 427 -36.93 29.06 -23.31
N SER F 428 -36.55 27.95 -23.93
CA SER F 428 -35.46 27.90 -24.90
C SER F 428 -35.96 27.39 -26.25
N ARG F 429 -37.11 27.90 -26.69
CA ARG F 429 -37.67 27.47 -27.97
C ARG F 429 -36.89 28.08 -29.12
N THR F 430 -35.67 27.60 -29.36
CA THR F 430 -34.79 28.13 -30.39
C THR F 430 -34.39 27.01 -31.34
N THR F 431 -34.56 27.24 -32.63
CA THR F 431 -34.12 26.29 -33.66
C THR F 431 -32.60 26.41 -33.79
N VAL F 432 -31.88 25.48 -33.18
CA VAL F 432 -30.42 25.54 -33.12
C VAL F 432 -29.86 25.07 -34.45
N ILE F 433 -29.35 26.01 -35.25
CA ILE F 433 -28.66 25.68 -36.50
C ILE F 433 -27.19 25.52 -36.13
N ALA F 434 -26.83 24.32 -35.70
CA ALA F 434 -25.49 24.03 -35.20
C ALA F 434 -24.65 23.35 -36.28
N ALA F 435 -23.33 23.44 -36.08
CA ALA F 435 -22.37 22.81 -36.98
C ALA F 435 -21.21 22.29 -36.14
N ALA F 436 -21.06 20.97 -36.09
CA ALA F 436 -20.07 20.32 -35.24
C ALA F 436 -19.03 19.63 -36.12
N ASN F 437 -17.76 19.90 -35.85
CA ASN F 437 -16.69 19.26 -36.60
C ASN F 437 -16.39 17.88 -36.03
N PRO F 438 -15.88 16.96 -36.85
CA PRO F 438 -15.44 15.68 -36.32
C PRO F 438 -14.18 15.84 -35.48
N LYS F 439 -14.14 15.13 -34.34
CA LYS F 439 -13.01 15.26 -33.43
C LYS F 439 -11.74 14.64 -34.00
N PHE F 440 -11.85 13.81 -35.03
CA PHE F 440 -10.69 13.24 -35.71
C PHE F 440 -10.20 14.10 -36.86
N GLY F 441 -10.64 15.37 -36.92
CA GLY F 441 -10.25 16.24 -38.00
C GLY F 441 -11.10 16.04 -39.25
N ARG F 442 -11.00 14.86 -39.85
CA ARG F 442 -11.78 14.50 -41.02
C ARG F 442 -12.76 13.38 -40.66
N PHE F 443 -13.86 13.31 -41.40
CA PHE F 443 -14.90 12.32 -41.17
C PHE F 443 -14.60 11.09 -42.02
N ASN F 444 -14.35 9.97 -41.37
CA ASN F 444 -14.10 8.72 -42.08
C ASN F 444 -15.40 8.17 -42.65
N ARG F 445 -15.31 7.58 -43.84
CA ARG F 445 -16.49 7.04 -44.50
C ARG F 445 -16.94 5.72 -43.87
N HIS F 446 -15.97 4.89 -43.48
CA HIS F 446 -16.32 3.59 -42.91
C HIS F 446 -16.78 3.73 -41.46
N LYS F 447 -16.19 4.65 -40.71
CA LYS F 447 -16.50 4.82 -39.30
C LYS F 447 -17.57 5.89 -39.13
N SER F 448 -18.60 5.56 -38.35
CA SER F 448 -19.82 6.35 -38.31
C SER F 448 -19.62 7.62 -37.47
N LEU F 449 -20.68 8.44 -37.42
CA LEU F 449 -20.60 9.78 -36.84
C LEU F 449 -20.69 9.81 -35.31
N PRO F 450 -21.64 9.10 -34.67
CA PRO F 450 -21.69 9.15 -33.20
C PRO F 450 -20.39 8.75 -32.52
N GLU F 451 -19.55 7.96 -33.20
CA GLU F 451 -18.22 7.65 -32.69
C GLU F 451 -17.15 8.57 -33.26
N GLN F 452 -17.50 9.50 -34.15
CA GLN F 452 -16.56 10.46 -34.72
C GLN F 452 -16.87 11.89 -34.29
N LEU F 453 -17.70 12.07 -33.28
CA LEU F 453 -18.12 13.40 -32.86
C LEU F 453 -18.10 13.49 -31.34
N ASP F 454 -17.65 14.64 -30.83
CA ASP F 454 -17.51 14.82 -29.38
C ASP F 454 -18.86 14.79 -28.68
N LEU F 455 -19.93 15.18 -29.38
CA LEU F 455 -21.25 15.22 -28.77
C LEU F 455 -21.68 13.82 -28.33
N PRO F 456 -22.37 13.71 -27.21
CA PRO F 456 -22.91 12.42 -26.77
C PRO F 456 -23.90 11.88 -27.80
N PRO F 457 -24.12 10.57 -27.82
CA PRO F 457 -25.01 10.00 -28.85
C PRO F 457 -26.44 10.48 -28.76
N THR F 458 -26.94 10.74 -27.55
CA THR F 458 -28.33 11.13 -27.40
C THR F 458 -28.59 12.55 -27.91
N LEU F 459 -27.55 13.38 -27.98
CA LEU F 459 -27.74 14.74 -28.49
C LEU F 459 -28.02 14.74 -29.99
N LEU F 460 -27.36 13.84 -30.73
CA LEU F 460 -27.56 13.80 -32.18
C LEU F 460 -28.96 13.31 -32.54
N SER F 461 -29.63 12.61 -31.61
CA SER F 461 -30.99 12.18 -31.86
C SER F 461 -31.94 13.38 -31.89
N ARG F 462 -31.58 14.46 -31.21
CA ARG F 462 -32.43 15.65 -31.21
C ARG F 462 -32.40 16.28 -32.60
N PHE F 463 -31.23 16.34 -33.20
CA PHE F 463 -31.09 16.90 -34.54
C PHE F 463 -31.80 15.99 -35.54
N ASP F 464 -32.80 16.53 -36.24
CA ASP F 464 -33.56 15.73 -37.19
C ASP F 464 -32.79 15.52 -38.48
N LEU F 465 -32.12 16.55 -38.97
CA LEU F 465 -31.37 16.50 -40.22
C LEU F 465 -29.90 16.72 -39.93
N ILE F 466 -29.06 15.75 -40.33
CA ILE F 466 -27.61 15.83 -40.16
C ILE F 466 -26.99 15.63 -41.53
N PHE F 467 -26.62 16.73 -42.19
CA PHE F 467 -26.09 16.68 -43.54
C PHE F 467 -24.58 16.48 -43.51
N LEU F 468 -24.08 15.67 -44.44
CA LEU F 468 -22.67 15.33 -44.53
C LEU F 468 -22.01 16.17 -45.61
N LEU F 469 -21.05 17.00 -45.21
CA LEU F 469 -20.28 17.84 -46.12
C LEU F 469 -18.90 17.28 -46.41
N LEU F 470 -18.79 15.94 -46.46
CA LEU F 470 -17.49 15.31 -46.69
C LEU F 470 -16.98 15.62 -48.10
N ASP F 471 -15.66 15.76 -48.20
CA ASP F 471 -15.04 16.02 -49.49
C ASP F 471 -15.12 14.77 -50.37
N GLU F 472 -15.37 14.98 -51.66
CA GLU F 472 -15.49 13.87 -52.59
C GLU F 472 -14.21 13.73 -53.41
N PRO F 473 -13.63 12.53 -53.49
CA PRO F 473 -12.39 12.36 -54.27
C PRO F 473 -12.59 12.44 -55.77
N ASP F 474 -13.82 12.55 -56.25
CA ASP F 474 -14.07 12.66 -57.68
C ASP F 474 -13.50 13.97 -58.21
N GLU F 475 -12.82 13.89 -59.36
CA GLU F 475 -12.09 15.05 -59.86
C GLU F 475 -13.01 16.12 -60.44
N LYS F 476 -14.29 15.80 -60.68
CA LYS F 476 -15.18 16.80 -61.28
C LYS F 476 -15.67 17.79 -60.23
N VAL F 477 -16.06 17.29 -59.05
CA VAL F 477 -16.64 18.17 -58.04
C VAL F 477 -15.60 19.15 -57.49
N ASP F 478 -14.33 18.74 -57.44
CA ASP F 478 -13.29 19.67 -57.02
C ASP F 478 -13.04 20.73 -58.08
N ALA F 479 -13.05 20.34 -59.35
CA ALA F 479 -12.87 21.32 -60.43
C ALA F 479 -14.11 22.18 -60.61
N SER F 480 -15.29 21.64 -60.31
CA SER F 480 -16.52 22.41 -60.44
C SER F 480 -16.70 23.40 -59.29
N ILE F 481 -16.37 22.97 -58.07
CA ILE F 481 -16.46 23.90 -56.93
C ILE F 481 -15.36 24.94 -57.02
N ALA F 482 -14.26 24.64 -57.72
CA ALA F 482 -13.23 25.64 -57.93
C ALA F 482 -13.63 26.63 -59.01
N GLU F 483 -14.28 26.14 -60.07
CA GLU F 483 -14.76 27.03 -61.12
C GLU F 483 -15.80 28.01 -60.59
N HIS F 484 -16.54 27.61 -59.55
CA HIS F 484 -17.49 28.53 -58.94
C HIS F 484 -16.77 29.67 -58.22
N ILE F 485 -15.56 29.40 -57.72
CA ILE F 485 -14.77 30.45 -57.10
C ILE F 485 -14.28 31.44 -58.16
N LEU F 486 -14.04 30.96 -59.38
CA LEU F 486 -13.60 31.87 -60.45
C LEU F 486 -14.67 32.89 -60.82
N LYS F 487 -15.95 32.53 -60.70
CA LYS F 487 -17.00 33.49 -61.01
C LYS F 487 -17.14 34.53 -59.92
N VAL F 488 -17.06 34.12 -58.65
CA VAL F 488 -17.16 35.08 -57.56
C VAL F 488 -15.89 35.92 -57.43
N ARG F 489 -14.78 35.47 -58.02
CA ARG F 489 -13.54 36.24 -57.96
C ARG F 489 -13.41 37.21 -59.13
N ARG F 490 -13.96 36.85 -60.30
CA ARG F 490 -13.89 37.71 -61.47
C ARG F 490 -14.95 38.80 -61.46
N GLY F 491 -16.03 38.62 -60.70
CA GLY F 491 -17.08 39.62 -60.64
C GLY F 491 -18.35 39.18 -61.34
N GLU F 492 -18.50 37.87 -61.55
CA GLU F 492 -19.69 37.31 -62.19
C GLU F 492 -20.83 37.36 -61.19
N ALA F 493 -21.71 38.35 -61.34
CA ALA F 493 -22.82 38.51 -60.41
C ALA F 493 -23.81 37.36 -60.50
N GLU F 494 -23.85 36.68 -61.65
CA GLU F 494 -24.82 35.60 -61.85
C GLU F 494 -24.64 34.47 -60.84
N ALA F 495 -23.39 34.24 -60.41
CA ALA F 495 -23.14 33.16 -59.45
C ALA F 495 -23.58 33.56 -58.04
N VAL F 496 -23.43 34.85 -57.69
CA VAL F 496 -23.69 35.30 -56.33
C VAL F 496 -25.11 35.84 -56.15
N THR F 497 -25.81 36.18 -57.23
CA THR F 497 -27.13 36.77 -57.10
C THR F 497 -28.14 35.75 -56.59
N PRO F 498 -28.95 36.07 -55.59
CA PRO F 498 -30.00 35.15 -55.16
C PRO F 498 -31.26 35.32 -55.99
N LYS F 499 -31.99 34.21 -56.18
CA LYS F 499 -33.25 34.29 -56.90
C LYS F 499 -34.27 35.13 -56.15
N ILE F 500 -34.15 35.21 -54.83
CA ILE F 500 -34.96 36.08 -53.98
C ILE F 500 -34.00 36.93 -53.17
N PRO F 501 -34.13 38.26 -53.17
CA PRO F 501 -33.18 39.12 -52.45
C PRO F 501 -33.10 38.80 -50.96
N TYR F 502 -31.96 39.14 -50.34
CA TYR F 502 -31.76 38.84 -48.92
C TYR F 502 -32.81 39.54 -48.06
N ASP F 503 -32.95 40.85 -48.24
CA ASP F 503 -33.94 41.60 -47.46
C ASP F 503 -35.37 41.20 -47.84
N LEU F 504 -35.58 40.80 -49.10
CA LEU F 504 -36.92 40.41 -49.52
C LEU F 504 -37.28 39.02 -49.01
N LEU F 505 -36.29 38.12 -48.95
CA LEU F 505 -36.55 36.79 -48.42
C LEU F 505 -36.59 36.80 -46.90
N LYS F 506 -35.98 37.81 -46.27
CA LYS F 506 -35.96 37.86 -44.81
C LYS F 506 -37.37 38.03 -44.24
N LYS F 507 -38.15 38.96 -44.80
CA LYS F 507 -39.53 39.11 -44.36
C LYS F 507 -40.43 37.98 -44.86
N TYR F 508 -40.01 37.25 -45.88
CA TYR F 508 -40.79 36.09 -46.33
C TYR F 508 -40.78 35.00 -45.28
N ILE F 509 -39.63 34.76 -44.64
CA ILE F 509 -39.56 33.74 -43.60
C ILE F 509 -40.35 34.15 -42.38
N ALA F 510 -40.33 35.44 -42.04
CA ALA F 510 -41.11 35.93 -40.91
C ALA F 510 -42.61 35.87 -41.22
N TYR F 511 -42.99 36.14 -42.47
CA TYR F 511 -44.39 36.07 -42.85
C TYR F 511 -44.92 34.65 -42.80
N ALA F 512 -44.06 33.66 -43.07
CA ALA F 512 -44.50 32.27 -43.10
C ALA F 512 -44.62 31.69 -41.69
N ARG F 513 -43.72 32.08 -40.79
CA ARG F 513 -43.73 31.49 -39.45
C ARG F 513 -44.86 32.03 -38.59
N LYS F 514 -45.28 33.28 -38.82
CA LYS F 514 -46.30 33.89 -37.96
C LYS F 514 -47.70 33.59 -38.46
N ASN F 515 -47.97 33.83 -39.75
CA ASN F 515 -49.32 33.71 -40.28
C ASN F 515 -49.62 32.31 -40.82
N VAL F 516 -48.71 31.76 -41.61
CA VAL F 516 -48.95 30.46 -42.25
C VAL F 516 -48.76 29.36 -41.21
N HIS F 517 -49.83 28.61 -40.95
CA HIS F 517 -49.79 27.47 -40.03
C HIS F 517 -50.42 26.28 -40.74
N PRO F 518 -49.60 25.46 -41.42
CA PRO F 518 -50.14 24.33 -42.17
C PRO F 518 -50.68 23.24 -41.25
N VAL F 519 -51.71 22.55 -41.73
CA VAL F 519 -52.34 21.45 -41.01
C VAL F 519 -52.19 20.18 -41.84
N LEU F 520 -51.94 19.07 -41.17
CA LEU F 520 -51.76 17.79 -41.86
C LEU F 520 -53.05 17.37 -42.56
N SER F 521 -52.93 16.99 -43.82
CA SER F 521 -54.05 16.50 -44.61
C SER F 521 -54.08 14.98 -44.58
N ARG F 522 -55.25 14.42 -44.93
CA ARG F 522 -55.42 12.98 -44.93
C ARG F 522 -54.51 12.32 -45.97
N GLU F 523 -54.30 12.99 -47.11
CA GLU F 523 -53.44 12.44 -48.14
C GLU F 523 -51.98 12.39 -47.67
N ALA F 524 -51.52 13.45 -47.00
CA ALA F 524 -50.14 13.48 -46.54
C ALA F 524 -49.90 12.50 -45.39
N MET F 525 -50.87 12.38 -44.48
CA MET F 525 -50.72 11.47 -43.34
C MET F 525 -50.55 10.03 -43.81
N GLU F 526 -51.29 9.63 -44.86
CA GLU F 526 -51.13 8.29 -45.40
C GLU F 526 -49.74 8.10 -45.99
N GLU F 527 -49.12 9.19 -46.46
CA GLU F 527 -47.78 9.09 -47.02
C GLU F 527 -46.73 8.97 -45.91
N ILE F 528 -46.90 9.70 -44.82
CA ILE F 528 -45.99 9.58 -43.69
C ILE F 528 -46.11 8.21 -43.03
N LYS F 529 -47.34 7.69 -42.93
CA LYS F 529 -47.54 6.39 -42.31
C LYS F 529 -47.00 5.27 -43.22
N ARG F 530 -47.15 5.43 -44.53
CA ARG F 530 -46.65 4.41 -45.45
C ARG F 530 -45.13 4.39 -45.46
N TYR F 531 -44.49 5.56 -45.44
CA TYR F 531 -43.03 5.60 -45.40
C TYR F 531 -42.48 5.07 -44.09
N TYR F 532 -43.24 5.24 -42.99
CA TYR F 532 -42.81 4.71 -41.70
C TYR F 532 -42.70 3.20 -41.74
N VAL F 533 -43.78 2.52 -42.13
CA VAL F 533 -43.77 1.07 -42.19
C VAL F 533 -42.84 0.59 -43.31
N LYS F 534 -42.67 1.40 -44.35
CA LYS F 534 -41.77 1.03 -45.44
C LYS F 534 -40.34 0.84 -44.94
N MET F 535 -39.84 1.83 -44.19
CA MET F 535 -38.49 1.70 -43.63
C MET F 535 -38.45 0.66 -42.52
N ARG F 536 -39.48 0.62 -41.67
CA ARG F 536 -39.49 -0.34 -40.56
C ARG F 536 -39.48 -1.78 -41.08
N LYS F 537 -40.15 -2.03 -42.20
CA LYS F 537 -40.13 -3.36 -42.79
C LYS F 537 -38.88 -3.54 -43.64
N GLY F 538 -38.36 -4.75 -43.65
CA GLY F 538 -37.12 -5.07 -44.34
C GLY F 538 -36.33 -6.07 -43.52
N LEU F 539 -35.02 -5.85 -43.46
CA LEU F 539 -34.15 -6.65 -42.61
C LEU F 539 -34.07 -6.00 -41.23
N ARG F 540 -35.21 -5.79 -40.59
CA ARG F 540 -35.22 -5.18 -39.27
C ARG F 540 -34.81 -6.17 -38.19
N ARG F 541 -34.78 -7.46 -38.51
CA ARG F 541 -34.34 -8.50 -37.60
C ARG F 541 -33.07 -9.20 -38.09
N GLY F 542 -32.13 -8.44 -38.65
CA GLY F 542 -30.93 -9.04 -39.20
C GLY F 542 -30.04 -9.69 -38.15
N ASP F 543 -29.95 -9.07 -36.98
CA ASP F 543 -29.11 -9.61 -35.92
C ASP F 543 -29.74 -10.86 -35.31
N GLU F 544 -28.96 -11.55 -34.48
CA GLU F 544 -29.40 -12.81 -33.91
C GLU F 544 -30.50 -12.59 -32.87
N ASP F 545 -30.18 -11.85 -31.80
CA ASP F 545 -31.13 -11.62 -30.73
C ASP F 545 -30.66 -10.38 -29.96
N GLY F 546 -31.54 -9.86 -29.11
CA GLY F 546 -31.23 -8.69 -28.32
C GLY F 546 -31.16 -7.41 -29.14
N VAL F 547 -29.94 -6.90 -29.37
CA VAL F 547 -29.78 -5.75 -30.24
C VAL F 547 -30.31 -6.10 -31.62
N GLN F 548 -31.20 -5.26 -32.14
CA GLN F 548 -31.91 -5.57 -33.37
C GLN F 548 -31.88 -4.36 -34.28
N PRO F 549 -31.79 -4.57 -35.60
CA PRO F 549 -31.78 -3.43 -36.53
C PRO F 549 -32.99 -2.51 -36.40
N ILE F 550 -32.74 -1.25 -36.03
CA ILE F 550 -33.79 -0.24 -35.97
C ILE F 550 -33.58 0.77 -37.10
N PRO F 551 -34.31 0.65 -38.21
CA PRO F 551 -34.17 1.62 -39.31
C PRO F 551 -34.54 3.04 -38.89
N ILE F 552 -35.75 3.19 -38.33
CA ILE F 552 -36.22 4.48 -37.83
C ILE F 552 -36.94 4.26 -36.51
N THR F 553 -37.18 5.35 -35.79
CA THR F 553 -37.88 5.30 -34.52
C THR F 553 -38.93 6.41 -34.50
N ALA F 554 -39.87 6.30 -33.54
CA ALA F 554 -40.92 7.30 -33.42
C ALA F 554 -40.36 8.70 -33.20
N ARG F 555 -39.15 8.79 -32.68
CA ARG F 555 -38.52 10.09 -32.50
C ARG F 555 -38.29 10.72 -33.86
N GLN F 556 -37.94 9.91 -34.84
CA GLN F 556 -37.74 10.41 -36.19
C GLN F 556 -39.05 10.56 -36.96
N LEU F 557 -40.14 9.97 -36.47
CA LEU F 557 -41.44 10.16 -37.09
C LEU F 557 -41.92 11.60 -36.94
N GLU F 558 -41.88 12.12 -35.70
CA GLU F 558 -42.22 13.52 -35.48
C GLU F 558 -41.24 14.45 -36.20
N ALA F 559 -40.03 13.96 -36.49
CA ALA F 559 -39.08 14.77 -37.25
C ALA F 559 -39.48 14.86 -38.72
N LEU F 560 -40.00 13.76 -39.27
CA LEU F 560 -40.44 13.78 -40.67
C LEU F 560 -41.68 14.64 -40.84
N ILE F 561 -42.57 14.65 -39.85
CA ILE F 561 -43.78 15.46 -39.94
C ILE F 561 -43.44 16.95 -39.91
N ARG F 562 -42.45 17.32 -39.10
CA ARG F 562 -42.03 18.72 -39.04
C ARG F 562 -41.48 19.18 -40.39
N LEU F 563 -40.73 18.30 -41.06
CA LEU F 563 -40.23 18.64 -42.39
C LEU F 563 -41.35 18.69 -43.41
N SER F 564 -42.39 17.86 -43.23
CA SER F 564 -43.54 17.91 -44.12
C SER F 564 -44.29 19.23 -43.98
N GLU F 565 -44.52 19.67 -42.75
CA GLU F 565 -45.16 20.96 -42.53
C GLU F 565 -44.24 22.10 -42.93
N ALA F 566 -42.92 21.85 -42.92
CA ALA F 566 -41.97 22.89 -43.32
C ALA F 566 -42.10 23.19 -44.81
N HIS F 567 -42.23 22.15 -45.63
CA HIS F 567 -42.36 22.36 -47.07
C HIS F 567 -43.67 23.06 -47.41
N ALA F 568 -44.73 22.77 -46.66
CA ALA F 568 -46.00 23.45 -46.88
C ALA F 568 -45.91 24.93 -46.48
N ARG F 569 -45.29 25.20 -45.33
CA ARG F 569 -45.11 26.58 -44.89
C ARG F 569 -44.14 27.33 -45.80
N MET F 570 -43.20 26.61 -46.41
CA MET F 570 -42.22 27.24 -47.29
C MET F 570 -42.87 27.93 -48.48
N ARG F 571 -43.98 27.37 -48.98
CA ARG F 571 -44.72 27.96 -50.09
C ARG F 571 -46.00 28.64 -49.63
N LEU F 572 -46.11 28.97 -48.33
CA LEU F 572 -47.27 29.64 -47.76
C LEU F 572 -48.55 28.85 -48.02
N SER F 573 -48.51 27.56 -47.74
CA SER F 573 -49.67 26.68 -47.86
C SER F 573 -50.23 26.39 -46.48
N GLU F 574 -51.53 26.60 -46.32
CA GLU F 574 -52.21 26.37 -45.05
C GLU F 574 -52.51 24.90 -44.79
N THR F 575 -52.06 24.00 -45.66
CA THR F 575 -52.29 22.57 -45.49
C THR F 575 -51.10 21.81 -46.03
N VAL F 576 -50.86 20.63 -45.45
CA VAL F 576 -49.73 19.78 -45.83
C VAL F 576 -50.23 18.88 -46.97
N THR F 577 -49.90 19.26 -48.20
CA THR F 577 -50.26 18.47 -49.37
C THR F 577 -49.35 17.24 -49.45
N ARG F 578 -49.88 16.17 -50.05
CA ARG F 578 -49.10 14.95 -50.26
C ARG F 578 -47.75 15.24 -50.91
N GLU F 579 -47.69 16.23 -51.79
CA GLU F 579 -46.42 16.60 -52.41
C GLU F 579 -45.42 17.11 -51.38
N ASP F 580 -45.90 17.77 -50.34
CA ASP F 580 -45.00 18.22 -49.27
C ASP F 580 -44.47 17.04 -48.47
N ALA F 581 -45.27 15.96 -48.34
CA ALA F 581 -44.81 14.78 -47.63
C ALA F 581 -43.73 14.05 -48.41
N ARG F 582 -43.86 14.00 -49.74
CA ARG F 582 -42.86 13.34 -50.56
C ARG F 582 -41.53 14.09 -50.53
N ALA F 583 -41.58 15.42 -50.48
CA ALA F 583 -40.36 16.21 -50.40
C ALA F 583 -39.63 15.96 -49.09
N ALA F 584 -40.38 15.90 -47.98
CA ALA F 584 -39.76 15.59 -46.69
C ALA F 584 -39.22 14.16 -46.66
N ILE F 585 -39.89 13.24 -47.35
CA ILE F 585 -39.42 11.87 -47.44
C ILE F 585 -38.12 11.81 -48.25
N GLU F 586 -38.05 12.60 -49.32
CA GLU F 586 -36.83 12.64 -50.13
C GLU F 586 -35.66 13.17 -49.32
N ILE F 587 -35.90 14.15 -48.45
CA ILE F 587 -34.82 14.75 -47.67
C ILE F 587 -34.35 13.80 -46.57
N ILE F 588 -35.30 13.15 -45.87
CA ILE F 588 -34.93 12.29 -44.75
C ILE F 588 -34.21 11.05 -45.25
N GLU F 589 -34.53 10.61 -46.48
CA GLU F 589 -33.83 9.46 -47.05
C GLU F 589 -32.49 9.88 -47.63
N ALA F 590 -32.40 11.06 -48.23
CA ALA F 590 -31.12 11.55 -48.73
C ALA F 590 -30.14 11.79 -47.58
N MET F 591 -30.66 12.19 -46.41
CA MET F 591 -29.80 12.36 -45.26
C MET F 591 -29.27 11.01 -44.77
N MET F 592 -30.09 9.96 -44.88
CA MET F 592 -29.65 8.63 -44.48
C MET F 592 -28.64 8.04 -45.45
N LYS F 593 -28.60 8.53 -46.69
CA LYS F 593 -27.63 8.03 -47.66
C LYS F 593 -26.25 8.65 -47.43
N THR F 594 -26.21 9.94 -47.12
CA THR F 594 -24.92 10.61 -46.95
C THR F 594 -24.24 10.23 -45.65
N ILE F 595 -25.00 9.89 -44.61
CA ILE F 595 -24.40 9.58 -43.32
C ILE F 595 -23.71 8.22 -43.36
N ALA F 596 -24.33 7.24 -44.01
CA ALA F 596 -23.86 5.85 -44.01
C ALA F 596 -23.56 5.38 -42.59
N VAL F 597 -24.52 5.64 -41.69
CA VAL F 597 -24.32 5.35 -40.28
C VAL F 597 -24.22 3.84 -40.07
N ASP F 598 -24.91 3.05 -40.88
CA ASP F 598 -24.92 1.60 -40.75
C ASP F 598 -25.09 0.97 -42.12
N GLU F 599 -24.92 -0.36 -42.15
CA GLU F 599 -25.09 -1.08 -43.41
C GLU F 599 -26.56 -1.21 -43.79
N GLU F 600 -27.43 -1.39 -42.79
CA GLU F 600 -28.86 -1.59 -43.02
C GLU F 600 -29.69 -0.41 -42.53
N GLY F 601 -29.12 0.80 -42.55
CA GLY F 601 -29.84 1.97 -42.09
C GLY F 601 -30.15 1.98 -40.61
N ASN F 602 -29.36 1.27 -39.82
CA ASN F 602 -29.63 1.15 -38.39
C ASN F 602 -29.45 2.50 -37.70
N LEU F 603 -30.40 2.86 -36.85
CA LEU F 603 -30.29 4.09 -36.08
C LEU F 603 -29.29 3.82 -34.96
N ASP F 604 -28.02 4.09 -35.24
CA ASP F 604 -26.97 3.93 -34.25
C ASP F 604 -26.84 5.14 -33.36
N VAL F 605 -27.61 6.20 -33.63
CA VAL F 605 -27.52 7.43 -32.86
C VAL F 605 -27.92 7.20 -31.40
N SER F 606 -28.79 6.22 -31.15
CA SER F 606 -29.31 6.03 -29.82
C SER F 606 -28.27 5.38 -28.89
N ILE F 607 -27.37 4.57 -29.46
CA ILE F 607 -26.44 3.79 -28.64
C ILE F 607 -25.00 4.01 -29.08
N LEU F 608 -24.79 4.93 -30.02
CA LEU F 608 -23.48 5.28 -30.55
C LEU F 608 -22.76 4.08 -31.15
N GLU F 609 -23.51 3.09 -31.64
CA GLU F 609 -22.93 1.88 -32.20
C GLU F 609 -24.01 1.15 -32.99
N VAL F 610 -23.56 0.34 -33.95
CA VAL F 610 -24.48 -0.42 -34.80
C VAL F 610 -24.78 -1.75 -34.13
N GLY F 611 -26.05 -2.18 -34.23
CA GLY F 611 -26.45 -3.42 -33.59
C GLY F 611 -26.03 -4.66 -34.34
N LYS F 612 -25.70 -4.51 -35.63
CA LYS F 612 -25.36 -5.67 -36.45
C LYS F 612 -23.87 -6.00 -36.37
N SER F 613 -23.02 -5.00 -36.55
CA SER F 613 -21.58 -5.21 -36.66
C SER F 613 -20.79 -4.75 -35.44
N SER F 614 -21.42 -4.04 -34.51
CA SER F 614 -20.71 -3.55 -33.33
C SER F 614 -21.32 -4.00 -32.01
N LYS F 615 -22.65 -4.01 -31.91
CA LYS F 615 -23.28 -4.41 -30.64
C LYS F 615 -23.36 -5.92 -30.51
N LYS F 616 -23.64 -6.63 -31.60
CA LYS F 616 -23.68 -8.09 -31.53
C LYS F 616 -22.29 -8.68 -31.30
N ILE F 617 -21.27 -8.07 -31.91
CA ILE F 617 -19.91 -8.56 -31.69
C ILE F 617 -19.44 -8.19 -30.29
N ASN F 618 -19.98 -7.11 -29.71
CA ASN F 618 -19.55 -6.68 -28.39
C ASN F 618 -19.97 -7.66 -27.30
N LYS F 619 -21.06 -8.40 -27.52
CA LYS F 619 -21.52 -9.34 -26.51
C LYS F 619 -20.66 -10.59 -26.47
N ILE F 620 -19.97 -10.92 -27.56
CA ILE F 620 -19.16 -12.12 -27.64
C ILE F 620 -17.66 -11.81 -27.53
N GLU F 621 -17.31 -10.60 -27.10
CA GLU F 621 -15.92 -10.27 -26.78
C GLU F 621 -15.72 -9.85 -25.33
N LYS F 622 -16.80 -9.55 -24.61
CA LYS F 622 -16.69 -9.13 -23.22
C LYS F 622 -16.72 -10.34 -22.30
N PRO F 639 -6.48 -13.86 -20.80
CA PRO F 639 -5.30 -13.11 -21.25
C PRO F 639 -5.58 -12.30 -22.51
N GLU F 640 -4.75 -11.28 -22.75
CA GLU F 640 -4.95 -10.43 -23.93
C GLU F 640 -4.68 -11.19 -25.22
N GLU F 641 -3.55 -11.90 -25.28
CA GLU F 641 -3.22 -12.68 -26.47
C GLU F 641 -4.09 -13.92 -26.61
N LYS F 642 -4.82 -14.30 -25.56
CA LYS F 642 -5.66 -15.48 -25.63
C LYS F 642 -7.03 -15.16 -26.21
N VAL F 643 -7.60 -14.00 -25.87
CA VAL F 643 -8.93 -13.67 -26.35
C VAL F 643 -8.90 -13.27 -27.82
N ILE F 644 -7.81 -12.67 -28.29
CA ILE F 644 -7.72 -12.30 -29.71
C ILE F 644 -7.51 -13.54 -30.56
N GLU F 645 -6.83 -14.55 -30.03
CA GLU F 645 -6.66 -15.80 -30.77
C GLU F 645 -7.95 -16.60 -30.81
N ALA F 646 -8.71 -16.59 -29.70
CA ALA F 646 -10.01 -17.25 -29.70
C ALA F 646 -11.02 -16.52 -30.58
N ALA F 647 -10.90 -15.19 -30.68
CA ALA F 647 -11.80 -14.44 -31.55
C ALA F 647 -11.47 -14.70 -33.01
N LYS F 648 -10.18 -14.77 -33.35
CA LYS F 648 -9.79 -15.08 -34.72
C LYS F 648 -10.15 -16.51 -35.10
N GLN F 649 -10.07 -17.43 -34.14
CA GLN F 649 -10.44 -18.81 -34.41
C GLN F 649 -11.94 -18.95 -34.61
N ALA F 650 -12.73 -18.19 -33.85
CA ALA F 650 -14.18 -18.22 -33.96
C ALA F 650 -14.73 -17.29 -35.03
N GLY F 651 -13.86 -16.56 -35.75
CA GLY F 651 -14.32 -15.64 -36.77
C GLY F 651 -15.05 -14.44 -36.23
N ILE F 652 -14.68 -13.97 -35.04
CA ILE F 652 -15.34 -12.80 -34.47
C ILE F 652 -15.00 -11.56 -35.27
N GLY F 653 -13.71 -11.33 -35.50
CA GLY F 653 -13.28 -10.18 -36.28
C GLY F 653 -11.79 -10.23 -36.53
N THR F 654 -11.37 -9.41 -37.50
CA THR F 654 -9.95 -9.34 -37.83
C THR F 654 -9.17 -8.75 -36.67
N LYS F 655 -7.84 -8.97 -36.69
CA LYS F 655 -6.97 -8.50 -35.62
C LYS F 655 -7.04 -6.99 -35.44
N ALA F 656 -7.29 -6.26 -36.53
CA ALA F 656 -7.36 -4.82 -36.44
C ALA F 656 -8.66 -4.36 -35.79
N ASP F 657 -9.79 -4.96 -36.19
CA ASP F 657 -11.08 -4.55 -35.65
C ASP F 657 -11.20 -4.89 -34.17
N ILE F 658 -10.76 -6.08 -33.78
CA ILE F 658 -10.84 -6.49 -32.38
C ILE F 658 -9.81 -5.78 -31.50
N GLU F 659 -8.89 -5.02 -32.11
CA GLU F 659 -7.91 -4.28 -31.32
C GLU F 659 -8.56 -3.09 -30.63
N LYS F 660 -9.12 -2.16 -31.40
CA LYS F 660 -9.78 -1.01 -30.82
C LYS F 660 -11.07 -1.39 -30.08
N LEU F 661 -11.56 -2.61 -30.29
CA LEU F 661 -12.74 -3.06 -29.56
C LEU F 661 -12.47 -3.11 -28.06
N LEU F 662 -11.26 -3.51 -27.66
CA LEU F 662 -10.90 -3.54 -26.25
C LEU F 662 -10.22 -2.26 -25.80
N ASN F 663 -9.67 -1.47 -26.72
CA ASN F 663 -9.10 -0.17 -26.35
C ASN F 663 -10.20 0.81 -25.95
N GLU F 664 -11.29 0.84 -26.71
CA GLU F 664 -12.41 1.72 -26.37
C GLU F 664 -13.05 1.28 -25.05
N LEU F 665 -13.12 -0.03 -24.80
CA LEU F 665 -13.65 -0.52 -23.54
C LEU F 665 -12.64 -0.39 -22.40
N LYS F 666 -11.35 -0.23 -22.72
CA LYS F 666 -10.36 -0.01 -21.67
C LYS F 666 -10.58 1.31 -20.97
N SER F 667 -10.97 2.35 -21.72
CA SER F 667 -11.24 3.65 -21.12
C SER F 667 -12.47 3.64 -20.22
N ASP F 668 -13.35 2.65 -20.39
CA ASP F 668 -14.55 2.54 -19.57
C ASP F 668 -14.46 1.42 -18.54
N GLY F 669 -13.32 0.74 -18.44
CA GLY F 669 -13.15 -0.35 -17.51
C GLY F 669 -13.73 -1.68 -17.93
N ARG F 670 -14.33 -1.76 -19.12
CA ARG F 670 -14.90 -3.02 -19.58
C ARG F 670 -13.84 -3.98 -20.09
N VAL F 671 -12.70 -3.47 -20.54
CA VAL F 671 -11.62 -4.32 -21.04
C VAL F 671 -10.33 -3.99 -20.30
N TYR F 672 -10.45 -3.59 -19.03
CA TYR F 672 -9.28 -3.20 -18.24
C TYR F 672 -8.25 -4.32 -18.20
N GLU F 673 -6.98 -3.94 -18.30
CA GLU F 673 -5.89 -4.90 -18.33
C GLU F 673 -5.22 -5.00 -16.96
N PRO F 674 -5.39 -6.12 -16.25
CA PRO F 674 -4.73 -6.25 -14.94
C PRO F 674 -3.21 -6.31 -15.04
N ARG F 675 -2.68 -7.09 -15.98
CA ARG F 675 -1.26 -7.21 -16.19
C ARG F 675 -0.96 -7.19 -17.68
N ALA F 676 0.32 -7.14 -18.01
CA ALA F 676 0.74 -7.15 -19.40
C ALA F 676 0.35 -8.46 -20.07
N GLY F 677 -0.51 -8.37 -21.07
CA GLY F 677 -1.00 -9.56 -21.76
C GLY F 677 -2.21 -10.21 -21.13
N PHE F 678 -2.97 -9.48 -20.33
CA PHE F 678 -4.15 -10.01 -19.67
C PHE F 678 -5.26 -8.97 -19.71
N TYR F 679 -6.50 -9.43 -19.92
CA TYR F 679 -7.65 -8.55 -20.01
C TYR F 679 -8.88 -9.23 -19.45
N ARG F 680 -9.65 -8.50 -18.64
CA ARG F 680 -10.86 -8.99 -18.03
C ARG F 680 -11.94 -7.92 -18.09
N VAL F 681 -13.16 -8.32 -17.74
CA VAL F 681 -14.29 -7.40 -17.71
C VAL F 681 -14.57 -6.99 -16.27
N ILE F 682 -15.28 -5.88 -16.12
CA ILE F 682 -15.70 -5.40 -14.82
C ILE F 682 -16.93 -6.17 -14.38
#